data_7CYQ
#
_entry.id   7CYQ
#
_cell.length_a   1.00
_cell.length_b   1.00
_cell.length_c   1.00
_cell.angle_alpha   90.00
_cell.angle_beta   90.00
_cell.angle_gamma   90.00
#
_symmetry.space_group_name_H-M   'P 1'
#
loop_
_entity.id
_entity.type
_entity.pdbx_description
1 polymer 'RNA-directed RNA polymerase'
2 polymer 'Non-structural protein 8'
3 polymer 'Non-structural protein 7'
4 polymer Primer
5 polymer Template
6 polymer Helicase
7 polymer 'Non-structural protein 9'
8 non-polymer 'ZINC ION'
9 non-polymer "GUANOSINE-5'-DIPHOSPHATE"
10 non-polymer 'MAGNESIUM ION'
#
loop_
_entity_poly.entity_id
_entity_poly.type
_entity_poly.pdbx_seq_one_letter_code
_entity_poly.pdbx_strand_id
1 'polypeptide(L)'
;SADAQSFLNRVCGVSAARLTPCGTGTSTDVVYRAFDIYNDKVAGFAKFLKTNCCRFQEKDEDDNLIDSYFVVKRHTFSNY
QHEETIYNLLKDCPAVAKHDFFKFRIDGDMVPHISRQRLTKYTMADLVYALRHFDEGNCDTLKEILVTYNCCDDDYFNKK
DWYDFVENPDILRVYANLGERVRQALLKTVQFCDAMRNAGIVGVLTLDNQDLNGNWYDFGDFIQTTPGSGVPVVDSYYSL
LMPILTLTRALTAESHVDTDLTKPYIKWDLLKYDFTEERLKLFDRYFKYWDQTYHPNCVNCLDDRCILHCANFNVLFSTV
FPPTSFGPLVRKIFVDGVPFVVSTGYHFRELGVVHNQDVNLHSSRLSFKELLVYAADPAMHAASGNLLLDKRTTCFSVAA
LTNNVAFQTVKPGNFNKDFYDFAVSKGFFKEGSSVELKHFFFAQDGNAAISDYDYYRYNLPTMCDIRQLLFVVEVVDKYF
DCYDGGCINANQVIVNNLDKSAGFPFNKWGKARLYYDSMSYEDQDALFAYTKRNVIPTITQMNLKYAISAKNRARTVAGV
SICSTMTNRQFHQKLLKSIAATRGATVVIGTSKFYGGWHNMLKTVYSDVENPHLMGWDYPKCDRAMPNMLRIMASLVLAR
KHTTCCSLSHRFYRLANECAQVLSEMVMCGGSLYVKPGGTSSGDATTAYANSVFNICQAVTANVNALLSTDGNKIADKYV
RNLQHRLYECLYRNRDVDTDFVNEFYAYLRKHFSMMILSDDAVVCFNSTYASQGLVASIKNFKSVLYYQNNVFMSEAKCW
TETDLTKGPHEFCSQHTMLVKQGDDYVYLPYPDPSRILGAGCFVDDIVKTDGTLMIERFVSLAIDAYPLTKHPNQEYADV
FHLYLQYIRKLHDELTGHMLDMYSVMLTNDNTSRYWEPEFYEAMYTPHTVLQHHHHHHHHHH
;
A
2 'polypeptide(L)'
;AIASEFSSLPSYAAFATAQEAYEQAVANGDSEVVLKKLKKSLNVAKSEFDRDAAMQRKLEKMADQAMTQMYKQARSEDKR
AKVTSAMQTMLFTMLRKLDNDALNNIINNARDGCVPLNIIPLTTAAKLMVVIPDYNTYKNTCDGTTFTYASALWEIQQVV
DADSKIVQLSEISMDNSPNLAWPLIVTALRANSAVKLQ
;
B,D
3 'polypeptide(L)'
;SKMSDVKCTSVVLLSVLQQLRVESSSKLWAQCVQLHNDILLAKDTTEAFEKMVSLLSVLLSMQGAVDINKLCEEMLDNRA
TLQ
;
C
4 'polyribonucleotide' CAUGCUACGCGGUAGUAGCAUGCUAGGGAGCAG I
5 'polyribonucleotide' CAUGCCAUGGCCUGUAAAAUGUCUGACUGCUCCCUAGCAUGCUACUACCGCGUAGCAUG J
6 'polypeptide(L)'
;AVGACVLCNSQTSLRCGACIRRPFLCCKCCYDHVISTSHKLVLSVNPYVCNAPGCDVTDVTQLYLGGMSYYCKSHKPPIS
FPLCANGQVFGLYKNTCVGSDNVTDFNAIATCDWTNAGDYILANTCTERLKLFAAETLKATEETFKLSYGIATVREVLSD
RELHLSWEVGKPRPPLNRNYVFTGYRVTKNSKVQIGEYTFEKGDYGDAVVYRGTTTYKLNVGDYFVLTSHTVMPLSAPTL
VPQEHYVRITGLYPTLNISDEFSSNVANYQKVGMQKYSTLQGPPGTGKSHFAIGLALYYPSARIVYTACSHAAVDALCEK
ALKYLPIDKCSRIIPARARVECFDKFKVNSTLEQYVFCTVNALPETTADIVVFDEISMATNYDLSVVNARLRAKHYVYIG
DPAQLPAPRTLLTKGTLEPEYFNSVCRLMKTIGPDMFLGTCRRCPAEIVDTVSALVYDNKLKAHKDKSAQCFKMFYKGVI
THDVSSAINRPQIGVVREFLTRNPAWRKAVFISPYNSQNAVASKILGLPTQTVDSSQGSEYDYVIFTQTTETAHSCNVNR
FNVAITRAKVGILCIMSDRDLYDKLQFTSLEIPRRNVATLQ
;
F,E
7 'polypeptide(L)'
;SNAMNNELSPVALRQMSCAAGTTQTACTDDNALAYYNTTKGGRFVLALLSDLQDLKWARFPKSDGTGTIYTELEPPCRFV
TDTPKGPKVKYLYFIKGLNNLNRGMVLGSLAATVRLQ
;
G
#
# COMPACT_ATOMS: atom_id res chain seq x y z
N ALA A 4 80.70 33.86 21.28
CA ALA A 4 80.49 34.93 20.31
C ALA A 4 79.73 34.43 19.09
N GLN A 5 80.37 34.53 17.93
CA GLN A 5 79.83 33.95 16.71
C GLN A 5 80.39 32.58 16.40
N SER A 6 81.51 32.19 17.02
CA SER A 6 82.02 30.85 16.83
C SER A 6 81.02 29.80 17.29
N PHE A 7 80.08 30.20 18.14
CA PHE A 7 79.02 29.28 18.54
C PHE A 7 78.27 28.74 17.34
N LEU A 8 78.00 29.59 16.36
CA LEU A 8 77.25 29.13 15.20
C LEU A 8 78.11 28.24 14.32
N ASN A 9 79.35 28.63 14.16
CA ASN A 9 80.26 27.84 13.40
C ASN A 9 80.48 26.55 14.09
N ARG A 10 80.06 26.40 15.33
CA ARG A 10 80.26 25.16 16.05
C ARG A 10 79.02 24.36 16.03
N VAL A 11 77.88 25.02 16.06
CA VAL A 11 76.59 24.36 16.04
C VAL A 11 76.51 23.69 14.76
N CYS A 12 76.51 24.43 13.67
CA CYS A 12 76.47 23.82 12.37
C CYS A 12 77.85 23.29 12.39
N GLY A 13 78.03 21.98 12.49
CA GLY A 13 79.37 21.49 12.70
C GLY A 13 80.15 21.13 11.50
N VAL A 14 79.72 20.06 10.87
CA VAL A 14 80.36 19.52 9.68
C VAL A 14 79.45 19.53 8.45
N SER A 15 78.21 20.00 8.57
CA SER A 15 77.21 19.79 7.54
C SER A 15 76.57 21.12 7.12
N ALA A 16 77.08 21.71 6.05
CA ALA A 16 76.40 22.80 5.37
C ALA A 16 76.04 23.95 6.31
N ALA A 17 77.01 24.78 6.63
CA ALA A 17 76.85 25.83 7.63
C ALA A 17 75.99 26.99 7.15
N ARG A 18 74.88 26.70 6.47
CA ARG A 18 74.03 27.79 5.99
C ARG A 18 73.02 28.21 7.06
N LEU A 19 73.52 28.53 8.24
CA LEU A 19 72.67 28.82 9.38
C LEU A 19 72.52 30.30 9.60
N THR A 20 71.35 30.71 10.10
CA THR A 20 71.09 32.07 10.51
C THR A 20 70.57 32.00 11.94
N PRO A 21 71.10 32.80 12.86
CA PRO A 21 70.54 32.81 14.21
C PRO A 21 69.09 33.25 14.19
N CYS A 22 68.38 32.77 15.18
CA CYS A 22 66.99 33.09 15.45
C CYS A 22 66.90 33.77 16.80
N GLY A 23 67.87 33.51 17.65
CA GLY A 23 67.87 34.13 18.97
C GLY A 23 68.70 35.40 18.96
N THR A 24 69.69 35.46 19.85
CA THR A 24 70.57 36.62 19.96
C THR A 24 71.91 36.20 20.53
N GLY A 25 72.75 35.62 19.70
CA GLY A 25 74.04 35.18 20.17
C GLY A 25 73.94 33.81 20.78
N THR A 26 74.18 33.74 22.06
CA THR A 26 74.13 32.47 22.69
C THR A 26 72.98 32.39 23.66
N SER A 27 72.01 33.27 23.53
CA SER A 27 70.93 33.10 24.48
C SER A 27 69.78 32.35 23.82
N THR A 28 68.96 31.71 24.65
CA THR A 28 67.95 30.79 24.14
C THR A 28 66.86 31.56 23.39
N ASP A 29 65.91 30.83 22.83
CA ASP A 29 64.81 31.42 22.09
C ASP A 29 63.52 30.82 22.61
N VAL A 30 62.64 31.65 23.16
CA VAL A 30 61.41 31.19 23.77
C VAL A 30 60.30 31.17 22.73
N VAL A 31 59.42 30.17 22.82
CA VAL A 31 58.34 29.99 21.87
C VAL A 31 57.11 29.54 22.64
N TYR A 32 55.98 29.53 21.96
CA TYR A 32 54.71 29.13 22.56
C TYR A 32 54.24 27.89 21.82
N ARG A 33 54.47 26.72 22.41
CA ARG A 33 54.22 25.49 21.67
C ARG A 33 53.46 24.50 22.53
N ALA A 34 52.78 23.58 21.87
CA ALA A 34 51.86 22.65 22.52
C ALA A 34 52.62 21.41 22.99
N PHE A 35 52.60 21.18 24.29
CA PHE A 35 53.21 20.00 24.88
C PHE A 35 52.23 19.09 25.60
N ASP A 36 52.45 17.80 25.43
CA ASP A 36 51.70 16.74 26.10
C ASP A 36 52.46 16.27 27.33
N ILE A 37 52.30 16.92 28.44
CA ILE A 37 53.16 16.72 29.58
C ILE A 37 52.57 16.19 30.82
N TYR A 38 53.17 15.22 31.48
CA TYR A 38 52.69 14.68 32.71
C TYR A 38 53.75 14.35 33.70
N ASN A 39 53.92 15.06 34.80
CA ASN A 39 54.93 14.63 35.75
C ASN A 39 54.89 14.94 37.19
N ASP A 40 53.71 14.96 37.79
CA ASP A 40 53.48 15.15 39.21
C ASP A 40 53.33 16.55 39.75
N LYS A 41 53.19 17.51 38.85
CA LYS A 41 53.07 18.87 39.22
C LYS A 41 52.24 19.48 38.15
N VAL A 42 51.95 18.72 37.15
CA VAL A 42 51.10 19.19 36.08
C VAL A 42 50.86 18.06 35.09
N ALA A 43 49.62 17.87 34.67
CA ALA A 43 49.34 16.97 33.57
C ALA A 43 48.53 17.72 32.53
N GLY A 44 48.54 17.26 31.30
CA GLY A 44 47.65 17.87 30.33
C GLY A 44 48.24 17.86 28.96
N PHE A 45 47.49 18.44 28.03
CA PHE A 45 47.88 18.61 26.64
C PHE A 45 47.63 20.06 26.32
N ALA A 46 48.61 20.92 26.54
CA ALA A 46 48.35 22.35 26.53
C ALA A 46 49.54 23.10 25.97
N LYS A 47 49.32 24.35 25.64
CA LYS A 47 50.34 25.22 25.08
C LYS A 47 51.15 25.83 26.21
N PHE A 48 52.42 25.50 26.27
CA PHE A 48 53.33 26.07 27.24
C PHE A 48 54.32 26.96 26.52
N LEU A 49 55.28 27.47 27.27
CA LEU A 49 56.27 28.40 26.76
C LEU A 49 57.64 27.74 26.88
N LYS A 50 58.24 27.38 25.75
CA LYS A 50 59.53 26.72 25.74
C LYS A 50 60.65 27.73 25.79
N THR A 51 61.60 27.50 26.70
CA THR A 51 62.61 28.49 27.02
C THR A 51 64.04 27.99 26.94
N ASN A 52 64.26 26.70 26.75
CA ASN A 52 65.59 26.10 26.93
C ASN A 52 66.21 25.64 25.62
N CYS A 53 66.05 26.42 24.55
CA CYS A 53 66.59 26.00 23.27
C CYS A 53 67.01 27.20 22.45
N CYS A 54 68.27 27.21 22.02
CA CYS A 54 68.70 28.11 20.97
C CYS A 54 68.33 27.50 19.64
N ARG A 55 67.98 28.32 18.68
CA ARG A 55 67.38 27.82 17.45
C ARG A 55 67.94 28.58 16.26
N PHE A 56 68.51 27.84 15.30
CA PHE A 56 69.14 28.44 14.13
C PHE A 56 68.49 27.87 12.88
N GLN A 57 68.03 28.73 11.99
CA GLN A 57 67.38 28.21 10.81
C GLN A 57 68.36 28.08 9.65
N GLU A 58 68.27 26.97 8.94
CA GLU A 58 69.10 26.75 7.77
C GLU A 58 68.54 27.55 6.60
N LYS A 59 69.43 28.16 5.82
CA LYS A 59 68.99 28.71 4.55
C LYS A 59 69.48 27.83 3.42
N ASP A 60 68.80 27.94 2.29
CA ASP A 60 69.14 27.14 1.12
C ASP A 60 70.41 27.67 0.48
N GLU A 61 70.65 27.33 -0.77
CA GLU A 61 71.38 28.22 -1.64
C GLU A 61 70.47 29.42 -1.89
N ASP A 62 70.80 30.25 -2.88
CA ASP A 62 69.96 31.39 -3.22
C ASP A 62 69.80 32.34 -2.03
N ASP A 63 70.35 31.95 -0.88
CA ASP A 63 70.15 32.63 0.39
C ASP A 63 68.67 32.77 0.75
N ASN A 64 67.85 31.86 0.26
CA ASN A 64 66.46 31.77 0.70
C ASN A 64 66.36 30.81 1.88
N LEU A 65 65.39 31.07 2.75
CA LEU A 65 65.25 30.32 3.98
C LEU A 65 64.51 29.01 3.72
N ILE A 66 64.96 27.94 4.37
CA ILE A 66 64.40 26.62 4.19
C ILE A 66 63.85 26.15 5.52
N ASP A 67 62.91 25.22 5.48
CA ASP A 67 62.23 24.76 6.68
C ASP A 67 63.00 23.60 7.32
N SER A 68 64.10 23.96 7.95
CA SER A 68 64.91 22.95 8.64
C SER A 68 65.78 23.69 9.64
N TYR A 69 65.61 23.39 10.91
CA TYR A 69 66.24 24.15 11.98
C TYR A 69 67.22 23.27 12.73
N PHE A 70 68.15 23.91 13.41
CA PHE A 70 69.05 23.26 14.33
C PHE A 70 68.69 23.77 15.71
N VAL A 71 68.27 22.87 16.58
CA VAL A 71 67.75 23.22 17.89
C VAL A 71 68.73 22.71 18.92
N VAL A 72 69.47 23.61 19.55
CA VAL A 72 70.50 23.21 20.50
C VAL A 72 69.96 23.49 21.91
N LYS A 73 69.93 22.46 22.72
CA LYS A 73 69.35 22.51 24.06
C LYS A 73 70.45 22.58 25.10
N ARG A 74 70.23 23.37 26.14
CA ARG A 74 71.18 23.49 27.23
C ARG A 74 70.63 22.92 28.51
N HIS A 75 71.36 22.02 29.17
CA HIS A 75 70.86 21.47 30.44
C HIS A 75 71.93 20.95 31.37
N THR A 76 71.52 20.31 32.45
CA THR A 76 72.43 19.78 33.45
C THR A 76 73.45 18.88 32.86
N PHE A 77 74.63 18.86 33.43
CA PHE A 77 75.66 18.00 32.90
C PHE A 77 75.42 16.51 32.94
N SER A 78 74.54 16.00 33.76
CA SER A 78 74.27 14.60 33.70
C SER A 78 73.27 14.34 32.58
N ASN A 79 72.19 15.09 32.56
CA ASN A 79 71.24 14.71 31.53
C ASN A 79 72.03 14.64 30.23
N TYR A 80 73.13 15.38 30.15
CA TYR A 80 74.00 15.29 28.99
C TYR A 80 74.43 13.85 28.74
N GLN A 81 75.12 13.23 29.71
CA GLN A 81 75.61 11.89 29.49
C GLN A 81 74.49 10.87 29.39
N HIS A 82 73.40 11.06 30.14
CA HIS A 82 72.29 10.13 30.04
C HIS A 82 71.74 10.10 28.62
N GLU A 83 71.38 11.27 28.11
CA GLU A 83 70.85 11.36 26.76
C GLU A 83 71.85 10.88 25.74
N GLU A 84 73.14 11.10 25.99
CA GLU A 84 74.11 10.66 25.00
C GLU A 84 74.24 9.14 24.98
N THR A 85 74.22 8.51 26.14
CA THR A 85 74.22 7.05 26.19
C THR A 85 73.05 6.49 25.42
N ILE A 86 71.86 7.01 25.68
CA ILE A 86 70.69 6.45 25.02
C ILE A 86 70.73 6.71 23.52
N TYR A 87 71.21 7.89 23.11
CA TYR A 87 71.32 8.15 21.69
C TYR A 87 72.29 7.17 21.04
N ASN A 88 73.48 7.02 21.62
CA ASN A 88 74.45 6.10 21.05
C ASN A 88 73.87 4.72 20.91
N LEU A 89 73.03 4.30 21.85
CA LEU A 89 72.35 3.03 21.66
C LEU A 89 71.32 3.09 20.55
N LEU A 90 70.77 4.26 20.26
CA LEU A 90 69.64 4.38 19.35
C LEU A 90 69.98 5.03 18.02
N LYS A 91 71.25 5.32 17.75
CA LYS A 91 71.57 6.21 16.65
C LYS A 91 71.24 5.59 15.30
N ASP A 92 71.32 4.27 15.18
CA ASP A 92 71.25 3.63 13.87
C ASP A 92 69.85 3.64 13.28
N CYS A 93 68.83 3.97 14.05
CA CYS A 93 67.48 4.00 13.51
C CYS A 93 67.37 5.10 12.47
N PRO A 94 66.70 4.84 11.35
CA PRO A 94 66.44 5.91 10.38
C PRO A 94 65.45 6.95 10.85
N ALA A 95 64.77 6.74 11.98
CA ALA A 95 63.74 7.64 12.44
C ALA A 95 64.17 8.40 13.70
N VAL A 96 65.45 8.73 13.81
CA VAL A 96 65.99 9.47 14.93
C VAL A 96 66.78 10.64 14.38
N ALA A 97 66.33 11.86 14.67
CA ALA A 97 67.03 13.04 14.19
C ALA A 97 68.47 13.02 14.66
N LYS A 98 69.38 13.43 13.79
CA LYS A 98 70.79 13.36 14.11
C LYS A 98 71.13 14.36 15.20
N HIS A 99 71.77 13.86 16.26
CA HIS A 99 72.18 14.70 17.37
C HIS A 99 73.66 15.03 17.25
N ASP A 100 74.07 16.03 18.01
CA ASP A 100 75.48 16.35 18.13
C ASP A 100 75.69 16.92 19.53
N PHE A 101 76.44 16.22 20.36
CA PHE A 101 76.68 16.65 21.72
C PHE A 101 78.02 17.36 21.78
N PHE A 102 78.03 18.58 22.31
CA PHE A 102 79.30 19.28 22.42
C PHE A 102 79.30 20.15 23.67
N LYS A 103 80.44 20.75 23.96
CA LYS A 103 80.53 21.68 25.08
C LYS A 103 81.19 22.97 24.64
N PHE A 104 80.55 24.07 24.99
CA PHE A 104 81.00 25.41 24.64
C PHE A 104 81.06 26.21 25.92
N ARG A 105 82.03 27.11 26.04
CA ARG A 105 82.16 27.88 27.27
C ARG A 105 81.63 29.28 27.03
N ILE A 106 80.65 29.67 27.84
CA ILE A 106 80.10 31.01 27.77
C ILE A 106 81.03 32.00 28.46
N ASP A 107 81.42 31.67 29.69
CA ASP A 107 82.43 32.44 30.40
C ASP A 107 83.67 31.88 31.08
N GLY A 108 83.47 31.06 32.10
CA GLY A 108 84.57 30.28 32.65
C GLY A 108 83.73 29.09 33.03
N ASP A 109 83.07 28.48 32.04
CA ASP A 109 82.06 27.47 32.32
C ASP A 109 81.80 26.68 31.03
N MET A 110 82.47 25.56 30.90
CA MET A 110 82.18 24.68 29.77
C MET A 110 80.78 24.12 29.92
N VAL A 111 79.78 24.80 29.38
CA VAL A 111 78.41 24.34 29.46
C VAL A 111 78.10 23.44 28.29
N PRO A 112 77.47 22.28 28.51
CA PRO A 112 77.16 21.35 27.42
C PRO A 112 75.86 21.62 26.69
N HIS A 113 75.89 21.40 25.38
CA HIS A 113 74.74 21.56 24.51
C HIS A 113 74.47 20.29 23.74
N ILE A 114 73.19 20.06 23.45
CA ILE A 114 72.74 18.94 22.65
C ILE A 114 72.08 19.52 21.43
N SER A 115 72.73 19.43 20.28
CA SER A 115 72.24 20.05 19.06
C SER A 115 71.49 19.02 18.25
N ARG A 116 70.18 19.16 18.11
CA ARG A 116 69.42 18.28 17.26
C ARG A 116 69.42 18.92 15.97
N GLN A 117 69.67 18.19 14.94
CA GLN A 117 69.85 18.76 13.65
C GLN A 117 68.80 18.57 12.68
N ARG A 118 68.66 19.51 11.81
CA ARG A 118 67.72 19.52 10.72
C ARG A 118 66.36 19.09 11.12
N LEU A 119 65.71 19.83 11.98
CA LEU A 119 64.41 19.42 12.47
C LEU A 119 63.54 20.51 11.87
N THR A 120 62.27 20.53 12.26
CA THR A 120 61.28 21.39 11.65
C THR A 120 60.71 22.42 12.62
N LYS A 121 60.02 23.42 12.07
CA LYS A 121 59.45 24.45 12.93
C LYS A 121 58.45 23.97 13.97
N TYR A 122 57.55 23.10 13.58
CA TYR A 122 56.49 22.63 14.45
C TYR A 122 56.66 21.13 14.58
N THR A 123 56.24 20.60 15.71
CA THR A 123 56.23 19.16 15.94
C THR A 123 54.82 18.66 15.74
N MET A 124 54.65 17.35 15.64
CA MET A 124 53.30 16.82 15.56
C MET A 124 52.29 17.27 16.59
N ALA A 125 52.73 17.58 17.80
CA ALA A 125 51.81 18.08 18.80
C ALA A 125 51.21 19.39 18.38
N ASP A 126 51.95 20.23 17.67
CA ASP A 126 51.37 21.48 17.21
C ASP A 126 50.29 21.24 16.19
N LEU A 127 50.47 20.26 15.32
CA LEU A 127 49.41 19.93 14.37
C LEU A 127 48.18 19.40 15.08
N VAL A 128 48.37 18.43 15.97
CA VAL A 128 47.25 17.84 16.68
C VAL A 128 46.51 18.89 17.49
N TYR A 129 47.24 19.73 18.22
CA TYR A 129 46.61 20.77 19.00
C TYR A 129 45.90 21.76 18.10
N ALA A 130 46.51 22.15 16.99
CA ALA A 130 45.91 23.15 16.13
C ALA A 130 44.62 22.65 15.53
N LEU A 131 44.49 21.36 15.33
CA LEU A 131 43.26 20.85 14.75
C LEU A 131 42.23 20.43 15.79
N ARG A 132 42.66 20.10 17.00
CA ARG A 132 41.73 19.72 18.06
C ARG A 132 41.36 20.87 18.98
N HIS A 133 41.89 22.06 18.75
CA HIS A 133 41.51 23.24 19.51
C HIS A 133 41.32 24.40 18.55
N PHE A 134 40.49 24.20 17.55
CA PHE A 134 40.36 25.17 16.48
C PHE A 134 39.66 26.43 16.97
N ASP A 135 40.15 27.58 16.53
CA ASP A 135 39.54 28.86 16.84
C ASP A 135 39.82 29.76 15.64
N GLU A 136 38.81 30.00 14.82
CA GLU A 136 39.04 30.64 13.53
C GLU A 136 39.60 32.04 13.65
N GLY A 137 39.49 32.68 14.82
CA GLY A 137 40.13 33.96 15.01
C GLY A 137 41.63 33.83 15.20
N ASN A 138 42.05 32.77 15.88
CA ASN A 138 43.45 32.56 16.25
C ASN A 138 43.90 31.20 15.72
N CYS A 139 44.14 31.12 14.41
CA CYS A 139 44.57 29.88 13.79
C CYS A 139 45.87 30.10 13.01
N ASP A 140 46.76 30.91 13.55
CA ASP A 140 47.95 31.29 12.81
C ASP A 140 48.84 30.09 12.52
N THR A 141 49.09 29.26 13.53
CA THR A 141 49.99 28.13 13.31
C THR A 141 49.38 27.13 12.34
N LEU A 142 48.06 27.00 12.29
CA LEU A 142 47.48 26.09 11.33
C LEU A 142 47.66 26.61 9.91
N LYS A 143 47.45 27.90 9.70
CA LYS A 143 47.73 28.47 8.38
C LYS A 143 49.18 28.25 8.00
N GLU A 144 50.08 28.42 8.97
CA GLU A 144 51.49 28.28 8.66
C GLU A 144 51.83 26.85 8.28
N ILE A 145 51.33 25.88 9.05
CA ILE A 145 51.57 24.49 8.72
C ILE A 145 50.99 24.15 7.36
N LEU A 146 49.84 24.71 7.03
CA LEU A 146 49.21 24.37 5.77
C LEU A 146 49.99 24.92 4.58
N VAL A 147 50.47 26.16 4.67
CA VAL A 147 51.18 26.71 3.52
C VAL A 147 52.61 26.24 3.45
N THR A 148 53.21 25.82 4.57
CA THR A 148 54.60 25.38 4.51
C THR A 148 54.74 24.08 3.74
N TYR A 149 53.77 23.17 3.87
CA TYR A 149 53.83 21.87 3.20
C TYR A 149 52.94 21.82 1.97
N ASN A 150 52.71 22.96 1.33
CA ASN A 150 52.07 23.01 0.02
C ASN A 150 50.71 22.33 0.01
N CYS A 151 49.97 22.46 1.10
CA CYS A 151 48.58 22.02 1.06
C CYS A 151 47.68 23.08 0.45
N CYS A 152 47.98 24.35 0.68
CA CYS A 152 47.29 25.44 0.01
C CYS A 152 48.28 26.59 -0.13
N ASP A 153 47.77 27.78 -0.43
CA ASP A 153 48.62 28.95 -0.60
C ASP A 153 47.88 30.16 -0.03
N ASP A 154 48.65 31.03 0.63
CA ASP A 154 48.07 31.98 1.58
C ASP A 154 46.85 32.73 1.04
N ASP A 155 46.78 32.96 -0.26
CA ASP A 155 45.57 33.55 -0.81
C ASP A 155 44.35 32.65 -0.65
N TYR A 156 44.53 31.42 -0.18
CA TYR A 156 43.38 30.60 0.14
C TYR A 156 42.66 31.11 1.37
N PHE A 157 43.36 31.77 2.26
CA PHE A 157 42.78 32.21 3.51
C PHE A 157 42.07 33.55 3.38
N ASN A 158 42.06 34.14 2.20
CA ASN A 158 41.21 35.29 1.93
C ASN A 158 39.82 34.87 1.49
N LYS A 159 39.58 33.58 1.38
CA LYS A 159 38.30 33.04 0.95
C LYS A 159 37.41 32.87 2.16
N LYS A 160 37.49 33.80 3.10
CA LYS A 160 37.05 33.58 4.48
C LYS A 160 35.70 32.88 4.53
N ASP A 161 35.57 32.02 5.54
CA ASP A 161 34.70 30.84 5.60
C ASP A 161 35.46 29.67 5.02
N TRP A 162 36.78 29.78 4.94
CA TRP A 162 37.57 28.69 4.39
C TRP A 162 37.55 27.48 5.31
N TYR A 163 37.51 27.72 6.62
CA TYR A 163 37.61 26.64 7.60
C TYR A 163 36.35 25.82 7.71
N ASP A 164 35.24 26.31 7.19
CA ASP A 164 33.96 25.66 7.41
C ASP A 164 33.90 24.35 6.65
N PHE A 165 33.12 23.42 7.18
CA PHE A 165 32.97 22.12 6.55
C PHE A 165 31.71 22.04 5.70
N VAL A 166 30.67 22.75 6.09
CA VAL A 166 29.42 22.74 5.35
C VAL A 166 29.44 23.76 4.23
N GLU A 167 29.84 24.98 4.54
CA GLU A 167 30.28 25.91 3.51
C GLU A 167 31.72 25.63 3.20
N ASN A 168 32.09 25.76 1.93
CA ASN A 168 33.44 25.40 1.51
C ASN A 168 33.79 23.98 1.90
N PRO A 169 33.14 22.96 1.35
CA PRO A 169 33.55 21.59 1.59
C PRO A 169 34.82 21.18 0.84
N ASP A 170 35.46 22.11 0.17
CA ASP A 170 36.75 21.86 -0.45
C ASP A 170 37.87 21.82 0.58
N ILE A 171 37.64 22.34 1.78
CA ILE A 171 38.66 22.34 2.81
C ILE A 171 39.18 20.95 3.06
N LEU A 172 38.35 19.93 2.89
CA LEU A 172 38.83 18.57 3.08
C LEU A 172 39.93 18.24 2.11
N ARG A 173 39.74 18.56 0.83
CA ARG A 173 40.81 18.37 -0.14
C ARG A 173 42.09 19.06 0.29
N VAL A 174 41.99 20.16 1.04
CA VAL A 174 43.19 20.79 1.56
C VAL A 174 43.79 19.97 2.67
N TYR A 175 42.98 19.59 3.66
CA TYR A 175 43.51 18.83 4.78
C TYR A 175 44.11 17.52 4.30
N ALA A 176 43.47 16.86 3.35
CA ALA A 176 43.97 15.60 2.83
C ALA A 176 45.37 15.72 2.26
N ASN A 177 45.83 16.91 1.95
CA ASN A 177 47.19 17.05 1.43
C ASN A 177 48.25 16.81 2.49
N LEU A 178 47.89 16.95 3.77
CA LEU A 178 48.78 16.51 4.84
C LEU A 178 48.81 15.01 4.96
N GLY A 179 47.83 14.33 4.36
CA GLY A 179 47.63 12.92 4.59
C GLY A 179 48.92 12.13 4.67
N GLU A 180 49.58 11.94 3.54
CA GLU A 180 50.71 11.02 3.55
C GLU A 180 51.82 11.50 4.45
N ARG A 181 51.99 12.81 4.59
CA ARG A 181 52.95 13.30 5.57
C ARG A 181 52.68 12.67 6.92
N VAL A 182 51.46 12.82 7.43
CA VAL A 182 51.05 12.15 8.65
C VAL A 182 51.33 10.67 8.57
N ARG A 183 50.92 10.02 7.47
CA ARG A 183 51.14 8.59 7.36
C ARG A 183 52.62 8.26 7.50
N GLN A 184 53.48 9.04 6.88
CA GLN A 184 54.90 8.76 7.02
C GLN A 184 55.31 8.78 8.48
N ALA A 185 54.84 9.78 9.22
CA ALA A 185 55.10 9.83 10.66
C ALA A 185 54.76 8.50 11.31
N LEU A 186 53.54 8.01 11.08
CA LEU A 186 53.13 6.74 11.68
C LEU A 186 54.17 5.68 11.42
N LEU A 187 54.57 5.52 10.16
CA LEU A 187 55.53 4.49 9.83
C LEU A 187 56.80 4.64 10.63
N LYS A 188 57.36 5.86 10.66
CA LYS A 188 58.60 6.01 11.39
C LYS A 188 58.42 5.70 12.86
N THR A 189 57.27 6.05 13.43
CA THR A 189 57.03 5.69 14.82
C THR A 189 57.26 4.22 15.04
N VAL A 190 56.68 3.38 14.18
CA VAL A 190 56.84 1.94 14.38
C VAL A 190 58.31 1.59 14.36
N GLN A 191 59.04 2.09 13.36
CA GLN A 191 60.48 1.85 13.35
C GLN A 191 61.09 2.21 14.68
N PHE A 192 60.84 3.43 15.14
CA PHE A 192 61.39 3.86 16.42
C PHE A 192 61.05 2.88 17.52
N CYS A 193 59.78 2.48 17.60
CA CYS A 193 59.40 1.53 18.62
C CYS A 193 60.25 0.28 18.53
N ASP A 194 60.34 -0.31 17.35
CA ASP A 194 61.19 -1.48 17.17
C ASP A 194 62.58 -1.20 17.67
N ALA A 195 63.14 -0.04 17.30
CA ALA A 195 64.48 0.31 17.75
C ALA A 195 64.58 0.17 19.26
N MET A 196 63.69 0.84 20.00
CA MET A 196 63.78 0.74 21.45
C MET A 196 63.65 -0.70 21.90
N ARG A 197 62.69 -1.43 21.33
CA ARG A 197 62.45 -2.78 21.83
C ARG A 197 63.64 -3.68 21.59
N ASN A 198 64.54 -3.28 20.69
CA ASN A 198 65.76 -4.06 20.52
C ASN A 198 66.85 -3.54 21.44
N ALA A 199 66.98 -2.23 21.56
CA ALA A 199 68.04 -1.68 22.39
C ALA A 199 67.74 -1.80 23.86
N GLY A 200 66.51 -2.17 24.22
CA GLY A 200 66.17 -2.33 25.62
C GLY A 200 65.95 -1.01 26.31
N ILE A 201 65.26 -0.09 25.65
CA ILE A 201 64.97 1.23 26.18
C ILE A 201 63.52 1.28 26.57
N VAL A 202 63.24 1.83 27.74
CA VAL A 202 61.88 1.99 28.25
C VAL A 202 61.58 3.46 28.36
N GLY A 203 60.51 3.90 27.71
CA GLY A 203 60.13 5.29 27.79
C GLY A 203 58.74 5.46 27.23
N VAL A 204 58.23 6.67 27.38
CA VAL A 204 56.89 7.02 26.92
C VAL A 204 57.03 7.98 25.75
N LEU A 205 56.38 7.64 24.65
CA LEU A 205 56.43 8.45 23.44
C LEU A 205 55.32 9.48 23.49
N THR A 206 55.66 10.73 23.25
CA THR A 206 54.69 11.80 23.18
C THR A 206 54.79 12.49 21.83
N LEU A 207 53.70 13.04 21.41
CA LEU A 207 53.60 13.58 20.13
C LEU A 207 54.42 14.72 19.94
N ASP A 208 54.88 15.36 20.97
CA ASP A 208 55.63 16.57 20.79
C ASP A 208 57.08 16.41 20.86
N ASN A 209 57.57 15.26 20.46
CA ASN A 209 58.94 14.95 20.42
C ASN A 209 59.14 14.30 19.09
N GLN A 210 58.46 14.72 18.05
CA GLN A 210 58.62 14.13 16.77
C GLN A 210 58.21 15.20 15.83
N ASP A 211 59.03 15.73 14.92
CA ASP A 211 58.74 16.81 14.01
C ASP A 211 57.90 16.28 12.86
N LEU A 212 57.47 17.19 11.99
CA LEU A 212 56.55 16.83 10.94
C LEU A 212 57.23 16.16 9.75
N ASN A 213 58.52 15.88 9.83
CA ASN A 213 59.11 14.91 8.92
C ASN A 213 58.89 13.50 9.43
N GLY A 214 59.07 13.29 10.73
CA GLY A 214 58.83 12.01 11.34
C GLY A 214 59.85 11.67 12.39
N ASN A 215 60.98 12.34 12.38
CA ASN A 215 62.11 11.94 13.21
C ASN A 215 61.85 12.24 14.67
N TRP A 216 62.55 11.51 15.54
CA TRP A 216 62.34 11.57 16.98
C TRP A 216 63.56 12.15 17.66
N TYR A 217 63.35 12.68 18.86
CA TYR A 217 64.42 13.23 19.67
C TYR A 217 63.93 13.30 21.11
N ASP A 218 64.70 13.98 21.96
CA ASP A 218 64.38 14.09 23.38
C ASP A 218 64.39 12.93 24.36
N PHE A 219 65.49 12.21 24.45
CA PHE A 219 65.62 11.09 25.38
C PHE A 219 65.94 11.33 26.85
N GLY A 220 65.50 12.47 27.38
CA GLY A 220 65.84 12.79 28.75
C GLY A 220 65.09 11.99 29.78
N ASP A 221 64.05 11.27 29.38
CA ASP A 221 63.21 10.55 30.32
C ASP A 221 63.14 9.06 29.99
N PHE A 222 64.03 8.58 29.14
CA PHE A 222 64.14 7.16 28.85
C PHE A 222 65.11 6.52 29.81
N ILE A 223 64.96 5.22 30.01
CA ILE A 223 65.87 4.45 30.84
C ILE A 223 66.23 3.18 30.08
N GLN A 224 67.19 2.44 30.62
CA GLN A 224 67.73 1.28 29.93
C GLN A 224 67.35 -0.01 30.64
N THR A 225 67.22 -1.07 29.85
CA THR A 225 66.98 -2.41 30.37
C THR A 225 67.86 -3.37 29.59
N THR A 226 67.67 -4.66 29.76
CA THR A 226 68.42 -5.62 28.97
C THR A 226 67.92 -5.58 27.53
N PRO A 227 68.80 -5.58 26.54
CA PRO A 227 68.36 -5.46 25.15
C PRO A 227 67.40 -6.56 24.77
N GLY A 228 66.62 -6.29 23.74
CA GLY A 228 65.56 -7.18 23.33
C GLY A 228 64.31 -7.10 24.16
N SER A 229 64.33 -6.37 25.27
CA SER A 229 63.22 -6.35 26.20
C SER A 229 62.77 -4.95 26.58
N GLY A 230 63.13 -3.95 25.78
CA GLY A 230 62.61 -2.62 26.00
C GLY A 230 61.14 -2.56 25.69
N VAL A 231 60.51 -1.47 26.09
CA VAL A 231 59.07 -1.33 25.92
C VAL A 231 58.68 0.13 25.76
N PRO A 232 58.14 0.52 24.62
CA PRO A 232 57.59 1.87 24.47
C PRO A 232 56.14 1.96 24.89
N VAL A 233 55.79 3.10 25.45
CA VAL A 233 54.44 3.36 25.94
C VAL A 233 53.79 4.36 25.00
N VAL A 234 52.80 3.91 24.22
CA VAL A 234 52.28 4.70 23.13
C VAL A 234 50.78 4.94 23.24
N ASP A 235 50.29 5.15 24.46
CA ASP A 235 48.85 5.39 24.59
C ASP A 235 48.46 6.82 24.26
N SER A 236 49.08 7.77 24.95
CA SER A 236 48.79 9.17 24.68
C SER A 236 49.16 9.63 23.28
N TYR A 237 50.13 8.98 22.66
CA TYR A 237 50.55 9.31 21.30
C TYR A 237 49.54 8.92 20.24
N TYR A 238 49.05 7.70 20.31
CA TYR A 238 48.19 7.19 19.26
C TYR A 238 46.81 7.74 19.54
N SER A 239 46.41 7.82 20.80
CA SER A 239 45.03 8.18 21.05
C SER A 239 44.79 9.66 20.92
N LEU A 240 45.75 10.51 21.26
CA LEU A 240 45.61 11.93 20.95
C LEU A 240 45.65 12.16 19.45
N LEU A 241 46.37 11.32 18.72
CA LEU A 241 46.49 11.54 17.29
C LEU A 241 45.30 11.02 16.51
N MET A 242 44.55 10.08 17.05
CA MET A 242 43.50 9.38 16.30
C MET A 242 42.55 10.28 15.52
N PRO A 243 42.00 11.36 16.07
CA PRO A 243 41.04 12.15 15.28
C PRO A 243 41.63 12.73 14.02
N ILE A 244 42.95 12.85 13.94
CA ILE A 244 43.61 13.43 12.78
C ILE A 244 43.79 12.42 11.66
N LEU A 245 43.78 11.12 11.95
CA LEU A 245 44.00 10.16 10.90
C LEU A 245 42.87 10.13 9.89
N THR A 246 41.65 10.41 10.31
CA THR A 246 40.56 10.46 9.36
C THR A 246 40.31 11.85 8.83
N LEU A 247 40.74 12.88 9.55
CA LEU A 247 40.59 14.24 9.05
C LEU A 247 41.45 14.45 7.83
N THR A 248 42.72 14.09 7.92
CA THR A 248 43.64 14.20 6.82
C THR A 248 43.63 12.98 5.92
N ARG A 249 42.81 11.99 6.22
CA ARG A 249 42.77 10.73 5.48
C ARG A 249 44.18 10.20 5.26
N ALA A 250 44.81 9.81 6.36
CA ALA A 250 46.20 9.41 6.29
C ALA A 250 46.38 8.16 5.45
N LEU A 251 45.45 7.21 5.54
CA LEU A 251 45.63 5.90 4.93
C LEU A 251 45.16 5.84 3.49
N THR A 252 44.90 6.98 2.85
CA THR A 252 44.40 6.94 1.49
C THR A 252 45.41 6.35 0.52
N ALA A 253 46.68 6.29 0.91
CA ALA A 253 47.68 5.65 0.08
C ALA A 253 47.67 4.16 0.23
N GLU A 254 46.62 3.58 0.79
CA GLU A 254 46.54 2.14 0.98
C GLU A 254 45.63 1.47 -0.02
N SER A 255 44.80 2.23 -0.72
CA SER A 255 44.00 1.69 -1.81
C SER A 255 44.75 1.73 -3.13
N HIS A 256 46.06 1.89 -3.08
CA HIS A 256 46.88 2.01 -4.28
C HIS A 256 47.77 0.80 -4.43
N VAL A 257 48.08 0.47 -5.68
CA VAL A 257 48.55 -0.87 -6.05
C VAL A 257 49.68 -1.33 -5.18
N ASP A 258 50.59 -0.45 -4.80
CA ASP A 258 51.63 -0.85 -3.87
C ASP A 258 51.91 0.26 -2.88
N THR A 259 50.87 0.68 -2.16
CA THR A 259 50.94 1.76 -1.18
C THR A 259 51.69 2.95 -1.74
N ASP A 260 51.54 3.19 -3.03
CA ASP A 260 52.24 4.25 -3.74
C ASP A 260 51.22 5.18 -4.33
N LEU A 261 51.30 6.46 -3.98
CA LEU A 261 50.31 7.41 -4.44
C LEU A 261 50.41 7.70 -5.94
N THR A 262 51.43 7.17 -6.61
CA THR A 262 51.59 7.33 -8.04
C THR A 262 51.38 6.02 -8.76
N LYS A 263 50.33 5.30 -8.39
CA LYS A 263 50.05 3.99 -8.95
C LYS A 263 48.54 3.81 -8.96
N PRO A 264 48.03 2.94 -9.82
CA PRO A 264 46.59 2.80 -9.95
C PRO A 264 45.96 2.26 -8.68
N TYR A 265 44.64 2.37 -8.60
CA TYR A 265 43.93 1.81 -7.48
C TYR A 265 43.94 0.29 -7.54
N ILE A 266 43.98 -0.34 -6.38
CA ILE A 266 43.79 -1.78 -6.33
C ILE A 266 42.39 -2.09 -6.82
N LYS A 267 42.27 -3.09 -7.68
CA LYS A 267 40.97 -3.53 -8.15
C LYS A 267 40.64 -4.82 -7.42
N TRP A 268 39.88 -4.70 -6.35
CA TRP A 268 39.52 -5.86 -5.56
C TRP A 268 38.53 -6.72 -6.31
N ASP A 269 38.49 -8.00 -5.96
CA ASP A 269 37.43 -8.87 -6.46
C ASP A 269 36.10 -8.33 -5.98
N LEU A 270 35.14 -8.25 -6.88
CA LEU A 270 33.84 -7.73 -6.49
C LEU A 270 33.19 -8.60 -5.43
N LEU A 271 33.36 -9.92 -5.53
CA LEU A 271 32.66 -10.81 -4.64
C LEU A 271 33.28 -10.90 -3.26
N LYS A 272 34.42 -10.27 -3.03
CA LYS A 272 35.09 -10.39 -1.74
C LYS A 272 34.42 -9.46 -0.75
N TYR A 273 34.14 -9.97 0.44
CA TYR A 273 33.56 -9.16 1.49
C TYR A 273 34.26 -9.31 2.82
N ASP A 274 35.17 -10.26 2.97
CA ASP A 274 35.68 -10.56 4.30
C ASP A 274 36.63 -9.47 4.79
N PHE A 275 37.80 -9.33 4.17
CA PHE A 275 38.76 -8.29 4.53
C PHE A 275 39.17 -8.38 5.99
N THR A 276 39.16 -9.59 6.54
CA THR A 276 39.60 -9.74 7.92
C THR A 276 41.11 -9.81 8.05
N GLU A 277 41.79 -10.41 7.08
CA GLU A 277 43.24 -10.46 7.12
C GLU A 277 43.84 -9.11 6.79
N GLU A 278 43.19 -8.37 5.90
CA GLU A 278 43.68 -7.04 5.54
C GLU A 278 43.64 -6.10 6.72
N ARG A 279 42.59 -6.16 7.52
CA ARG A 279 42.51 -5.30 8.68
C ARG A 279 43.59 -5.63 9.69
N LEU A 280 43.89 -6.90 9.88
CA LEU A 280 44.96 -7.25 10.80
C LEU A 280 46.30 -6.80 10.27
N LYS A 281 46.53 -6.90 8.96
CA LYS A 281 47.80 -6.44 8.43
C LYS A 281 47.94 -4.94 8.55
N LEU A 282 46.85 -4.19 8.35
CA LEU A 282 46.89 -2.75 8.55
C LEU A 282 47.21 -2.42 10.00
N PHE A 283 46.51 -3.06 10.94
CA PHE A 283 46.77 -2.81 12.35
C PHE A 283 48.22 -3.08 12.68
N ASP A 284 48.77 -4.17 12.16
CA ASP A 284 50.14 -4.50 12.47
C ASP A 284 51.14 -3.61 11.76
N ARG A 285 50.72 -2.97 10.67
CA ARG A 285 51.63 -2.09 9.97
C ARG A 285 51.71 -0.73 10.63
N TYR A 286 50.61 -0.23 11.17
CA TYR A 286 50.59 1.12 11.70
C TYR A 286 50.49 1.20 13.22
N PHE A 287 49.74 0.31 13.86
CA PHE A 287 49.60 0.37 15.30
C PHE A 287 50.22 -0.85 15.95
N LYS A 288 51.49 -1.10 15.69
CA LYS A 288 52.08 -2.38 16.07
C LYS A 288 52.15 -2.53 17.58
N TYR A 289 52.47 -1.47 18.29
CA TYR A 289 52.72 -1.55 19.73
C TYR A 289 51.57 -1.05 20.56
N TRP A 290 50.42 -0.86 19.96
CA TRP A 290 49.18 -0.62 20.69
C TRP A 290 48.82 -1.92 21.39
N ASP A 291 48.99 -1.95 22.71
CA ASP A 291 48.89 -3.19 23.48
C ASP A 291 47.46 -3.38 23.99
N GLN A 292 46.56 -3.64 23.06
CA GLN A 292 45.23 -4.04 23.44
C GLN A 292 44.67 -4.85 22.29
N THR A 293 44.01 -5.95 22.63
CA THR A 293 43.55 -6.87 21.60
C THR A 293 42.63 -6.15 20.64
N TYR A 294 42.81 -6.40 19.36
CA TYR A 294 41.98 -5.84 18.31
C TYR A 294 41.23 -6.97 17.65
N HIS A 295 39.92 -6.98 17.79
CA HIS A 295 39.10 -7.96 17.12
C HIS A 295 38.52 -7.34 15.87
N PRO A 296 38.97 -7.74 14.68
CA PRO A 296 38.41 -7.11 13.47
C PRO A 296 36.92 -7.24 13.39
N ASN A 297 36.38 -8.39 13.74
CA ASN A 297 34.94 -8.61 13.79
C ASN A 297 34.50 -8.43 15.22
N CYS A 298 33.65 -7.44 15.46
CA CYS A 298 33.30 -7.14 16.83
C CYS A 298 32.39 -8.17 17.47
N VAL A 299 32.08 -9.26 16.77
CA VAL A 299 31.32 -10.32 17.41
C VAL A 299 32.13 -10.95 18.52
N ASN A 300 33.45 -10.93 18.39
CA ASN A 300 34.33 -11.56 19.36
C ASN A 300 34.68 -10.65 20.52
N CYS A 301 34.12 -9.45 20.57
CA CYS A 301 34.45 -8.52 21.64
C CYS A 301 33.88 -9.00 22.95
N LEU A 302 34.41 -8.46 24.05
CA LEU A 302 34.10 -8.98 25.38
C LEU A 302 33.05 -8.16 26.11
N ASP A 303 33.01 -6.85 25.91
CA ASP A 303 31.98 -6.02 26.52
C ASP A 303 31.78 -4.80 25.63
N ASP A 304 30.96 -3.87 26.08
CA ASP A 304 30.70 -2.71 25.24
C ASP A 304 31.91 -1.81 25.09
N ARG A 305 32.80 -1.79 26.07
CA ARG A 305 34.00 -0.99 25.91
C ARG A 305 34.95 -1.62 24.90
N CYS A 306 35.06 -2.94 24.88
CA CYS A 306 35.84 -3.55 23.82
C CYS A 306 35.19 -3.33 22.47
N ILE A 307 33.86 -3.27 22.41
CA ILE A 307 33.21 -3.00 21.13
C ILE A 307 33.55 -1.61 20.66
N LEU A 308 33.49 -0.62 21.55
CA LEU A 308 33.87 0.72 21.14
C LEU A 308 35.32 0.76 20.69
N HIS A 309 36.20 0.12 21.45
CA HIS A 309 37.62 0.12 21.10
C HIS A 309 37.83 -0.41 19.70
N CYS A 310 37.29 -1.58 19.40
CA CYS A 310 37.59 -2.22 18.12
C CYS A 310 36.80 -1.61 16.96
N ALA A 311 35.60 -1.11 17.22
CA ALA A 311 34.88 -0.43 16.15
C ALA A 311 35.55 0.87 15.78
N ASN A 312 36.25 1.51 16.73
CA ASN A 312 37.02 2.69 16.39
C ASN A 312 38.03 2.37 15.29
N PHE A 313 38.76 1.28 15.44
CA PHE A 313 39.74 0.92 14.42
C PHE A 313 39.06 0.50 13.13
N ASN A 314 37.93 -0.19 13.23
CA ASN A 314 37.24 -0.55 12.00
C ASN A 314 36.79 0.67 11.23
N VAL A 315 36.40 1.74 11.93
CA VAL A 315 36.02 2.97 11.24
C VAL A 315 37.14 3.45 10.35
N LEU A 316 38.37 3.38 10.82
CA LEU A 316 39.49 3.86 10.03
C LEU A 316 39.85 2.88 8.93
N PHE A 317 39.98 1.61 9.27
CA PHE A 317 40.42 0.65 8.27
C PHE A 317 39.38 0.39 7.20
N SER A 318 38.14 0.80 7.38
CA SER A 318 37.14 0.56 6.35
C SER A 318 37.11 1.63 5.28
N THR A 319 37.89 2.69 5.43
CA THR A 319 38.00 3.68 4.37
C THR A 319 38.94 3.25 3.27
N VAL A 320 39.46 2.03 3.33
CA VAL A 320 40.42 1.53 2.37
C VAL A 320 39.74 0.58 1.41
N PHE A 321 38.73 -0.10 1.89
CA PHE A 321 38.11 -1.19 1.16
C PHE A 321 36.96 -0.68 0.31
N PRO A 322 36.65 -1.38 -0.77
CA PRO A 322 35.70 -0.84 -1.74
C PRO A 322 34.31 -0.75 -1.15
N PRO A 323 33.59 0.33 -1.45
CA PRO A 323 32.30 0.55 -0.79
C PRO A 323 31.20 -0.37 -1.26
N THR A 324 31.41 -1.16 -2.30
CA THR A 324 30.39 -2.10 -2.72
C THR A 324 30.43 -3.38 -1.92
N SER A 325 31.36 -3.52 -0.99
CA SER A 325 31.49 -4.74 -0.21
C SER A 325 30.89 -4.64 1.17
N PHE A 326 30.16 -3.57 1.46
CA PHE A 326 29.46 -3.41 2.71
C PHE A 326 27.97 -3.58 2.49
N GLY A 327 27.25 -3.88 3.55
CA GLY A 327 25.83 -4.09 3.43
C GLY A 327 25.48 -5.56 3.50
N PRO A 328 24.21 -5.89 3.32
CA PRO A 328 23.76 -7.26 3.53
C PRO A 328 24.52 -8.25 2.67
N LEU A 329 24.79 -9.42 3.22
CA LEU A 329 25.41 -10.51 2.49
C LEU A 329 24.31 -11.49 2.16
N VAL A 330 23.91 -11.54 0.90
CA VAL A 330 22.77 -12.35 0.50
C VAL A 330 23.23 -13.76 0.19
N ARG A 331 22.26 -14.63 -0.09
CA ARG A 331 22.52 -16.03 -0.31
C ARG A 331 21.26 -16.65 -0.91
N LYS A 332 21.46 -17.62 -1.80
CA LYS A 332 20.35 -18.24 -2.51
C LYS A 332 19.85 -19.42 -1.69
N ILE A 333 18.69 -19.26 -1.09
CA ILE A 333 18.07 -20.32 -0.33
C ILE A 333 16.96 -20.91 -1.18
N PHE A 334 16.50 -22.10 -0.81
CA PHE A 334 15.42 -22.77 -1.53
C PHE A 334 14.25 -22.95 -0.58
N VAL A 335 13.14 -22.31 -0.88
CA VAL A 335 11.90 -22.50 -0.14
C VAL A 335 10.85 -22.95 -1.13
N ASP A 336 10.05 -23.94 -0.75
CA ASP A 336 9.13 -24.63 -1.64
C ASP A 336 9.76 -24.89 -3.01
N GLY A 337 10.96 -25.47 -2.99
CA GLY A 337 11.62 -25.85 -4.23
C GLY A 337 11.88 -24.70 -5.18
N VAL A 338 11.83 -23.48 -4.68
CA VAL A 338 12.01 -22.27 -5.48
C VAL A 338 13.12 -21.43 -4.85
N PRO A 339 14.03 -20.88 -5.64
CA PRO A 339 15.16 -20.15 -5.07
C PRO A 339 14.86 -18.70 -4.77
N PHE A 340 14.98 -18.34 -3.49
CA PHE A 340 15.00 -16.96 -3.02
C PHE A 340 16.43 -16.49 -2.89
N VAL A 341 16.59 -15.18 -2.85
CA VAL A 341 17.84 -14.55 -2.46
C VAL A 341 17.54 -13.75 -1.20
N VAL A 342 18.11 -14.18 -0.08
CA VAL A 342 17.81 -13.54 1.20
C VAL A 342 19.08 -13.21 1.94
N SER A 343 18.98 -12.27 2.86
CA SER A 343 20.14 -11.75 3.57
C SER A 343 20.48 -12.64 4.75
N THR A 344 21.68 -13.19 4.76
CA THR A 344 22.10 -14.03 5.88
C THR A 344 23.35 -13.46 6.54
N GLY A 345 23.37 -12.16 6.78
CA GLY A 345 24.51 -11.55 7.43
C GLY A 345 24.56 -10.08 7.10
N TYR A 346 25.70 -9.50 7.42
CA TYR A 346 25.92 -8.08 7.16
C TYR A 346 27.41 -7.82 7.27
N HIS A 347 27.86 -6.76 6.62
CA HIS A 347 29.25 -6.33 6.70
C HIS A 347 29.24 -4.86 7.08
N PHE A 348 29.36 -4.59 8.37
CA PHE A 348 29.37 -3.22 8.84
C PHE A 348 30.74 -2.62 8.72
N ARG A 349 30.79 -1.34 8.38
CA ARG A 349 32.05 -0.63 8.39
C ARG A 349 32.62 -0.52 9.80
N GLU A 350 31.77 -0.53 10.81
CA GLU A 350 32.24 -0.40 12.18
C GLU A 350 32.38 -1.73 12.89
N LEU A 351 31.59 -2.71 12.54
CA LEU A 351 31.55 -3.97 13.28
C LEU A 351 32.05 -5.16 12.48
N GLY A 352 32.50 -4.97 11.25
CA GLY A 352 33.04 -6.11 10.53
C GLY A 352 31.93 -7.02 10.04
N VAL A 353 32.27 -8.29 9.85
CA VAL A 353 31.36 -9.26 9.26
C VAL A 353 30.55 -9.93 10.37
N VAL A 354 29.25 -10.02 10.16
CA VAL A 354 28.35 -10.64 11.12
C VAL A 354 27.47 -11.62 10.37
N HIS A 355 27.43 -12.86 10.85
CA HIS A 355 26.68 -13.92 10.19
C HIS A 355 25.45 -14.28 11.01
N ASN A 356 24.31 -14.41 10.34
CA ASN A 356 23.12 -14.88 11.02
C ASN A 356 23.34 -16.30 11.53
N GLN A 357 22.72 -16.60 12.66
CA GLN A 357 22.91 -17.91 13.27
C GLN A 357 21.84 -18.91 12.87
N ASP A 358 20.63 -18.46 12.57
CA ASP A 358 19.53 -19.35 12.24
C ASP A 358 19.12 -19.12 10.79
N VAL A 359 19.97 -19.58 9.87
CA VAL A 359 19.66 -19.58 8.45
C VAL A 359 19.46 -21.02 8.01
N ASN A 360 18.41 -21.27 7.23
CA ASN A 360 18.09 -22.62 6.79
C ASN A 360 17.69 -22.60 5.33
N LEU A 361 18.49 -23.26 4.50
CA LEU A 361 18.05 -23.61 3.16
C LEU A 361 16.98 -24.26 2.30
N HIS A 362 16.30 -25.25 2.86
CA HIS A 362 15.25 -25.96 2.14
C HIS A 362 14.24 -25.78 3.26
N SER A 363 13.26 -24.90 3.06
CA SER A 363 12.14 -24.78 3.96
C SER A 363 10.86 -25.07 3.19
N SER A 364 9.94 -25.78 3.86
CA SER A 364 8.74 -26.25 3.19
C SER A 364 7.80 -25.09 2.88
N ARG A 365 7.46 -24.29 3.88
CA ARG A 365 6.61 -23.13 3.68
C ARG A 365 6.94 -22.10 4.73
N LEU A 366 6.60 -20.85 4.45
CA LEU A 366 6.95 -19.74 5.31
C LEU A 366 5.83 -19.44 6.29
N SER A 367 6.20 -18.95 7.46
CA SER A 367 5.23 -18.61 8.49
C SER A 367 4.90 -17.15 8.20
N PHE A 368 3.93 -16.59 8.93
CA PHE A 368 3.84 -15.14 9.00
C PHE A 368 5.08 -14.34 9.35
N LYS A 369 5.81 -14.77 10.36
CA LYS A 369 7.01 -14.06 10.75
C LYS A 369 8.06 -14.11 9.65
N GLU A 370 8.22 -15.27 8.99
CA GLU A 370 9.23 -15.34 7.94
C GLU A 370 8.79 -14.58 6.71
N LEU A 371 7.50 -14.62 6.38
CA LEU A 371 7.01 -13.77 5.32
C LEU A 371 7.33 -12.32 5.61
N LEU A 372 7.16 -11.90 6.86
CA LEU A 372 7.53 -10.55 7.25
C LEU A 372 9.01 -10.30 6.97
N VAL A 373 9.87 -11.04 7.66
CA VAL A 373 11.30 -10.78 7.58
C VAL A 373 11.88 -11.03 6.21
N TYR A 374 11.11 -11.56 5.27
CA TYR A 374 11.57 -11.62 3.89
C TYR A 374 11.01 -10.51 3.02
N ALA A 375 9.84 -9.98 3.36
CA ALA A 375 9.34 -8.82 2.64
C ALA A 375 10.01 -7.53 3.09
N ALA A 376 10.66 -7.55 4.24
CA ALA A 376 11.34 -6.37 4.75
C ALA A 376 12.78 -6.27 4.28
N ASP A 377 13.42 -7.39 3.96
CA ASP A 377 14.79 -7.36 3.51
C ASP A 377 14.91 -6.58 2.21
N PRO A 378 15.94 -5.75 2.05
CA PRO A 378 16.20 -5.15 0.75
C PRO A 378 16.77 -6.12 -0.25
N ALA A 379 16.99 -7.37 0.12
CA ALA A 379 17.66 -8.31 -0.77
C ALA A 379 16.79 -8.63 -1.98
N MET A 380 15.59 -9.15 -1.75
CA MET A 380 14.74 -9.49 -2.87
C MET A 380 14.33 -8.25 -3.66
N HIS A 381 14.27 -7.09 -3.02
CA HIS A 381 13.87 -5.88 -3.71
C HIS A 381 14.97 -5.38 -4.62
N ALA A 382 16.19 -5.30 -4.11
CA ALA A 382 17.28 -4.78 -4.92
C ALA A 382 17.70 -5.76 -6.00
N ALA A 383 17.68 -7.07 -5.69
CA ALA A 383 18.11 -8.04 -6.67
C ALA A 383 17.21 -8.05 -7.90
N SER A 384 15.97 -7.60 -7.77
CA SER A 384 15.00 -7.69 -8.85
C SER A 384 14.62 -6.33 -9.40
N GLY A 385 15.53 -5.37 -9.35
CA GLY A 385 15.28 -4.05 -9.87
C GLY A 385 16.37 -3.65 -10.87
N ASN A 386 16.10 -2.60 -11.61
CA ASN A 386 17.07 -2.10 -12.56
C ASN A 386 18.26 -1.52 -11.83
N LEU A 387 19.43 -1.63 -12.46
CA LEU A 387 20.58 -0.89 -11.97
C LEU A 387 20.26 0.59 -12.01
N LEU A 388 20.91 1.36 -11.16
CA LEU A 388 20.66 2.79 -11.12
C LEU A 388 21.96 3.53 -10.96
N LEU A 389 22.18 4.53 -11.80
CA LEU A 389 23.29 5.45 -11.68
C LEU A 389 22.70 6.83 -11.57
N ASP A 390 22.52 7.31 -10.35
CA ASP A 390 21.89 8.59 -10.09
C ASP A 390 22.99 9.61 -9.93
N LYS A 391 23.19 10.46 -10.93
CA LYS A 391 24.28 11.41 -10.90
C LYS A 391 23.88 12.73 -10.27
N ARG A 392 22.73 12.77 -9.61
CA ARG A 392 22.36 13.97 -8.88
C ARG A 392 23.05 14.03 -7.52
N THR A 393 23.27 12.89 -6.89
CA THR A 393 23.89 12.81 -5.58
C THR A 393 25.24 12.11 -5.68
N THR A 394 25.94 12.10 -4.55
CA THR A 394 27.17 11.33 -4.42
C THR A 394 27.00 10.11 -3.54
N CYS A 395 25.85 9.93 -2.91
CA CYS A 395 25.62 8.75 -2.11
C CYS A 395 25.50 7.52 -3.01
N PHE A 396 26.09 6.43 -2.56
CA PHE A 396 26.16 5.22 -3.36
C PHE A 396 24.75 4.70 -3.65
N SER A 397 24.23 5.01 -4.83
CA SER A 397 22.94 4.48 -5.22
C SER A 397 23.01 2.97 -5.39
N VAL A 398 21.87 2.32 -5.27
CA VAL A 398 21.85 0.86 -5.34
C VAL A 398 20.96 0.39 -6.48
N ALA A 399 19.68 0.74 -6.45
CA ALA A 399 18.80 0.17 -7.45
C ALA A 399 17.60 1.07 -7.68
N ALA A 400 16.84 0.76 -8.72
CA ALA A 400 15.64 1.51 -9.06
C ALA A 400 14.50 0.53 -9.14
N LEU A 401 13.71 0.45 -8.09
CA LEU A 401 12.64 -0.52 -8.03
C LEU A 401 11.52 -0.23 -8.96
N THR A 402 11.64 0.66 -9.94
CA THR A 402 10.53 0.99 -10.82
C THR A 402 11.11 1.19 -12.21
N ASN A 403 10.34 1.80 -13.11
CA ASN A 403 10.84 2.13 -14.43
C ASN A 403 11.04 3.62 -14.63
N ASN A 404 10.52 4.46 -13.73
CA ASN A 404 10.69 5.89 -13.87
C ASN A 404 10.82 6.51 -12.49
N VAL A 405 11.68 7.52 -12.38
CA VAL A 405 11.89 8.20 -11.12
C VAL A 405 10.64 8.97 -10.74
N ALA A 406 10.41 9.10 -9.45
CA ALA A 406 9.27 9.84 -8.93
C ALA A 406 9.74 11.19 -8.39
N PHE A 407 9.06 12.24 -8.79
CA PHE A 407 9.41 13.60 -8.41
C PHE A 407 8.31 14.14 -7.52
N GLN A 408 8.57 14.21 -6.23
CA GLN A 408 7.57 14.61 -5.25
C GLN A 408 7.73 16.09 -4.91
N THR A 409 6.64 16.83 -4.96
CA THR A 409 6.63 18.26 -4.68
C THR A 409 5.97 18.51 -3.35
N VAL A 410 5.96 19.78 -2.95
CA VAL A 410 5.32 20.22 -1.71
C VAL A 410 4.40 21.38 -2.05
N LYS A 411 3.18 21.31 -1.59
CA LYS A 411 2.19 22.31 -1.94
C LYS A 411 2.31 23.53 -1.05
N PRO A 412 1.72 24.65 -1.44
CA PRO A 412 1.64 25.79 -0.55
C PRO A 412 0.48 25.66 0.42
N GLY A 413 0.55 26.42 1.50
CA GLY A 413 -0.48 26.36 2.49
C GLY A 413 -1.72 27.11 2.08
N ASN A 414 -2.83 26.81 2.73
CA ASN A 414 -4.08 27.47 2.44
C ASN A 414 -4.20 28.72 3.28
N PHE A 415 -4.76 29.76 2.70
CA PHE A 415 -4.87 31.05 3.36
C PHE A 415 -6.20 31.13 4.09
N ASN A 416 -6.15 31.56 5.35
CA ASN A 416 -7.34 31.71 6.17
C ASN A 416 -7.72 33.19 6.15
N LYS A 417 -8.44 33.59 5.11
CA LYS A 417 -8.62 35.01 4.85
C LYS A 417 -9.46 35.67 5.92
N ASP A 418 -10.34 34.92 6.56
CA ASP A 418 -11.22 35.53 7.56
C ASP A 418 -10.43 35.95 8.78
N PHE A 419 -9.55 35.09 9.26
CA PHE A 419 -8.74 35.45 10.41
C PHE A 419 -7.80 36.59 10.08
N TYR A 420 -7.29 36.63 8.85
CA TYR A 420 -6.40 37.72 8.47
C TYR A 420 -7.15 39.04 8.42
N ASP A 421 -8.32 39.06 7.81
CA ASP A 421 -9.11 40.28 7.78
C ASP A 421 -9.49 40.73 9.18
N PHE A 422 -9.83 39.78 10.04
CA PHE A 422 -10.14 40.13 11.42
C PHE A 422 -8.93 40.72 12.12
N ALA A 423 -7.75 40.15 11.86
CA ALA A 423 -6.54 40.65 12.50
C ALA A 423 -6.23 42.07 12.05
N VAL A 424 -6.44 42.37 10.78
CA VAL A 424 -6.19 43.74 10.35
C VAL A 424 -7.32 44.67 10.76
N SER A 425 -8.48 44.14 11.13
CA SER A 425 -9.51 44.98 11.71
C SER A 425 -9.11 45.47 13.09
N LYS A 426 -8.49 44.61 13.89
CA LYS A 426 -8.00 44.97 15.20
C LYS A 426 -6.70 45.74 15.15
N GLY A 427 -6.33 46.27 13.99
CA GLY A 427 -5.13 47.06 13.90
C GLY A 427 -3.85 46.27 14.03
N PHE A 428 -3.69 45.22 13.24
CA PHE A 428 -2.45 44.46 13.16
C PHE A 428 -1.80 44.68 11.81
N PHE A 429 -0.56 44.18 11.70
CA PHE A 429 0.17 44.21 10.44
C PHE A 429 0.31 45.62 9.89
N LYS A 430 0.42 46.60 10.77
CA LYS A 430 0.70 47.96 10.31
C LYS A 430 2.18 48.13 10.10
N GLU A 431 2.52 48.97 9.12
CA GLU A 431 3.92 49.13 8.75
C GLU A 431 4.73 49.64 9.94
N GLY A 432 5.88 49.01 10.16
CA GLY A 432 6.73 49.41 11.26
C GLY A 432 6.36 48.79 12.59
N SER A 433 5.49 47.80 12.61
CA SER A 433 5.19 47.09 13.85
C SER A 433 6.22 46.00 14.08
N SER A 434 6.28 45.54 15.32
CA SER A 434 7.28 44.53 15.66
C SER A 434 6.79 43.13 15.32
N VAL A 435 5.56 42.80 15.67
CA VAL A 435 5.01 41.49 15.34
C VAL A 435 4.61 41.48 13.86
N GLU A 436 5.30 40.68 13.07
CA GLU A 436 5.03 40.58 11.65
C GLU A 436 5.17 39.12 11.22
N LEU A 437 4.63 38.81 10.06
CA LEU A 437 4.56 37.43 9.59
C LEU A 437 5.91 36.97 9.08
N LYS A 438 6.42 35.88 9.64
CA LYS A 438 7.66 35.30 9.18
C LYS A 438 7.61 33.79 9.02
N HIS A 439 6.50 33.16 9.38
CA HIS A 439 6.36 31.71 9.28
C HIS A 439 5.30 31.39 8.24
N PHE A 440 5.70 30.68 7.19
CA PHE A 440 4.81 30.34 6.10
C PHE A 440 4.97 28.88 5.73
N PHE A 441 4.18 28.44 4.76
CA PHE A 441 4.32 27.14 4.12
C PHE A 441 5.10 27.36 2.85
N PHE A 442 6.37 26.98 2.84
CA PHE A 442 7.19 27.13 1.65
C PHE A 442 6.99 25.94 0.74
N ALA A 443 6.73 26.20 -0.53
CA ALA A 443 6.53 25.16 -1.52
C ALA A 443 7.85 24.71 -2.09
N GLN A 444 7.89 23.47 -2.56
CA GLN A 444 9.11 22.86 -3.07
C GLN A 444 8.83 22.18 -4.39
N ASP A 445 9.81 22.23 -5.29
CA ASP A 445 9.63 21.69 -6.63
C ASP A 445 9.98 20.21 -6.64
N GLY A 446 10.09 19.63 -7.83
CA GLY A 446 10.26 18.21 -7.98
C GLY A 446 11.46 17.64 -7.27
N ASN A 447 12.66 18.04 -7.68
CA ASN A 447 13.89 17.48 -7.13
C ASN A 447 14.22 18.14 -5.79
N ALA A 448 13.26 18.08 -4.88
CA ALA A 448 13.45 18.57 -3.53
C ALA A 448 13.71 17.46 -2.54
N ALA A 449 13.13 16.29 -2.76
CA ALA A 449 13.40 15.15 -1.89
C ALA A 449 14.86 14.78 -1.94
N ILE A 450 15.36 14.40 -3.12
CA ILE A 450 16.72 13.91 -3.17
C ILE A 450 17.72 15.01 -2.88
N SER A 451 17.46 16.23 -3.34
CA SER A 451 18.39 17.31 -3.04
C SER A 451 18.50 17.54 -1.55
N ASP A 452 17.57 17.01 -0.77
CA ASP A 452 17.68 17.01 0.68
C ASP A 452 18.39 15.78 1.21
N TYR A 453 18.08 14.61 0.66
CA TYR A 453 18.80 13.42 1.06
C TYR A 453 20.29 13.58 0.83
N ASP A 454 20.66 14.29 -0.21
CA ASP A 454 22.05 14.51 -0.54
C ASP A 454 22.82 15.17 0.60
N TYR A 455 22.11 15.73 1.57
CA TYR A 455 22.82 16.32 2.69
C TYR A 455 23.59 15.28 3.49
N TYR A 456 23.32 14.00 3.29
CA TYR A 456 24.16 13.02 3.97
C TYR A 456 25.59 13.06 3.49
N ARG A 457 25.90 13.87 2.48
CA ARG A 457 27.29 14.08 2.13
C ARG A 457 28.06 14.82 3.20
N TYR A 458 27.38 15.31 4.23
CA TYR A 458 28.06 15.96 5.34
C TYR A 458 28.50 14.99 6.41
N ASN A 459 28.32 13.69 6.19
CA ASN A 459 28.68 12.67 7.17
C ASN A 459 29.97 12.01 6.71
N LEU A 460 31.05 12.32 7.39
CA LEU A 460 32.35 11.80 7.03
C LEU A 460 32.81 10.75 8.02
N PRO A 461 33.64 9.82 7.60
CA PRO A 461 34.20 8.85 8.53
C PRO A 461 35.05 9.51 9.58
N THR A 462 34.57 9.55 10.82
CA THR A 462 35.30 10.17 11.91
C THR A 462 35.81 9.10 12.86
N MET A 463 37.11 9.09 13.09
CA MET A 463 37.72 8.30 14.14
C MET A 463 37.69 9.13 15.41
N CYS A 464 37.51 8.48 16.54
CA CYS A 464 37.40 9.19 17.80
C CYS A 464 38.60 8.88 18.69
N ASP A 465 38.95 9.84 19.52
CA ASP A 465 39.97 9.64 20.54
C ASP A 465 39.46 8.56 21.48
N ILE A 466 40.01 7.36 21.38
CA ILE A 466 39.36 6.24 22.03
C ILE A 466 39.58 6.28 23.54
N ARG A 467 40.77 6.68 23.98
CA ARG A 467 41.00 6.64 25.41
C ARG A 467 40.25 7.74 26.13
N GLN A 468 39.77 8.74 25.41
CA GLN A 468 38.94 9.76 26.00
C GLN A 468 37.47 9.42 25.86
N LEU A 469 37.07 8.83 24.74
CA LEU A 469 35.71 8.39 24.60
C LEU A 469 35.37 7.30 25.60
N LEU A 470 36.34 6.46 25.96
CA LEU A 470 36.06 5.39 26.90
C LEU A 470 35.86 5.91 28.31
N PHE A 471 36.28 7.13 28.60
CA PHE A 471 36.02 7.75 29.89
C PHE A 471 34.73 8.56 29.85
N VAL A 472 34.54 9.29 28.77
CA VAL A 472 33.32 10.05 28.59
C VAL A 472 32.12 9.12 28.59
N VAL A 473 32.27 7.89 28.11
CA VAL A 473 31.12 7.01 28.12
C VAL A 473 30.78 6.61 29.55
N GLU A 474 31.77 6.50 30.43
CA GLU A 474 31.48 6.19 31.82
C GLU A 474 30.75 7.35 32.49
N VAL A 475 31.21 8.57 32.25
CA VAL A 475 30.54 9.72 32.86
C VAL A 475 29.12 9.86 32.32
N VAL A 476 28.96 9.73 31.01
CA VAL A 476 27.63 9.86 30.42
C VAL A 476 26.71 8.78 30.93
N ASP A 477 27.22 7.57 31.12
CA ASP A 477 26.39 6.52 31.68
C ASP A 477 26.02 6.85 33.10
N LYS A 478 26.93 7.48 33.84
CA LYS A 478 26.59 7.91 35.19
C LYS A 478 25.43 8.89 35.18
N TYR A 479 25.31 9.68 34.12
CA TYR A 479 24.15 10.56 34.03
C TYR A 479 22.83 9.80 33.87
N PHE A 480 22.85 8.48 33.75
CA PHE A 480 21.65 7.70 33.44
C PHE A 480 21.44 6.60 34.48
N ASP A 481 21.86 6.83 35.72
CA ASP A 481 21.72 5.80 36.74
C ASP A 481 20.34 5.79 37.38
N CYS A 482 19.61 6.89 37.31
CA CYS A 482 18.37 7.02 38.05
C CYS A 482 17.25 6.16 37.48
N TYR A 483 17.40 5.65 36.26
CA TYR A 483 16.32 5.00 35.55
C TYR A 483 16.47 3.49 35.66
N ASP A 484 15.53 2.78 35.04
CA ASP A 484 15.56 1.33 35.02
C ASP A 484 15.01 0.86 33.68
N GLY A 485 15.58 -0.22 33.16
CA GLY A 485 15.17 -0.69 31.87
C GLY A 485 15.29 -2.18 31.74
N GLY A 486 15.08 -2.70 30.54
CA GLY A 486 15.11 -4.12 30.34
C GLY A 486 14.11 -4.51 29.29
N CYS A 487 14.04 -5.79 28.94
CA CYS A 487 13.11 -6.22 27.93
C CYS A 487 11.72 -6.39 28.54
N ILE A 488 10.71 -6.24 27.69
CA ILE A 488 9.32 -6.42 28.10
C ILE A 488 8.66 -7.37 27.11
N ASN A 489 7.62 -8.04 27.55
CA ASN A 489 6.92 -8.95 26.68
C ASN A 489 6.11 -8.18 25.66
N ALA A 490 5.57 -8.90 24.68
CA ALA A 490 4.84 -8.24 23.61
C ALA A 490 3.54 -7.62 24.11
N ASN A 491 3.01 -8.10 25.23
CA ASN A 491 1.76 -7.58 25.77
C ASN A 491 1.97 -6.43 26.72
N GLN A 492 3.19 -5.95 26.86
CA GLN A 492 3.46 -4.81 27.73
C GLN A 492 3.81 -3.55 26.96
N VAL A 493 3.98 -3.62 25.66
CA VAL A 493 4.34 -2.43 24.90
C VAL A 493 3.11 -1.57 24.70
N ILE A 494 3.32 -0.27 24.55
CA ILE A 494 2.26 0.70 24.38
C ILE A 494 2.53 1.45 23.10
N VAL A 495 1.51 1.59 22.26
CA VAL A 495 1.64 2.21 20.96
C VAL A 495 0.52 3.24 20.86
N ASN A 496 0.83 4.50 21.08
CA ASN A 496 -0.16 5.53 20.86
C ASN A 496 -0.28 5.78 19.37
N ASN A 497 -1.52 5.86 18.89
CA ASN A 497 -1.81 6.03 17.47
C ASN A 497 -1.30 4.93 16.57
N LEU A 498 -2.01 3.81 16.55
CA LEU A 498 -1.73 2.70 15.66
C LEU A 498 -1.93 2.99 14.18
N ASP A 499 -2.62 4.07 13.85
CA ASP A 499 -2.84 4.38 12.44
C ASP A 499 -1.82 5.28 11.79
N LYS A 500 -0.54 4.91 11.89
CA LYS A 500 0.53 5.63 11.23
C LYS A 500 1.26 4.67 10.30
N SER A 501 1.93 5.25 9.30
CA SER A 501 2.50 4.45 8.23
C SER A 501 3.47 3.41 8.76
N ALA A 502 3.61 2.32 8.01
CA ALA A 502 4.39 1.17 8.44
C ALA A 502 5.67 0.98 7.63
N GLY A 503 6.12 2.01 6.95
CA GLY A 503 7.37 1.89 6.21
C GLY A 503 7.18 1.16 4.90
N PHE A 504 8.30 0.78 4.32
CA PHE A 504 8.26 0.10 3.04
C PHE A 504 8.69 -1.34 3.18
N PRO A 505 8.05 -2.29 2.49
CA PRO A 505 6.93 -2.15 1.57
C PRO A 505 5.60 -2.28 2.25
N PHE A 506 5.59 -2.35 3.57
CA PHE A 506 4.37 -2.65 4.28
C PHE A 506 3.30 -1.62 4.08
N ASN A 507 3.65 -0.39 3.70
CA ASN A 507 2.65 0.63 3.50
C ASN A 507 1.83 0.42 2.26
N LYS A 508 2.03 -0.69 1.55
CA LYS A 508 1.17 -1.02 0.43
C LYS A 508 -0.14 -1.66 0.89
N TRP A 509 -0.14 -2.28 2.06
CA TRP A 509 -1.25 -3.10 2.49
C TRP A 509 -1.96 -2.60 3.74
N GLY A 510 -1.43 -1.60 4.43
CA GLY A 510 -2.13 -1.05 5.56
C GLY A 510 -1.18 -0.35 6.51
N LYS A 511 -1.77 0.35 7.46
CA LYS A 511 -1.01 1.11 8.43
C LYS A 511 -0.47 0.15 9.49
N ALA A 512 0.15 0.70 10.53
CA ALA A 512 0.75 -0.16 11.55
C ALA A 512 -0.29 -0.98 12.29
N ARG A 513 -1.54 -0.54 12.28
CA ARG A 513 -2.59 -1.29 12.96
C ARG A 513 -2.72 -2.67 12.37
N LEU A 514 -2.61 -2.79 11.06
CA LEU A 514 -2.77 -4.10 10.43
C LEU A 514 -1.72 -5.08 10.93
N TYR A 515 -0.50 -4.62 11.11
CA TYR A 515 0.57 -5.52 11.49
C TYR A 515 0.67 -5.72 12.98
N TYR A 516 0.07 -4.83 13.77
CA TYR A 516 -0.05 -5.08 15.19
C TYR A 516 -1.27 -5.91 15.53
N ASP A 517 -2.21 -6.03 14.58
CA ASP A 517 -3.37 -6.89 14.76
C ASP A 517 -3.12 -8.30 14.27
N SER A 518 -2.43 -8.45 13.14
CA SER A 518 -2.33 -9.75 12.51
C SER A 518 -1.36 -10.67 13.21
N MET A 519 -0.47 -10.16 14.06
CA MET A 519 0.48 -10.99 14.75
C MET A 519 0.12 -11.08 16.23
N SER A 520 -0.12 -12.29 16.70
CA SER A 520 -0.39 -12.50 18.11
C SER A 520 0.85 -12.20 18.93
N TYR A 521 0.64 -11.98 20.23
CA TYR A 521 1.74 -11.70 21.12
C TYR A 521 2.86 -12.71 21.02
N GLU A 522 2.54 -13.97 20.76
CA GLU A 522 3.56 -14.97 20.56
C GLU A 522 4.32 -14.81 19.26
N ASP A 523 3.65 -14.38 18.18
CA ASP A 523 4.36 -14.07 16.95
C ASP A 523 5.30 -12.89 17.16
N GLN A 524 4.83 -11.85 17.84
CA GLN A 524 5.67 -10.70 18.10
C GLN A 524 6.86 -11.08 18.96
N ASP A 525 6.65 -11.95 19.94
CA ASP A 525 7.76 -12.34 20.80
C ASP A 525 8.74 -13.25 20.07
N ALA A 526 8.26 -14.10 19.17
CA ALA A 526 9.17 -14.91 18.36
C ALA A 526 9.98 -14.03 17.46
N LEU A 527 9.36 -13.02 16.86
CA LEU A 527 10.09 -12.08 16.03
C LEU A 527 11.15 -11.36 16.83
N PHE A 528 10.80 -10.90 18.03
CA PHE A 528 11.79 -10.19 18.85
C PHE A 528 12.94 -11.11 19.23
N ALA A 529 12.65 -12.30 19.73
CA ALA A 529 13.72 -13.20 20.11
C ALA A 529 14.47 -13.75 18.91
N TYR A 530 13.97 -13.52 17.71
CA TYR A 530 14.72 -13.86 16.51
C TYR A 530 15.85 -12.88 16.27
N THR A 531 15.63 -11.61 16.60
CA THR A 531 16.63 -10.59 16.35
C THR A 531 17.70 -10.56 17.41
N LYS A 532 17.75 -11.52 18.31
CA LYS A 532 18.89 -11.66 19.19
C LYS A 532 19.84 -12.73 18.69
N ARG A 533 19.56 -13.31 17.54
CA ARG A 533 20.43 -14.28 16.93
C ARG A 533 20.63 -14.03 15.44
N ASN A 534 20.07 -12.95 14.90
CA ASN A 534 20.12 -12.70 13.47
C ASN A 534 20.04 -11.21 13.20
N VAL A 535 20.47 -10.82 12.01
CA VAL A 535 20.44 -9.44 11.58
C VAL A 535 19.35 -9.30 10.53
N ILE A 536 18.41 -8.40 10.76
CA ILE A 536 17.37 -8.13 9.78
C ILE A 536 17.60 -6.75 9.19
N PRO A 537 18.25 -6.64 8.04
CA PRO A 537 18.33 -5.34 7.38
C PRO A 537 16.97 -4.92 6.86
N THR A 538 16.67 -3.64 6.96
CA THR A 538 15.38 -3.12 6.54
C THR A 538 15.58 -1.92 5.62
N ILE A 539 14.47 -1.46 5.07
CA ILE A 539 14.43 -0.29 4.19
C ILE A 539 13.78 0.85 4.95
N THR A 540 14.06 2.07 4.51
CA THR A 540 13.51 3.26 5.14
C THR A 540 13.02 4.21 4.08
N GLN A 541 11.77 4.63 4.19
CA GLN A 541 11.32 5.65 3.27
C GLN A 541 11.77 7.01 3.74
N MET A 542 11.86 7.95 2.82
CA MET A 542 12.15 9.34 3.17
C MET A 542 10.97 10.19 2.73
N ASN A 543 10.35 10.88 3.69
CA ASN A 543 9.14 11.63 3.44
C ASN A 543 9.38 13.11 3.68
N LEU A 544 8.80 13.94 2.83
CA LEU A 544 8.84 15.37 3.01
C LEU A 544 7.76 15.79 3.99
N LYS A 545 8.05 16.84 4.75
CA LYS A 545 7.08 17.34 5.72
C LYS A 545 6.35 18.54 5.16
N TYR A 546 5.11 18.70 5.62
CA TYR A 546 4.20 19.76 5.19
C TYR A 546 3.82 20.54 6.43
N ALA A 547 4.64 21.53 6.79
CA ALA A 547 4.46 22.23 8.05
C ALA A 547 4.97 23.65 7.93
N ILE A 548 4.47 24.51 8.81
CA ILE A 548 4.90 25.90 8.84
C ILE A 548 6.35 25.96 9.28
N SER A 549 7.09 26.92 8.74
CA SER A 549 8.48 27.09 9.12
C SER A 549 8.91 28.50 8.74
N ALA A 550 10.12 28.85 9.12
CA ALA A 550 10.65 30.19 8.87
C ALA A 550 11.73 30.21 7.81
N LYS A 551 12.12 29.07 7.28
CA LYS A 551 13.18 28.97 6.28
C LYS A 551 12.76 27.99 5.21
N ASN A 552 13.14 28.27 3.97
CA ASN A 552 12.61 27.51 2.85
C ASN A 552 13.32 26.20 2.60
N ARG A 553 14.27 25.82 3.44
CA ARG A 553 14.88 24.52 3.32
C ARG A 553 13.85 23.44 3.54
N ALA A 554 13.83 22.45 2.65
CA ALA A 554 12.88 21.35 2.79
C ALA A 554 13.20 20.52 4.02
N ARG A 555 12.18 19.92 4.60
CA ARG A 555 12.34 19.05 5.74
C ARG A 555 11.97 17.64 5.34
N THR A 556 12.48 16.67 6.07
CA THR A 556 12.34 15.29 5.65
C THR A 556 12.55 14.38 6.85
N VAL A 557 11.69 13.38 6.98
CA VAL A 557 11.77 12.42 8.07
C VAL A 557 11.87 11.02 7.50
N ALA A 558 12.36 10.12 8.32
CA ALA A 558 12.69 8.77 7.89
C ALA A 558 11.62 7.81 8.39
N GLY A 559 10.75 7.38 7.49
CA GLY A 559 9.76 6.40 7.86
C GLY A 559 10.37 5.02 7.93
N VAL A 560 10.53 4.50 9.13
CA VAL A 560 11.19 3.23 9.37
C VAL A 560 10.17 2.12 9.32
N SER A 561 10.58 0.96 8.81
CA SER A 561 9.66 -0.14 8.59
C SER A 561 9.12 -0.67 9.90
N ILE A 562 7.96 -1.30 9.82
CA ILE A 562 7.31 -1.82 11.03
C ILE A 562 8.13 -2.93 11.66
N CYS A 563 8.90 -3.67 10.86
CA CYS A 563 9.66 -4.78 11.39
C CYS A 563 10.76 -4.29 12.32
N SER A 564 11.20 -3.05 12.17
CA SER A 564 12.22 -2.49 13.04
C SER A 564 11.62 -1.87 14.29
N THR A 565 10.55 -1.11 14.14
CA THR A 565 9.93 -0.48 15.30
C THR A 565 9.33 -1.52 16.23
N MET A 566 8.69 -2.54 15.66
CA MET A 566 8.03 -3.55 16.47
C MET A 566 8.98 -4.18 17.47
N THR A 567 10.25 -4.32 17.12
CA THR A 567 11.22 -4.94 18.01
C THR A 567 11.99 -3.93 18.84
N ASN A 568 12.31 -2.76 18.27
CA ASN A 568 12.97 -1.74 19.06
C ASN A 568 12.11 -1.31 20.22
N ARG A 569 10.80 -1.29 20.05
CA ARG A 569 9.93 -0.92 21.15
C ARG A 569 10.09 -1.90 22.30
N GLN A 570 10.05 -3.21 22.01
CA GLN A 570 10.20 -4.16 23.09
C GLN A 570 11.59 -4.10 23.70
N PHE A 571 12.59 -3.71 22.93
CA PHE A 571 13.92 -3.65 23.52
C PHE A 571 14.07 -2.44 24.43
N HIS A 572 13.50 -1.30 24.06
CA HIS A 572 13.86 -0.05 24.71
C HIS A 572 12.77 0.59 25.54
N GLN A 573 11.51 0.16 25.42
CA GLN A 573 10.43 1.00 25.90
C GLN A 573 10.40 1.10 27.41
N LYS A 574 10.85 0.09 28.14
CA LYS A 574 10.84 0.19 29.59
C LYS A 574 11.71 1.34 30.05
N LEU A 575 12.93 1.43 29.53
CA LEU A 575 13.81 2.53 29.90
C LEU A 575 13.31 3.84 29.33
N LEU A 576 12.83 3.83 28.09
CA LEU A 576 12.38 5.07 27.48
C LEU A 576 11.24 5.68 28.27
N LYS A 577 10.36 4.85 28.82
CA LYS A 577 9.25 5.36 29.60
C LYS A 577 9.62 5.59 31.05
N SER A 578 10.72 5.03 31.51
CA SER A 578 11.22 5.43 32.82
C SER A 578 12.00 6.72 32.76
N ILE A 579 12.43 7.14 31.57
CA ILE A 579 13.07 8.44 31.43
C ILE A 579 12.02 9.54 31.39
N ALA A 580 10.97 9.33 30.62
CA ALA A 580 9.90 10.29 30.46
C ALA A 580 9.03 10.37 31.61
N ALA A 581 9.30 9.68 32.72
CA ALA A 581 8.45 9.72 33.88
C ALA A 581 9.21 10.12 35.13
N THR A 582 10.35 10.78 34.97
CA THR A 582 11.17 11.21 36.08
C THR A 582 11.27 12.72 36.06
N ARG A 583 11.17 13.34 37.23
CA ARG A 583 11.23 14.78 37.36
C ARG A 583 12.47 15.17 38.15
N GLY A 584 13.09 16.27 37.77
CA GLY A 584 14.26 16.75 38.45
C GLY A 584 15.56 16.21 37.93
N ALA A 585 15.56 15.49 36.83
CA ALA A 585 16.76 14.89 36.28
C ALA A 585 17.43 15.88 35.32
N THR A 586 18.42 15.40 34.59
CA THR A 586 19.08 16.21 33.57
C THR A 586 18.32 16.13 32.26
N VAL A 587 17.90 14.95 31.85
CA VAL A 587 17.05 14.81 30.68
C VAL A 587 15.65 15.20 31.08
N VAL A 588 15.07 16.18 30.37
CA VAL A 588 13.78 16.71 30.77
C VAL A 588 12.73 16.36 29.72
N ILE A 589 12.91 15.26 29.02
CA ILE A 589 11.83 14.73 28.21
C ILE A 589 10.71 14.30 29.13
N GLY A 590 9.47 14.54 28.73
CA GLY A 590 8.33 14.15 29.50
C GLY A 590 7.83 15.19 30.47
N THR A 591 8.69 16.07 30.94
CA THR A 591 8.27 17.12 31.84
C THR A 591 7.47 18.16 31.09
N SER A 592 6.23 18.37 31.49
CA SER A 592 5.39 19.35 30.82
C SER A 592 5.79 20.76 31.24
N LYS A 593 5.41 21.73 30.41
CA LYS A 593 5.71 23.12 30.70
C LYS A 593 4.55 23.85 31.35
N PHE A 594 3.39 23.22 31.44
CA PHE A 594 2.22 23.84 32.04
C PHE A 594 2.20 23.59 33.54
N TYR A 595 1.28 24.27 34.22
CA TYR A 595 1.07 24.07 35.65
C TYR A 595 2.38 24.22 36.41
N GLY A 596 3.20 25.17 36.01
CA GLY A 596 4.44 25.40 36.69
C GLY A 596 5.51 24.38 36.39
N GLY A 597 5.49 23.78 35.21
CA GLY A 597 6.56 22.89 34.83
C GLY A 597 7.79 23.68 34.41
N TRP A 598 7.58 24.78 33.72
CA TRP A 598 8.69 25.60 33.27
C TRP A 598 9.47 26.16 34.45
N HIS A 599 8.75 26.71 35.41
CA HIS A 599 9.41 27.27 36.58
C HIS A 599 10.19 26.21 37.34
N ASN A 600 9.63 25.01 37.44
CA ASN A 600 10.33 23.95 38.14
C ASN A 600 11.57 23.50 37.40
N MET A 601 11.48 23.36 36.08
CA MET A 601 12.67 23.00 35.31
C MET A 601 13.76 24.03 35.49
N LEU A 602 13.45 25.31 35.35
CA LEU A 602 14.50 26.29 35.48
C LEU A 602 15.04 26.36 36.89
N LYS A 603 14.20 26.24 37.90
CA LYS A 603 14.77 26.27 39.24
C LYS A 603 15.58 25.03 39.53
N THR A 604 15.34 23.94 38.81
CA THR A 604 16.17 22.76 38.98
C THR A 604 17.52 22.93 38.29
N VAL A 605 17.54 23.47 37.08
CA VAL A 605 18.81 23.61 36.38
C VAL A 605 19.70 24.65 37.04
N TYR A 606 19.13 25.59 37.79
CA TYR A 606 19.90 26.60 38.50
C TYR A 606 20.17 26.11 39.91
N SER A 607 20.74 24.92 40.05
CA SER A 607 20.61 24.09 41.25
C SER A 607 21.28 24.89 42.34
N ASP A 608 22.58 25.10 42.25
CA ASP A 608 23.28 25.87 43.26
C ASP A 608 24.49 25.85 42.35
N VAL A 609 24.77 26.97 41.71
CA VAL A 609 25.96 27.08 40.89
C VAL A 609 26.26 28.44 41.49
N GLU A 610 27.55 28.72 41.69
CA GLU A 610 27.89 29.87 42.51
C GLU A 610 27.92 31.19 41.75
N ASN A 611 28.60 31.27 40.62
CA ASN A 611 28.60 32.47 39.79
C ASN A 611 27.85 32.13 38.51
N PRO A 612 26.54 31.98 38.58
CA PRO A 612 25.83 31.33 37.49
C PRO A 612 25.71 32.23 36.28
N HIS A 613 26.07 31.69 35.13
CA HIS A 613 25.66 32.23 33.85
C HIS A 613 24.89 31.14 33.13
N LEU A 614 24.08 31.54 32.16
CA LEU A 614 23.40 30.56 31.33
C LEU A 614 23.99 30.58 29.94
N MET A 615 23.98 29.41 29.31
CA MET A 615 24.63 29.22 28.04
C MET A 615 23.81 28.25 27.22
N GLY A 616 23.77 28.47 25.92
CA GLY A 616 23.09 27.55 25.04
C GLY A 616 23.79 27.55 23.70
N TRP A 617 23.88 26.37 23.09
CA TRP A 617 24.59 26.23 21.84
C TRP A 617 23.65 25.65 20.80
N ASP A 618 24.22 25.10 19.73
CA ASP A 618 23.44 24.69 18.57
C ASP A 618 24.28 23.75 17.73
N TYR A 619 23.69 22.62 17.35
CA TYR A 619 24.39 21.63 16.53
C TYR A 619 23.99 21.83 15.08
N PRO A 620 24.89 22.30 14.21
CA PRO A 620 24.52 22.45 12.80
C PRO A 620 24.39 21.09 12.14
N LYS A 621 23.25 20.86 11.48
CA LYS A 621 22.95 19.59 10.84
C LYS A 621 23.21 18.42 11.79
N CYS A 622 22.54 18.45 12.93
CA CYS A 622 22.87 17.50 13.99
C CYS A 622 22.63 16.06 13.55
N ASP A 623 21.58 15.83 12.78
CA ASP A 623 21.21 14.46 12.45
C ASP A 623 22.02 13.88 11.31
N ARG A 624 22.50 14.71 10.40
CA ARG A 624 23.22 14.23 9.24
C ARG A 624 24.72 14.31 9.40
N ALA A 625 25.22 15.03 10.39
CA ALA A 625 26.64 15.11 10.63
C ALA A 625 27.09 14.32 11.83
N MET A 626 26.20 13.60 12.49
CA MET A 626 26.57 12.86 13.68
C MET A 626 27.43 11.67 13.30
N PRO A 627 28.68 11.57 13.78
CA PRO A 627 29.51 10.43 13.44
C PRO A 627 28.90 9.12 13.90
N ASN A 628 29.27 8.04 13.22
CA ASN A 628 28.69 6.75 13.56
C ASN A 628 29.17 6.24 14.89
N MET A 629 30.39 6.57 15.29
CA MET A 629 30.87 6.11 16.58
C MET A 629 30.04 6.67 17.71
N LEU A 630 29.58 7.91 17.59
CA LEU A 630 28.76 8.46 18.65
C LEU A 630 27.35 7.89 18.64
N ARG A 631 26.81 7.56 17.48
CA ARG A 631 25.53 6.85 17.45
C ARG A 631 25.65 5.49 18.12
N ILE A 632 26.74 4.78 17.83
CA ILE A 632 26.94 3.48 18.45
C ILE A 632 27.11 3.62 19.94
N MET A 633 27.82 4.65 20.38
CA MET A 633 27.98 4.86 21.82
C MET A 633 26.64 5.17 22.48
N ALA A 634 25.80 5.95 21.81
CA ALA A 634 24.49 6.25 22.37
C ALA A 634 23.67 4.99 22.53
N SER A 635 23.66 4.14 21.52
CA SER A 635 22.89 2.91 21.65
C SER A 635 23.49 1.99 22.71
N LEU A 636 24.81 1.97 22.85
CA LEU A 636 25.43 1.12 23.85
C LEU A 636 25.13 1.62 25.26
N VAL A 637 24.95 2.92 25.42
CA VAL A 637 24.58 3.44 26.73
C VAL A 637 23.12 3.13 27.02
N LEU A 638 22.27 3.21 26.01
CA LEU A 638 20.87 2.85 26.23
C LEU A 638 20.70 1.37 26.49
N ALA A 639 21.65 0.54 26.05
CA ALA A 639 21.56 -0.89 26.28
C ALA A 639 22.35 -1.36 27.48
N ARG A 640 22.77 -0.46 28.37
CA ARG A 640 23.50 -0.87 29.54
C ARG A 640 22.58 -1.32 30.67
N LYS A 641 21.28 -1.24 30.47
CA LYS A 641 20.31 -1.64 31.48
C LYS A 641 19.91 -3.09 31.35
N HIS A 642 20.36 -3.77 30.32
CA HIS A 642 19.99 -5.16 30.07
C HIS A 642 20.95 -6.14 30.68
N THR A 643 21.45 -5.90 31.89
CA THR A 643 22.48 -6.76 32.41
C THR A 643 21.94 -8.07 32.97
N THR A 644 20.64 -8.26 32.99
CA THR A 644 20.07 -9.50 33.50
C THR A 644 19.15 -10.14 32.46
N CYS A 645 18.45 -9.31 31.71
CA CYS A 645 17.49 -9.85 30.76
C CYS A 645 18.18 -10.44 29.53
N CYS A 646 19.23 -9.79 29.06
CA CYS A 646 19.90 -10.21 27.84
C CYS A 646 21.29 -10.74 28.16
N SER A 647 21.79 -11.60 27.28
CA SER A 647 23.10 -12.19 27.45
C SER A 647 23.99 -11.31 26.60
N LEU A 648 25.29 -11.52 26.67
CA LEU A 648 26.18 -10.86 25.73
C LEU A 648 26.10 -10.94 24.23
N SER A 649 25.89 -12.13 23.67
CA SER A 649 25.63 -12.23 22.25
C SER A 649 24.30 -11.60 21.88
N HIS A 650 23.31 -11.68 22.77
CA HIS A 650 22.04 -11.04 22.49
C HIS A 650 22.21 -9.54 22.39
N ARG A 651 23.01 -8.97 23.28
CA ARG A 651 23.18 -7.52 23.25
C ARG A 651 23.93 -7.09 22.01
N PHE A 652 24.93 -7.87 21.59
CA PHE A 652 25.60 -7.53 20.35
C PHE A 652 24.68 -7.64 19.17
N TYR A 653 23.85 -8.69 19.11
CA TYR A 653 23.01 -8.83 17.94
C TYR A 653 21.92 -7.78 17.90
N ARG A 654 21.48 -7.30 19.05
CA ARG A 654 20.54 -6.19 19.03
C ARG A 654 21.23 -4.91 18.59
N LEU A 655 22.47 -4.69 19.02
CA LEU A 655 23.20 -3.52 18.53
C LEU A 655 23.38 -3.61 17.03
N ALA A 656 23.70 -4.79 16.52
CA ALA A 656 23.89 -4.96 15.09
C ALA A 656 22.59 -4.72 14.33
N ASN A 657 21.47 -5.19 14.86
CA ASN A 657 20.20 -4.88 14.22
C ASN A 657 19.94 -3.38 14.20
N GLU A 658 20.27 -2.70 15.29
CA GLU A 658 20.08 -1.26 15.33
C GLU A 658 20.91 -0.57 14.25
N CYS A 659 22.19 -0.93 14.13
CA CYS A 659 23.02 -0.32 13.10
C CYS A 659 22.50 -0.65 11.71
N ALA A 660 22.14 -1.90 11.46
CA ALA A 660 21.68 -2.30 10.15
C ALA A 660 20.35 -1.68 9.79
N GLN A 661 19.59 -1.19 10.77
CA GLN A 661 18.27 -0.68 10.49
C GLN A 661 18.14 0.83 10.54
N VAL A 662 18.95 1.53 11.34
CA VAL A 662 18.75 2.96 11.49
C VAL A 662 20.07 3.72 11.48
N LEU A 663 21.13 3.10 10.97
CA LEU A 663 22.40 3.82 10.91
C LEU A 663 22.95 3.81 9.49
N SER A 664 23.19 2.62 8.95
CA SER A 664 23.71 2.48 7.61
C SER A 664 22.74 1.68 6.76
N GLU A 665 21.46 1.98 6.89
CA GLU A 665 20.41 1.23 6.23
C GLU A 665 20.33 1.62 4.76
N MET A 666 19.35 1.06 4.08
CA MET A 666 19.11 1.38 2.68
C MET A 666 17.88 2.28 2.60
N VAL A 667 18.11 3.50 2.17
CA VAL A 667 17.06 4.51 2.14
C VAL A 667 16.35 4.44 0.82
N MET A 668 15.03 4.47 0.85
CA MET A 668 14.23 4.39 -0.36
C MET A 668 13.69 5.77 -0.66
N CYS A 669 14.43 6.53 -1.44
CA CYS A 669 14.03 7.89 -1.79
C CYS A 669 13.60 7.94 -3.24
N GLY A 670 12.63 8.78 -3.53
CA GLY A 670 12.04 8.75 -4.85
C GLY A 670 11.39 7.42 -5.08
N GLY A 671 11.94 6.62 -5.98
CA GLY A 671 11.51 5.25 -6.13
C GLY A 671 12.69 4.33 -6.14
N SER A 672 13.79 4.77 -5.55
CA SER A 672 15.08 4.11 -5.71
C SER A 672 15.74 3.88 -4.37
N LEU A 673 16.50 2.81 -4.30
CA LEU A 673 17.26 2.45 -3.10
C LEU A 673 18.66 3.03 -3.20
N TYR A 674 19.02 3.84 -2.22
CA TYR A 674 20.35 4.38 -2.01
C TYR A 674 20.89 3.87 -0.69
N VAL A 675 22.17 4.05 -0.48
CA VAL A 675 22.78 3.70 0.79
C VAL A 675 22.89 4.94 1.65
N LYS A 676 22.60 4.79 2.93
CA LYS A 676 22.78 5.88 3.88
C LYS A 676 24.15 5.76 4.50
N PRO A 677 25.00 6.79 4.43
CA PRO A 677 26.34 6.63 4.99
C PRO A 677 26.37 6.57 6.50
N GLY A 678 25.57 7.37 7.18
CA GLY A 678 25.58 7.35 8.63
C GLY A 678 24.65 8.41 9.18
N GLY A 679 24.78 8.67 10.46
CA GLY A 679 23.94 9.64 11.11
C GLY A 679 22.56 9.10 11.43
N THR A 680 21.85 9.81 12.28
CA THR A 680 20.59 9.30 12.81
C THR A 680 19.50 9.33 11.76
N SER A 681 18.70 8.26 11.72
CA SER A 681 17.41 8.30 11.07
C SER A 681 16.44 8.99 12.02
N SER A 682 15.85 10.10 11.58
CA SER A 682 15.09 10.93 12.49
C SER A 682 13.74 10.31 12.88
N GLY A 683 13.37 9.17 12.33
CA GLY A 683 12.07 8.63 12.65
C GLY A 683 12.11 7.24 13.25
N ASP A 684 13.18 6.90 13.94
CA ASP A 684 13.33 5.57 14.49
C ASP A 684 12.72 5.53 15.89
N ALA A 685 12.87 4.42 16.60
CA ALA A 685 12.12 4.25 17.83
C ALA A 685 12.77 4.95 19.02
N THR A 686 13.99 5.43 18.89
CA THR A 686 14.69 5.99 20.04
C THR A 686 15.45 7.25 19.71
N THR A 687 14.92 8.08 18.82
CA THR A 687 15.66 9.25 18.36
C THR A 687 15.80 10.29 19.46
N ALA A 688 14.69 10.66 20.08
CA ALA A 688 14.72 11.76 21.04
C ALA A 688 15.56 11.46 22.26
N TYR A 689 15.97 10.22 22.47
CA TYR A 689 16.80 9.85 23.60
C TYR A 689 18.23 9.59 23.22
N ALA A 690 18.46 8.98 22.05
CA ALA A 690 19.80 8.89 21.54
C ALA A 690 20.39 10.26 21.32
N ASN A 691 19.57 11.20 20.86
CA ASN A 691 20.05 12.58 20.72
C ASN A 691 20.45 13.17 22.05
N SER A 692 19.73 12.83 23.12
CA SER A 692 20.08 13.36 24.42
C SER A 692 21.39 12.76 24.91
N VAL A 693 21.60 11.47 24.67
CA VAL A 693 22.87 10.86 25.07
C VAL A 693 24.02 11.48 24.30
N PHE A 694 23.82 11.73 23.01
CA PHE A 694 24.87 12.36 22.21
C PHE A 694 25.15 13.78 22.68
N ASN A 695 24.09 14.51 23.05
CA ASN A 695 24.25 15.85 23.58
C ASN A 695 25.08 15.86 24.86
N ILE A 696 24.75 14.96 25.79
CA ILE A 696 25.52 14.90 27.02
C ILE A 696 26.94 14.48 26.76
N CYS A 697 27.15 13.59 25.77
CA CYS A 697 28.51 13.17 25.47
C CYS A 697 29.35 14.34 24.99
N GLN A 698 28.79 15.13 24.08
CA GLN A 698 29.56 16.28 23.59
C GLN A 698 29.83 17.29 24.69
N ALA A 699 28.86 17.53 25.57
CA ALA A 699 29.11 18.48 26.65
C ALA A 699 30.18 17.98 27.60
N VAL A 700 30.15 16.69 27.93
CA VAL A 700 31.16 16.13 28.82
C VAL A 700 32.54 16.23 28.19
N THR A 701 32.67 15.91 26.91
CA THR A 701 34.00 15.94 26.33
C THR A 701 34.48 17.36 26.15
N ALA A 702 33.56 18.32 25.98
CA ALA A 702 33.98 19.71 26.00
C ALA A 702 34.57 20.07 27.34
N ASN A 703 34.00 19.55 28.43
CA ASN A 703 34.57 19.84 29.75
C ASN A 703 35.92 19.17 29.93
N VAL A 704 36.06 17.93 29.46
CA VAL A 704 37.35 17.25 29.56
C VAL A 704 38.41 18.00 28.78
N ASN A 705 38.09 18.45 27.58
CA ASN A 705 39.06 19.22 26.79
C ASN A 705 39.37 20.55 27.43
N ALA A 706 38.39 21.18 28.06
CA ALA A 706 38.64 22.48 28.65
C ALA A 706 39.49 22.37 29.91
N LEU A 707 39.39 21.26 30.62
CA LEU A 707 40.18 21.12 31.83
C LEU A 707 41.57 20.57 31.54
N LEU A 708 41.69 19.68 30.55
CA LEU A 708 42.99 19.11 30.25
C LEU A 708 43.90 20.08 29.52
N SER A 709 43.34 21.04 28.81
CA SER A 709 44.10 21.95 27.98
C SER A 709 44.37 23.27 28.67
N THR A 710 44.65 23.22 29.97
CA THR A 710 44.84 24.41 30.78
C THR A 710 46.20 24.32 31.46
N ASP A 711 46.94 25.43 31.45
CA ASP A 711 48.25 25.45 32.06
C ASP A 711 48.14 25.10 33.54
N GLY A 712 48.49 23.85 33.87
CA GLY A 712 48.26 23.37 35.22
C GLY A 712 48.96 24.18 36.28
N ASN A 713 50.08 24.80 35.95
CA ASN A 713 50.81 25.57 36.93
C ASN A 713 50.07 26.84 37.34
N LYS A 714 49.13 27.30 36.53
CA LYS A 714 48.45 28.55 36.83
C LYS A 714 47.16 28.37 37.61
N ILE A 715 46.65 27.15 37.73
CA ILE A 715 45.47 26.90 38.54
C ILE A 715 45.84 27.11 39.99
N ALA A 716 44.99 27.86 40.71
CA ALA A 716 45.29 28.19 42.09
C ALA A 716 44.60 27.27 43.08
N ASP A 717 43.41 26.78 42.75
CA ASP A 717 42.65 25.92 43.65
C ASP A 717 43.30 24.55 43.66
N LYS A 718 44.02 24.25 44.70
CA LYS A 718 44.83 23.04 44.67
C LYS A 718 44.02 21.78 44.71
N TYR A 719 42.69 21.86 44.71
CA TYR A 719 41.87 20.69 44.49
C TYR A 719 41.62 20.46 43.02
N VAL A 720 41.42 21.53 42.25
CA VAL A 720 41.19 21.37 40.83
C VAL A 720 42.46 20.93 40.11
N ARG A 721 43.62 21.35 40.60
CA ARG A 721 44.85 20.85 40.00
C ARG A 721 44.97 19.35 40.16
N ASN A 722 44.75 18.85 41.37
CA ASN A 722 44.82 17.42 41.57
C ASN A 722 43.73 16.71 40.79
N LEU A 723 42.58 17.36 40.60
CA LEU A 723 41.54 16.74 39.79
C LEU A 723 41.96 16.65 38.33
N GLN A 724 42.69 17.65 37.83
CA GLN A 724 43.19 17.60 36.46
C GLN A 724 44.23 16.51 36.30
N HIS A 725 45.12 16.39 37.27
CA HIS A 725 46.15 15.38 37.24
C HIS A 725 45.52 13.99 37.23
N ARG A 726 44.59 13.76 38.14
CA ARG A 726 43.89 12.49 38.16
C ARG A 726 43.09 12.24 36.90
N LEU A 727 42.55 13.29 36.28
CA LEU A 727 41.79 13.11 35.06
C LEU A 727 42.68 12.63 33.92
N TYR A 728 43.85 13.25 33.78
CA TYR A 728 44.78 12.78 32.76
C TYR A 728 45.17 11.34 33.02
N GLU A 729 45.49 10.99 34.26
CA GLU A 729 45.83 9.61 34.54
C GLU A 729 44.71 8.67 34.18
N CYS A 730 43.48 9.02 34.54
CA CYS A 730 42.35 8.15 34.29
C CYS A 730 42.09 8.00 32.81
N LEU A 731 42.45 9.00 32.00
CA LEU A 731 42.27 8.87 30.56
C LEU A 731 43.38 8.02 29.95
N TYR A 732 44.63 8.45 30.07
CA TYR A 732 45.70 7.92 29.25
C TYR A 732 46.64 6.98 29.97
N ARG A 733 46.55 6.85 31.29
CA ARG A 733 47.42 5.96 32.03
C ARG A 733 46.70 4.74 32.57
N ASN A 734 45.45 4.89 32.98
CA ASN A 734 44.66 3.78 33.45
C ASN A 734 44.03 3.07 32.28
N ARG A 735 43.67 1.81 32.50
CA ARG A 735 43.08 1.01 31.44
C ARG A 735 41.69 0.48 31.78
N ASP A 736 41.38 0.31 33.06
CA ASP A 736 40.05 -0.07 33.49
C ASP A 736 39.40 1.09 34.23
N VAL A 737 38.09 1.01 34.38
CA VAL A 737 37.35 2.12 34.96
C VAL A 737 37.81 2.34 36.40
N ASP A 738 37.76 3.59 36.85
CA ASP A 738 38.10 3.96 38.22
C ASP A 738 36.86 4.61 38.81
N THR A 739 35.97 3.79 39.37
CA THR A 739 34.62 4.24 39.70
C THR A 739 34.62 5.40 40.68
N ASP A 740 35.59 5.45 41.59
CA ASP A 740 35.62 6.57 42.52
C ASP A 740 35.90 7.87 41.79
N PHE A 741 36.84 7.88 40.85
CA PHE A 741 37.08 9.13 40.15
C PHE A 741 35.98 9.44 39.16
N VAL A 742 35.32 8.43 38.60
CA VAL A 742 34.17 8.72 37.76
C VAL A 742 33.11 9.44 38.58
N ASN A 743 32.84 8.95 39.78
CA ASN A 743 31.88 9.63 40.65
C ASN A 743 32.34 11.04 40.99
N GLU A 744 33.64 11.22 41.20
CA GLU A 744 34.13 12.53 41.60
C GLU A 744 34.03 13.54 40.47
N PHE A 745 34.36 13.13 39.25
CA PHE A 745 34.21 14.04 38.12
C PHE A 745 32.75 14.35 37.86
N TYR A 746 31.88 13.35 37.99
CA TYR A 746 30.46 13.60 37.80
C TYR A 746 29.94 14.58 38.84
N ALA A 747 30.40 14.46 40.08
CA ALA A 747 29.99 15.41 41.10
C ALA A 747 30.49 16.81 40.80
N TYR A 748 31.75 16.93 40.36
CA TYR A 748 32.28 18.23 39.98
C TYR A 748 31.45 18.86 38.87
N LEU A 749 31.12 18.08 37.85
CA LEU A 749 30.32 18.60 36.75
C LEU A 749 28.97 19.07 37.25
N ARG A 750 28.26 18.23 38.00
CA ARG A 750 26.95 18.65 38.49
C ARG A 750 27.03 19.84 39.40
N LYS A 751 28.16 20.06 40.05
CA LYS A 751 28.28 21.24 40.89
C LYS A 751 28.48 22.50 40.05
N HIS A 752 29.37 22.46 39.06
CA HIS A 752 29.78 23.66 38.37
C HIS A 752 29.24 23.78 36.96
N PHE A 753 28.45 22.84 36.50
CA PHE A 753 28.05 22.82 35.11
C PHE A 753 26.74 22.04 34.99
N SER A 754 25.65 22.61 35.49
CA SER A 754 24.39 21.90 35.47
C SER A 754 23.71 22.07 34.12
N MET A 755 23.06 21.02 33.65
CA MET A 755 22.47 21.03 32.32
C MET A 755 20.99 20.71 32.37
N MET A 756 20.31 21.11 31.31
CA MET A 756 18.94 20.75 31.01
C MET A 756 18.93 20.31 29.57
N ILE A 757 18.59 19.04 29.31
CA ILE A 757 18.81 18.42 28.02
C ILE A 757 17.49 17.89 27.50
N LEU A 758 17.07 18.38 26.34
CA LEU A 758 16.11 17.72 25.50
C LEU A 758 16.83 17.28 24.24
N SER A 759 16.12 16.63 23.33
CA SER A 759 16.79 15.85 22.29
C SER A 759 17.58 16.76 21.37
N ASP A 760 18.73 17.20 21.87
CA ASP A 760 19.75 18.03 21.22
C ASP A 760 19.50 19.51 21.44
N ASP A 761 18.55 19.85 22.28
CA ASP A 761 18.38 21.21 22.77
C ASP A 761 18.88 21.24 24.20
N ALA A 762 19.54 22.33 24.59
CA ALA A 762 20.18 22.28 25.89
C ALA A 762 20.31 23.67 26.47
N VAL A 763 20.25 23.73 27.80
CA VAL A 763 20.55 24.92 28.57
C VAL A 763 21.60 24.51 29.59
N VAL A 764 22.51 25.42 29.91
CA VAL A 764 23.53 25.14 30.90
C VAL A 764 23.63 26.29 31.86
N CYS A 765 23.58 26.01 33.14
CA CYS A 765 23.91 26.99 34.16
C CYS A 765 25.29 26.63 34.67
N PHE A 766 26.26 27.51 34.44
CA PHE A 766 27.65 27.18 34.75
C PHE A 766 28.28 28.25 35.62
N ASN A 767 29.30 27.82 36.36
CA ASN A 767 30.07 28.70 37.23
C ASN A 767 30.90 29.65 36.38
N SER A 768 30.56 30.93 36.41
CA SER A 768 31.18 31.88 35.49
C SER A 768 32.68 32.02 35.76
N THR A 769 33.07 32.10 37.02
CA THR A 769 34.47 32.37 37.31
C THR A 769 35.34 31.14 37.14
N TYR A 770 34.76 29.97 36.91
CA TYR A 770 35.54 28.82 36.50
C TYR A 770 35.71 28.81 34.99
N ALA A 771 34.62 28.98 34.26
CA ALA A 771 34.72 29.05 32.81
C ALA A 771 35.62 30.19 32.38
N SER A 772 35.74 31.24 33.20
CA SER A 772 36.65 32.31 32.87
C SER A 772 38.11 31.87 32.98
N GLN A 773 38.38 30.88 33.82
CA GLN A 773 39.72 30.36 34.00
C GLN A 773 39.95 29.06 33.27
N GLY A 774 39.01 28.65 32.44
CA GLY A 774 39.14 27.41 31.70
C GLY A 774 39.12 26.16 32.54
N LEU A 775 38.24 26.10 33.53
CA LEU A 775 38.07 24.90 34.32
C LEU A 775 36.77 24.19 34.05
N VAL A 776 35.87 24.79 33.29
CA VAL A 776 34.73 24.11 32.71
C VAL A 776 34.62 24.59 31.26
N ALA A 777 33.71 24.00 30.52
CA ALA A 777 33.61 24.31 29.11
C ALA A 777 33.05 25.71 28.91
N SER A 778 33.71 26.50 28.07
CA SER A 778 33.09 27.71 27.56
C SER A 778 32.41 27.38 26.26
N ILE A 779 32.19 28.36 25.40
CA ILE A 779 31.62 28.09 24.08
C ILE A 779 32.67 27.83 23.03
N LYS A 780 33.85 28.41 23.17
CA LYS A 780 34.94 28.07 22.26
C LYS A 780 35.28 26.60 22.37
N ASN A 781 35.11 26.01 23.55
CA ASN A 781 35.37 24.60 23.71
C ASN A 781 34.38 23.77 22.93
N PHE A 782 33.11 24.15 22.95
CA PHE A 782 32.15 23.45 22.11
C PHE A 782 32.48 23.62 20.65
N LYS A 783 32.92 24.80 20.25
CA LYS A 783 33.30 25.00 18.86
C LYS A 783 34.40 24.03 18.46
N SER A 784 35.44 23.94 19.26
CA SER A 784 36.55 23.04 18.96
C SER A 784 36.08 21.59 18.93
N VAL A 785 35.26 21.21 19.89
CA VAL A 785 34.85 19.82 19.99
C VAL A 785 34.02 19.41 18.79
N LEU A 786 33.08 20.25 18.37
CA LEU A 786 32.32 19.90 17.19
C LEU A 786 33.19 19.90 15.95
N TYR A 787 34.18 20.80 15.89
CA TYR A 787 35.05 20.81 14.74
C TYR A 787 35.76 19.48 14.57
N TYR A 788 36.34 18.96 15.63
CA TYR A 788 37.15 17.76 15.43
C TYR A 788 36.42 16.45 15.70
N GLN A 789 35.26 16.48 16.33
CA GLN A 789 34.53 15.26 16.64
C GLN A 789 33.17 15.23 15.96
N ASN A 790 32.90 16.16 15.06
CA ASN A 790 31.60 16.21 14.45
C ASN A 790 31.63 16.76 13.04
N ASN A 791 32.74 17.36 12.63
CA ASN A 791 32.93 17.81 11.26
C ASN A 791 31.95 18.90 10.88
N VAL A 792 31.62 19.76 11.83
CA VAL A 792 30.83 20.95 11.54
C VAL A 792 31.47 22.11 12.26
N PHE A 793 31.31 23.29 11.69
CA PHE A 793 31.76 24.52 12.32
C PHE A 793 30.56 25.20 12.95
N MET A 794 30.62 25.44 14.24
CA MET A 794 29.53 26.06 14.98
C MET A 794 29.83 27.53 15.15
N SER A 795 29.17 28.37 14.37
CA SER A 795 29.37 29.80 14.45
C SER A 795 28.73 30.36 15.70
N GLU A 796 29.41 31.32 16.33
CA GLU A 796 28.93 31.87 17.59
C GLU A 796 27.75 32.81 17.39
N ALA A 797 27.12 32.77 16.24
CA ALA A 797 25.89 33.51 16.02
C ALA A 797 24.66 32.71 16.38
N LYS A 798 24.80 31.41 16.59
CA LYS A 798 23.70 30.55 16.98
C LYS A 798 23.76 30.14 18.43
N CYS A 799 24.82 30.50 19.14
CA CYS A 799 24.98 30.17 20.55
C CYS A 799 24.79 31.43 21.36
N TRP A 800 23.94 31.35 22.37
CA TRP A 800 23.62 32.50 23.20
C TRP A 800 24.21 32.32 24.59
N THR A 801 24.40 33.45 25.26
CA THR A 801 24.88 33.47 26.63
C THR A 801 24.10 34.54 27.37
N GLU A 802 23.88 34.33 28.65
CA GLU A 802 23.07 35.24 29.45
C GLU A 802 23.68 35.37 30.83
N THR A 803 23.89 36.59 31.28
CA THR A 803 24.55 36.83 32.55
C THR A 803 23.60 37.23 33.66
N ASP A 804 22.33 37.43 33.37
CA ASP A 804 21.32 37.77 34.36
C ASP A 804 20.34 36.62 34.45
N LEU A 805 20.30 35.96 35.60
CA LEU A 805 19.46 34.79 35.75
C LEU A 805 17.98 35.13 35.90
N THR A 806 17.64 36.35 36.28
CA THR A 806 16.25 36.72 36.45
C THR A 806 15.52 36.93 35.15
N LYS A 807 16.18 36.69 34.02
CA LYS A 807 15.52 36.55 32.73
C LYS A 807 16.19 35.33 32.12
N GLY A 808 15.49 34.21 32.13
CA GLY A 808 16.14 32.94 32.01
C GLY A 808 16.73 32.65 30.66
N PRO A 809 16.64 31.41 30.23
CA PRO A 809 17.20 31.03 28.94
C PRO A 809 16.71 31.96 27.84
N HIS A 810 17.65 32.45 27.04
CA HIS A 810 17.25 33.23 25.89
C HIS A 810 16.36 32.43 24.95
N GLU A 811 16.47 31.11 24.99
CA GLU A 811 15.65 30.26 24.13
C GLU A 811 15.83 28.83 24.60
N PHE A 812 14.77 28.05 24.50
CA PHE A 812 14.83 26.63 24.83
C PHE A 812 13.54 26.11 24.23
N CYS A 813 13.61 25.01 23.50
CA CYS A 813 12.46 24.51 22.77
C CYS A 813 11.62 25.62 22.13
N SER A 814 12.30 26.60 21.55
CA SER A 814 11.69 27.67 20.78
C SER A 814 10.81 28.58 21.63
N GLN A 815 11.02 28.62 22.93
CA GLN A 815 10.27 29.49 23.82
C GLN A 815 11.21 30.45 24.51
N HIS A 816 10.79 31.68 24.64
CA HIS A 816 11.51 32.62 25.49
C HIS A 816 10.95 32.56 26.89
N THR A 817 11.67 33.12 27.84
CA THR A 817 11.28 33.04 29.23
C THR A 817 11.06 34.43 29.80
N MET A 818 10.00 34.57 30.58
CA MET A 818 9.64 35.83 31.22
C MET A 818 9.48 35.58 32.71
N LEU A 819 10.00 36.45 33.54
CA LEU A 819 9.78 36.33 34.97
C LEU A 819 8.65 37.27 35.37
N VAL A 820 7.47 36.70 35.56
CA VAL A 820 6.27 37.47 35.84
C VAL A 820 5.84 37.20 37.27
N LYS A 821 4.88 37.99 37.73
CA LYS A 821 4.36 37.86 39.09
C LYS A 821 3.00 37.17 39.04
N GLN A 822 2.93 35.99 39.65
CA GLN A 822 1.68 35.25 39.76
C GLN A 822 1.28 35.21 41.22
N GLY A 823 0.03 35.58 41.49
CA GLY A 823 -0.46 35.57 42.84
C GLY A 823 0.35 36.49 43.73
N ASP A 824 1.27 35.90 44.48
CA ASP A 824 2.12 36.62 45.40
C ASP A 824 3.61 36.47 45.11
N ASP A 825 4.00 35.54 44.25
CA ASP A 825 5.41 35.23 44.02
C ASP A 825 5.70 35.29 42.53
N TYR A 826 6.98 35.28 42.21
CA TYR A 826 7.45 35.46 40.84
C TYR A 826 7.81 34.12 40.23
N VAL A 827 7.23 33.83 39.08
CA VAL A 827 7.44 32.57 38.38
C VAL A 827 7.96 32.85 36.98
N TYR A 828 8.40 31.80 36.32
CA TYR A 828 8.93 31.86 34.96
C TYR A 828 7.92 31.29 33.99
N LEU A 829 7.48 32.09 33.05
CA LEU A 829 6.55 31.63 32.05
C LEU A 829 7.22 31.52 30.70
N PRO A 830 6.83 30.56 29.89
CA PRO A 830 7.41 30.44 28.56
C PRO A 830 6.55 31.08 27.49
N TYR A 831 7.00 32.15 26.91
CA TYR A 831 6.15 32.65 25.85
C TYR A 831 6.73 32.33 24.49
N PRO A 832 5.90 32.18 23.49
CA PRO A 832 6.41 31.78 22.19
C PRO A 832 6.87 32.95 21.35
N ASP A 833 6.76 32.80 20.05
CA ASP A 833 7.11 33.85 19.09
C ASP A 833 5.84 34.34 18.43
N PRO A 834 5.44 35.59 18.65
CA PRO A 834 4.13 36.04 18.14
C PRO A 834 3.90 35.75 16.67
N SER A 835 4.94 35.86 15.86
CA SER A 835 4.80 35.53 14.45
C SER A 835 4.41 34.08 14.27
N ARG A 836 4.89 33.18 15.12
CA ARG A 836 4.52 31.77 15.00
C ARG A 836 3.03 31.59 15.21
N ILE A 837 2.48 32.22 16.25
CA ILE A 837 1.08 32.03 16.57
C ILE A 837 0.20 32.65 15.50
N LEU A 838 0.52 33.87 15.10
CA LEU A 838 -0.24 34.48 14.02
C LEU A 838 -0.16 33.66 12.74
N GLY A 839 1.01 33.08 12.46
CA GLY A 839 1.14 32.29 11.25
C GLY A 839 0.33 31.02 11.31
N ALA A 840 0.32 30.36 12.46
CA ALA A 840 -0.54 29.21 12.61
C ALA A 840 -2.01 29.58 12.49
N GLY A 841 -2.36 30.82 12.78
CA GLY A 841 -3.71 31.26 12.56
C GLY A 841 -4.04 31.48 11.09
N CYS A 842 -3.11 32.09 10.36
CA CYS A 842 -3.42 32.51 8.99
C CYS A 842 -3.25 31.39 7.96
N PHE A 843 -2.27 30.51 8.12
CA PHE A 843 -1.94 29.53 7.10
C PHE A 843 -2.15 28.11 7.62
N VAL A 844 -2.90 27.31 6.86
CA VAL A 844 -3.33 25.98 7.29
C VAL A 844 -3.88 25.24 6.07
N ASP A 845 -3.98 23.92 6.22
CA ASP A 845 -4.48 22.92 5.21
C ASP A 845 -5.98 23.25 5.46
N ASP A 846 -6.65 23.40 4.33
CA ASP A 846 -8.04 23.70 3.99
C ASP A 846 -9.08 22.90 4.57
N ILE A 847 -9.92 23.59 5.35
CA ILE A 847 -11.02 23.18 6.22
C ILE A 847 -10.47 23.14 7.59
N VAL A 848 -9.21 22.75 7.78
CA VAL A 848 -8.49 22.79 9.08
C VAL A 848 -8.41 24.26 9.19
N LYS A 849 -7.88 24.94 8.20
CA LYS A 849 -7.87 26.36 8.23
C LYS A 849 -8.77 27.53 7.83
N THR A 850 -9.22 27.51 6.62
CA THR A 850 -10.12 28.49 6.13
C THR A 850 -11.44 28.81 6.84
N ASP A 851 -12.22 27.86 7.35
CA ASP A 851 -13.42 28.19 8.09
C ASP A 851 -13.25 27.84 9.52
N GLY A 852 -13.34 28.81 10.40
CA GLY A 852 -13.07 28.49 11.79
C GLY A 852 -14.14 27.67 12.48
N THR A 853 -15.41 28.04 12.27
CA THR A 853 -16.53 27.48 13.02
C THR A 853 -16.52 25.96 13.04
N LEU A 854 -15.93 25.34 12.02
CA LEU A 854 -15.83 23.88 12.03
C LEU A 854 -14.78 23.40 13.01
N MET A 855 -13.93 24.28 13.53
CA MET A 855 -12.88 23.84 14.43
C MET A 855 -12.29 24.73 15.51
N ILE A 856 -13.12 25.54 16.17
CA ILE A 856 -12.67 26.47 17.20
C ILE A 856 -11.72 25.85 18.20
N GLU A 857 -11.76 24.54 18.36
CA GLU A 857 -10.85 23.84 19.25
C GLU A 857 -9.41 24.13 18.88
N ARG A 858 -9.20 24.55 17.64
CA ARG A 858 -7.87 24.96 17.21
C ARG A 858 -7.46 26.27 17.85
N PHE A 859 -8.31 27.29 17.74
CA PHE A 859 -7.95 28.59 18.26
C PHE A 859 -7.91 28.59 19.77
N VAL A 860 -8.60 27.66 20.42
CA VAL A 860 -8.49 27.55 21.86
C VAL A 860 -7.09 27.09 22.24
N SER A 861 -6.56 26.10 21.54
CA SER A 861 -5.21 25.64 21.84
C SER A 861 -4.18 26.69 21.49
N LEU A 862 -4.36 27.37 20.36
CA LEU A 862 -3.43 28.42 19.99
C LEU A 862 -3.45 29.56 21.01
N ALA A 863 -4.61 29.82 21.60
CA ALA A 863 -4.64 30.84 22.63
C ALA A 863 -4.10 30.32 23.95
N ILE A 864 -4.13 29.01 24.17
CA ILE A 864 -3.47 28.45 25.34
C ILE A 864 -1.97 28.70 25.24
N ASP A 865 -1.40 28.46 24.06
CA ASP A 865 0.03 28.67 23.90
C ASP A 865 0.41 30.14 23.86
N ALA A 866 -0.53 31.01 23.48
CA ALA A 866 -0.25 32.43 23.34
C ALA A 866 -0.62 33.23 24.56
N TYR A 867 -0.86 32.58 25.70
CA TYR A 867 -1.30 33.33 26.86
C TYR A 867 -0.19 34.17 27.49
N PRO A 868 0.99 33.62 27.81
CA PRO A 868 1.98 34.44 28.53
C PRO A 868 2.33 35.72 27.82
N LEU A 869 2.00 35.87 26.55
CA LEU A 869 2.23 37.13 25.87
C LEU A 869 1.44 38.25 26.52
N THR A 870 0.42 37.94 27.30
CA THR A 870 -0.31 38.97 28.02
C THR A 870 0.57 39.70 29.02
N LYS A 871 1.66 39.08 29.44
CA LYS A 871 2.50 39.66 30.48
C LYS A 871 3.74 40.32 29.91
N HIS A 872 3.84 40.42 28.64
CA HIS A 872 5.02 41.00 28.02
C HIS A 872 5.00 42.51 28.19
N PRO A 873 6.16 43.14 28.37
CA PRO A 873 6.18 44.61 28.40
C PRO A 873 5.74 45.24 27.09
N ASN A 874 6.19 44.70 25.97
CA ASN A 874 5.70 45.15 24.68
C ASN A 874 4.20 44.94 24.61
N GLN A 875 3.52 45.80 23.86
CA GLN A 875 2.07 45.80 23.89
C GLN A 875 1.43 45.11 22.71
N GLU A 876 2.05 45.11 21.53
CA GLU A 876 1.50 44.32 20.44
C GLU A 876 1.48 42.85 20.78
N TYR A 877 2.46 42.40 21.56
CA TYR A 877 2.53 41.01 21.97
C TYR A 877 1.27 40.62 22.74
N ALA A 878 0.85 41.44 23.70
CA ALA A 878 -0.37 41.15 24.43
C ALA A 878 -1.59 41.19 23.51
N ASP A 879 -1.59 42.12 22.56
CA ASP A 879 -2.69 42.20 21.62
C ASP A 879 -2.85 40.93 20.82
N VAL A 880 -1.77 40.15 20.66
CA VAL A 880 -1.95 38.84 20.03
C VAL A 880 -2.95 38.00 20.80
N PHE A 881 -2.75 37.88 22.11
CA PHE A 881 -3.63 37.03 22.90
C PHE A 881 -5.05 37.57 22.93
N HIS A 882 -5.19 38.88 23.12
CA HIS A 882 -6.55 39.41 23.13
C HIS A 882 -7.24 39.28 21.77
N LEU A 883 -6.47 39.36 20.67
CA LEU A 883 -7.06 39.11 19.37
C LEU A 883 -7.57 37.69 19.28
N TYR A 884 -6.81 36.73 19.78
CA TYR A 884 -7.28 35.36 19.72
C TYR A 884 -8.54 35.17 20.54
N LEU A 885 -8.63 35.82 21.69
CA LEU A 885 -9.84 35.70 22.50
C LEU A 885 -11.05 36.27 21.77
N GLN A 886 -10.92 37.46 21.21
CA GLN A 886 -12.06 38.04 20.51
C GLN A 886 -12.42 37.23 19.28
N TYR A 887 -11.45 36.60 18.63
CA TYR A 887 -11.78 35.79 17.48
C TYR A 887 -12.55 34.55 17.89
N ILE A 888 -12.19 33.95 19.03
CA ILE A 888 -12.97 32.81 19.50
C ILE A 888 -14.39 33.21 19.82
N ARG A 889 -14.56 34.37 20.46
CA ARG A 889 -15.90 34.84 20.75
C ARG A 889 -16.70 35.00 19.46
N LYS A 890 -16.09 35.60 18.44
CA LYS A 890 -16.78 35.80 17.18
C LYS A 890 -17.16 34.47 16.54
N LEU A 891 -16.21 33.52 16.52
CA LEU A 891 -16.49 32.22 15.95
C LEU A 891 -17.69 31.58 16.63
N HIS A 892 -17.72 31.61 17.96
CA HIS A 892 -18.79 30.93 18.68
C HIS A 892 -20.13 31.59 18.43
N ASP A 893 -20.20 32.90 18.61
CA ASP A 893 -21.50 33.52 18.46
C ASP A 893 -21.89 33.75 17.01
N GLU A 894 -21.07 33.32 16.07
CA GLU A 894 -21.55 33.19 14.70
C GLU A 894 -21.91 31.76 14.34
N LEU A 895 -21.31 30.77 15.00
CA LEU A 895 -21.77 29.40 14.83
C LEU A 895 -23.20 29.27 15.32
N THR A 896 -23.49 29.79 16.51
CA THR A 896 -24.87 29.71 16.99
C THR A 896 -25.81 30.48 16.08
N GLY A 897 -25.37 31.62 15.55
CA GLY A 897 -26.20 32.36 14.62
C GLY A 897 -26.50 31.59 13.35
N HIS A 898 -25.47 30.96 12.77
CA HIS A 898 -25.70 30.14 11.58
C HIS A 898 -26.67 29.01 11.88
N MET A 899 -26.43 28.29 12.96
CA MET A 899 -27.32 27.20 13.31
C MET A 899 -28.62 27.66 13.94
N LEU A 900 -28.86 28.97 14.00
CA LEU A 900 -30.21 29.48 14.29
C LEU A 900 -30.94 29.90 13.03
N ASP A 901 -30.24 30.50 12.06
CA ASP A 901 -30.86 30.80 10.77
C ASP A 901 -30.99 29.55 9.91
N MET A 902 -30.19 28.53 10.21
CA MET A 902 -30.40 27.21 9.64
C MET A 902 -31.48 26.45 10.40
N TYR A 903 -31.94 27.00 11.50
CA TYR A 903 -32.87 26.30 12.38
C TYR A 903 -34.03 27.17 12.81
N SER A 904 -34.61 26.75 13.92
CA SER A 904 -35.23 27.64 14.89
C SER A 904 -34.82 27.23 16.29
N VAL A 905 -34.02 26.17 16.42
CA VAL A 905 -33.53 25.68 17.70
C VAL A 905 -32.04 25.98 17.76
N MET A 906 -31.57 26.39 18.94
CA MET A 906 -30.15 26.47 19.22
C MET A 906 -29.88 26.27 20.70
N LEU A 907 -28.68 26.67 21.11
CA LEU A 907 -28.12 26.40 22.43
C LEU A 907 -29.06 26.87 23.52
N THR A 908 -29.87 25.95 24.05
CA THR A 908 -30.62 26.25 25.25
C THR A 908 -29.70 26.62 26.40
N ASN A 909 -28.54 25.97 26.48
CA ASN A 909 -27.49 26.34 27.42
C ASN A 909 -26.18 25.79 26.90
N ASP A 910 -25.07 26.42 27.30
CA ASP A 910 -23.78 26.03 26.73
C ASP A 910 -22.67 26.00 27.76
N ASN A 911 -22.46 27.09 28.49
CA ASN A 911 -21.25 27.28 29.29
C ASN A 911 -20.00 27.08 28.42
N THR A 912 -19.90 27.90 27.39
CA THR A 912 -18.67 28.04 26.62
C THR A 912 -18.15 29.46 26.68
N SER A 913 -18.73 30.30 27.53
CA SER A 913 -18.19 31.62 27.76
C SER A 913 -16.84 31.58 28.43
N ARG A 914 -16.40 30.42 28.92
CA ARG A 914 -15.09 30.31 29.51
C ARG A 914 -13.98 30.49 28.49
N TYR A 915 -14.26 30.18 27.23
CA TYR A 915 -13.24 30.18 26.20
C TYR A 915 -12.90 31.56 25.70
N TRP A 916 -13.64 32.59 26.09
CA TRP A 916 -13.25 33.94 25.74
C TRP A 916 -13.01 34.87 26.92
N GLU A 917 -12.60 34.31 28.06
CA GLU A 917 -12.04 35.09 29.14
C GLU A 917 -10.83 34.41 29.74
N PRO A 918 -9.88 35.17 30.28
CA PRO A 918 -8.56 34.62 30.55
C PRO A 918 -8.49 33.65 31.71
N GLU A 919 -9.48 33.58 32.57
CA GLU A 919 -9.38 32.71 33.73
C GLU A 919 -9.25 31.25 33.34
N PHE A 920 -9.69 30.87 32.14
CA PHE A 920 -9.52 29.50 31.71
C PHE A 920 -8.09 29.22 31.27
N TYR A 921 -7.40 30.22 30.74
CA TYR A 921 -6.05 30.05 30.24
C TYR A 921 -5.02 30.30 31.33
N GLU A 922 -5.25 31.29 32.16
CA GLU A 922 -4.43 31.57 33.32
C GLU A 922 -4.19 30.30 34.13
N ALA A 923 -5.25 29.52 34.30
CA ALA A 923 -5.17 28.33 35.13
C ALA A 923 -4.16 27.33 34.61
N MET A 924 -3.77 27.43 33.36
CA MET A 924 -2.82 26.46 32.82
C MET A 924 -1.39 26.80 33.16
N TYR A 925 -1.13 27.92 33.80
CA TYR A 925 0.22 28.29 34.17
C TYR A 925 0.37 28.47 35.67
N THR A 926 -0.60 28.07 36.43
CA THR A 926 -0.49 28.12 37.87
C THR A 926 -0.37 26.71 38.42
N PRO A 927 0.46 26.51 39.39
CA PRO A 927 0.78 25.14 39.80
C PRO A 927 -0.24 24.52 40.72
N HIS A 928 -1.18 23.76 40.17
CA HIS A 928 -2.02 22.88 40.98
C HIS A 928 -2.40 22.16 39.70
N THR A 929 -2.23 20.85 39.68
CA THR A 929 -2.68 20.04 38.56
C THR A 929 -1.61 19.13 37.97
N PHE B 6 -38.92 -7.05 29.13
CA PHE B 6 -39.30 -7.80 30.33
C PHE B 6 -40.81 -7.88 30.49
N SER B 7 -41.37 -9.00 30.03
CA SER B 7 -42.80 -9.25 30.19
C SER B 7 -42.87 -10.77 30.33
N SER B 8 -41.98 -11.46 29.62
CA SER B 8 -41.98 -12.92 29.56
C SER B 8 -41.26 -13.71 30.65
N LEU B 9 -41.24 -13.18 31.85
CA LEU B 9 -40.49 -13.76 32.95
C LEU B 9 -41.44 -14.32 34.01
N PRO B 10 -40.96 -15.24 34.85
CA PRO B 10 -41.80 -15.77 35.93
C PRO B 10 -42.27 -14.69 36.90
N SER B 11 -41.61 -13.54 36.94
CA SER B 11 -41.98 -12.52 37.91
C SER B 11 -43.15 -11.68 37.45
N TYR B 12 -43.37 -11.59 36.13
CA TYR B 12 -44.45 -10.76 35.62
C TYR B 12 -45.81 -11.34 36.00
N ALA B 13 -45.99 -12.66 35.83
CA ALA B 13 -47.23 -13.29 36.24
C ALA B 13 -47.46 -13.12 37.74
N ALA B 14 -46.39 -13.22 38.53
CA ALA B 14 -46.51 -13.05 39.96
C ALA B 14 -46.93 -11.63 40.32
N PHE B 15 -46.41 -10.64 39.59
CA PHE B 15 -46.85 -9.27 39.81
C PHE B 15 -48.31 -9.11 39.44
N ALA B 16 -48.72 -9.68 38.30
CA ALA B 16 -50.11 -9.60 37.90
C ALA B 16 -51.04 -10.20 38.95
N THR B 17 -50.68 -11.35 39.51
CA THR B 17 -51.56 -11.97 40.50
C THR B 17 -51.54 -11.18 41.81
N ALA B 18 -50.36 -10.70 42.23
CA ALA B 18 -50.29 -9.93 43.47
C ALA B 18 -51.14 -8.67 43.38
N GLN B 19 -51.10 -7.99 42.23
CA GLN B 19 -51.83 -6.75 42.11
C GLN B 19 -53.32 -6.97 41.84
N GLU B 20 -53.67 -8.02 41.09
CA GLU B 20 -55.08 -8.36 40.96
C GLU B 20 -55.70 -8.58 42.33
N ALA B 21 -55.05 -9.41 43.16
CA ALA B 21 -55.57 -9.64 44.51
C ALA B 21 -55.59 -8.35 45.32
N TYR B 22 -54.54 -7.54 45.23
CA TYR B 22 -54.44 -6.35 46.06
C TYR B 22 -55.54 -5.34 45.72
N GLU B 23 -55.68 -4.99 44.44
CA GLU B 23 -56.72 -4.03 44.07
C GLU B 23 -58.12 -4.63 44.20
N GLN B 24 -58.28 -5.95 44.04
CA GLN B 24 -59.58 -6.55 44.28
C GLN B 24 -60.01 -6.36 45.72
N ALA B 25 -59.15 -6.74 46.67
CA ALA B 25 -59.49 -6.59 48.08
C ALA B 25 -59.47 -5.14 48.54
N VAL B 26 -58.83 -4.26 47.77
CA VAL B 26 -58.82 -2.83 48.09
C VAL B 26 -60.12 -2.18 47.66
N ALA B 27 -60.62 -2.51 46.46
CA ALA B 27 -61.97 -2.11 46.09
C ALA B 27 -63.00 -2.73 47.02
N ASN B 28 -62.73 -3.95 47.50
CA ASN B 28 -63.50 -4.45 48.63
C ASN B 28 -63.27 -3.60 49.87
N GLY B 29 -62.04 -3.15 50.06
CA GLY B 29 -61.70 -2.28 51.19
C GLY B 29 -62.02 -2.91 52.53
N ASP B 30 -61.73 -4.20 52.68
CA ASP B 30 -62.20 -4.96 53.82
C ASP B 30 -61.50 -4.55 55.12
N SER B 31 -60.21 -4.85 55.23
CA SER B 31 -59.50 -4.72 56.50
C SER B 31 -58.29 -3.80 56.40
N GLU B 32 -57.70 -3.56 57.57
CA GLU B 32 -56.37 -2.95 57.59
C GLU B 32 -55.31 -3.98 57.25
N VAL B 33 -55.55 -5.25 57.61
CA VAL B 33 -54.70 -6.33 57.15
C VAL B 33 -54.75 -6.45 55.63
N VAL B 34 -55.86 -6.07 55.00
CA VAL B 34 -55.91 -6.09 53.53
C VAL B 34 -54.81 -5.21 52.96
N LEU B 35 -54.82 -3.92 53.29
CA LEU B 35 -53.78 -3.03 52.80
C LEU B 35 -52.40 -3.43 53.31
N LYS B 36 -52.33 -3.96 54.53
CA LYS B 36 -51.02 -4.25 55.11
C LYS B 36 -50.33 -5.39 54.38
N LYS B 37 -51.04 -6.51 54.20
CA LYS B 37 -50.49 -7.67 53.53
C LYS B 37 -50.38 -7.48 52.02
N LEU B 38 -51.41 -6.91 51.38
CA LEU B 38 -51.39 -6.69 49.95
C LEU B 38 -50.65 -5.41 49.59
N LYS B 39 -49.95 -4.80 50.55
CA LYS B 39 -48.97 -3.76 50.30
C LYS B 39 -47.59 -4.16 50.78
N LYS B 40 -47.47 -5.25 51.54
CA LYS B 40 -46.19 -5.82 51.89
C LYS B 40 -45.81 -6.96 50.96
N SER B 41 -46.79 -7.51 50.25
CA SER B 41 -46.52 -8.49 49.20
C SER B 41 -46.06 -7.84 47.90
N LEU B 42 -46.75 -6.81 47.42
CA LEU B 42 -46.21 -5.95 46.38
C LEU B 42 -44.79 -5.48 46.69
N ASN B 43 -44.50 -5.18 47.96
CA ASN B 43 -43.19 -4.65 48.35
C ASN B 43 -42.10 -5.71 48.31
N VAL B 44 -42.61 -6.86 47.97
CA VAL B 44 -41.88 -8.02 47.57
C VAL B 44 -42.16 -8.17 46.01
N ALA B 45 -42.82 -7.14 45.43
CA ALA B 45 -43.18 -6.85 44.04
C ALA B 45 -42.05 -6.03 43.41
N LYS B 46 -41.25 -5.42 44.28
CA LYS B 46 -39.99 -4.83 43.94
C LYS B 46 -38.94 -5.92 44.29
N SER B 47 -39.34 -7.01 44.90
CA SER B 47 -38.50 -8.15 45.07
C SER B 47 -38.88 -9.12 43.90
N GLU B 48 -40.11 -8.97 43.38
CA GLU B 48 -40.67 -9.76 42.26
C GLU B 48 -39.78 -9.62 41.04
N PHE B 49 -39.84 -8.46 40.40
CA PHE B 49 -39.02 -8.16 39.24
C PHE B 49 -38.01 -7.20 39.80
N ASP B 50 -37.19 -7.76 40.67
CA ASP B 50 -36.16 -7.08 41.41
C ASP B 50 -34.95 -7.02 40.59
N ARG B 51 -34.65 -8.18 40.03
CA ARG B 51 -33.58 -8.44 39.11
C ARG B 51 -34.03 -9.36 38.01
N ASP B 52 -35.22 -9.98 38.16
CA ASP B 52 -35.71 -10.87 37.11
C ASP B 52 -35.92 -9.94 35.93
N ALA B 53 -35.52 -8.69 36.15
CA ALA B 53 -35.58 -7.67 35.15
C ALA B 53 -34.56 -6.57 35.33
N ALA B 54 -33.62 -6.73 36.25
CA ALA B 54 -32.66 -5.64 36.41
C ALA B 54 -31.30 -6.03 36.89
N MET B 55 -30.99 -7.30 36.88
CA MET B 55 -29.58 -7.60 36.84
C MET B 55 -29.27 -8.40 35.64
N GLN B 56 -30.27 -9.06 35.07
CA GLN B 56 -29.96 -9.78 33.87
C GLN B 56 -29.68 -8.71 32.86
N ARG B 57 -30.57 -7.75 32.75
CA ARG B 57 -30.43 -6.68 31.81
C ARG B 57 -29.02 -6.22 31.65
N LYS B 58 -28.28 -6.64 32.65
CA LYS B 58 -26.87 -6.41 32.71
C LYS B 58 -25.99 -7.40 31.98
N LEU B 59 -26.63 -8.50 31.60
CA LEU B 59 -26.06 -9.53 30.77
C LEU B 59 -26.29 -9.23 29.33
N GLU B 60 -27.44 -8.61 29.05
CA GLU B 60 -27.88 -8.14 27.73
C GLU B 60 -26.98 -7.01 27.33
N LYS B 61 -26.15 -6.64 28.29
CA LYS B 61 -24.97 -5.80 28.13
C LYS B 61 -23.74 -6.65 27.82
N MET B 62 -23.44 -7.59 28.70
CA MET B 62 -22.20 -8.35 28.56
C MET B 62 -22.20 -9.23 27.32
N ALA B 63 -23.33 -9.87 27.01
CA ALA B 63 -23.42 -10.67 25.80
C ALA B 63 -23.24 -9.80 24.56
N ASP B 64 -23.89 -8.63 24.55
CA ASP B 64 -23.71 -7.72 23.42
C ASP B 64 -22.24 -7.36 23.27
N GLN B 65 -21.58 -7.04 24.37
CA GLN B 65 -20.18 -6.62 24.28
C GLN B 65 -19.29 -7.76 23.79
N ALA B 66 -19.49 -8.96 24.31
CA ALA B 66 -18.65 -10.07 23.90
C ALA B 66 -18.87 -10.41 22.45
N MET B 67 -20.13 -10.40 22.00
CA MET B 67 -20.38 -10.66 20.59
C MET B 67 -19.71 -9.60 19.71
N THR B 68 -19.74 -8.35 20.15
CA THR B 68 -19.08 -7.31 19.36
C THR B 68 -17.57 -7.54 19.31
N GLN B 69 -16.98 -7.93 20.43
CA GLN B 69 -15.55 -8.15 20.44
C GLN B 69 -15.16 -9.29 19.51
N MET B 70 -15.94 -10.37 19.50
CA MET B 70 -15.52 -11.47 18.65
C MET B 70 -15.86 -11.22 17.19
N TYR B 71 -16.86 -10.40 16.90
CA TYR B 71 -17.00 -9.84 15.56
C TYR B 71 -15.70 -9.19 15.12
N LYS B 72 -15.22 -8.28 15.95
CA LYS B 72 -14.00 -7.55 15.61
C LYS B 72 -12.82 -8.49 15.40
N GLN B 73 -12.71 -9.50 16.25
CA GLN B 73 -11.57 -10.40 16.12
C GLN B 73 -11.68 -11.26 14.87
N ALA B 74 -12.89 -11.65 14.47
CA ALA B 74 -13.02 -12.36 13.20
C ALA B 74 -12.56 -11.49 12.04
N ARG B 75 -12.79 -10.22 12.10
CA ARG B 75 -12.32 -9.41 11.03
C ARG B 75 -10.86 -9.38 11.09
N SER B 76 -10.34 -9.16 12.25
CA SER B 76 -8.89 -9.02 12.37
C SER B 76 -8.17 -10.26 11.89
N GLU B 77 -8.82 -11.42 11.94
CA GLU B 77 -8.21 -12.63 11.43
C GLU B 77 -8.44 -12.83 9.94
N ASP B 78 -9.42 -12.15 9.36
CA ASP B 78 -9.54 -12.21 7.91
C ASP B 78 -8.57 -11.26 7.22
N LYS B 79 -8.41 -10.06 7.77
CA LYS B 79 -7.41 -9.13 7.24
C LYS B 79 -6.03 -9.75 7.26
N ARG B 80 -5.74 -10.57 8.26
CA ARG B 80 -4.42 -11.20 8.34
C ARG B 80 -4.19 -12.15 7.19
N ALA B 81 -5.16 -13.00 6.90
CA ALA B 81 -5.00 -13.93 5.80
C ALA B 81 -4.88 -13.20 4.48
N LYS B 82 -5.63 -12.11 4.32
CA LYS B 82 -5.52 -11.33 3.10
C LYS B 82 -4.11 -10.76 2.93
N VAL B 83 -3.57 -10.16 4.00
CA VAL B 83 -2.24 -9.58 3.88
C VAL B 83 -1.18 -10.66 3.68
N THR B 84 -1.41 -11.85 4.22
CA THR B 84 -0.46 -12.94 3.99
C THR B 84 -0.42 -13.32 2.53
N SER B 85 -1.60 -13.50 1.94
CA SER B 85 -1.65 -13.77 0.51
C SER B 85 -0.95 -12.68 -0.27
N ALA B 86 -1.16 -11.42 0.11
CA ALA B 86 -0.55 -10.33 -0.64
C ALA B 86 0.97 -10.37 -0.56
N MET B 87 1.51 -10.50 0.65
CA MET B 87 2.95 -10.53 0.81
C MET B 87 3.56 -11.66 0.02
N GLN B 88 2.98 -12.85 0.10
CA GLN B 88 3.62 -13.98 -0.55
C GLN B 88 3.46 -13.91 -2.06
N THR B 89 2.36 -13.35 -2.57
CA THR B 89 2.29 -13.22 -4.02
C THR B 89 3.23 -12.15 -4.53
N MET B 90 3.50 -11.13 -3.72
CA MET B 90 4.53 -10.16 -4.10
C MET B 90 5.89 -10.84 -4.19
N LEU B 91 6.23 -11.65 -3.21
CA LEU B 91 7.52 -12.34 -3.26
C LEU B 91 7.62 -13.23 -4.49
N PHE B 92 6.60 -14.04 -4.73
CA PHE B 92 6.65 -14.98 -5.84
C PHE B 92 6.52 -14.32 -7.19
N THR B 93 6.04 -13.07 -7.25
CA THR B 93 6.03 -12.35 -8.52
C THR B 93 7.26 -11.51 -8.73
N MET B 94 8.00 -11.19 -7.67
CA MET B 94 9.23 -10.45 -7.83
C MET B 94 10.43 -11.35 -8.01
N LEU B 95 10.34 -12.62 -7.60
CA LEU B 95 11.45 -13.51 -7.88
C LEU B 95 11.50 -13.90 -9.34
N ARG B 96 10.36 -14.05 -9.98
CA ARG B 96 10.33 -14.48 -11.38
C ARG B 96 10.95 -13.49 -12.29
N LYS B 97 11.45 -12.37 -11.78
CA LYS B 97 12.20 -11.42 -12.57
C LYS B 97 13.69 -11.60 -12.46
N LEU B 98 14.03 -12.30 -11.40
CA LEU B 98 15.37 -12.54 -11.01
C LEU B 98 16.41 -12.90 -12.01
N ASP B 99 16.07 -13.24 -13.25
CA ASP B 99 17.07 -13.59 -14.28
C ASP B 99 18.09 -14.64 -13.90
N ASN B 100 17.71 -15.89 -14.00
CA ASN B 100 18.33 -16.85 -13.17
C ASN B 100 19.47 -17.58 -13.77
N ASP B 101 20.21 -16.97 -14.67
CA ASP B 101 21.39 -17.62 -15.16
C ASP B 101 22.58 -16.78 -14.95
N ALA B 102 22.36 -15.50 -14.93
CA ALA B 102 23.40 -14.55 -14.73
C ALA B 102 23.71 -14.40 -13.29
N LEU B 103 22.79 -14.82 -12.42
CA LEU B 103 22.95 -14.73 -11.02
C LEU B 103 23.17 -16.04 -10.40
N ASN B 104 23.27 -17.10 -11.16
CA ASN B 104 23.50 -18.36 -10.53
C ASN B 104 24.92 -18.55 -10.80
N ASN B 105 25.40 -17.85 -11.80
CA ASN B 105 26.79 -17.96 -12.20
C ASN B 105 27.70 -17.14 -11.29
N ILE B 106 27.26 -15.96 -10.86
CA ILE B 106 28.12 -15.20 -9.95
C ILE B 106 28.09 -15.78 -8.55
N ILE B 107 27.01 -16.45 -8.17
CA ILE B 107 26.95 -16.99 -6.82
C ILE B 107 27.84 -18.20 -6.68
N ASN B 108 27.92 -19.05 -7.71
CA ASN B 108 28.74 -20.25 -7.61
C ASN B 108 30.23 -19.95 -7.58
N ASN B 109 30.66 -18.74 -7.96
CA ASN B 109 32.06 -18.40 -7.83
C ASN B 109 32.42 -17.87 -6.45
N ALA B 110 31.43 -17.48 -5.66
CA ALA B 110 31.70 -17.11 -4.28
C ALA B 110 32.21 -18.33 -3.52
N ARG B 111 33.18 -18.12 -2.65
CA ARG B 111 33.81 -19.24 -1.95
C ARG B 111 32.83 -19.97 -1.05
N ASP B 112 31.92 -19.26 -0.40
CA ASP B 112 31.01 -19.85 0.56
C ASP B 112 29.55 -19.73 0.18
N GLY B 113 29.22 -18.92 -0.82
CA GLY B 113 27.85 -18.71 -1.23
C GLY B 113 27.31 -17.34 -0.91
N CYS B 114 28.01 -16.57 -0.08
CA CYS B 114 27.58 -15.23 0.31
C CYS B 114 28.22 -14.21 -0.60
N VAL B 115 27.43 -13.32 -1.15
CA VAL B 115 27.95 -12.21 -1.94
C VAL B 115 27.36 -10.92 -1.39
N PRO B 116 28.08 -9.81 -1.43
CA PRO B 116 27.48 -8.54 -1.03
C PRO B 116 26.27 -8.25 -1.88
N LEU B 117 25.28 -7.60 -1.27
CA LEU B 117 24.08 -7.28 -2.03
C LEU B 117 24.36 -6.22 -3.08
N ASN B 118 25.20 -5.24 -2.76
CA ASN B 118 25.40 -4.09 -3.63
C ASN B 118 25.95 -4.45 -5.00
N ILE B 119 26.42 -5.68 -5.20
CA ILE B 119 26.95 -6.07 -6.50
C ILE B 119 26.00 -6.90 -7.32
N ILE B 120 24.86 -7.31 -6.75
CA ILE B 120 23.96 -8.15 -7.52
C ILE B 120 23.29 -7.36 -8.64
N PRO B 121 22.74 -6.17 -8.41
CA PRO B 121 22.28 -5.39 -9.56
C PRO B 121 23.43 -4.93 -10.42
N LEU B 122 24.63 -4.83 -9.87
CA LEU B 122 25.77 -4.38 -10.68
C LEU B 122 26.14 -5.43 -11.71
N THR B 123 26.28 -6.67 -11.29
CA THR B 123 26.79 -7.71 -12.18
C THR B 123 25.70 -8.45 -12.93
N THR B 124 24.43 -8.34 -12.54
CA THR B 124 23.40 -9.15 -13.15
C THR B 124 22.15 -8.40 -13.56
N ALA B 125 22.12 -7.07 -13.49
CA ALA B 125 20.94 -6.36 -13.95
C ALA B 125 21.01 -6.19 -15.47
N ALA B 126 19.86 -6.34 -16.11
CA ALA B 126 19.78 -6.24 -17.56
C ALA B 126 19.31 -4.89 -18.03
N LYS B 127 19.12 -3.93 -17.12
CA LYS B 127 18.62 -2.62 -17.48
C LYS B 127 19.23 -1.59 -16.56
N LEU B 128 19.72 -0.49 -17.14
CA LEU B 128 20.30 0.60 -16.38
C LEU B 128 19.43 1.83 -16.55
N MET B 129 19.38 2.67 -15.52
CA MET B 129 18.63 3.92 -15.55
C MET B 129 19.52 5.02 -14.98
N VAL B 130 20.07 5.84 -15.83
CA VAL B 130 20.91 6.95 -15.42
C VAL B 130 20.02 8.18 -15.24
N VAL B 131 20.24 8.93 -14.16
CA VAL B 131 19.57 10.20 -13.96
C VAL B 131 20.61 11.29 -14.08
N ILE B 132 20.37 12.23 -14.99
CA ILE B 132 21.36 13.22 -15.38
C ILE B 132 20.81 14.60 -15.09
N PRO B 133 21.48 15.40 -14.30
CA PRO B 133 20.94 16.71 -13.92
C PRO B 133 21.07 17.76 -15.00
N ASP B 134 22.23 17.85 -15.64
CA ASP B 134 22.48 18.89 -16.62
C ASP B 134 23.23 18.30 -17.80
N TYR B 135 23.21 19.05 -18.91
CA TYR B 135 23.78 18.54 -20.15
C TYR B 135 25.25 18.23 -20.00
N ASN B 136 25.98 19.08 -19.27
CA ASN B 136 27.41 18.86 -19.15
C ASN B 136 27.71 17.51 -18.52
N THR B 137 26.92 17.10 -17.53
CA THR B 137 27.08 15.76 -16.97
C THR B 137 26.68 14.72 -17.99
N TYR B 138 25.66 14.99 -18.80
CA TYR B 138 25.29 14.06 -19.85
C TYR B 138 26.43 13.82 -20.80
N LYS B 139 27.29 14.81 -20.97
CA LYS B 139 28.38 14.67 -21.93
C LYS B 139 29.43 13.69 -21.45
N ASN B 140 29.81 13.76 -20.18
CA ASN B 140 30.85 12.89 -19.67
C ASN B 140 30.35 11.47 -19.40
N THR B 141 29.06 11.20 -19.56
CA THR B 141 28.55 9.89 -19.21
C THR B 141 27.86 9.22 -20.39
N CYS B 142 26.60 9.56 -20.63
CA CYS B 142 25.75 8.86 -21.58
C CYS B 142 25.92 9.35 -23.00
N ASP B 143 27.11 9.83 -23.39
CA ASP B 143 27.27 10.39 -24.71
C ASP B 143 27.16 9.31 -25.78
N GLY B 144 26.67 9.69 -26.93
CA GLY B 144 26.48 8.74 -28.01
C GLY B 144 25.34 7.79 -27.71
N THR B 145 25.07 6.92 -28.68
CA THR B 145 23.99 5.95 -28.54
C THR B 145 24.38 4.74 -27.71
N THR B 146 25.63 4.68 -27.25
CA THR B 146 26.07 3.57 -26.42
C THR B 146 27.18 4.08 -25.52
N PHE B 147 27.27 3.53 -24.32
CA PHE B 147 28.27 3.95 -23.36
C PHE B 147 28.72 2.75 -22.55
N THR B 148 29.64 2.98 -21.64
CA THR B 148 30.19 1.91 -20.83
C THR B 148 30.17 2.32 -19.37
N TYR B 149 29.81 1.38 -18.51
CA TYR B 149 29.70 1.67 -17.09
C TYR B 149 29.72 0.35 -16.34
N ALA B 150 30.30 0.38 -15.15
CA ALA B 150 30.43 -0.82 -14.32
C ALA B 150 31.09 -1.94 -15.09
N SER B 151 32.06 -1.59 -15.94
CA SER B 151 32.80 -2.54 -16.74
C SER B 151 31.88 -3.37 -17.63
N ALA B 152 30.81 -2.77 -18.12
CA ALA B 152 29.94 -3.39 -19.11
C ALA B 152 29.60 -2.34 -20.14
N LEU B 153 28.97 -2.78 -21.22
CA LEU B 153 28.62 -1.88 -22.33
C LEU B 153 27.12 -1.83 -22.46
N TRP B 154 26.56 -0.64 -22.34
CA TRP B 154 25.12 -0.42 -22.40
C TRP B 154 24.76 0.32 -23.67
N GLU B 155 23.63 -0.03 -24.25
CA GLU B 155 23.12 0.66 -25.42
C GLU B 155 21.83 1.39 -25.04
N ILE B 156 21.78 2.67 -25.41
CA ILE B 156 20.66 3.50 -25.00
C ILE B 156 19.40 3.07 -25.74
N GLN B 157 18.26 3.27 -25.10
CA GLN B 157 16.97 3.13 -25.75
C GLN B 157 15.99 4.28 -25.80
N GLN B 158 15.33 4.56 -24.68
CA GLN B 158 14.29 5.58 -24.60
C GLN B 158 15.02 6.55 -23.69
N VAL B 159 14.83 7.85 -23.89
CA VAL B 159 15.30 8.88 -22.98
C VAL B 159 14.13 9.79 -22.68
N VAL B 160 13.82 9.97 -21.40
CA VAL B 160 12.69 10.78 -20.99
C VAL B 160 13.14 11.84 -20.01
N ASP B 161 12.36 12.90 -19.89
CA ASP B 161 12.67 14.01 -19.02
C ASP B 161 11.80 13.97 -17.77
N ALA B 162 11.75 15.08 -17.03
CA ALA B 162 11.02 15.10 -15.78
C ALA B 162 9.53 14.91 -15.97
N ASP B 163 9.00 15.33 -17.11
CA ASP B 163 7.59 15.17 -17.42
C ASP B 163 7.28 13.81 -18.05
N SER B 164 8.26 12.92 -18.09
CA SER B 164 8.08 11.55 -18.55
C SER B 164 7.68 11.47 -20.01
N LYS B 165 8.07 12.46 -20.82
CA LYS B 165 7.86 12.41 -22.24
C LYS B 165 9.17 12.16 -22.96
N ILE B 166 9.09 11.53 -24.12
CA ILE B 166 10.28 11.01 -24.78
C ILE B 166 11.11 12.15 -25.35
N VAL B 167 12.42 11.97 -25.34
CA VAL B 167 13.36 12.89 -25.96
C VAL B 167 14.22 12.11 -26.95
N GLN B 168 14.30 12.59 -28.17
CA GLN B 168 15.21 11.98 -29.14
C GLN B 168 16.62 12.46 -28.87
N LEU B 169 17.59 11.59 -29.10
CA LEU B 169 18.96 11.93 -28.76
C LEU B 169 19.50 13.10 -29.57
N SER B 170 18.77 13.55 -30.58
CA SER B 170 19.25 14.68 -31.37
C SER B 170 19.07 15.99 -30.64
N GLU B 171 18.12 16.05 -29.72
CA GLU B 171 17.80 17.32 -29.06
C GLU B 171 18.74 17.66 -27.94
N ILE B 172 19.43 16.69 -27.36
CA ILE B 172 20.31 16.96 -26.24
C ILE B 172 21.57 17.64 -26.76
N SER B 173 21.42 18.86 -27.29
CA SER B 173 22.56 19.62 -27.75
C SER B 173 23.13 20.42 -26.60
N MET B 174 23.88 21.47 -26.90
CA MET B 174 24.31 22.42 -25.89
C MET B 174 23.32 23.57 -25.74
N ASP B 175 23.05 24.28 -26.83
CA ASP B 175 22.13 25.40 -26.80
C ASP B 175 20.67 24.98 -26.78
N ASN B 176 20.35 23.77 -27.20
CA ASN B 176 18.97 23.31 -27.05
C ASN B 176 18.68 22.83 -25.64
N SER B 177 19.70 22.68 -24.81
CA SER B 177 19.47 22.15 -23.47
C SER B 177 18.51 22.98 -22.63
N PRO B 178 18.54 24.32 -22.63
CA PRO B 178 17.62 25.06 -21.76
C PRO B 178 16.14 24.86 -22.05
N ASN B 179 15.77 24.11 -23.08
CA ASN B 179 14.38 23.82 -23.34
C ASN B 179 14.00 22.40 -22.96
N LEU B 180 14.79 21.77 -22.10
CA LEU B 180 14.52 20.42 -21.62
C LEU B 180 14.30 20.44 -20.13
N ALA B 181 13.26 19.74 -19.68
CA ALA B 181 13.06 19.53 -18.26
C ALA B 181 14.24 18.74 -17.73
N TRP B 182 15.05 19.32 -16.86
CA TRP B 182 16.40 18.80 -16.77
C TRP B 182 16.69 17.93 -15.56
N PRO B 183 16.09 16.79 -15.46
CA PRO B 183 16.82 15.64 -14.93
C PRO B 183 16.55 14.44 -15.82
N LEU B 184 17.21 14.35 -16.96
CA LEU B 184 16.85 13.32 -17.93
C LEU B 184 17.11 11.93 -17.37
N ILE B 185 16.22 11.00 -17.71
CA ILE B 185 16.32 9.62 -17.26
C ILE B 185 16.65 8.77 -18.48
N VAL B 186 17.92 8.43 -18.65
CA VAL B 186 18.39 7.65 -19.77
C VAL B 186 18.36 6.18 -19.37
N THR B 187 17.48 5.40 -19.97
CA THR B 187 17.45 3.97 -19.70
C THR B 187 18.15 3.23 -20.83
N ALA B 188 18.87 2.17 -20.48
CA ALA B 188 19.74 1.50 -21.42
C ALA B 188 19.74 0.01 -21.11
N LEU B 189 20.20 -0.79 -22.07
CA LEU B 189 20.25 -2.23 -21.90
C LEU B 189 21.67 -2.75 -22.02
N ARG B 190 22.00 -3.75 -21.19
CA ARG B 190 23.30 -4.39 -21.26
C ARG B 190 23.46 -5.07 -22.61
N ALA B 191 24.53 -4.75 -23.31
CA ALA B 191 24.72 -5.26 -24.65
C ALA B 191 25.56 -6.53 -24.61
N ASN B 192 25.46 -7.31 -25.67
CA ASN B 192 26.31 -8.48 -25.84
C ASN B 192 26.58 -8.74 -27.32
N LYS C 2 1.34 46.49 4.23
CA LYS C 2 0.97 46.30 2.82
C LYS C 2 1.74 45.18 2.15
N MET C 3 3.01 45.00 2.54
CA MET C 3 3.74 43.84 2.06
C MET C 3 3.08 42.54 2.49
N SER C 4 2.48 42.51 3.68
CA SER C 4 1.79 41.31 4.12
C SER C 4 0.67 40.94 3.18
N ASP C 5 -0.02 41.94 2.63
CA ASP C 5 -1.04 41.67 1.63
C ASP C 5 -0.43 40.97 0.43
N VAL C 6 0.75 41.39 0.00
CA VAL C 6 1.40 40.78 -1.14
C VAL C 6 1.76 39.34 -0.82
N LYS C 7 2.30 39.08 0.36
CA LYS C 7 2.70 37.71 0.67
C LYS C 7 1.49 36.79 0.76
N CYS C 8 0.39 37.25 1.36
CA CYS C 8 -0.81 36.43 1.43
C CYS C 8 -1.36 36.17 0.04
N THR C 9 -1.43 37.19 -0.81
CA THR C 9 -1.98 36.94 -2.14
C THR C 9 -1.04 36.11 -3.00
N SER C 10 0.25 36.12 -2.73
CA SER C 10 1.14 35.21 -3.44
C SER C 10 0.89 33.77 -3.01
N VAL C 11 0.62 33.56 -1.73
CA VAL C 11 0.23 32.23 -1.27
C VAL C 11 -1.01 31.77 -2.03
N VAL C 12 -2.02 32.63 -2.10
CA VAL C 12 -3.26 32.26 -2.78
C VAL C 12 -3.00 32.00 -4.26
N LEU C 13 -2.14 32.80 -4.87
CA LEU C 13 -1.86 32.67 -6.29
C LEU C 13 -1.19 31.35 -6.59
N LEU C 14 -0.19 30.98 -5.80
CA LEU C 14 0.44 29.70 -6.05
C LEU C 14 -0.50 28.55 -5.79
N SER C 15 -1.42 28.71 -4.84
CA SER C 15 -2.40 27.65 -4.64
C SER C 15 -3.27 27.46 -5.87
N VAL C 16 -3.75 28.56 -6.46
CA VAL C 16 -4.65 28.41 -7.61
C VAL C 16 -3.89 27.92 -8.83
N LEU C 17 -2.65 28.37 -9.01
CA LEU C 17 -1.81 27.78 -10.06
C LEU C 17 -1.65 26.29 -9.86
N GLN C 18 -1.43 25.87 -8.62
CA GLN C 18 -1.20 24.46 -8.33
C GLN C 18 -2.42 23.63 -8.67
N GLN C 19 -3.61 24.12 -8.36
CA GLN C 19 -4.77 23.30 -8.71
C GLN C 19 -5.20 23.47 -10.16
N LEU C 20 -4.51 24.31 -10.92
CA LEU C 20 -4.67 24.33 -12.37
C LEU C 20 -3.75 23.34 -13.06
N ARG C 21 -3.16 22.44 -12.30
CA ARG C 21 -2.30 21.39 -12.81
C ARG C 21 -1.02 21.93 -13.43
N VAL C 22 -0.55 23.08 -12.95
CA VAL C 22 0.69 23.63 -13.48
C VAL C 22 1.89 22.82 -13.04
N GLU C 23 1.77 22.04 -11.99
CA GLU C 23 2.93 21.28 -11.54
C GLU C 23 3.17 20.05 -12.37
N SER C 24 2.46 19.90 -13.49
CA SER C 24 2.75 18.87 -14.47
C SER C 24 3.67 19.38 -15.56
N SER C 25 4.36 20.49 -15.34
CA SER C 25 5.32 21.05 -16.28
C SER C 25 6.52 21.47 -15.44
N SER C 26 7.47 20.55 -15.29
CA SER C 26 8.46 20.65 -14.23
C SER C 26 9.14 22.00 -14.17
N LYS C 27 9.55 22.55 -15.32
CA LYS C 27 10.28 23.80 -15.25
C LYS C 27 9.38 24.96 -14.92
N LEU C 28 8.13 24.93 -15.39
CA LEU C 28 7.19 25.97 -15.03
C LEU C 28 6.94 25.95 -13.53
N TRP C 29 6.68 24.77 -12.97
CA TRP C 29 6.47 24.67 -11.54
C TRP C 29 7.72 25.08 -10.77
N ALA C 30 8.89 24.81 -11.31
CA ALA C 30 10.10 25.24 -10.64
C ALA C 30 10.19 26.76 -10.58
N GLN C 31 9.88 27.45 -11.68
CA GLN C 31 9.93 28.90 -11.64
C GLN C 31 8.86 29.48 -10.74
N CYS C 32 7.66 28.91 -10.75
CA CYS C 32 6.60 29.41 -9.88
C CYS C 32 6.96 29.22 -8.42
N VAL C 33 7.44 28.04 -8.06
CA VAL C 33 7.86 27.80 -6.69
C VAL C 33 8.95 28.78 -6.30
N GLN C 34 9.89 29.04 -7.20
CA GLN C 34 10.96 29.95 -6.87
C GLN C 34 10.43 31.35 -6.60
N LEU C 35 9.55 31.85 -7.47
CA LEU C 35 8.99 33.18 -7.25
C LEU C 35 8.21 33.26 -5.96
N HIS C 36 7.41 32.23 -5.67
CA HIS C 36 6.59 32.24 -4.48
C HIS C 36 7.46 32.25 -3.23
N ASN C 37 8.50 31.42 -3.20
CA ASN C 37 9.39 31.43 -2.04
C ASN C 37 10.20 32.71 -1.95
N ASP C 38 10.44 33.39 -3.06
CA ASP C 38 11.18 34.64 -2.97
C ASP C 38 10.30 35.81 -2.58
N ILE C 39 8.99 35.69 -2.75
CA ILE C 39 8.10 36.74 -2.26
C ILE C 39 7.95 36.64 -0.76
N LEU C 40 7.88 35.42 -0.23
CA LEU C 40 7.69 35.26 1.19
C LEU C 40 8.89 35.68 2.00
N LEU C 41 10.04 35.86 1.36
CA LEU C 41 11.27 36.21 2.05
C LEU C 41 11.68 37.65 1.83
N ALA C 42 11.02 38.38 0.95
CA ALA C 42 11.42 39.73 0.65
C ALA C 42 11.29 40.61 1.89
N LYS C 43 11.94 41.78 1.83
CA LYS C 43 11.87 42.74 2.93
C LYS C 43 11.60 44.15 2.46
N ASP C 44 11.51 44.41 1.16
CA ASP C 44 11.07 45.71 0.69
C ASP C 44 10.03 45.48 -0.39
N THR C 45 8.92 46.14 -0.26
CA THR C 45 7.76 45.83 -1.07
C THR C 45 7.92 46.16 -2.49
N THR C 46 9.01 46.68 -3.04
CA THR C 46 9.02 47.00 -4.45
C THR C 46 9.68 45.93 -5.31
N GLU C 47 10.32 44.94 -4.71
CA GLU C 47 10.74 43.77 -5.46
C GLU C 47 9.75 42.61 -5.32
N ALA C 48 9.05 42.54 -4.20
CA ALA C 48 7.96 41.58 -4.08
C ALA C 48 6.88 41.87 -5.11
N PHE C 49 6.65 43.14 -5.42
CA PHE C 49 5.60 43.45 -6.38
C PHE C 49 5.98 43.05 -7.79
N GLU C 50 7.25 43.21 -8.14
CA GLU C 50 7.64 42.81 -9.49
C GLU C 50 7.70 41.30 -9.63
N LYS C 51 8.18 40.59 -8.60
CA LYS C 51 8.05 39.14 -8.68
C LYS C 51 6.60 38.71 -8.65
N MET C 52 5.70 39.52 -8.10
CA MET C 52 4.30 39.13 -8.10
C MET C 52 3.68 39.29 -9.47
N VAL C 53 4.01 40.36 -10.20
CA VAL C 53 3.49 40.47 -11.55
C VAL C 53 4.09 39.37 -12.43
N SER C 54 5.36 39.06 -12.22
CA SER C 54 5.94 37.97 -13.00
C SER C 54 5.28 36.63 -12.67
N LEU C 55 4.87 36.42 -11.43
CA LEU C 55 4.20 35.17 -11.06
C LEU C 55 2.78 35.11 -11.57
N LEU C 56 2.07 36.24 -11.54
CA LEU C 56 0.70 36.26 -12.03
C LEU C 56 0.64 36.05 -13.53
N SER C 57 1.64 36.56 -14.26
CA SER C 57 1.69 36.31 -15.70
C SER C 57 1.65 34.83 -16.02
N VAL C 58 2.11 33.98 -15.11
CA VAL C 58 2.03 32.55 -15.36
C VAL C 58 0.59 32.09 -15.38
N LEU C 59 -0.28 32.78 -14.66
CA LEU C 59 -1.69 32.42 -14.70
C LEU C 59 -2.38 33.07 -15.88
N LEU C 60 -2.03 34.32 -16.18
CA LEU C 60 -2.68 34.99 -17.29
C LEU C 60 -2.31 34.40 -18.64
N SER C 61 -1.32 33.51 -18.69
CA SER C 61 -0.87 32.98 -19.97
C SER C 61 -1.55 31.68 -20.34
N MET C 62 -2.26 31.05 -19.39
CA MET C 62 -3.03 29.86 -19.69
C MET C 62 -4.36 30.24 -20.33
N GLN C 63 -5.22 29.25 -20.50
CA GLN C 63 -6.59 29.45 -20.97
C GLN C 63 -7.57 28.62 -20.13
N GLY C 64 -7.31 28.52 -18.84
CA GLY C 64 -8.14 27.70 -17.97
C GLY C 64 -9.08 28.51 -17.11
N ALA C 65 -8.66 29.70 -16.70
CA ALA C 65 -9.46 30.58 -15.85
C ALA C 65 -10.02 31.69 -16.72
N VAL C 66 -11.34 31.70 -16.90
CA VAL C 66 -11.97 32.74 -17.71
C VAL C 66 -11.88 34.06 -16.94
N ASP C 67 -11.17 35.02 -17.51
CA ASP C 67 -10.77 36.18 -16.72
C ASP C 67 -11.85 37.25 -16.70
N ILE C 68 -12.50 37.52 -17.83
CA ILE C 68 -13.42 38.64 -17.88
C ILE C 68 -14.63 38.38 -17.00
N ASN C 69 -15.07 37.12 -16.90
CA ASN C 69 -16.20 36.82 -16.05
C ASN C 69 -15.86 36.99 -14.58
N LYS C 70 -14.62 36.70 -14.20
CA LYS C 70 -14.22 36.80 -12.81
C LYS C 70 -13.80 38.21 -12.40
N LEU C 71 -13.79 39.15 -13.33
CA LEU C 71 -13.64 40.55 -12.96
C LEU C 71 -15.00 41.25 -12.98
N CYS C 72 -15.99 40.54 -12.41
CA CYS C 72 -17.34 41.05 -12.32
C CYS C 72 -17.43 42.35 -11.52
N GLU C 73 -16.36 42.72 -10.82
CA GLU C 73 -16.29 44.00 -10.12
C GLU C 73 -17.41 44.15 -9.10
N PHE D 6 -39.23 21.73 31.73
CA PHE D 6 -40.00 20.54 31.43
C PHE D 6 -41.41 20.70 31.97
N SER D 7 -42.16 21.64 31.38
CA SER D 7 -43.49 21.96 31.86
C SER D 7 -44.60 21.15 31.22
N SER D 8 -44.41 20.64 30.02
CA SER D 8 -45.51 20.01 29.30
C SER D 8 -45.47 18.52 29.34
N LEU D 9 -45.27 17.90 30.50
CA LEU D 9 -45.29 16.46 30.64
C LEU D 9 -46.28 16.03 31.72
N PRO D 10 -46.80 14.80 31.64
CA PRO D 10 -47.84 14.39 32.59
C PRO D 10 -47.38 14.41 34.04
N SER D 11 -46.12 14.05 34.30
CA SER D 11 -45.63 13.99 35.67
C SER D 11 -45.74 15.34 36.36
N TYR D 12 -45.65 16.43 35.61
CA TYR D 12 -45.80 17.76 36.20
C TYR D 12 -47.16 17.94 36.83
N ALA D 13 -48.21 17.38 36.21
CA ALA D 13 -49.55 17.50 36.76
C ALA D 13 -49.67 16.74 38.07
N ALA D 14 -49.17 15.49 38.09
CA ALA D 14 -49.15 14.73 39.32
C ALA D 14 -48.39 15.46 40.40
N PHE D 15 -47.27 16.08 40.05
CA PHE D 15 -46.46 16.80 41.02
C PHE D 15 -47.20 18.01 41.56
N ALA D 16 -47.89 18.74 40.69
CA ALA D 16 -48.70 19.87 41.14
C ALA D 16 -49.76 19.42 42.12
N THR D 17 -50.43 18.30 41.82
CA THR D 17 -51.43 17.76 42.73
C THR D 17 -50.82 17.43 44.08
N ALA D 18 -49.69 16.70 44.07
CA ALA D 18 -49.03 16.35 45.32
C ALA D 18 -48.65 17.59 46.13
N GLN D 19 -48.16 18.64 45.47
CA GLN D 19 -47.69 19.81 46.21
C GLN D 19 -48.87 20.61 46.76
N GLU D 20 -49.96 20.69 45.99
CA GLU D 20 -51.17 21.24 46.56
C GLU D 20 -51.61 20.48 47.79
N ALA D 21 -51.51 19.14 47.76
CA ALA D 21 -51.91 18.35 48.90
C ALA D 21 -51.02 18.64 50.12
N TYR D 22 -49.71 18.65 49.93
CA TYR D 22 -48.80 18.95 51.04
C TYR D 22 -49.00 20.36 51.56
N GLU D 23 -49.37 21.30 50.70
CA GLU D 23 -49.68 22.65 51.16
C GLU D 23 -50.93 22.65 52.02
N GLN D 24 -52.00 21.98 51.55
CA GLN D 24 -53.19 21.84 52.39
C GLN D 24 -52.85 21.21 53.73
N ALA D 25 -51.92 20.26 53.72
CA ALA D 25 -51.54 19.57 54.96
C ALA D 25 -50.87 20.54 55.93
N VAL D 26 -49.75 21.13 55.53
CA VAL D 26 -48.98 21.95 56.45
C VAL D 26 -49.73 23.24 56.79
N ALA D 27 -50.64 23.68 55.92
CA ALA D 27 -51.44 24.86 56.22
C ALA D 27 -52.65 24.54 57.10
N ASN D 28 -53.12 23.30 57.11
CA ASN D 28 -54.20 22.93 58.00
C ASN D 28 -53.71 22.46 59.35
N GLY D 29 -52.41 22.19 59.49
CA GLY D 29 -51.88 21.58 60.70
C GLY D 29 -52.62 20.29 61.00
N ASP D 30 -52.55 19.35 60.07
CA ASP D 30 -53.49 18.23 60.06
C ASP D 30 -53.28 17.04 60.98
N SER D 31 -52.26 16.23 60.71
CA SER D 31 -52.10 14.98 61.43
C SER D 31 -50.61 14.76 61.65
N GLU D 32 -50.22 13.50 61.87
CA GLU D 32 -48.83 13.09 61.88
C GLU D 32 -48.57 12.05 60.80
N VAL D 33 -49.47 11.07 60.68
CA VAL D 33 -49.36 10.05 59.64
C VAL D 33 -50.19 10.38 58.41
N VAL D 34 -51.25 11.17 58.56
CA VAL D 34 -52.07 11.53 57.41
C VAL D 34 -51.38 12.61 56.57
N LEU D 35 -50.54 13.44 57.17
CA LEU D 35 -49.62 14.26 56.39
C LEU D 35 -48.34 13.51 56.07
N LYS D 36 -48.09 12.37 56.71
CA LYS D 36 -47.08 11.43 56.24
C LYS D 36 -47.57 10.63 55.05
N LYS D 37 -48.84 10.78 54.68
CA LYS D 37 -49.34 10.22 53.44
C LYS D 37 -48.67 10.81 52.23
N LEU D 38 -48.57 12.14 52.15
CA LEU D 38 -48.03 12.82 50.97
C LEU D 38 -46.59 13.23 51.16
N LYS D 39 -45.72 12.28 51.52
CA LYS D 39 -44.34 12.31 51.07
C LYS D 39 -43.82 10.89 50.86
N LYS D 40 -44.49 9.90 51.44
CA LYS D 40 -44.39 8.53 50.95
C LYS D 40 -45.31 8.31 49.77
N SER D 41 -46.04 9.35 49.35
CA SER D 41 -46.74 9.35 48.08
C SER D 41 -46.50 10.65 47.33
N LEU D 42 -45.50 11.41 47.72
CA LEU D 42 -45.18 12.70 47.12
C LEU D 42 -43.72 12.73 46.68
N ASN D 43 -42.79 12.52 47.60
CA ASN D 43 -41.41 12.47 47.19
C ASN D 43 -41.17 11.32 46.22
N VAL D 44 -42.13 10.40 46.11
CA VAL D 44 -42.13 9.47 45.00
C VAL D 44 -42.58 10.16 43.73
N ALA D 45 -43.41 11.20 43.84
CA ALA D 45 -43.86 11.90 42.63
C ALA D 45 -42.74 12.72 42.00
N LYS D 46 -41.59 12.84 42.65
CA LYS D 46 -40.36 13.26 41.99
C LYS D 46 -39.38 12.10 41.87
N SER D 47 -39.80 10.90 42.27
CA SER D 47 -39.06 9.70 41.93
C SER D 47 -39.39 9.20 40.54
N GLU D 48 -40.58 9.49 40.03
CA GLU D 48 -40.89 9.24 38.63
C GLU D 48 -41.41 10.48 37.92
N PHE D 49 -41.04 11.67 38.42
CA PHE D 49 -41.03 12.85 37.57
C PHE D 49 -39.63 13.27 37.21
N ASP D 50 -38.70 13.20 38.14
CA ASP D 50 -37.35 13.65 37.92
C ASP D 50 -36.49 12.60 37.22
N ARG D 51 -37.08 11.51 36.76
CA ARG D 51 -36.38 10.54 35.95
C ARG D 51 -36.86 10.49 34.52
N ASP D 52 -38.19 10.40 34.31
CA ASP D 52 -38.73 10.63 33.00
C ASP D 52 -38.34 12.00 32.45
N ALA D 53 -38.23 13.01 33.31
CA ALA D 53 -37.70 14.30 32.90
C ALA D 53 -36.20 14.37 33.05
N ALA D 54 -35.54 13.23 33.23
CA ALA D 54 -34.10 13.17 33.18
C ALA D 54 -33.60 12.62 31.86
N MET D 55 -34.15 11.50 31.39
CA MET D 55 -33.70 10.92 30.13
C MET D 55 -34.14 11.71 28.91
N GLN D 56 -35.33 12.30 28.92
CA GLN D 56 -35.69 13.11 27.75
C GLN D 56 -34.89 14.39 27.73
N ARG D 57 -34.55 14.93 28.90
CA ARG D 57 -33.64 16.06 28.91
C ARG D 57 -32.25 15.65 28.44
N LYS D 58 -31.92 14.37 28.54
CA LYS D 58 -30.68 13.85 27.97
C LYS D 58 -30.76 13.83 26.45
N LEU D 59 -31.75 13.12 25.93
CA LEU D 59 -31.98 13.09 24.49
C LEU D 59 -32.02 14.48 23.89
N GLU D 60 -32.47 15.48 24.66
CA GLU D 60 -32.49 16.84 24.17
C GLU D 60 -31.13 17.25 23.61
N LYS D 61 -30.09 17.22 24.44
CA LYS D 61 -28.80 17.65 23.92
C LYS D 61 -28.06 16.56 23.19
N MET D 62 -28.38 15.28 23.41
CA MET D 62 -27.80 14.26 22.54
C MET D 62 -28.17 14.52 21.09
N ALA D 63 -29.45 14.81 20.83
CA ALA D 63 -29.88 15.14 19.48
C ALA D 63 -29.14 16.35 18.96
N ASP D 64 -28.96 17.38 19.79
CA ASP D 64 -28.34 18.58 19.26
C ASP D 64 -26.85 18.37 19.00
N GLN D 65 -26.17 17.56 19.80
CA GLN D 65 -24.76 17.31 19.53
C GLN D 65 -24.56 16.25 18.45
N ALA D 66 -25.61 15.56 18.03
CA ALA D 66 -25.48 14.81 16.79
C ALA D 66 -25.80 15.67 15.57
N MET D 67 -26.77 16.57 15.72
CA MET D 67 -27.13 17.45 14.61
C MET D 67 -26.00 18.39 14.28
N THR D 68 -25.33 18.95 15.29
CA THR D 68 -24.24 19.86 15.00
C THR D 68 -23.03 19.11 14.44
N GLN D 69 -22.83 17.87 14.85
CA GLN D 69 -21.78 17.07 14.24
C GLN D 69 -22.04 16.87 12.76
N MET D 70 -23.26 16.48 12.40
CA MET D 70 -23.52 16.24 11.00
C MET D 70 -23.60 17.53 10.20
N TYR D 71 -23.94 18.65 10.86
CA TYR D 71 -23.85 19.92 10.18
C TYR D 71 -22.41 20.26 9.84
N LYS D 72 -21.51 20.05 10.80
CA LYS D 72 -20.11 20.34 10.52
C LYS D 72 -19.57 19.40 9.45
N GLN D 73 -20.03 18.16 9.43
CA GLN D 73 -19.63 17.26 8.36
C GLN D 73 -20.12 17.73 7.01
N ALA D 74 -21.38 18.16 6.91
CA ALA D 74 -21.90 18.66 5.65
C ALA D 74 -21.15 19.90 5.19
N ARG D 75 -20.87 20.82 6.11
CA ARG D 75 -20.15 22.03 5.74
C ARG D 75 -18.74 21.70 5.28
N SER D 76 -18.07 20.77 5.95
CA SER D 76 -16.72 20.45 5.55
C SER D 76 -16.67 19.66 4.25
N GLU D 77 -17.71 18.92 3.91
CA GLU D 77 -17.73 18.20 2.65
C GLU D 77 -18.24 19.02 1.48
N ASP D 78 -18.93 20.13 1.73
CA ASP D 78 -19.19 21.03 0.62
C ASP D 78 -18.18 22.15 0.54
N LYS D 79 -17.27 22.25 1.51
CA LYS D 79 -16.24 23.27 1.44
C LYS D 79 -15.05 22.78 0.62
N ARG D 80 -14.70 21.51 0.75
CA ARG D 80 -13.62 20.93 -0.02
C ARG D 80 -14.07 20.45 -1.39
N ALA D 81 -15.26 20.83 -1.82
CA ALA D 81 -15.73 20.50 -3.15
C ALA D 81 -16.05 21.74 -3.96
N LYS D 82 -15.69 22.92 -3.46
CA LYS D 82 -15.80 24.15 -4.22
C LYS D 82 -14.50 24.93 -4.18
N VAL D 83 -13.39 24.26 -3.85
CA VAL D 83 -12.12 24.97 -3.69
C VAL D 83 -11.74 25.67 -4.99
N THR D 84 -11.89 24.98 -6.11
CA THR D 84 -11.45 25.51 -7.39
C THR D 84 -12.02 26.89 -7.68
N SER D 85 -13.21 27.16 -7.18
CA SER D 85 -13.82 28.47 -7.34
C SER D 85 -13.74 29.50 -6.23
N ALA D 86 -13.88 29.02 -5.00
CA ALA D 86 -13.60 29.85 -3.84
C ALA D 86 -12.21 30.43 -3.92
N MET D 87 -11.23 29.61 -4.30
CA MET D 87 -9.85 30.08 -4.38
C MET D 87 -9.70 31.17 -5.42
N GLN D 88 -10.30 30.99 -6.60
CA GLN D 88 -10.11 31.97 -7.65
C GLN D 88 -10.81 33.28 -7.33
N THR D 89 -12.03 33.21 -6.80
CA THR D 89 -12.71 34.45 -6.42
C THR D 89 -11.99 35.15 -5.29
N MET D 90 -11.46 34.40 -4.33
CA MET D 90 -10.69 35.02 -3.26
C MET D 90 -9.45 35.69 -3.81
N LEU D 91 -8.76 35.00 -4.71
CA LEU D 91 -7.55 35.57 -5.31
C LEU D 91 -7.86 36.87 -6.02
N PHE D 92 -8.95 36.91 -6.78
CA PHE D 92 -9.20 38.12 -7.55
C PHE D 92 -9.74 39.24 -6.69
N THR D 93 -10.42 38.93 -5.59
CA THR D 93 -10.79 39.98 -4.64
C THR D 93 -9.54 40.59 -4.04
N MET D 94 -8.62 39.76 -3.56
CA MET D 94 -7.40 40.33 -2.97
C MET D 94 -6.59 41.07 -4.02
N LEU D 95 -6.65 40.63 -5.27
CA LEU D 95 -5.92 41.31 -6.32
C LEU D 95 -6.45 42.70 -6.54
N ARG D 96 -7.77 42.83 -6.75
CA ARG D 96 -8.31 44.16 -6.94
C ARG D 96 -8.23 44.98 -5.67
N LYS D 97 -8.03 44.35 -4.52
CA LYS D 97 -7.81 45.11 -3.29
C LYS D 97 -6.39 45.63 -3.20
N LEU D 98 -5.43 44.92 -3.78
CA LEU D 98 -4.04 45.37 -3.73
C LEU D 98 -3.88 46.75 -4.34
N ASP D 99 -4.59 47.02 -5.44
CA ASP D 99 -4.48 48.27 -6.17
C ASP D 99 -3.03 48.60 -6.48
N ASN D 100 -2.44 47.85 -7.40
CA ASN D 100 -1.12 48.15 -7.93
C ASN D 100 -1.28 48.40 -9.42
N ASP D 101 -0.56 49.39 -9.94
CA ASP D 101 -0.73 49.75 -11.34
C ASP D 101 -0.19 48.68 -12.25
N ALA D 102 0.99 48.15 -11.95
CA ALA D 102 1.60 47.16 -12.82
C ALA D 102 0.77 45.89 -12.90
N LEU D 103 0.02 45.56 -11.85
CA LEU D 103 -0.82 44.38 -11.92
C LEU D 103 -2.14 44.68 -12.58
N ASN D 104 -2.74 45.84 -12.29
CA ASN D 104 -3.99 46.19 -12.93
C ASN D 104 -3.82 46.31 -14.42
N ASN D 105 -2.67 46.79 -14.87
CA ASN D 105 -2.40 46.90 -16.30
C ASN D 105 -2.54 45.54 -16.98
N ILE D 106 -1.81 44.55 -16.48
CA ILE D 106 -1.82 43.26 -17.14
C ILE D 106 -3.16 42.57 -16.94
N ILE D 107 -3.87 42.85 -15.86
CA ILE D 107 -5.15 42.17 -15.68
C ILE D 107 -6.20 42.74 -16.63
N ASN D 108 -6.23 44.06 -16.80
CA ASN D 108 -7.14 44.64 -17.77
C ASN D 108 -6.83 44.14 -19.17
N ASN D 109 -5.55 44.21 -19.55
CA ASN D 109 -5.15 43.69 -20.84
C ASN D 109 -5.65 42.26 -21.03
N ALA D 110 -5.42 41.40 -20.03
CA ALA D 110 -5.84 40.02 -20.16
C ALA D 110 -7.34 39.90 -20.29
N ARG D 111 -8.09 40.74 -19.57
CA ARG D 111 -9.53 40.63 -19.65
C ARG D 111 -10.05 41.06 -21.01
N ASP D 112 -9.29 41.88 -21.73
CA ASP D 112 -9.76 42.17 -23.08
C ASP D 112 -8.94 41.15 -23.88
N GLY D 113 -7.69 41.46 -24.21
CA GLY D 113 -6.95 40.55 -25.06
C GLY D 113 -5.48 40.24 -24.83
N CYS D 114 -4.65 41.24 -24.60
CA CYS D 114 -3.20 41.01 -24.58
C CYS D 114 -2.75 40.11 -23.45
N VAL D 115 -2.76 38.81 -23.66
CA VAL D 115 -2.17 37.88 -22.72
C VAL D 115 -0.71 37.69 -23.12
N PRO D 116 0.20 37.50 -22.18
CA PRO D 116 1.56 37.12 -22.56
C PRO D 116 1.60 35.67 -22.95
N LEU D 117 2.74 35.24 -23.46
CA LEU D 117 2.94 33.83 -23.78
C LEU D 117 4.01 33.19 -22.93
N ASN D 118 4.68 33.95 -22.07
CA ASN D 118 5.66 33.40 -21.15
C ASN D 118 5.79 34.34 -19.97
N ILE D 119 6.46 33.85 -18.93
CA ILE D 119 6.66 34.63 -17.71
C ILE D 119 7.30 35.96 -18.05
N ILE D 120 6.66 37.04 -17.65
CA ILE D 120 7.17 38.40 -17.84
C ILE D 120 8.53 38.52 -17.17
N PRO D 121 9.61 38.67 -17.93
CA PRO D 121 10.94 38.72 -17.33
C PRO D 121 11.26 40.09 -16.77
N LEU D 122 12.15 40.09 -15.78
CA LEU D 122 12.43 41.28 -14.99
C LEU D 122 13.72 41.99 -15.37
N THR D 123 14.65 41.31 -16.03
CA THR D 123 15.92 41.92 -16.36
C THR D 123 15.78 42.95 -17.47
N THR D 124 16.80 43.80 -17.60
CA THR D 124 16.81 44.81 -18.64
C THR D 124 17.21 44.17 -19.93
N ALA D 125 16.88 42.90 -20.07
CA ALA D 125 17.29 42.22 -21.25
C ALA D 125 16.31 41.35 -21.98
N ALA D 126 15.90 40.26 -21.34
CA ALA D 126 15.08 39.24 -21.97
C ALA D 126 13.81 39.57 -22.73
N LYS D 127 13.48 38.61 -23.59
CA LYS D 127 12.38 38.71 -24.49
C LYS D 127 11.05 38.37 -23.92
N LEU D 128 10.07 39.11 -24.35
CA LEU D 128 8.69 38.95 -23.94
C LEU D 128 7.80 38.88 -25.18
N MET D 129 6.88 37.92 -25.19
CA MET D 129 6.03 37.65 -26.33
C MET D 129 4.57 37.82 -25.92
N VAL D 130 3.91 38.82 -26.49
CA VAL D 130 2.54 39.14 -26.12
C VAL D 130 1.64 39.04 -27.33
N VAL D 131 0.45 38.53 -27.11
CA VAL D 131 -0.54 38.34 -28.17
C VAL D 131 -1.43 39.58 -28.24
N ILE D 132 -1.40 40.26 -29.38
CA ILE D 132 -2.27 41.40 -29.59
C ILE D 132 -3.38 40.96 -30.54
N PRO D 133 -4.63 41.01 -30.13
CA PRO D 133 -5.67 40.30 -30.87
C PRO D 133 -6.33 41.12 -31.97
N ASP D 134 -6.24 42.44 -31.91
CA ASP D 134 -6.83 43.30 -32.93
C ASP D 134 -6.00 44.56 -33.04
N TYR D 135 -6.53 45.57 -33.73
CA TYR D 135 -5.78 46.80 -33.90
C TYR D 135 -6.09 47.82 -32.81
N ASN D 136 -7.37 47.98 -32.47
CA ASN D 136 -7.76 48.92 -31.42
C ASN D 136 -6.86 48.75 -30.21
N THR D 137 -6.58 47.49 -29.87
CA THR D 137 -5.68 47.20 -28.77
C THR D 137 -4.27 47.68 -29.08
N TYR D 138 -3.78 47.41 -30.29
CA TYR D 138 -2.46 47.88 -30.68
C TYR D 138 -2.32 49.37 -30.49
N LYS D 139 -3.40 50.13 -30.70
CA LYS D 139 -3.34 51.57 -30.47
C LYS D 139 -2.88 51.88 -29.06
N ASN D 140 -3.56 51.28 -28.07
CA ASN D 140 -3.36 51.69 -26.68
C ASN D 140 -1.97 51.34 -26.18
N THR D 141 -1.46 50.17 -26.56
CA THR D 141 -0.16 49.73 -26.07
C THR D 141 0.95 50.24 -26.96
N CYS D 142 0.93 49.81 -28.22
CA CYS D 142 2.04 50.06 -29.13
C CYS D 142 1.89 51.42 -29.79
N ASP D 143 2.90 52.27 -29.64
CA ASP D 143 2.98 53.56 -30.33
C ASP D 143 4.36 53.63 -30.99
N GLY D 144 4.44 53.18 -32.24
CA GLY D 144 5.71 53.17 -32.93
C GLY D 144 6.59 52.03 -32.49
N THR D 145 7.74 52.34 -31.91
CA THR D 145 8.72 51.32 -31.56
C THR D 145 8.65 50.87 -30.10
N THR D 146 7.90 51.56 -29.26
CA THR D 146 7.86 51.26 -27.84
C THR D 146 6.55 50.57 -27.48
N PHE D 147 6.64 49.63 -26.55
CA PHE D 147 5.56 48.78 -26.10
C PHE D 147 5.39 49.01 -24.61
N THR D 148 4.24 49.50 -24.21
CA THR D 148 4.00 49.77 -22.79
C THR D 148 3.09 48.69 -22.24
N TYR D 149 3.63 47.87 -21.35
CA TYR D 149 2.92 46.72 -20.83
C TYR D 149 3.57 46.32 -19.52
N ALA D 150 2.72 46.07 -18.51
CA ALA D 150 3.17 45.81 -17.15
C ALA D 150 3.97 46.98 -16.61
N SER D 151 3.53 48.19 -16.95
CA SER D 151 4.13 49.42 -16.44
C SER D 151 5.63 49.46 -16.72
N ALA D 152 5.98 49.17 -17.97
CA ALA D 152 7.36 49.21 -18.41
C ALA D 152 7.37 49.49 -19.90
N LEU D 153 8.57 49.65 -20.45
CA LEU D 153 8.74 49.96 -21.86
C LEU D 153 9.57 48.87 -22.52
N TRP D 154 9.15 48.48 -23.71
CA TRP D 154 9.74 47.36 -24.42
C TRP D 154 9.89 47.75 -25.88
N GLU D 155 11.13 47.86 -26.36
CA GLU D 155 11.33 48.18 -27.77
C GLU D 155 10.97 46.95 -28.58
N ILE D 156 10.03 47.12 -29.51
CA ILE D 156 9.62 46.00 -30.34
C ILE D 156 10.68 45.56 -31.33
N GLN D 157 10.92 44.26 -31.38
CA GLN D 157 11.78 43.70 -32.40
C GLN D 157 11.19 42.77 -33.44
N GLN D 158 9.95 42.35 -33.30
CA GLN D 158 9.41 41.39 -34.24
C GLN D 158 7.93 41.58 -33.97
N VAL D 159 7.11 41.62 -35.02
CA VAL D 159 5.68 41.51 -34.80
C VAL D 159 5.41 40.59 -35.97
N VAL D 160 4.65 39.53 -35.72
CA VAL D 160 4.40 38.51 -36.72
C VAL D 160 2.93 38.13 -36.71
N ASP D 161 2.33 37.98 -37.89
CA ASP D 161 0.92 37.68 -37.97
C ASP D 161 0.64 36.27 -37.45
N ALA D 162 -0.64 35.88 -37.48
CA ALA D 162 -1.03 34.58 -36.98
C ALA D 162 -0.66 33.45 -37.93
N ASP D 163 -0.54 33.73 -39.22
CA ASP D 163 -0.03 32.76 -40.17
C ASP D 163 1.49 32.78 -40.26
N SER D 164 2.15 33.17 -39.17
CA SER D 164 3.58 33.00 -38.95
C SER D 164 4.45 33.86 -39.86
N LYS D 165 3.85 34.75 -40.64
CA LYS D 165 4.59 35.57 -41.60
C LYS D 165 4.98 36.88 -40.96
N ILE D 166 6.28 37.16 -40.90
CA ILE D 166 6.76 38.40 -40.30
C ILE D 166 6.04 39.58 -40.94
N VAL D 167 5.73 40.58 -40.11
CA VAL D 167 5.08 41.80 -40.56
C VAL D 167 5.82 42.97 -39.92
N GLN D 168 6.60 43.69 -40.72
CA GLN D 168 7.30 44.86 -40.20
C GLN D 168 6.29 45.92 -39.75
N LEU D 169 6.81 46.94 -39.09
CA LEU D 169 5.98 47.77 -38.22
C LEU D 169 4.97 48.71 -38.88
N SER D 170 5.46 49.70 -39.63
CA SER D 170 4.61 50.80 -40.07
C SER D 170 3.64 50.30 -41.13
N GLU D 171 3.76 49.04 -41.54
CA GLU D 171 2.67 48.39 -42.24
C GLU D 171 1.37 48.50 -41.46
N ILE D 172 1.43 48.51 -40.13
CA ILE D 172 0.24 48.45 -39.28
C ILE D 172 -0.37 49.84 -39.17
N SER D 173 -1.64 49.95 -39.55
CA SER D 173 -2.45 51.13 -39.26
C SER D 173 -3.90 50.69 -39.30
N MET D 174 -4.80 51.61 -39.66
CA MET D 174 -6.23 51.29 -39.51
C MET D 174 -6.97 50.43 -40.52
N ASP D 175 -7.11 50.91 -41.76
CA ASP D 175 -8.00 50.23 -42.71
C ASP D 175 -7.05 49.26 -43.40
N ASN D 176 -5.74 49.48 -43.26
CA ASN D 176 -4.77 48.47 -43.68
C ASN D 176 -4.59 47.40 -42.62
N SER D 177 -5.49 47.32 -41.62
CA SER D 177 -5.41 46.23 -40.65
C SER D 177 -6.32 45.06 -41.00
N PRO D 178 -7.50 45.24 -41.63
CA PRO D 178 -8.21 44.07 -42.16
C PRO D 178 -7.44 43.40 -43.28
N ASN D 179 -6.12 43.36 -43.13
CA ASN D 179 -5.20 42.75 -44.09
C ASN D 179 -4.45 41.56 -43.51
N LEU D 180 -4.43 41.39 -42.20
CA LEU D 180 -3.55 40.43 -41.54
C LEU D 180 -4.35 39.55 -40.60
N ALA D 181 -3.94 38.28 -40.50
CA ALA D 181 -4.51 37.39 -39.50
C ALA D 181 -4.21 37.96 -38.13
N TRP D 182 -5.25 38.38 -37.42
CA TRP D 182 -5.04 39.43 -36.42
C TRP D 182 -4.44 39.01 -35.08
N PRO D 183 -4.54 37.76 -34.63
CA PRO D 183 -3.82 37.44 -33.40
C PRO D 183 -2.32 37.61 -33.55
N LEU D 184 -1.89 38.85 -33.71
CA LEU D 184 -0.47 39.15 -33.84
C LEU D 184 0.26 38.78 -32.57
N ILE D 185 1.58 38.62 -32.68
CA ILE D 185 2.40 38.15 -31.58
C ILE D 185 3.65 39.05 -31.53
N VAL D 186 3.58 40.10 -30.74
CA VAL D 186 4.68 41.05 -30.63
C VAL D 186 5.77 40.44 -29.76
N THR D 187 7.01 40.53 -30.24
CA THR D 187 8.17 40.28 -29.41
C THR D 187 8.73 41.63 -28.97
N ALA D 188 9.33 41.65 -27.78
CA ALA D 188 9.91 42.90 -27.33
C ALA D 188 10.94 42.63 -26.25
N LEU D 189 11.73 43.66 -25.96
CA LEU D 189 12.78 43.59 -24.96
C LEU D 189 12.60 44.74 -23.98
N ARG D 190 12.79 44.44 -22.70
CA ARG D 190 12.62 45.45 -21.67
C ARG D 190 13.57 46.60 -21.89
N ALA D 191 13.10 47.80 -21.61
CA ALA D 191 13.93 48.99 -21.78
C ALA D 191 15.07 49.01 -20.77
N VAL G 2 -26.21 18.62 0.17
CA VAL G 2 -26.96 19.56 0.99
C VAL G 2 -27.56 20.66 0.14
N GLY G 3 -28.83 20.53 -0.18
CA GLY G 3 -29.51 21.50 -1.02
C GLY G 3 -30.95 21.64 -0.64
N ALA G 4 -31.75 22.12 -1.58
CA ALA G 4 -33.16 22.36 -1.35
C ALA G 4 -33.98 21.18 -1.84
N CYS G 5 -34.98 20.79 -1.06
CA CYS G 5 -35.78 19.63 -1.40
C CYS G 5 -36.74 19.95 -2.54
N VAL G 6 -37.16 18.92 -3.26
CA VAL G 6 -38.07 19.12 -4.38
C VAL G 6 -39.41 19.66 -3.88
N LEU G 7 -40.13 18.87 -3.08
CA LEU G 7 -41.50 19.21 -2.75
C LEU G 7 -41.60 20.41 -1.82
N CYS G 8 -40.47 20.94 -1.35
CA CYS G 8 -40.47 21.99 -0.34
C CYS G 8 -39.61 23.19 -0.71
N ASN G 9 -38.48 22.98 -1.37
CA ASN G 9 -37.49 24.03 -1.70
C ASN G 9 -36.83 24.58 -0.45
N SER G 10 -37.01 23.95 0.69
CA SER G 10 -36.28 24.31 1.89
C SER G 10 -34.99 23.51 1.97
N GLN G 11 -33.97 24.13 2.53
CA GLN G 11 -32.64 23.55 2.52
C GLN G 11 -32.60 22.29 3.39
N THR G 12 -32.35 21.15 2.77
CA THR G 12 -32.38 19.88 3.48
C THR G 12 -31.11 19.09 3.22
N SER G 13 -31.01 17.96 3.88
CA SER G 13 -29.84 17.10 3.74
C SER G 13 -30.10 15.62 3.53
N LEU G 14 -31.34 15.19 3.35
CA LEU G 14 -31.68 13.79 3.20
C LEU G 14 -31.99 13.48 1.74
N ARG G 15 -31.63 12.27 1.32
CA ARG G 15 -31.87 11.82 -0.04
C ARG G 15 -32.43 10.41 0.03
N CYS G 16 -33.63 10.21 -0.53
CA CYS G 16 -34.28 8.91 -0.49
C CYS G 16 -33.40 7.86 -1.14
N GLY G 17 -33.01 6.86 -0.36
CA GLY G 17 -32.03 5.88 -0.80
C GLY G 17 -32.59 4.84 -1.74
N ALA G 18 -33.74 4.27 -1.40
CA ALA G 18 -34.40 3.33 -2.29
C ALA G 18 -34.92 4.00 -3.55
N CYS G 19 -35.04 5.33 -3.54
CA CYS G 19 -35.51 6.04 -4.71
C CYS G 19 -34.40 6.09 -5.76
N ILE G 20 -34.80 6.11 -7.03
CA ILE G 20 -33.85 5.83 -8.11
C ILE G 20 -32.85 6.96 -8.26
N ARG G 21 -33.35 8.18 -8.40
CA ARG G 21 -32.51 9.33 -8.70
C ARG G 21 -32.13 10.10 -7.45
N ARG G 22 -32.64 9.68 -6.28
CA ARG G 22 -32.33 10.24 -4.97
C ARG G 22 -32.36 11.76 -4.83
N PRO G 23 -33.49 12.41 -5.06
CA PRO G 23 -33.57 13.85 -4.83
C PRO G 23 -33.55 14.30 -3.38
N PHE G 24 -33.09 15.52 -3.19
CA PHE G 24 -33.09 16.08 -1.85
C PHE G 24 -34.51 16.14 -1.32
N LEU G 25 -34.72 15.65 -0.11
CA LEU G 25 -36.03 15.65 0.50
C LEU G 25 -36.00 16.35 1.84
N CYS G 26 -37.06 17.08 2.10
CA CYS G 26 -37.25 17.90 3.28
C CYS G 26 -37.82 17.07 4.42
N CYS G 27 -37.42 17.38 5.65
CA CYS G 27 -37.68 16.51 6.81
C CYS G 27 -39.13 16.05 6.85
N LYS G 28 -40.07 16.97 7.00
CA LYS G 28 -41.49 16.59 6.96
C LYS G 28 -41.86 16.04 5.60
N CYS G 29 -41.40 16.69 4.54
CA CYS G 29 -41.64 16.26 3.17
C CYS G 29 -41.01 14.90 2.88
N CYS G 30 -39.81 14.65 3.43
CA CYS G 30 -39.21 13.33 3.30
C CYS G 30 -40.02 12.27 4.02
N TYR G 31 -40.53 12.62 5.20
CA TYR G 31 -41.36 11.68 5.94
C TYR G 31 -42.63 11.34 5.16
N ASP G 32 -43.27 12.36 4.59
CA ASP G 32 -44.42 12.12 3.72
C ASP G 32 -44.05 11.17 2.58
N HIS G 33 -42.89 11.33 1.97
CA HIS G 33 -42.53 10.37 0.93
C HIS G 33 -42.29 8.98 1.51
N VAL G 34 -41.78 8.89 2.74
CA VAL G 34 -41.40 7.58 3.26
C VAL G 34 -42.62 6.82 3.79
N ILE G 35 -43.72 7.52 4.11
CA ILE G 35 -44.86 6.84 4.72
C ILE G 35 -45.72 6.05 3.75
N SER G 36 -45.51 6.19 2.45
CA SER G 36 -46.46 5.63 1.49
C SER G 36 -45.80 4.72 0.46
N THR G 37 -44.53 4.35 0.64
CA THR G 37 -43.82 3.56 -0.35
C THR G 37 -42.99 2.50 0.36
N SER G 38 -42.23 1.74 -0.42
CA SER G 38 -41.11 0.97 0.10
C SER G 38 -39.80 1.75 0.04
N HIS G 39 -39.84 3.01 -0.42
CA HIS G 39 -38.70 3.89 -0.32
C HIS G 39 -38.49 4.16 1.16
N LYS G 40 -37.88 3.20 1.86
CA LYS G 40 -37.82 3.23 3.30
C LYS G 40 -36.38 3.31 3.79
N LEU G 41 -35.45 3.66 2.91
CA LEU G 41 -34.07 3.92 3.25
C LEU G 41 -33.75 5.36 2.86
N VAL G 42 -33.12 6.10 3.77
CA VAL G 42 -32.84 7.51 3.56
C VAL G 42 -31.40 7.77 3.95
N LEU G 43 -30.67 8.47 3.09
CA LEU G 43 -29.28 8.81 3.33
C LEU G 43 -29.18 10.27 3.74
N SER G 44 -28.45 10.52 4.82
CA SER G 44 -28.04 11.87 5.15
C SER G 44 -26.54 11.88 4.91
N VAL G 45 -25.82 12.87 5.44
CA VAL G 45 -24.37 12.84 5.32
C VAL G 45 -23.77 11.45 5.44
N ASN G 46 -24.37 10.60 6.26
CA ASN G 46 -24.14 9.18 6.32
C ASN G 46 -25.45 8.44 6.13
N PRO G 47 -25.40 7.19 5.69
CA PRO G 47 -26.65 6.46 5.47
C PRO G 47 -27.28 6.08 6.80
N TYR G 48 -28.61 6.13 6.84
CA TYR G 48 -29.35 5.77 8.04
C TYR G 48 -29.52 4.25 8.04
N VAL G 49 -28.52 3.54 8.57
CA VAL G 49 -28.57 2.10 8.72
C VAL G 49 -27.82 1.73 10.00
N CYS G 50 -28.22 0.61 10.61
CA CYS G 50 -27.68 0.22 11.90
C CYS G 50 -26.21 -0.13 11.75
N ASN G 51 -25.34 0.70 12.29
CA ASN G 51 -23.91 0.46 12.15
C ASN G 51 -23.35 -0.38 13.29
N ALA G 52 -24.19 -1.13 13.99
CA ALA G 52 -23.68 -2.20 14.83
C ALA G 52 -22.98 -3.21 13.95
N PRO G 53 -21.77 -3.64 14.30
CA PRO G 53 -20.96 -4.43 13.37
C PRO G 53 -21.69 -5.64 12.82
N GLY G 54 -21.93 -5.62 11.52
CA GLY G 54 -22.59 -6.73 10.85
C GLY G 54 -24.06 -6.90 11.17
N CYS G 55 -24.88 -5.91 10.85
CA CYS G 55 -26.31 -6.04 10.99
C CYS G 55 -26.98 -6.08 9.62
N ASP G 56 -28.31 -6.10 9.66
CA ASP G 56 -29.12 -6.32 8.47
C ASP G 56 -30.19 -5.26 8.27
N VAL G 57 -30.56 -4.55 9.32
CA VAL G 57 -31.74 -3.68 9.29
C VAL G 57 -31.41 -2.41 8.51
N THR G 58 -32.34 -1.98 7.64
CA THR G 58 -32.12 -0.82 6.80
C THR G 58 -33.34 0.06 6.57
N ASP G 59 -34.52 -0.30 7.08
CA ASP G 59 -35.66 0.61 7.04
C ASP G 59 -35.41 1.76 8.01
N VAL G 60 -36.00 2.92 7.73
CA VAL G 60 -35.66 4.12 8.48
C VAL G 60 -36.30 4.12 9.86
N THR G 61 -37.64 4.07 9.92
CA THR G 61 -38.34 4.06 11.20
C THR G 61 -37.91 2.88 12.06
N GLN G 62 -37.26 1.90 11.46
CA GLN G 62 -36.76 0.71 12.12
C GLN G 62 -35.54 1.01 12.99
N LEU G 63 -35.10 2.27 13.04
CA LEU G 63 -33.85 2.66 13.68
C LEU G 63 -34.05 3.76 14.71
N TYR G 64 -33.16 3.80 15.70
CA TYR G 64 -33.13 4.81 16.76
C TYR G 64 -31.74 5.41 16.86
N LEU G 65 -31.67 6.67 17.28
CA LEU G 65 -30.42 7.41 17.37
C LEU G 65 -29.64 6.93 18.59
N GLY G 66 -28.54 6.23 18.35
CA GLY G 66 -27.65 5.83 19.42
C GLY G 66 -27.15 7.25 19.46
N GLY G 67 -25.94 7.45 20.00
CA GLY G 67 -25.35 8.76 20.10
C GLY G 67 -24.68 9.07 18.78
N MET G 68 -23.47 8.53 18.59
CA MET G 68 -22.70 8.70 17.37
C MET G 68 -23.12 7.73 16.28
N SER G 69 -24.28 7.09 16.43
CA SER G 69 -24.62 6.03 15.51
C SER G 69 -26.13 5.91 15.41
N TYR G 70 -26.56 4.99 14.55
CA TYR G 70 -27.96 4.67 14.38
C TYR G 70 -28.08 3.16 14.53
N TYR G 71 -29.04 2.71 15.33
CA TYR G 71 -29.12 1.30 15.66
C TYR G 71 -30.53 0.81 15.48
N CYS G 72 -30.68 -0.49 15.28
CA CYS G 72 -31.97 -1.12 15.46
C CYS G 72 -32.23 -1.34 16.95
N LYS G 73 -33.47 -1.72 17.23
CA LYS G 73 -33.85 -2.10 18.59
C LYS G 73 -33.00 -3.27 19.08
N SER G 74 -32.61 -4.15 18.18
CA SER G 74 -31.75 -5.28 18.53
C SER G 74 -30.35 -4.86 18.84
N HIS G 75 -30.08 -3.57 18.67
CA HIS G 75 -28.76 -3.05 18.92
C HIS G 75 -28.77 -1.76 19.74
N LYS G 76 -29.92 -1.09 19.86
CA LYS G 76 -29.95 0.24 20.42
C LYS G 76 -29.45 0.23 21.85
N PRO G 77 -28.65 1.23 22.21
CA PRO G 77 -28.23 1.36 23.60
C PRO G 77 -29.41 1.79 24.44
N PRO G 78 -29.35 1.60 25.75
CA PRO G 78 -30.48 2.01 26.61
C PRO G 78 -30.93 3.43 26.36
N ILE G 79 -29.99 4.33 26.09
CA ILE G 79 -30.31 5.71 25.74
C ILE G 79 -30.43 5.80 24.23
N SER G 80 -31.67 5.77 23.73
CA SER G 80 -31.94 5.84 22.31
C SER G 80 -32.92 6.98 22.04
N PHE G 81 -33.29 7.12 20.79
CA PHE G 81 -34.13 8.21 20.33
C PHE G 81 -34.52 7.88 18.91
N PRO G 82 -35.77 7.50 18.67
CA PRO G 82 -36.16 7.03 17.33
C PRO G 82 -35.96 8.11 16.28
N LEU G 83 -35.26 7.75 15.19
CA LEU G 83 -34.99 8.73 14.15
C LEU G 83 -36.27 9.24 13.52
N CYS G 84 -37.12 8.35 13.04
CA CYS G 84 -38.32 8.73 12.32
C CYS G 84 -39.45 8.80 13.34
N ALA G 85 -39.81 10.02 13.71
CA ALA G 85 -40.87 10.26 14.67
C ALA G 85 -41.39 11.67 14.46
N ASN G 86 -42.25 12.11 15.36
CA ASN G 86 -42.73 13.48 15.39
C ASN G 86 -43.41 13.91 14.10
N GLY G 87 -43.68 12.97 13.20
CA GLY G 87 -44.12 13.37 11.88
C GLY G 87 -43.05 14.10 11.12
N GLN G 88 -41.79 13.91 11.51
CA GLN G 88 -40.67 14.64 10.93
C GLN G 88 -39.38 13.84 11.11
N VAL G 89 -38.79 13.37 10.02
CA VAL G 89 -37.62 12.50 10.09
C VAL G 89 -36.39 13.32 10.46
N PHE G 90 -35.49 12.72 11.23
CA PHE G 90 -34.40 13.45 11.85
C PHE G 90 -33.31 13.76 10.84
N GLY G 91 -33.10 15.04 10.57
CA GLY G 91 -32.02 15.47 9.68
C GLY G 91 -31.71 16.92 9.94
N LEU G 92 -30.77 17.45 9.15
CA LEU G 92 -30.43 18.85 9.27
C LEU G 92 -31.62 19.72 8.88
N TYR G 93 -31.65 20.93 9.44
CA TYR G 93 -32.71 21.90 9.18
C TYR G 93 -34.08 21.34 9.55
N LYS G 94 -34.16 20.73 10.74
CA LYS G 94 -35.39 20.05 11.12
C LYS G 94 -36.51 21.03 11.41
N ASN G 95 -36.21 22.33 11.36
CA ASN G 95 -37.23 23.33 11.66
C ASN G 95 -37.92 23.83 10.40
N THR G 96 -37.15 24.03 9.33
CA THR G 96 -37.66 24.61 8.09
C THR G 96 -38.20 23.50 7.19
N CYS G 97 -39.42 23.08 7.49
CA CYS G 97 -40.07 22.01 6.74
C CYS G 97 -41.52 22.37 6.50
N VAL G 98 -41.93 22.38 5.23
CA VAL G 98 -43.26 22.83 4.87
C VAL G 98 -44.11 21.72 4.24
N GLY G 99 -43.52 20.76 3.55
CA GLY G 99 -44.26 19.63 3.02
C GLY G 99 -45.29 20.03 1.98
N SER G 100 -45.96 19.02 1.46
CA SER G 100 -47.15 19.19 0.64
C SER G 100 -48.19 18.17 1.11
N ASP G 101 -49.43 18.64 1.25
CA ASP G 101 -50.46 17.79 1.83
C ASP G 101 -50.67 16.52 1.01
N ASN G 102 -50.64 16.65 -0.32
CA ASN G 102 -50.81 15.52 -1.22
C ASN G 102 -49.54 15.37 -2.04
N VAL G 103 -48.64 14.51 -1.56
CA VAL G 103 -47.41 14.19 -2.27
C VAL G 103 -47.50 12.87 -3.01
N THR G 104 -48.63 12.18 -2.96
CA THR G 104 -48.79 10.95 -3.72
C THR G 104 -48.58 11.18 -5.21
N ASP G 105 -48.66 12.43 -5.63
CA ASP G 105 -48.01 12.85 -6.87
C ASP G 105 -46.52 12.48 -6.88
N PHE G 106 -45.76 12.88 -5.86
CA PHE G 106 -44.33 12.57 -5.83
C PHE G 106 -44.10 11.08 -5.66
N ASN G 107 -44.76 10.46 -4.67
CA ASN G 107 -44.64 9.02 -4.46
C ASN G 107 -45.03 8.26 -5.71
N ALA G 108 -46.02 8.75 -6.44
CA ALA G 108 -46.48 8.09 -7.64
C ALA G 108 -45.42 8.12 -8.71
N ILE G 109 -44.76 9.27 -8.88
CA ILE G 109 -43.61 9.32 -9.79
C ILE G 109 -42.51 8.38 -9.32
N ALA G 110 -42.21 8.39 -8.01
CA ALA G 110 -41.16 7.53 -7.49
C ALA G 110 -41.53 6.05 -7.55
N THR G 111 -42.77 5.71 -7.21
CA THR G 111 -43.22 4.33 -7.32
C THR G 111 -43.62 3.97 -8.74
N CYS G 112 -43.43 4.87 -9.69
CA CYS G 112 -43.72 4.62 -11.09
C CYS G 112 -42.61 3.78 -11.73
N ASP G 113 -42.93 2.56 -12.13
CA ASP G 113 -41.98 1.72 -12.83
C ASP G 113 -42.01 1.92 -14.34
N TRP G 114 -42.89 2.81 -14.83
CA TRP G 114 -42.95 3.17 -16.25
C TRP G 114 -43.31 1.95 -17.11
N THR G 115 -44.57 1.54 -17.02
CA THR G 115 -45.09 0.46 -17.85
C THR G 115 -46.26 0.90 -18.74
N ASN G 116 -47.23 1.61 -18.17
CA ASN G 116 -48.43 2.01 -18.88
C ASN G 116 -48.31 3.45 -19.39
N ALA G 117 -49.30 3.86 -20.19
CA ALA G 117 -49.38 5.26 -20.59
C ALA G 117 -49.72 6.15 -19.41
N GLY G 118 -50.39 5.58 -18.41
CA GLY G 118 -50.60 6.31 -17.16
C GLY G 118 -49.30 6.82 -16.57
N ASP G 119 -48.21 6.08 -16.77
CA ASP G 119 -46.90 6.53 -16.31
C ASP G 119 -46.53 7.88 -16.92
N TYR G 120 -46.76 8.06 -18.22
CA TYR G 120 -46.35 9.31 -18.84
C TYR G 120 -47.40 10.39 -18.70
N ILE G 121 -48.67 10.01 -18.52
CA ILE G 121 -49.65 10.96 -18.01
C ILE G 121 -49.20 11.53 -16.68
N LEU G 122 -48.60 10.69 -15.84
CA LEU G 122 -47.93 11.18 -14.64
C LEU G 122 -46.78 12.11 -15.02
N ALA G 123 -45.91 11.65 -15.92
CA ALA G 123 -44.69 12.39 -16.26
C ALA G 123 -44.97 13.79 -16.76
N ASN G 124 -46.08 14.00 -17.48
CA ASN G 124 -46.45 15.33 -17.95
C ASN G 124 -47.42 16.05 -17.02
N THR G 125 -48.58 15.45 -16.74
CA THR G 125 -49.59 16.09 -15.91
C THR G 125 -49.15 16.24 -14.46
N CYS G 126 -47.86 16.05 -14.19
CA CYS G 126 -47.28 16.30 -12.88
C CYS G 126 -47.04 17.79 -12.69
N THR G 127 -46.10 18.12 -11.79
CA THR G 127 -45.87 19.51 -11.42
C THR G 127 -44.39 19.49 -11.77
N GLU G 128 -43.74 20.66 -11.70
CA GLU G 128 -42.36 20.74 -12.16
C GLU G 128 -41.05 20.02 -11.83
N ARG G 129 -40.52 20.18 -10.61
CA ARG G 129 -39.36 19.36 -10.27
C ARG G 129 -39.74 17.89 -10.34
N LEU G 130 -41.03 17.60 -10.18
CA LEU G 130 -41.57 16.34 -10.64
C LEU G 130 -41.27 16.09 -12.11
N LYS G 131 -41.39 17.11 -12.95
CA LYS G 131 -41.19 16.88 -14.38
C LYS G 131 -39.74 16.51 -14.68
N LEU G 132 -38.78 17.20 -14.06
CA LEU G 132 -37.39 16.86 -14.34
C LEU G 132 -37.03 15.53 -13.71
N PHE G 133 -37.50 15.29 -12.48
CA PHE G 133 -37.35 13.98 -11.86
C PHE G 133 -37.92 12.89 -12.76
N ALA G 134 -39.08 13.14 -13.37
CA ALA G 134 -39.71 12.13 -14.20
C ALA G 134 -38.88 11.82 -15.42
N ALA G 135 -38.54 12.84 -16.22
CA ALA G 135 -37.77 12.59 -17.43
C ALA G 135 -36.45 11.91 -17.10
N GLU G 136 -35.80 12.35 -16.03
CA GLU G 136 -34.52 11.80 -15.64
C GLU G 136 -34.66 10.36 -15.14
N THR G 137 -35.79 10.04 -14.49
CA THR G 137 -36.04 8.67 -14.06
C THR G 137 -36.25 7.77 -15.27
N LEU G 138 -37.02 8.25 -16.25
CA LEU G 138 -37.16 7.50 -17.50
C LEU G 138 -35.78 7.18 -18.03
N LYS G 139 -34.97 8.21 -18.29
CA LYS G 139 -33.66 7.96 -18.90
C LYS G 139 -32.85 6.99 -18.06
N ALA G 140 -32.77 7.22 -16.75
CA ALA G 140 -31.97 6.37 -15.88
C ALA G 140 -32.37 4.91 -15.98
N THR G 141 -33.67 4.63 -15.86
CA THR G 141 -34.12 3.25 -15.87
C THR G 141 -33.99 2.63 -17.26
N GLU G 142 -33.98 3.47 -18.30
CA GLU G 142 -33.78 2.88 -19.62
C GLU G 142 -32.31 2.64 -19.96
N GLU G 143 -31.38 3.45 -19.46
CA GLU G 143 -29.98 3.05 -19.68
C GLU G 143 -29.60 1.91 -18.75
N THR G 144 -30.35 1.72 -17.66
CA THR G 144 -30.24 0.47 -16.92
C THR G 144 -30.95 -0.67 -17.65
N PHE G 145 -32.00 -0.35 -18.41
CA PHE G 145 -32.68 -1.32 -19.26
C PHE G 145 -31.71 -1.97 -20.23
N LYS G 146 -31.03 -1.14 -21.03
CA LYS G 146 -30.35 -1.68 -22.21
C LYS G 146 -29.29 -2.71 -21.81
N LEU G 147 -28.71 -2.55 -20.63
CA LEU G 147 -27.59 -3.40 -20.22
C LEU G 147 -28.03 -4.61 -19.42
N SER G 148 -29.34 -4.89 -19.33
CA SER G 148 -29.80 -6.19 -18.84
C SER G 148 -29.63 -7.28 -19.88
N TYR G 149 -28.84 -7.03 -20.91
CA TYR G 149 -28.77 -7.87 -22.08
C TYR G 149 -27.33 -8.33 -22.34
N GLY G 150 -27.20 -9.27 -23.26
CA GLY G 150 -25.94 -9.99 -23.41
C GLY G 150 -24.83 -9.11 -23.95
N ILE G 151 -23.61 -9.62 -23.84
CA ILE G 151 -22.46 -8.99 -24.46
C ILE G 151 -22.27 -9.56 -25.85
N ALA G 152 -22.47 -8.71 -26.86
CA ALA G 152 -22.52 -9.16 -28.25
C ALA G 152 -21.11 -9.54 -28.70
N THR G 153 -20.71 -10.77 -28.44
CA THR G 153 -19.41 -11.27 -28.86
C THR G 153 -19.47 -11.72 -30.32
N VAL G 154 -18.73 -11.04 -31.18
CA VAL G 154 -18.42 -11.57 -32.50
C VAL G 154 -17.29 -12.58 -32.30
N ARG G 155 -17.63 -13.87 -32.39
CA ARG G 155 -16.70 -14.88 -31.95
C ARG G 155 -16.15 -15.70 -33.10
N GLU G 156 -16.80 -15.58 -34.27
CA GLU G 156 -16.22 -15.94 -35.55
C GLU G 156 -16.52 -14.80 -36.52
N VAL G 157 -15.68 -14.66 -37.52
CA VAL G 157 -15.89 -13.71 -38.60
C VAL G 157 -15.90 -14.49 -39.91
N LEU G 158 -16.99 -14.40 -40.67
CA LEU G 158 -17.06 -15.12 -41.94
C LEU G 158 -16.74 -14.19 -43.10
N SER G 159 -17.66 -13.28 -43.40
CA SER G 159 -17.53 -12.37 -44.54
C SER G 159 -17.77 -10.94 -44.08
N ASP G 160 -17.70 -9.99 -45.01
CA ASP G 160 -17.99 -8.60 -44.69
C ASP G 160 -19.50 -8.39 -44.68
N ARG G 161 -19.96 -7.40 -43.91
CA ARG G 161 -21.39 -7.13 -43.69
C ARG G 161 -22.09 -8.30 -43.01
N GLU G 162 -21.33 -9.25 -42.46
CA GLU G 162 -21.87 -10.41 -41.77
C GLU G 162 -20.94 -10.74 -40.61
N LEU G 163 -21.49 -11.31 -39.54
CA LEU G 163 -20.70 -11.74 -38.40
C LEU G 163 -21.28 -13.04 -37.86
N HIS G 164 -20.42 -13.80 -37.17
CA HIS G 164 -20.85 -14.88 -36.29
C HIS G 164 -20.82 -14.33 -34.88
N LEU G 165 -21.98 -14.26 -34.23
CA LEU G 165 -22.16 -13.46 -33.03
C LEU G 165 -23.05 -14.19 -32.05
N SER G 166 -22.60 -14.27 -30.80
CA SER G 166 -23.38 -14.73 -29.66
C SER G 166 -23.39 -13.64 -28.59
N TRP G 167 -23.96 -13.96 -27.43
CA TRP G 167 -24.06 -12.99 -26.35
C TRP G 167 -23.85 -13.68 -25.01
N GLU G 168 -24.10 -12.92 -23.94
CA GLU G 168 -23.88 -13.42 -22.60
C GLU G 168 -25.03 -14.31 -22.14
N VAL G 169 -24.97 -14.75 -20.88
CA VAL G 169 -25.87 -15.77 -20.38
C VAL G 169 -27.05 -15.14 -19.65
N GLY G 170 -28.21 -15.79 -19.75
CA GLY G 170 -29.37 -15.51 -18.95
C GLY G 170 -30.18 -14.30 -19.37
N LYS G 171 -29.74 -13.57 -20.39
CA LYS G 171 -30.30 -12.27 -20.70
C LYS G 171 -31.09 -12.37 -22.01
N PRO G 172 -32.23 -11.65 -22.10
CA PRO G 172 -32.98 -11.64 -23.38
C PRO G 172 -32.23 -10.87 -24.45
N ARG G 173 -32.89 -10.56 -25.57
CA ARG G 173 -31.90 -10.07 -26.50
C ARG G 173 -32.33 -8.68 -26.99
N PRO G 174 -31.40 -7.77 -27.27
CA PRO G 174 -31.80 -6.45 -27.76
C PRO G 174 -32.45 -6.57 -29.13
N PRO G 175 -33.27 -5.58 -29.51
CA PRO G 175 -34.02 -5.68 -30.76
C PRO G 175 -33.16 -5.51 -32.01
N LEU G 176 -33.80 -5.18 -33.14
CA LEU G 176 -33.27 -5.52 -34.44
C LEU G 176 -32.58 -4.36 -35.16
N ASN G 177 -32.92 -3.11 -34.83
CA ASN G 177 -32.45 -1.98 -35.64
C ASN G 177 -31.85 -0.89 -34.76
N ARG G 178 -31.70 0.30 -35.37
CA ARG G 178 -30.68 1.27 -35.00
C ARG G 178 -31.12 2.39 -34.05
N ASN G 179 -32.31 2.30 -33.47
CA ASN G 179 -32.56 3.17 -32.31
C ASN G 179 -31.72 2.71 -31.12
N TYR G 180 -31.23 1.48 -31.18
CA TYR G 180 -30.40 0.89 -30.13
C TYR G 180 -29.06 0.58 -30.79
N VAL G 181 -28.27 1.63 -30.99
CA VAL G 181 -26.97 1.54 -31.63
C VAL G 181 -25.95 1.17 -30.58
N PHE G 182 -25.19 0.11 -30.83
CA PHE G 182 -24.19 -0.34 -29.88
C PHE G 182 -22.95 0.55 -30.06
N THR G 183 -21.97 0.37 -29.18
CA THR G 183 -20.69 1.06 -29.34
C THR G 183 -19.64 0.22 -28.62
N GLY G 184 -19.29 -0.91 -29.22
CA GLY G 184 -18.40 -1.85 -28.58
C GLY G 184 -16.97 -1.33 -28.54
N TYR G 185 -16.15 -2.03 -27.76
CA TYR G 185 -14.76 -1.67 -27.56
C TYR G 185 -13.98 -2.96 -27.31
N ARG G 186 -12.72 -2.99 -27.78
CA ARG G 186 -11.95 -4.23 -27.86
C ARG G 186 -10.98 -4.32 -26.69
N VAL G 187 -10.53 -5.54 -26.40
CA VAL G 187 -9.56 -5.79 -25.33
C VAL G 187 -8.21 -6.14 -25.93
N THR G 188 -7.19 -6.13 -25.07
CA THR G 188 -5.93 -6.81 -25.34
C THR G 188 -5.56 -8.08 -24.58
N LYS G 189 -4.94 -7.90 -23.43
CA LYS G 189 -4.69 -9.05 -22.55
C LYS G 189 -5.45 -8.61 -21.31
N ASN G 190 -5.52 -7.30 -21.07
CA ASN G 190 -5.97 -6.83 -19.75
C ASN G 190 -7.30 -6.09 -19.79
N SER G 191 -7.37 -4.99 -20.53
CA SER G 191 -8.51 -4.09 -20.42
C SER G 191 -9.10 -3.72 -21.79
N LYS G 192 -9.85 -2.62 -21.86
CA LYS G 192 -10.89 -2.43 -22.87
C LYS G 192 -10.66 -1.15 -23.66
N VAL G 193 -10.37 -1.27 -24.95
CA VAL G 193 -10.05 -0.11 -25.79
C VAL G 193 -10.51 -0.32 -27.23
N GLN G 194 -11.38 0.58 -27.69
CA GLN G 194 -11.64 0.85 -29.11
C GLN G 194 -12.10 0.29 -30.46
N ILE G 195 -13.28 -0.36 -30.49
CA ILE G 195 -14.09 -0.67 -31.67
C ILE G 195 -14.98 0.28 -32.48
N GLY G 196 -16.06 0.77 -31.86
CA GLY G 196 -16.92 1.71 -32.55
C GLY G 196 -18.43 1.55 -32.44
N GLU G 197 -19.13 2.19 -33.39
CA GLU G 197 -20.58 2.34 -33.38
C GLU G 197 -21.19 1.31 -34.31
N TYR G 198 -21.95 0.37 -33.74
CA TYR G 198 -22.46 -0.75 -34.53
C TYR G 198 -23.86 -1.12 -34.09
N THR G 199 -24.55 -1.85 -34.96
CA THR G 199 -25.85 -2.44 -34.68
C THR G 199 -26.01 -3.70 -35.53
N PHE G 200 -26.81 -4.64 -35.02
CA PHE G 200 -26.90 -5.97 -35.60
C PHE G 200 -28.34 -6.26 -36.02
N GLU G 201 -28.48 -6.74 -37.26
CA GLU G 201 -29.80 -6.87 -37.89
C GLU G 201 -29.83 -8.21 -38.61
N LYS G 202 -31.03 -8.56 -39.11
CA LYS G 202 -31.27 -9.71 -39.98
C LYS G 202 -30.10 -9.95 -40.94
N GLY G 203 -29.51 -11.14 -40.83
CA GLY G 203 -28.43 -11.54 -41.71
C GLY G 203 -28.86 -12.62 -42.70
N ALA G 208 -25.53 -15.62 -39.32
CA ALA G 208 -25.57 -14.46 -40.21
C ALA G 208 -26.05 -13.22 -39.48
N VAL G 209 -25.13 -12.27 -39.28
CA VAL G 209 -25.40 -11.05 -38.52
C VAL G 209 -24.97 -9.85 -39.34
N VAL G 210 -25.96 -9.09 -39.83
CA VAL G 210 -25.68 -7.91 -40.63
C VAL G 210 -25.36 -6.76 -39.70
N TYR G 211 -24.14 -6.24 -39.81
CA TYR G 211 -23.70 -5.09 -39.03
C TYR G 211 -23.50 -3.90 -39.95
N ARG G 212 -24.01 -2.75 -39.53
CA ARG G 212 -23.92 -1.52 -40.33
C ARG G 212 -23.04 -0.53 -39.56
N GLY G 213 -21.73 -0.79 -39.57
CA GLY G 213 -20.80 0.10 -38.90
C GLY G 213 -20.71 1.45 -39.59
N THR G 214 -20.74 2.50 -38.77
CA THR G 214 -20.69 3.86 -39.29
C THR G 214 -19.31 4.17 -39.87
N THR G 215 -18.26 3.80 -39.15
CA THR G 215 -16.89 4.05 -39.55
C THR G 215 -16.30 2.80 -40.19
N THR G 216 -15.12 2.96 -40.78
CA THR G 216 -14.43 1.82 -41.36
C THR G 216 -13.68 1.04 -40.27
N TYR G 217 -13.90 -0.28 -40.27
CA TYR G 217 -13.14 -1.17 -39.40
C TYR G 217 -13.42 -2.62 -39.81
N LYS G 218 -12.50 -3.49 -39.45
CA LYS G 218 -12.59 -4.92 -39.76
C LYS G 218 -12.34 -5.69 -38.47
N LEU G 219 -13.26 -6.57 -38.11
CA LEU G 219 -13.29 -7.16 -36.78
C LEU G 219 -12.60 -8.52 -36.74
N ASN G 220 -12.22 -8.93 -35.55
CA ASN G 220 -11.43 -10.13 -35.28
C ASN G 220 -12.20 -11.07 -34.36
N VAL G 221 -11.47 -11.97 -33.69
CA VAL G 221 -12.05 -13.01 -32.86
C VAL G 221 -12.16 -12.53 -31.41
N GLY G 222 -13.24 -12.93 -30.74
CA GLY G 222 -13.54 -12.46 -29.41
C GLY G 222 -14.18 -11.08 -29.35
N ASP G 223 -14.43 -10.49 -30.51
CA ASP G 223 -14.88 -9.10 -30.62
C ASP G 223 -16.28 -8.96 -30.03
N TYR G 224 -16.44 -8.10 -29.02
CA TYR G 224 -17.71 -8.03 -28.31
C TYR G 224 -18.32 -6.64 -28.41
N PHE G 225 -19.65 -6.58 -28.22
CA PHE G 225 -20.40 -5.33 -28.26
C PHE G 225 -21.45 -5.30 -27.17
N VAL G 226 -21.62 -4.13 -26.56
CA VAL G 226 -22.80 -3.83 -25.75
C VAL G 226 -23.13 -2.36 -26.01
N LEU G 227 -24.37 -1.98 -25.67
CA LEU G 227 -24.78 -0.58 -25.73
C LEU G 227 -24.18 0.19 -24.55
N THR G 228 -22.91 0.59 -24.72
CA THR G 228 -22.21 1.36 -23.69
C THR G 228 -23.04 2.56 -23.24
N SER G 229 -23.10 2.77 -21.94
CA SER G 229 -23.97 3.77 -21.33
C SER G 229 -23.17 4.91 -20.75
N HIS G 230 -23.89 5.95 -20.35
CA HIS G 230 -23.32 7.13 -19.72
C HIS G 230 -23.98 7.34 -18.35
N THR G 231 -23.70 8.49 -17.75
CA THR G 231 -24.21 8.81 -16.41
C THR G 231 -25.11 10.04 -16.53
N VAL G 232 -26.42 9.82 -16.59
CA VAL G 232 -27.37 10.92 -16.69
C VAL G 232 -27.32 11.71 -15.39
N MET G 233 -26.79 12.91 -15.44
CA MET G 233 -26.72 13.76 -14.28
C MET G 233 -27.89 14.74 -14.29
N PRO G 234 -28.27 15.27 -13.12
CA PRO G 234 -29.56 15.96 -13.02
C PRO G 234 -29.65 17.19 -13.90
N LEU G 235 -30.88 17.68 -14.03
CA LEU G 235 -31.18 18.83 -14.87
C LEU G 235 -31.35 20.06 -13.99
N SER G 236 -31.38 21.23 -14.63
CA SER G 236 -31.56 22.48 -13.90
C SER G 236 -32.70 23.37 -14.38
N ALA G 237 -32.56 24.04 -15.53
CA ALA G 237 -33.58 24.96 -15.99
C ALA G 237 -34.91 24.25 -16.22
N PRO G 238 -36.01 24.98 -16.22
CA PRO G 238 -37.28 24.37 -16.59
C PRO G 238 -37.31 23.94 -18.05
N THR G 239 -38.29 23.10 -18.37
CA THR G 239 -38.54 22.73 -19.76
C THR G 239 -38.76 23.97 -20.63
N LEU G 240 -39.34 25.02 -20.06
CA LEU G 240 -39.70 26.23 -20.76
C LEU G 240 -39.97 27.31 -19.71
N VAL G 241 -39.43 28.50 -19.95
CA VAL G 241 -39.53 29.57 -18.96
C VAL G 241 -40.97 30.04 -18.87
N PRO G 242 -41.38 30.66 -17.76
CA PRO G 242 -42.66 31.38 -17.74
C PRO G 242 -42.62 32.56 -18.68
N GLN G 243 -43.11 32.35 -19.90
CA GLN G 243 -42.90 33.27 -21.00
C GLN G 243 -43.99 34.34 -21.04
N GLU G 244 -43.76 35.40 -21.83
CA GLU G 244 -44.73 36.49 -21.95
C GLU G 244 -44.42 37.29 -23.22
N HIS G 245 -45.42 38.02 -23.73
CA HIS G 245 -45.28 38.75 -24.98
C HIS G 245 -44.97 40.21 -24.70
N TYR G 246 -43.81 40.67 -25.17
CA TYR G 246 -43.32 42.03 -24.97
C TYR G 246 -44.32 43.06 -25.50
N VAL G 247 -44.02 44.35 -25.24
CA VAL G 247 -44.92 45.41 -25.67
C VAL G 247 -44.48 46.02 -26.99
N ARG G 248 -43.17 46.13 -27.21
CA ARG G 248 -42.72 46.33 -28.57
C ARG G 248 -41.49 45.43 -28.77
N ILE G 249 -41.21 45.07 -30.02
CA ILE G 249 -40.01 44.31 -30.32
C ILE G 249 -38.80 45.22 -30.12
N THR G 250 -38.52 45.56 -28.87
CA THR G 250 -37.39 46.40 -28.49
C THR G 250 -36.17 45.51 -28.23
N GLY G 251 -34.98 46.03 -28.49
CA GLY G 251 -33.77 45.25 -28.38
C GLY G 251 -33.52 44.34 -29.57
N LEU G 252 -34.49 44.21 -30.46
CA LEU G 252 -34.34 43.41 -31.67
C LEU G 252 -34.31 44.33 -32.87
N TYR G 253 -33.64 43.87 -33.93
CA TYR G 253 -33.16 44.78 -34.96
C TYR G 253 -34.11 44.75 -36.15
N PRO G 254 -34.95 45.76 -36.35
CA PRO G 254 -35.82 45.76 -37.53
C PRO G 254 -35.03 46.09 -38.77
N THR G 255 -35.02 45.13 -39.70
CA THR G 255 -34.30 45.32 -40.95
C THR G 255 -35.22 45.93 -42.01
N LEU G 256 -34.60 46.63 -42.97
CA LEU G 256 -35.32 47.34 -44.02
C LEU G 256 -35.77 46.39 -45.14
N ASN G 257 -34.84 45.61 -45.68
CA ASN G 257 -35.07 44.81 -46.87
C ASN G 257 -35.31 43.35 -46.48
N ILE G 258 -35.97 42.62 -47.36
CA ILE G 258 -36.45 41.27 -47.08
C ILE G 258 -36.47 40.45 -48.36
N SER G 259 -36.45 39.13 -48.19
CA SER G 259 -36.62 38.18 -49.30
C SER G 259 -38.05 37.62 -49.25
N ASP G 260 -38.81 37.84 -50.33
CA ASP G 260 -40.16 37.28 -50.40
C ASP G 260 -40.22 35.87 -50.96
N GLU G 261 -39.08 35.21 -51.17
CA GLU G 261 -39.11 33.75 -51.19
C GLU G 261 -39.81 33.19 -49.97
N PHE G 262 -39.64 33.82 -48.81
CA PHE G 262 -40.28 33.41 -47.58
C PHE G 262 -41.31 34.45 -47.13
N SER G 263 -42.19 34.86 -48.04
CA SER G 263 -43.25 35.81 -47.64
C SER G 263 -44.19 35.17 -46.64
N SER G 264 -44.16 33.83 -46.54
CA SER G 264 -44.85 33.09 -45.49
C SER G 264 -44.11 33.12 -44.17
N ASN G 265 -43.10 33.98 -44.02
CA ASN G 265 -42.19 33.95 -42.88
C ASN G 265 -42.12 35.25 -42.10
N VAL G 266 -42.14 36.40 -42.78
CA VAL G 266 -41.79 37.65 -42.10
C VAL G 266 -42.89 38.05 -41.11
N ALA G 267 -44.16 37.87 -41.49
CA ALA G 267 -45.24 38.16 -40.55
C ALA G 267 -45.19 37.19 -39.36
N ASN G 268 -44.51 36.06 -39.54
CA ASN G 268 -44.33 35.07 -38.49
C ASN G 268 -43.24 35.46 -37.50
N TYR G 269 -42.18 36.13 -37.95
CA TYR G 269 -41.12 36.53 -37.06
C TYR G 269 -41.44 37.77 -36.23
N GLN G 270 -42.32 38.63 -36.74
CA GLN G 270 -42.39 40.00 -36.24
C GLN G 270 -42.79 40.04 -34.77
N LYS G 271 -43.77 39.23 -34.38
CA LYS G 271 -44.17 39.15 -32.99
C LYS G 271 -43.29 38.20 -32.18
N VAL G 272 -42.45 37.41 -32.85
CA VAL G 272 -41.59 36.47 -32.13
C VAL G 272 -40.54 37.24 -31.35
N GLY G 273 -40.09 38.37 -31.88
CA GLY G 273 -39.34 39.35 -31.11
C GLY G 273 -40.15 40.15 -30.13
N MET G 274 -41.48 40.06 -30.22
CA MET G 274 -42.39 40.65 -29.26
C MET G 274 -42.87 39.65 -28.22
N GLN G 275 -42.13 38.55 -28.04
CA GLN G 275 -42.57 37.38 -27.27
C GLN G 275 -41.37 36.53 -26.91
N LYS G 276 -41.48 35.76 -25.83
CA LYS G 276 -40.42 34.83 -25.44
C LYS G 276 -40.37 33.60 -26.34
N TYR G 277 -41.34 32.69 -26.23
CA TYR G 277 -41.27 31.49 -27.05
C TYR G 277 -42.49 31.35 -27.95
N SER G 278 -42.26 30.74 -29.10
CA SER G 278 -43.29 30.28 -30.00
C SER G 278 -42.91 28.93 -30.56
N THR G 279 -43.69 27.92 -30.21
CA THR G 279 -43.62 26.66 -30.94
C THR G 279 -44.58 26.74 -32.12
N LEU G 280 -44.10 26.31 -33.28
CA LEU G 280 -44.80 26.52 -34.55
C LEU G 280 -45.47 25.23 -34.98
N GLN G 281 -46.63 25.36 -35.62
CA GLN G 281 -47.23 24.28 -36.38
C GLN G 281 -46.39 24.09 -37.64
N GLY G 282 -45.55 23.05 -37.62
CA GLY G 282 -44.70 22.75 -38.74
C GLY G 282 -45.02 21.41 -39.35
N PRO G 283 -45.91 21.40 -40.34
CA PRO G 283 -46.18 20.18 -41.09
C PRO G 283 -45.00 19.82 -41.97
N PRO G 284 -44.90 18.56 -42.36
CA PRO G 284 -43.66 18.10 -43.02
C PRO G 284 -43.39 18.82 -44.33
N GLY G 285 -42.18 19.37 -44.44
CA GLY G 285 -41.76 20.10 -45.63
C GLY G 285 -42.52 21.37 -45.92
N THR G 286 -43.09 22.01 -44.89
CA THR G 286 -43.76 23.30 -45.06
C THR G 286 -42.80 24.46 -44.93
N GLY G 287 -41.61 24.35 -45.51
CA GLY G 287 -40.59 25.36 -45.34
C GLY G 287 -40.17 25.56 -43.90
N LYS G 288 -40.38 24.55 -43.05
CA LYS G 288 -39.97 24.65 -41.66
C LYS G 288 -38.45 24.76 -41.53
N SER G 289 -37.71 23.88 -42.23
CA SER G 289 -36.27 24.07 -42.32
C SER G 289 -35.97 25.36 -43.07
N HIS G 290 -36.86 25.77 -43.97
CA HIS G 290 -36.69 27.03 -44.66
C HIS G 290 -37.01 28.18 -43.71
N PHE G 291 -37.94 27.94 -42.78
CA PHE G 291 -38.49 28.99 -41.92
C PHE G 291 -37.41 29.66 -41.09
N ALA G 292 -36.65 28.87 -40.33
CA ALA G 292 -35.66 29.44 -39.43
C ALA G 292 -34.52 30.12 -40.18
N ILE G 293 -34.34 29.75 -41.46
CA ILE G 293 -33.27 30.37 -42.24
C ILE G 293 -33.72 31.71 -42.81
N GLY G 294 -35.04 31.94 -42.88
CA GLY G 294 -35.53 33.23 -43.29
C GLY G 294 -35.27 34.33 -42.26
N LEU G 295 -35.56 34.05 -40.99
CA LEU G 295 -35.22 35.00 -39.93
C LEU G 295 -33.72 35.25 -39.87
N ALA G 296 -32.93 34.22 -40.24
CA ALA G 296 -31.48 34.38 -40.31
C ALA G 296 -31.07 35.58 -41.14
N LEU G 297 -31.77 35.83 -42.25
CA LEU G 297 -31.53 37.03 -43.04
C LEU G 297 -32.34 38.21 -42.51
N TYR G 298 -33.55 37.97 -41.99
CA TYR G 298 -34.36 39.07 -41.48
C TYR G 298 -33.68 39.73 -40.29
N TYR G 299 -33.16 38.92 -39.37
CA TYR G 299 -32.40 39.44 -38.24
C TYR G 299 -31.00 38.84 -38.30
N PRO G 300 -30.13 39.34 -39.18
CA PRO G 300 -28.79 38.76 -39.31
C PRO G 300 -27.92 39.11 -38.12
N SER G 301 -28.47 39.95 -37.24
CA SER G 301 -27.78 40.32 -36.01
C SER G 301 -28.07 39.36 -34.86
N ALA G 302 -28.74 38.24 -35.13
CA ALA G 302 -29.15 37.35 -34.05
C ALA G 302 -28.14 36.22 -33.84
N ARG G 303 -27.72 36.06 -32.59
CA ARG G 303 -27.10 34.82 -32.14
C ARG G 303 -28.20 33.79 -31.90
N ILE G 304 -28.63 33.15 -32.97
CA ILE G 304 -29.86 32.39 -32.94
C ILE G 304 -29.54 30.90 -32.80
N VAL G 305 -30.25 30.25 -31.89
CA VAL G 305 -29.84 28.96 -31.36
C VAL G 305 -30.59 27.87 -32.12
N TYR G 306 -29.93 27.31 -33.12
CA TYR G 306 -30.44 26.20 -33.93
C TYR G 306 -30.09 24.87 -33.26
N THR G 307 -31.09 24.17 -32.73
CA THR G 307 -30.88 22.89 -32.09
C THR G 307 -31.90 21.87 -32.57
N ALA G 308 -31.48 20.60 -32.61
CA ALA G 308 -32.36 19.51 -33.01
C ALA G 308 -31.94 18.26 -32.25
N CYS G 309 -32.67 17.17 -32.52
CA CYS G 309 -32.39 15.91 -31.83
C CYS G 309 -31.12 15.25 -32.34
N SER G 310 -30.59 15.70 -33.48
CA SER G 310 -29.37 15.15 -34.05
C SER G 310 -28.79 16.10 -35.10
N HIS G 311 -27.47 16.00 -35.30
CA HIS G 311 -26.85 16.41 -36.56
C HIS G 311 -27.21 15.48 -37.71
N ALA G 312 -28.22 14.64 -37.53
CA ALA G 312 -29.04 14.16 -38.64
C ALA G 312 -30.31 14.99 -38.78
N ALA G 313 -30.75 15.64 -37.69
CA ALA G 313 -31.90 16.55 -37.72
C ALA G 313 -31.47 18.00 -37.83
N VAL G 314 -30.51 18.45 -37.01
CA VAL G 314 -29.91 19.76 -37.23
C VAL G 314 -29.10 19.76 -38.51
N ASP G 315 -28.68 18.58 -38.95
CA ASP G 315 -28.24 18.40 -40.33
C ASP G 315 -29.14 19.16 -41.29
N ALA G 316 -30.46 18.96 -41.16
CA ALA G 316 -31.39 19.68 -42.02
C ALA G 316 -31.35 21.18 -41.76
N LEU G 317 -31.14 21.60 -40.51
CA LEU G 317 -30.96 23.03 -40.26
C LEU G 317 -29.68 23.56 -40.89
N CYS G 318 -28.63 22.73 -41.00
CA CYS G 318 -27.40 23.15 -41.65
C CYS G 318 -27.41 22.87 -43.15
N GLU G 319 -28.52 22.34 -43.68
CA GLU G 319 -28.59 22.02 -45.09
C GLU G 319 -28.41 23.28 -45.95
N LYS G 320 -29.22 24.30 -45.70
CA LYS G 320 -29.09 25.58 -46.37
C LYS G 320 -28.38 26.62 -45.51
N ALA G 321 -27.43 26.20 -44.69
CA ALA G 321 -26.78 27.13 -43.78
C ALA G 321 -25.87 28.09 -44.53
N LEU G 322 -24.77 27.58 -45.09
CA LEU G 322 -23.87 28.44 -45.82
C LEU G 322 -24.42 28.79 -47.19
N LYS G 323 -25.40 28.01 -47.67
CA LYS G 323 -26.06 28.34 -48.92
C LYS G 323 -26.85 29.64 -48.79
N TYR G 324 -27.21 30.02 -47.56
CA TYR G 324 -27.93 31.26 -47.31
C TYR G 324 -27.15 32.27 -46.48
N LEU G 325 -26.27 31.83 -45.59
CA LEU G 325 -25.53 32.71 -44.72
C LEU G 325 -24.05 32.67 -45.08
N PRO G 326 -23.28 33.75 -44.86
CA PRO G 326 -21.83 33.66 -45.02
C PRO G 326 -21.22 32.59 -44.13
N ILE G 327 -19.99 32.21 -44.44
CA ILE G 327 -19.46 30.91 -44.03
C ILE G 327 -19.03 30.88 -42.58
N ASP G 328 -18.30 31.91 -42.16
CA ASP G 328 -17.50 31.73 -40.96
C ASP G 328 -18.39 32.10 -39.78
N LYS G 329 -19.61 32.56 -40.08
CA LYS G 329 -20.61 32.89 -39.08
C LYS G 329 -21.46 31.71 -38.65
N CYS G 330 -21.24 30.52 -39.20
CA CYS G 330 -21.86 29.30 -38.69
C CYS G 330 -20.82 28.46 -37.98
N SER G 331 -21.28 27.63 -37.04
CA SER G 331 -20.42 26.72 -36.30
C SER G 331 -21.27 25.63 -35.67
N ARG G 332 -20.71 24.44 -35.54
CA ARG G 332 -21.36 23.35 -34.84
C ARG G 332 -20.36 22.62 -33.96
N ILE G 333 -20.77 22.28 -32.75
CA ILE G 333 -19.92 21.59 -31.78
C ILE G 333 -20.19 20.10 -31.95
N ILE G 334 -19.23 19.38 -32.51
CA ILE G 334 -19.32 17.93 -32.61
C ILE G 334 -18.33 17.35 -31.59
N PRO G 335 -18.80 16.62 -30.59
CA PRO G 335 -17.91 16.18 -29.51
C PRO G 335 -17.00 15.05 -29.95
N ALA G 336 -15.91 14.90 -29.21
CA ALA G 336 -14.93 13.85 -29.49
C ALA G 336 -15.49 12.48 -29.15
N VAL G 340 -18.76 11.71 -33.66
CA VAL G 340 -19.85 11.33 -34.56
C VAL G 340 -19.76 12.06 -35.91
N GLU G 341 -19.79 11.27 -36.97
CA GLU G 341 -19.58 11.79 -38.32
C GLU G 341 -20.90 12.20 -38.95
N CYS G 342 -21.14 13.51 -39.06
CA CYS G 342 -22.29 14.03 -39.76
C CYS G 342 -21.72 15.22 -40.53
N PHE G 343 -22.57 16.19 -40.86
CA PHE G 343 -22.10 17.45 -41.41
C PHE G 343 -20.85 18.04 -40.76
N ASP G 344 -19.88 18.41 -41.60
CA ASP G 344 -18.71 19.12 -41.10
C ASP G 344 -18.26 20.20 -42.08
N LYS G 345 -19.20 20.98 -42.61
CA LYS G 345 -18.76 22.10 -43.46
C LYS G 345 -18.27 23.27 -42.65
N PHE G 346 -18.63 23.35 -41.38
CA PHE G 346 -18.48 24.53 -40.55
C PHE G 346 -17.07 24.60 -39.99
N LYS G 347 -16.81 25.66 -39.25
CA LYS G 347 -15.72 25.64 -38.28
C LYS G 347 -16.25 24.99 -37.01
N VAL G 348 -15.47 24.11 -36.45
CA VAL G 348 -15.93 23.30 -35.33
C VAL G 348 -15.21 23.78 -34.08
N ASN G 349 -15.91 23.70 -32.94
CA ASN G 349 -15.36 24.06 -31.63
C ASN G 349 -15.19 25.57 -31.51
N SER G 350 -16.31 26.27 -31.71
CA SER G 350 -16.39 27.72 -31.56
C SER G 350 -17.80 28.06 -31.09
N THR G 351 -17.96 28.22 -29.77
CA THR G 351 -19.27 28.54 -29.22
C THR G 351 -19.62 30.00 -29.46
N LEU G 352 -18.77 30.92 -29.02
CA LEU G 352 -18.93 32.33 -29.36
C LEU G 352 -18.91 32.31 -30.88
N GLU G 353 -20.09 32.21 -31.49
CA GLU G 353 -20.26 32.17 -32.93
C GLU G 353 -21.60 32.85 -33.18
N GLN G 354 -21.68 33.59 -34.28
CA GLN G 354 -22.91 34.31 -34.61
C GLN G 354 -24.07 33.34 -34.80
N TYR G 355 -23.85 32.28 -35.59
CA TYR G 355 -24.83 31.21 -35.73
C TYR G 355 -24.20 29.93 -35.22
N VAL G 356 -24.77 29.38 -34.16
CA VAL G 356 -24.32 28.10 -33.60
C VAL G 356 -25.45 27.10 -33.77
N PHE G 357 -25.24 26.14 -34.68
CA PHE G 357 -26.10 24.96 -34.80
C PHE G 357 -25.54 23.91 -33.86
N CYS G 358 -26.39 23.02 -33.37
CA CYS G 358 -25.93 21.84 -32.65
C CYS G 358 -27.12 20.97 -32.31
N THR G 359 -26.81 19.84 -31.66
CA THR G 359 -27.78 18.94 -31.07
C THR G 359 -27.76 19.07 -29.55
N VAL G 360 -28.84 18.60 -28.91
CA VAL G 360 -28.88 18.48 -27.46
C VAL G 360 -27.69 17.71 -26.89
N ASN G 361 -26.88 17.07 -27.73
CA ASN G 361 -25.71 16.36 -27.23
C ASN G 361 -24.68 17.25 -26.57
N ALA G 362 -24.14 18.25 -27.26
CA ALA G 362 -23.02 18.97 -26.70
C ALA G 362 -22.81 20.39 -27.22
N LEU G 363 -23.83 21.24 -27.21
CA LEU G 363 -23.57 22.67 -27.33
C LEU G 363 -23.34 23.23 -25.93
N PRO G 364 -22.19 23.85 -25.66
CA PRO G 364 -21.92 24.28 -24.28
C PRO G 364 -22.78 25.45 -23.87
N GLU G 365 -22.72 25.74 -22.57
CA GLU G 365 -23.69 26.61 -21.91
C GLU G 365 -23.28 28.07 -22.04
N THR G 366 -24.16 28.89 -22.61
CA THR G 366 -23.89 30.30 -22.85
C THR G 366 -25.22 31.06 -22.75
N THR G 367 -25.26 32.27 -23.30
CA THR G 367 -26.48 33.06 -23.44
C THR G 367 -26.51 33.67 -24.83
N ALA G 368 -27.68 33.61 -25.47
CA ALA G 368 -27.76 33.92 -26.89
C ALA G 368 -28.98 34.79 -27.14
N ASP G 369 -29.46 34.77 -28.39
CA ASP G 369 -30.58 35.60 -28.85
C ASP G 369 -32.00 35.13 -29.11
N ILE G 370 -32.16 34.04 -29.85
CA ILE G 370 -33.50 33.54 -30.15
C ILE G 370 -33.17 32.08 -30.42
N VAL G 371 -33.96 31.21 -29.79
CA VAL G 371 -33.76 29.77 -29.87
C VAL G 371 -34.63 29.24 -30.99
N VAL G 372 -34.09 28.31 -31.77
CA VAL G 372 -34.88 27.63 -32.80
C VAL G 372 -34.64 26.12 -32.68
N PHE G 373 -35.66 25.39 -32.24
CA PHE G 373 -35.52 23.99 -31.89
C PHE G 373 -36.28 23.10 -32.88
N ASP G 374 -35.55 22.40 -33.75
CA ASP G 374 -36.11 21.29 -34.54
C ASP G 374 -36.30 20.05 -33.68
N GLU G 375 -37.16 19.14 -34.15
CA GLU G 375 -37.47 17.92 -33.41
C GLU G 375 -38.03 18.13 -32.01
N ILE G 376 -39.28 18.57 -31.95
CA ILE G 376 -39.92 18.76 -30.66
C ILE G 376 -40.79 17.59 -30.24
N SER G 377 -41.38 16.88 -31.19
CA SER G 377 -42.26 15.76 -30.87
C SER G 377 -41.47 14.57 -30.32
N MET G 378 -40.41 14.15 -31.01
CA MET G 378 -39.67 12.97 -30.59
C MET G 378 -38.83 13.23 -29.35
N ALA G 379 -38.36 14.46 -29.15
CA ALA G 379 -37.68 14.82 -27.91
C ALA G 379 -38.71 15.13 -26.84
N THR G 380 -38.38 14.79 -25.60
CA THR G 380 -39.29 14.94 -24.48
C THR G 380 -38.81 16.01 -23.51
N ASN G 381 -39.38 15.99 -22.30
CA ASN G 381 -39.14 17.00 -21.29
C ASN G 381 -37.69 17.06 -20.83
N TYR G 382 -36.94 15.98 -21.00
CA TYR G 382 -35.54 15.99 -20.60
C TYR G 382 -34.77 17.04 -21.39
N ASP G 383 -34.48 16.75 -22.66
CA ASP G 383 -33.77 17.70 -23.50
C ASP G 383 -34.57 18.96 -23.79
N LEU G 384 -35.86 18.97 -23.46
CA LEU G 384 -36.63 20.21 -23.54
C LEU G 384 -36.05 21.28 -22.63
N SER G 385 -35.72 20.90 -21.39
CA SER G 385 -35.07 21.84 -20.48
C SER G 385 -33.58 21.96 -20.74
N VAL G 386 -33.06 21.18 -21.68
CA VAL G 386 -31.62 21.17 -21.90
C VAL G 386 -31.17 22.48 -22.54
N VAL G 387 -31.87 22.92 -23.59
CA VAL G 387 -31.41 24.10 -24.30
C VAL G 387 -31.48 25.33 -23.42
N ASN G 388 -32.52 25.42 -22.58
CA ASN G 388 -32.60 26.55 -21.65
C ASN G 388 -31.65 26.36 -20.48
N ALA G 389 -31.38 25.10 -20.09
CA ALA G 389 -30.27 24.87 -19.17
C ALA G 389 -28.94 25.12 -19.86
N ARG G 390 -28.83 24.74 -21.13
CA ARG G 390 -27.74 25.23 -21.95
C ARG G 390 -27.65 26.75 -21.88
N LEU G 391 -28.77 27.43 -22.09
CA LEU G 391 -28.73 28.79 -22.61
C LEU G 391 -29.93 29.59 -22.12
N ARG G 392 -29.69 30.79 -21.62
CA ARG G 392 -30.73 31.76 -21.27
C ARG G 392 -30.72 32.87 -22.33
N ALA G 393 -31.66 32.81 -23.26
CA ALA G 393 -31.58 33.61 -24.48
C ALA G 393 -32.49 34.83 -24.42
N LYS G 394 -32.45 35.64 -25.48
CA LYS G 394 -33.50 36.63 -25.69
C LYS G 394 -34.88 36.00 -25.78
N HIS G 395 -35.11 35.17 -26.81
CA HIS G 395 -36.43 34.62 -27.11
C HIS G 395 -36.25 33.21 -27.65
N TYR G 396 -37.37 32.51 -27.85
CA TYR G 396 -37.35 31.07 -28.02
C TYR G 396 -38.29 30.66 -29.15
N VAL G 397 -37.89 29.65 -29.91
CA VAL G 397 -38.76 29.07 -30.94
C VAL G 397 -38.48 27.57 -30.98
N TYR G 398 -39.53 26.77 -31.15
CA TYR G 398 -39.39 25.32 -31.37
C TYR G 398 -39.96 25.02 -32.75
N ILE G 399 -39.11 24.54 -33.66
CA ILE G 399 -39.59 24.11 -34.97
C ILE G 399 -39.92 22.63 -34.92
N GLY G 400 -40.95 22.25 -35.64
CA GLY G 400 -41.38 20.88 -35.68
C GLY G 400 -42.85 20.83 -35.39
N ASP G 401 -43.28 19.67 -34.92
CA ASP G 401 -44.69 19.51 -34.63
C ASP G 401 -44.91 18.21 -33.88
N PRO G 402 -45.69 18.20 -32.79
CA PRO G 402 -46.24 16.93 -32.32
C PRO G 402 -47.03 16.19 -33.38
N ALA G 403 -47.37 16.84 -34.49
CA ALA G 403 -47.95 16.16 -35.62
C ALA G 403 -46.92 15.40 -36.47
N GLN G 404 -45.64 15.39 -36.08
CA GLN G 404 -44.77 14.34 -36.60
C GLN G 404 -44.71 12.96 -35.94
N LEU G 405 -44.04 12.89 -34.78
CA LEU G 405 -43.35 11.67 -34.37
C LEU G 405 -42.87 11.70 -32.92
N PRO G 406 -43.39 10.83 -32.06
CA PRO G 406 -42.89 10.72 -30.69
C PRO G 406 -41.52 10.05 -30.64
N ALA G 407 -41.11 9.72 -29.42
CA ALA G 407 -39.91 8.93 -29.18
C ALA G 407 -40.27 7.46 -29.04
N PRO G 408 -39.32 6.56 -29.26
CA PRO G 408 -39.54 5.14 -28.94
C PRO G 408 -39.48 4.93 -27.44
N ARG G 409 -40.62 4.58 -26.85
CA ARG G 409 -40.72 4.36 -25.41
C ARG G 409 -40.40 2.91 -25.10
N THR G 410 -39.15 2.69 -24.69
CA THR G 410 -38.63 1.37 -24.38
C THR G 410 -39.41 0.67 -23.25
N LEU G 411 -40.00 1.42 -22.33
CA LEU G 411 -40.71 0.78 -21.24
C LEU G 411 -42.22 0.95 -21.29
N LEU G 412 -42.75 1.93 -22.02
CA LEU G 412 -44.19 2.02 -22.15
C LEU G 412 -44.71 0.73 -22.78
N THR G 413 -45.63 0.07 -22.08
CA THR G 413 -46.18 -1.20 -22.52
C THR G 413 -47.63 -1.04 -22.97
N LYS G 414 -48.52 -0.76 -22.02
CA LYS G 414 -49.95 -0.66 -22.33
C LYS G 414 -50.24 0.65 -23.04
N GLY G 415 -50.78 0.54 -24.27
CA GLY G 415 -51.35 1.66 -25.00
C GLY G 415 -51.05 3.08 -25.43
N THR G 416 -50.15 3.27 -26.37
CA THR G 416 -49.19 4.33 -26.64
C THR G 416 -49.87 5.62 -26.18
N LEU G 417 -49.04 6.58 -25.77
CA LEU G 417 -49.48 7.84 -25.17
C LEU G 417 -49.94 8.76 -26.31
N GLU G 418 -50.78 9.76 -25.97
CA GLU G 418 -51.33 10.70 -26.94
C GLU G 418 -50.24 11.35 -27.79
N PRO G 419 -50.59 11.83 -28.99
CA PRO G 419 -49.70 12.78 -29.68
C PRO G 419 -49.58 14.07 -28.90
N GLU G 420 -50.58 14.32 -28.06
CA GLU G 420 -50.84 15.64 -27.50
C GLU G 420 -50.00 15.90 -26.26
N TYR G 421 -49.81 14.90 -25.39
CA TYR G 421 -48.86 15.02 -24.28
C TYR G 421 -47.49 14.42 -24.57
N PHE G 422 -46.90 14.70 -25.74
CA PHE G 422 -45.49 14.36 -25.96
C PHE G 422 -44.60 15.03 -24.92
N ASN G 423 -44.89 16.29 -24.59
CA ASN G 423 -44.04 17.05 -23.69
C ASN G 423 -44.85 18.21 -23.12
N SER G 424 -44.20 19.02 -22.28
CA SER G 424 -44.91 20.10 -21.60
C SER G 424 -45.33 21.19 -22.58
N VAL G 425 -44.59 21.36 -23.67
CA VAL G 425 -44.99 22.39 -24.64
C VAL G 425 -45.90 21.78 -25.70
N CYS G 426 -45.83 20.47 -25.90
CA CYS G 426 -46.68 19.84 -26.90
C CYS G 426 -48.16 19.96 -26.55
N ARG G 427 -48.51 20.02 -25.27
CA ARG G 427 -49.93 20.16 -24.97
C ARG G 427 -50.36 21.57 -25.37
N LEU G 428 -49.44 22.52 -25.29
CA LEU G 428 -49.75 23.93 -25.40
C LEU G 428 -50.37 24.28 -26.74
N MET G 429 -49.84 23.75 -27.84
CA MET G 429 -50.46 23.90 -29.15
C MET G 429 -51.69 23.03 -29.33
N LYS G 430 -52.12 22.36 -28.26
CA LYS G 430 -53.40 21.65 -28.21
C LYS G 430 -54.25 22.11 -27.03
N THR G 431 -53.77 23.09 -26.26
CA THR G 431 -54.52 23.65 -25.14
C THR G 431 -54.50 25.17 -25.20
N ILE G 432 -53.41 25.74 -25.71
CA ILE G 432 -53.34 27.17 -26.02
C ILE G 432 -53.52 27.44 -27.49
N GLY G 433 -53.11 26.51 -28.36
CA GLY G 433 -53.22 26.68 -29.78
C GLY G 433 -51.87 26.88 -30.42
N PRO G 434 -51.80 26.73 -31.74
CA PRO G 434 -50.51 26.88 -32.43
C PRO G 434 -50.04 28.32 -32.40
N ASP G 435 -48.81 28.52 -31.94
CA ASP G 435 -48.24 29.85 -31.92
C ASP G 435 -47.97 30.38 -33.32
N MET G 436 -47.45 29.54 -34.21
CA MET G 436 -47.24 29.86 -35.63
C MET G 436 -48.05 28.89 -36.49
N PHE G 437 -47.99 29.09 -37.80
CA PHE G 437 -48.20 27.97 -38.71
C PHE G 437 -47.52 28.21 -40.06
N LEU G 438 -47.24 27.13 -40.79
CA LEU G 438 -46.77 27.21 -42.17
C LEU G 438 -47.54 26.21 -43.01
N GLY G 439 -48.34 26.71 -43.93
CA GLY G 439 -49.00 25.90 -44.93
C GLY G 439 -48.37 25.97 -46.29
N THR G 440 -47.11 26.40 -46.39
CA THR G 440 -46.42 26.53 -47.68
C THR G 440 -45.91 25.14 -48.09
N CYS G 441 -46.72 24.45 -48.89
CA CYS G 441 -46.55 23.02 -49.15
C CYS G 441 -45.63 22.81 -50.35
N ARG G 442 -44.46 23.46 -50.36
CA ARG G 442 -43.51 23.14 -51.41
C ARG G 442 -43.22 21.77 -52.00
N ARG G 443 -43.62 20.75 -51.24
CA ARG G 443 -43.34 19.34 -51.45
C ARG G 443 -44.52 18.59 -52.04
N CYS G 444 -45.44 18.11 -51.22
CA CYS G 444 -46.50 17.25 -51.73
C CYS G 444 -47.60 18.07 -52.40
N PRO G 445 -48.30 17.51 -53.40
CA PRO G 445 -49.34 18.26 -54.09
C PRO G 445 -50.70 18.06 -53.46
N ALA G 446 -51.76 18.43 -54.20
CA ALA G 446 -53.12 18.18 -53.74
C ALA G 446 -53.39 16.71 -53.51
N GLU G 447 -52.48 15.84 -53.98
CA GLU G 447 -52.59 14.41 -53.71
C GLU G 447 -52.87 14.15 -52.24
N ILE G 448 -51.89 14.37 -51.39
CA ILE G 448 -51.92 13.85 -50.04
C ILE G 448 -52.26 14.92 -49.02
N VAL G 449 -51.87 16.18 -49.27
CA VAL G 449 -51.75 17.17 -48.20
C VAL G 449 -53.05 17.38 -47.44
N ASP G 450 -54.17 17.60 -48.13
CA ASP G 450 -55.41 17.87 -47.42
C ASP G 450 -55.96 16.58 -46.80
N THR G 451 -55.65 15.44 -47.41
CA THR G 451 -56.03 14.16 -46.81
C THR G 451 -55.24 13.92 -45.52
N VAL G 452 -54.12 14.63 -45.34
CA VAL G 452 -53.53 14.71 -44.01
C VAL G 452 -54.10 15.89 -43.22
N SER G 453 -54.70 16.88 -43.90
CA SER G 453 -55.38 17.97 -43.20
C SER G 453 -56.70 17.51 -42.60
N ALA G 454 -57.44 16.65 -43.30
CA ALA G 454 -58.66 16.08 -42.76
C ALA G 454 -58.35 14.96 -41.76
N LEU G 455 -57.07 14.73 -41.50
CA LEU G 455 -56.57 13.68 -40.62
C LEU G 455 -56.44 14.23 -39.21
N VAL G 456 -55.60 15.24 -39.03
CA VAL G 456 -55.34 15.80 -37.72
C VAL G 456 -55.13 17.31 -37.87
N TYR G 457 -54.87 17.75 -39.09
CA TYR G 457 -54.48 19.12 -39.40
C TYR G 457 -55.65 20.01 -39.77
N ASP G 458 -56.60 20.18 -38.86
CA ASP G 458 -57.50 21.32 -38.78
C ASP G 458 -58.14 21.72 -40.11
N ASN G 459 -58.14 20.82 -41.11
CA ASN G 459 -58.46 21.16 -42.50
C ASN G 459 -57.65 22.36 -42.95
N LYS G 460 -56.35 22.33 -42.67
CA LYS G 460 -55.58 23.56 -42.49
C LYS G 460 -54.56 23.79 -43.61
N LEU G 461 -54.03 22.73 -44.21
CA LEU G 461 -53.00 22.87 -45.23
C LEU G 461 -53.63 22.80 -46.62
N LYS G 462 -53.36 23.80 -47.45
CA LYS G 462 -53.99 23.92 -48.75
C LYS G 462 -53.27 23.03 -49.75
N ALA G 463 -53.84 22.94 -50.95
CA ALA G 463 -53.17 22.25 -52.04
C ALA G 463 -51.94 23.02 -52.50
N HIS G 464 -50.90 22.28 -52.85
CA HIS G 464 -49.70 22.84 -53.47
C HIS G 464 -49.90 23.02 -54.96
N LYS G 465 -50.41 21.99 -55.61
CA LYS G 465 -50.26 21.83 -57.04
C LYS G 465 -51.37 20.89 -57.52
N ASP G 466 -51.35 20.45 -58.77
CA ASP G 466 -52.37 19.56 -59.31
C ASP G 466 -52.34 18.23 -58.56
N LYS G 467 -53.22 17.31 -58.96
CA LYS G 467 -53.23 15.97 -58.39
C LYS G 467 -53.01 14.96 -59.51
N SER G 468 -51.73 14.66 -59.79
CA SER G 468 -51.30 13.86 -60.92
C SER G 468 -51.61 12.37 -60.77
N ALA G 469 -52.36 11.98 -59.74
CA ALA G 469 -52.74 10.58 -59.53
C ALA G 469 -51.51 9.66 -59.51
N GLN G 470 -50.54 10.01 -58.68
CA GLN G 470 -49.33 9.19 -58.54
C GLN G 470 -49.15 8.55 -57.17
N CYS G 471 -49.73 9.11 -56.11
CA CYS G 471 -49.80 8.43 -54.81
C CYS G 471 -50.96 7.44 -54.87
N PHE G 472 -50.73 6.23 -54.36
CA PHE G 472 -51.57 5.09 -54.72
C PHE G 472 -52.33 4.47 -53.56
N LYS G 473 -53.41 3.79 -53.95
CA LYS G 473 -54.35 3.10 -53.09
C LYS G 473 -54.41 1.63 -53.52
N MET G 474 -54.22 0.75 -52.54
N MET G 474 -54.21 0.75 -52.54
CA MET G 474 -54.33 -0.69 -52.74
CA MET G 474 -54.30 -0.70 -52.72
C MET G 474 -55.06 -1.30 -51.55
C MET G 474 -55.06 -1.30 -51.54
N PHE G 475 -56.18 -1.96 -51.81
CA PHE G 475 -57.04 -2.49 -50.75
C PHE G 475 -56.74 -3.99 -50.60
N TYR G 476 -55.87 -4.32 -49.66
CA TYR G 476 -55.35 -5.67 -49.51
C TYR G 476 -55.48 -6.17 -48.07
N LYS G 477 -54.84 -7.32 -47.80
CA LYS G 477 -54.98 -8.07 -46.57
C LYS G 477 -53.65 -8.65 -46.10
N GLY G 478 -53.03 -9.52 -46.89
CA GLY G 478 -51.75 -10.09 -46.57
C GLY G 478 -51.82 -11.12 -45.45
N VAL G 479 -50.72 -11.83 -45.27
CA VAL G 479 -50.60 -12.85 -44.22
C VAL G 479 -49.26 -12.67 -43.53
N ILE G 480 -49.28 -12.49 -42.22
CA ILE G 480 -48.06 -12.19 -41.45
C ILE G 480 -47.79 -13.30 -40.45
N THR G 481 -46.50 -13.54 -40.21
CA THR G 481 -46.04 -14.54 -39.27
C THR G 481 -44.78 -13.98 -38.59
N HIS G 482 -44.66 -14.20 -37.28
CA HIS G 482 -43.78 -13.41 -36.44
C HIS G 482 -42.43 -14.09 -36.27
N ASP G 483 -41.47 -13.37 -35.70
CA ASP G 483 -40.19 -13.96 -35.30
C ASP G 483 -39.71 -13.12 -34.12
N VAL G 484 -38.39 -13.07 -33.88
CA VAL G 484 -37.89 -12.36 -32.72
C VAL G 484 -38.44 -10.96 -32.47
N SER G 485 -37.96 -9.97 -33.22
CA SER G 485 -38.40 -8.60 -33.00
C SER G 485 -38.77 -7.95 -34.32
N SER G 486 -39.41 -8.71 -35.19
CA SER G 486 -39.86 -8.20 -36.49
C SER G 486 -41.17 -8.91 -36.84
N ALA G 487 -41.68 -8.63 -38.03
CA ALA G 487 -42.83 -9.34 -38.57
C ALA G 487 -42.69 -9.42 -40.07
N ILE G 488 -42.73 -10.63 -40.61
CA ILE G 488 -42.42 -10.89 -42.01
C ILE G 488 -43.68 -11.38 -42.70
N ASN G 489 -44.02 -10.75 -43.82
CA ASN G 489 -45.21 -11.07 -44.60
C ASN G 489 -44.81 -10.95 -46.06
N ARG G 490 -44.94 -12.04 -46.82
CA ARG G 490 -44.73 -11.95 -48.27
C ARG G 490 -46.00 -11.96 -49.11
N PRO G 491 -47.17 -12.42 -48.65
CA PRO G 491 -48.39 -12.13 -49.42
C PRO G 491 -48.51 -10.67 -49.83
N GLN G 492 -47.95 -9.76 -49.04
CA GLN G 492 -47.82 -8.37 -49.45
C GLN G 492 -46.47 -8.08 -50.10
N ILE G 493 -45.39 -8.71 -49.61
CA ILE G 493 -44.11 -8.62 -50.32
C ILE G 493 -44.25 -9.17 -51.73
N GLY G 494 -45.02 -10.24 -51.88
CA GLY G 494 -45.33 -10.72 -53.21
C GLY G 494 -46.12 -9.70 -54.00
N VAL G 495 -46.99 -8.94 -53.33
CA VAL G 495 -47.68 -7.84 -53.98
C VAL G 495 -46.70 -6.75 -54.37
N VAL G 496 -45.58 -6.63 -53.64
CA VAL G 496 -44.65 -5.53 -53.87
C VAL G 496 -44.11 -5.56 -55.30
N ARG G 497 -43.46 -6.67 -55.69
CA ARG G 497 -43.04 -6.75 -57.09
C ARG G 497 -44.25 -6.81 -57.99
N GLU G 498 -45.27 -7.57 -57.59
CA GLU G 498 -46.52 -7.62 -58.34
C GLU G 498 -47.03 -6.21 -58.61
N PHE G 499 -46.91 -5.33 -57.61
CA PHE G 499 -47.10 -3.91 -57.86
C PHE G 499 -45.99 -3.34 -58.73
N LEU G 500 -44.75 -3.72 -58.47
CA LEU G 500 -43.61 -3.04 -59.04
C LEU G 500 -43.32 -3.47 -60.47
N THR G 501 -44.04 -4.47 -60.99
CA THR G 501 -43.62 -5.10 -62.25
C THR G 501 -44.27 -4.45 -63.48
N ARG G 502 -45.57 -4.16 -63.43
CA ARG G 502 -46.28 -3.81 -64.65
C ARG G 502 -45.79 -2.52 -65.29
N ASN G 503 -44.94 -1.76 -64.60
CA ASN G 503 -44.12 -0.71 -65.21
C ASN G 503 -42.76 -0.68 -64.54
N PRO G 504 -41.70 -1.02 -65.29
CA PRO G 504 -40.34 -0.91 -64.72
C PRO G 504 -39.97 0.48 -64.26
N ALA G 505 -40.75 1.50 -64.64
CA ALA G 505 -40.61 2.84 -64.08
C ALA G 505 -41.14 2.93 -62.65
N TRP G 506 -41.79 1.86 -62.17
CA TRP G 506 -42.24 1.81 -60.78
C TRP G 506 -41.05 1.85 -59.83
N ARG G 507 -39.95 1.22 -60.22
CA ARG G 507 -39.06 0.65 -59.22
C ARG G 507 -37.88 1.58 -59.01
N LYS G 508 -38.01 2.79 -59.55
CA LYS G 508 -37.13 3.91 -59.21
C LYS G 508 -37.54 4.55 -57.88
N ALA G 509 -37.90 3.74 -56.90
CA ALA G 509 -38.43 4.23 -55.64
C ALA G 509 -37.67 3.62 -54.47
N VAL G 510 -37.85 4.21 -53.28
CA VAL G 510 -37.28 3.67 -52.06
C VAL G 510 -38.36 2.86 -51.35
N PHE G 511 -38.04 1.63 -50.96
CA PHE G 511 -38.96 0.79 -50.22
C PHE G 511 -39.23 1.39 -48.85
N ILE G 512 -40.50 1.55 -48.50
CA ILE G 512 -40.89 1.89 -47.15
C ILE G 512 -41.42 0.63 -46.48
N SER G 513 -41.07 0.45 -45.20
CA SER G 513 -41.58 -0.71 -44.47
C SER G 513 -41.33 -0.56 -42.97
N PRO G 514 -42.30 -0.95 -42.14
CA PRO G 514 -42.11 -0.85 -40.69
C PRO G 514 -41.02 -1.79 -40.21
N TYR G 515 -41.21 -3.08 -40.44
CA TYR G 515 -40.34 -4.11 -39.89
C TYR G 515 -39.15 -4.25 -40.83
N ASN G 516 -38.20 -3.32 -40.69
CA ASN G 516 -37.18 -3.14 -41.72
C ASN G 516 -36.40 -4.41 -42.04
N SER G 517 -36.52 -5.47 -41.24
CA SER G 517 -36.04 -6.77 -41.69
C SER G 517 -36.91 -7.30 -42.82
N GLN G 518 -38.16 -6.85 -42.90
CA GLN G 518 -39.02 -7.21 -44.03
C GLN G 518 -38.45 -6.64 -45.32
N ASN G 519 -37.60 -5.61 -45.20
CA ASN G 519 -36.73 -5.22 -46.31
C ASN G 519 -35.45 -6.03 -46.37
N ALA G 520 -34.94 -6.48 -45.22
CA ALA G 520 -33.83 -7.45 -45.26
C ALA G 520 -34.25 -8.71 -46.00
N VAL G 521 -35.56 -8.95 -46.12
CA VAL G 521 -36.06 -9.97 -47.02
C VAL G 521 -36.41 -9.38 -48.40
N ALA G 522 -36.80 -8.10 -48.44
CA ALA G 522 -37.18 -7.47 -49.70
C ALA G 522 -35.97 -7.02 -50.51
N SER G 523 -34.91 -6.57 -49.85
CA SER G 523 -33.75 -6.07 -50.58
C SER G 523 -33.13 -7.15 -51.46
N LYS G 524 -33.22 -8.41 -51.04
CA LYS G 524 -32.72 -9.51 -51.86
C LYS G 524 -33.68 -9.83 -53.00
N ILE G 525 -34.91 -9.31 -52.94
CA ILE G 525 -35.87 -9.61 -54.00
C ILE G 525 -35.89 -8.52 -55.06
N LEU G 526 -35.60 -7.28 -54.67
CA LEU G 526 -35.80 -6.14 -55.56
C LEU G 526 -34.51 -5.36 -55.85
N GLY G 527 -33.58 -5.31 -54.91
CA GLY G 527 -32.49 -4.36 -54.96
C GLY G 527 -32.88 -2.97 -54.50
N LEU G 528 -34.12 -2.77 -54.06
CA LEU G 528 -34.65 -1.48 -53.69
C LEU G 528 -34.09 -1.04 -52.33
N PRO G 529 -33.77 0.25 -52.18
CA PRO G 529 -33.27 0.75 -50.89
C PRO G 529 -34.32 0.68 -49.80
N THR G 530 -33.89 0.99 -48.58
CA THR G 530 -34.69 0.86 -47.38
C THR G 530 -35.18 2.23 -46.90
N GLN G 531 -36.38 2.27 -46.33
CA GLN G 531 -36.86 3.46 -45.62
C GLN G 531 -37.22 3.06 -44.20
N THR G 532 -36.51 3.63 -43.23
CA THR G 532 -36.91 3.56 -41.83
C THR G 532 -38.17 4.40 -41.66
N VAL G 533 -39.17 3.85 -40.97
CA VAL G 533 -40.45 4.56 -40.86
C VAL G 533 -40.30 5.81 -39.99
N ASP G 534 -39.71 5.66 -38.80
CA ASP G 534 -39.71 6.77 -37.85
C ASP G 534 -38.57 7.76 -38.07
N SER G 535 -37.39 7.29 -38.46
CA SER G 535 -36.26 8.17 -38.74
C SER G 535 -36.25 8.63 -40.19
N SER G 536 -37.41 8.99 -40.74
CA SER G 536 -37.60 9.25 -42.16
C SER G 536 -37.75 10.72 -42.49
N GLN G 537 -38.42 11.51 -41.65
CA GLN G 537 -38.79 12.87 -42.04
C GLN G 537 -37.54 13.70 -42.29
N GLY G 538 -37.63 14.54 -43.32
CA GLY G 538 -36.46 15.25 -43.80
C GLY G 538 -35.89 14.58 -45.04
N SER G 539 -35.96 13.25 -45.08
CA SER G 539 -35.55 12.48 -46.25
C SER G 539 -36.78 11.98 -47.00
N GLU G 540 -36.75 12.13 -48.34
CA GLU G 540 -37.85 11.59 -49.14
C GLU G 540 -37.56 11.68 -50.64
N TYR G 541 -38.19 10.77 -51.38
CA TYR G 541 -38.40 10.87 -52.82
C TYR G 541 -39.85 11.07 -53.21
N ASP G 542 -40.01 11.58 -54.43
CA ASP G 542 -41.30 11.55 -55.12
C ASP G 542 -41.83 10.14 -55.29
N TYR G 543 -40.95 9.14 -55.29
CA TYR G 543 -41.36 7.77 -55.54
C TYR G 543 -40.92 6.93 -54.36
N VAL G 544 -41.89 6.36 -53.65
CA VAL G 544 -41.62 5.52 -52.49
C VAL G 544 -42.66 4.41 -52.45
N ILE G 545 -42.18 3.17 -52.35
CA ILE G 545 -43.06 2.00 -52.25
C ILE G 545 -43.17 1.62 -50.77
N PHE G 546 -44.40 1.36 -50.32
CA PHE G 546 -44.62 1.13 -48.90
C PHE G 546 -45.51 -0.09 -48.71
N THR G 547 -44.97 -1.06 -47.98
CA THR G 547 -45.72 -2.20 -47.48
C THR G 547 -45.83 -2.08 -45.96
N GLN G 548 -47.00 -1.64 -45.49
CA GLN G 548 -47.21 -1.49 -44.05
C GLN G 548 -47.21 -2.81 -43.30
N THR G 549 -47.38 -3.94 -43.99
CA THR G 549 -47.09 -5.26 -43.44
C THR G 549 -47.62 -5.56 -42.04
N THR G 550 -48.48 -4.71 -41.48
CA THR G 550 -49.05 -4.91 -40.16
C THR G 550 -50.12 -3.84 -40.04
N GLU G 551 -51.19 -4.13 -39.29
CA GLU G 551 -52.24 -3.18 -38.99
C GLU G 551 -52.35 -2.88 -37.51
N THR G 552 -51.39 -3.34 -36.70
CA THR G 552 -51.51 -3.26 -35.26
C THR G 552 -51.27 -1.83 -34.77
N ALA G 553 -51.43 -1.65 -33.46
CA ALA G 553 -51.12 -0.37 -32.82
C ALA G 553 -49.67 0.04 -33.03
N HIS G 554 -48.77 -0.92 -33.21
CA HIS G 554 -47.44 -0.62 -33.72
C HIS G 554 -47.51 0.07 -35.07
N SER G 555 -48.48 -0.34 -35.88
CA SER G 555 -48.43 -0.05 -37.31
C SER G 555 -49.24 1.13 -37.82
N CYS G 556 -50.56 1.00 -37.90
CA CYS G 556 -51.38 1.90 -38.69
C CYS G 556 -52.06 2.90 -37.75
N ASN G 557 -51.44 3.17 -36.62
CA ASN G 557 -51.86 4.29 -35.77
C ASN G 557 -51.74 5.60 -36.51
N VAL G 558 -52.33 6.65 -35.94
CA VAL G 558 -52.66 7.86 -36.69
C VAL G 558 -51.40 8.51 -37.28
N ASN G 559 -50.41 8.79 -36.43
CA ASN G 559 -49.38 9.71 -36.87
C ASN G 559 -48.00 9.05 -36.89
N ARG G 560 -47.90 7.75 -37.19
CA ARG G 560 -46.55 7.19 -37.30
C ARG G 560 -46.25 7.22 -38.79
N PHE G 561 -46.72 6.22 -39.53
CA PHE G 561 -46.37 6.18 -40.95
C PHE G 561 -47.06 7.29 -41.73
N ASN G 562 -47.90 8.08 -41.04
CA ASN G 562 -48.21 9.44 -41.47
C ASN G 562 -46.98 10.13 -42.04
N VAL G 563 -45.83 9.93 -41.41
CA VAL G 563 -44.59 10.50 -41.91
C VAL G 563 -44.13 9.76 -43.17
N ALA G 564 -44.63 8.54 -43.38
CA ALA G 564 -44.21 7.78 -44.55
C ALA G 564 -45.09 8.08 -45.75
N ILE G 565 -46.38 8.33 -45.52
CA ILE G 565 -47.26 8.65 -46.66
C ILE G 565 -46.85 9.96 -47.32
N THR G 566 -46.49 10.98 -46.54
CA THR G 566 -46.17 12.29 -47.11
C THR G 566 -44.74 12.39 -47.65
N ARG G 567 -44.10 11.25 -47.93
CA ARG G 567 -42.75 11.27 -48.47
C ARG G 567 -42.73 11.70 -49.93
N ALA G 568 -43.84 11.51 -50.64
CA ALA G 568 -43.85 11.70 -52.09
C ALA G 568 -44.04 13.18 -52.45
N LYS G 569 -43.15 13.68 -53.31
CA LYS G 569 -43.39 14.82 -54.20
C LYS G 569 -44.70 14.60 -54.95
N VAL G 570 -44.87 13.42 -55.55
CA VAL G 570 -46.13 13.21 -56.24
C VAL G 570 -46.65 11.77 -56.21
N GLY G 571 -45.77 10.79 -55.94
CA GLY G 571 -46.14 9.42 -56.18
C GLY G 571 -45.62 8.42 -55.17
N ILE G 572 -46.43 8.18 -54.14
CA ILE G 572 -46.13 7.15 -53.15
C ILE G 572 -47.03 5.95 -53.43
N LEU G 573 -46.70 4.83 -52.78
CA LEU G 573 -47.50 3.61 -52.83
C LEU G 573 -47.95 3.28 -51.41
N CYS G 574 -49.21 2.89 -51.26
CA CYS G 574 -49.81 2.55 -49.98
C CYS G 574 -50.65 1.27 -50.14
N ILE G 575 -50.07 0.11 -49.84
CA ILE G 575 -50.88 -1.10 -49.78
C ILE G 575 -51.56 -1.15 -48.42
N MET G 576 -52.64 -0.39 -48.26
CA MET G 576 -53.31 -0.30 -46.96
C MET G 576 -54.13 -1.56 -46.66
N SER G 577 -53.44 -2.62 -46.24
CA SER G 577 -54.07 -3.81 -45.66
C SER G 577 -54.86 -3.50 -44.39
N ASP G 578 -54.69 -2.32 -43.83
CA ASP G 578 -55.43 -1.91 -42.64
C ASP G 578 -56.81 -1.40 -43.01
N ARG G 579 -57.78 -1.66 -42.14
CA ARG G 579 -59.01 -0.90 -42.15
C ARG G 579 -58.94 0.28 -41.19
N ASP G 580 -57.74 0.61 -40.70
CA ASP G 580 -57.61 1.65 -39.68
C ASP G 580 -57.98 3.02 -40.25
N LEU G 581 -57.26 3.48 -41.29
CA LEU G 581 -57.56 4.76 -41.92
C LEU G 581 -57.89 4.63 -43.40
N TYR G 582 -57.85 3.42 -43.95
CA TYR G 582 -58.22 3.23 -45.35
C TYR G 582 -59.60 3.81 -45.66
N ASP G 583 -60.49 3.81 -44.67
CA ASP G 583 -61.83 4.37 -44.86
C ASP G 583 -61.80 5.84 -45.23
N LYS G 584 -60.61 6.45 -45.23
CA LYS G 584 -60.46 7.86 -45.55
C LYS G 584 -59.76 8.10 -46.89
N LEU G 585 -58.65 7.41 -47.14
CA LEU G 585 -57.65 7.95 -48.04
C LEU G 585 -58.17 7.93 -49.48
N GLN G 586 -58.00 9.06 -50.17
CA GLN G 586 -58.70 9.32 -51.43
C GLN G 586 -57.80 9.12 -52.64
N PHE G 587 -57.34 7.90 -52.89
CA PHE G 587 -56.40 7.69 -53.97
C PHE G 587 -56.87 6.63 -54.95
N THR G 588 -56.08 6.45 -56.01
CA THR G 588 -56.42 5.63 -57.15
C THR G 588 -56.43 4.17 -56.71
N SER G 589 -57.57 3.51 -56.92
CA SER G 589 -57.74 2.12 -56.53
C SER G 589 -57.81 1.25 -57.78
N LEU G 590 -57.18 0.08 -57.72
CA LEU G 590 -57.21 -0.89 -58.80
C LEU G 590 -57.49 -2.27 -58.24
N GLU G 591 -57.65 -3.24 -59.14
CA GLU G 591 -57.82 -4.60 -58.69
C GLU G 591 -56.48 -5.17 -58.25
N ILE G 592 -56.54 -6.19 -57.39
CA ILE G 592 -55.30 -6.77 -56.86
C ILE G 592 -55.09 -8.07 -57.63
N PRO G 593 -54.06 -8.15 -58.48
CA PRO G 593 -53.73 -9.31 -59.32
C PRO G 593 -53.34 -10.54 -58.51
N ALA H 1 -12.90 -18.56 8.54
CA ALA H 1 -13.32 -17.93 9.80
C ALA H 1 -14.80 -17.80 9.96
N VAL H 2 -15.52 -17.45 8.90
CA VAL H 2 -16.95 -17.24 8.94
C VAL H 2 -17.67 -17.53 7.61
N GLY H 3 -18.54 -18.53 7.52
CA GLY H 3 -19.26 -18.76 6.28
C GLY H 3 -20.68 -19.16 6.55
N ALA H 4 -21.28 -19.82 5.56
CA ALA H 4 -22.67 -20.24 5.65
C ALA H 4 -22.74 -21.69 6.10
N CYS H 5 -23.68 -21.98 6.99
CA CYS H 5 -23.81 -23.32 7.55
C CYS H 5 -24.42 -24.25 6.52
N VAL H 6 -24.15 -25.55 6.69
CA VAL H 6 -24.69 -26.53 5.77
C VAL H 6 -26.22 -26.58 5.85
N LEU H 7 -26.74 -26.96 7.00
CA LEU H 7 -28.17 -27.23 7.10
C LEU H 7 -29.03 -25.98 7.01
N CYS H 8 -28.40 -24.81 6.96
CA CYS H 8 -29.13 -23.55 7.00
C CYS H 8 -28.77 -22.57 5.91
N ASN H 9 -27.50 -22.53 5.49
CA ASN H 9 -26.98 -21.56 4.50
C ASN H 9 -27.00 -20.14 5.03
N SER H 10 -27.24 -19.96 6.32
CA SER H 10 -27.11 -18.65 6.94
C SER H 10 -25.64 -18.50 7.26
N GLN H 11 -25.26 -17.26 7.57
CA GLN H 11 -23.85 -16.94 7.73
C GLN H 11 -23.57 -17.20 9.20
N THR H 12 -22.70 -18.16 9.47
CA THR H 12 -22.43 -18.56 10.85
C THR H 12 -20.95 -18.54 11.13
N SER H 13 -20.58 -18.87 12.35
CA SER H 13 -19.19 -18.89 12.77
C SER H 13 -19.22 -19.90 13.90
N LEU H 14 -19.18 -21.20 13.62
CA LEU H 14 -19.27 -22.22 14.63
C LEU H 14 -18.98 -23.43 13.77
N ARG H 15 -18.05 -24.27 14.23
CA ARG H 15 -17.68 -25.48 13.53
C ARG H 15 -17.61 -26.61 14.54
N CYS H 16 -18.38 -27.66 14.31
CA CYS H 16 -18.43 -28.78 15.23
C CYS H 16 -17.05 -29.40 15.40
N GLY H 17 -16.55 -29.37 16.63
CA GLY H 17 -15.17 -29.75 16.89
C GLY H 17 -14.96 -31.25 16.90
N ALA H 18 -15.82 -31.98 17.59
CA ALA H 18 -15.74 -33.43 17.57
C ALA H 18 -16.08 -34.01 16.21
N CYS H 19 -16.72 -33.24 15.35
CA CYS H 19 -17.07 -33.71 14.03
C CYS H 19 -15.82 -33.75 13.15
N ILE H 20 -15.79 -34.69 12.22
CA ILE H 20 -14.54 -35.03 11.55
C ILE H 20 -14.08 -33.90 10.63
N ARG H 21 -14.97 -33.46 9.74
CA ARG H 21 -14.62 -32.49 8.72
C ARG H 21 -14.82 -31.07 9.23
N ARG H 22 -15.68 -30.89 10.23
CA ARG H 22 -15.96 -29.62 10.90
C ARG H 22 -16.58 -28.68 9.88
N PRO H 23 -17.87 -28.83 9.57
CA PRO H 23 -18.53 -27.89 8.69
C PRO H 23 -19.12 -26.73 9.48
N PHE H 24 -19.29 -25.61 8.78
CA PHE H 24 -19.92 -24.46 9.41
C PHE H 24 -21.32 -24.83 9.84
N LEU H 25 -21.66 -24.53 11.09
CA LEU H 25 -22.98 -24.83 11.61
C LEU H 25 -23.63 -23.57 12.15
N CYS H 26 -24.92 -23.49 11.92
CA CYS H 26 -25.77 -22.37 12.28
C CYS H 26 -26.28 -22.51 13.71
N CYS H 27 -26.42 -21.38 14.39
CA CYS H 27 -26.64 -21.38 15.84
C CYS H 27 -27.71 -22.38 16.25
N LYS H 28 -28.95 -22.18 15.80
CA LYS H 28 -30.01 -23.14 16.10
C LYS H 28 -29.69 -24.48 15.47
N CYS H 29 -29.24 -24.46 14.22
CA CYS H 29 -28.87 -25.66 13.48
C CYS H 29 -27.69 -26.38 14.13
N CYS H 30 -26.72 -25.62 14.65
CA CYS H 30 -25.62 -26.23 15.39
C CYS H 30 -26.11 -26.87 16.67
N TYR H 31 -27.04 -26.22 17.37
CA TYR H 31 -27.60 -26.79 18.59
C TYR H 31 -28.32 -28.10 18.28
N ASP H 32 -29.11 -28.11 17.21
CA ASP H 32 -29.75 -29.35 16.79
C ASP H 32 -28.72 -30.45 16.53
N HIS H 33 -27.59 -30.12 15.91
CA HIS H 33 -26.58 -31.16 15.75
C HIS H 33 -25.98 -31.58 17.09
N VAL H 34 -25.87 -30.65 18.04
CA VAL H 34 -25.17 -30.99 19.28
C VAL H 34 -26.08 -31.76 20.24
N ILE H 35 -27.40 -31.67 20.07
CA ILE H 35 -28.30 -32.31 21.04
C ILE H 35 -28.43 -33.82 20.88
N SER H 36 -27.92 -34.41 19.80
CA SER H 36 -28.21 -35.79 19.50
C SER H 36 -26.96 -36.65 19.30
N THR H 37 -25.78 -36.14 19.62
CA THR H 37 -24.55 -36.87 19.36
C THR H 37 -23.62 -36.70 20.56
N SER H 38 -22.42 -37.27 20.43
CA SER H 38 -21.30 -36.88 21.27
C SER H 38 -20.47 -35.77 20.64
N HIS H 39 -20.87 -35.27 19.48
CA HIS H 39 -20.27 -34.07 18.91
C HIS H 39 -20.64 -32.92 19.82
N LYS H 40 -19.93 -32.81 20.94
CA LYS H 40 -20.32 -31.90 22.01
C LYS H 40 -19.26 -30.84 22.25
N LEU H 41 -18.33 -30.68 21.31
CA LEU H 41 -17.35 -29.62 21.31
C LEU H 41 -17.55 -28.79 20.06
N VAL H 42 -17.57 -27.47 20.23
CA VAL H 42 -17.83 -26.56 19.11
C VAL H 42 -16.82 -25.44 19.16
N LEU H 43 -16.21 -25.15 18.02
CA LEU H 43 -15.22 -24.09 17.90
C LEU H 43 -15.84 -22.87 17.25
N SER H 44 -15.65 -21.71 17.85
CA SER H 44 -15.94 -20.46 17.18
C SER H 44 -14.58 -19.85 16.89
N VAL H 45 -14.51 -18.53 16.66
CA VAL H 45 -13.21 -17.90 16.49
C VAL H 45 -12.16 -18.41 17.47
N ASN H 46 -12.59 -18.76 18.65
CA ASN H 46 -11.83 -19.51 19.64
C ASN H 46 -12.60 -20.74 20.05
N PRO H 47 -11.92 -21.77 20.55
CA PRO H 47 -12.64 -22.98 20.93
C PRO H 47 -13.42 -22.76 22.21
N TYR H 48 -14.61 -23.36 22.27
CA TYR H 48 -15.45 -23.26 23.45
C TYR H 48 -14.99 -24.30 24.45
N VAL H 49 -14.01 -23.93 25.27
CA VAL H 49 -13.49 -24.78 26.35
C VAL H 49 -13.08 -23.88 27.50
N CYS H 50 -13.16 -24.43 28.72
CA CYS H 50 -12.92 -23.64 29.91
C CYS H 50 -11.46 -23.22 29.96
N ASN H 51 -11.21 -21.94 29.77
CA ASN H 51 -9.84 -21.44 29.76
C ASN H 51 -9.36 -21.03 31.14
N ALA H 52 -9.99 -21.51 32.19
CA ALA H 52 -9.37 -21.43 33.51
C ALA H 52 -8.08 -22.24 33.48
N PRO H 53 -6.97 -21.70 33.97
CA PRO H 53 -5.67 -22.33 33.76
C PRO H 53 -5.65 -23.80 34.18
N GLY H 54 -5.48 -24.68 33.20
CA GLY H 54 -5.39 -26.10 33.47
C GLY H 54 -6.69 -26.75 33.89
N CYS H 55 -7.70 -26.73 33.04
CA CYS H 55 -8.94 -27.45 33.30
C CYS H 55 -9.09 -28.61 32.34
N ASP H 56 -10.23 -29.28 32.45
CA ASP H 56 -10.49 -30.52 31.75
C ASP H 56 -11.79 -30.51 30.95
N VAL H 57 -12.71 -29.63 31.28
CA VAL H 57 -14.07 -29.69 30.74
C VAL H 57 -14.06 -29.18 29.31
N THR H 58 -14.78 -29.88 28.42
CA THR H 58 -14.81 -29.54 27.01
C THR H 58 -16.15 -29.73 26.32
N ASP H 59 -17.17 -30.25 27.00
CA ASP H 59 -18.51 -30.27 26.43
C ASP H 59 -19.05 -28.85 26.39
N VAL H 60 -19.96 -28.58 25.43
CA VAL H 60 -20.37 -27.20 25.19
C VAL H 60 -21.34 -26.70 26.26
N THR H 61 -22.50 -27.37 26.40
CA THR H 61 -23.47 -26.98 27.40
C THR H 61 -22.88 -26.99 28.80
N GLN H 62 -21.75 -27.65 28.97
CA GLN H 62 -21.04 -27.75 30.22
C GLN H 62 -20.36 -26.44 30.61
N LEU H 63 -20.50 -25.39 29.80
CA LEU H 63 -19.78 -24.14 29.96
C LEU H 63 -20.70 -22.93 30.01
N TYR H 64 -20.24 -21.87 30.67
CA TYR H 64 -20.94 -20.60 30.80
C TYR H 64 -20.02 -19.46 30.41
N LEU H 65 -20.60 -18.39 29.88
CA LEU H 65 -19.84 -17.24 29.40
C LEU H 65 -19.33 -16.43 30.59
N GLY H 66 -18.03 -16.47 30.82
CA GLY H 66 -17.43 -15.64 31.84
C GLY H 66 -16.68 -14.45 31.26
N GLY H 67 -17.42 -13.42 30.88
CA GLY H 67 -16.83 -12.23 30.30
C GLY H 67 -15.98 -12.48 29.07
N MET H 68 -14.67 -12.34 29.22
CA MET H 68 -13.70 -12.55 28.16
C MET H 68 -13.35 -14.02 27.99
N SER H 69 -14.12 -14.91 28.59
CA SER H 69 -13.71 -16.30 28.63
C SER H 69 -14.93 -17.19 28.70
N TYR H 70 -14.68 -18.49 28.69
CA TYR H 70 -15.71 -19.51 28.85
C TYR H 70 -15.25 -20.42 29.96
N TYR H 71 -16.13 -20.72 30.91
CA TYR H 71 -15.73 -21.46 32.09
C TYR H 71 -16.70 -22.58 32.36
N CYS H 72 -16.24 -23.59 33.07
CA CYS H 72 -17.15 -24.53 33.68
C CYS H 72 -17.73 -23.93 34.96
N LYS H 73 -18.74 -24.62 35.49
CA LYS H 73 -19.32 -24.24 36.77
C LYS H 73 -18.26 -24.25 37.87
N SER H 74 -17.29 -25.16 37.77
CA SER H 74 -16.19 -25.23 38.73
C SER H 74 -15.26 -24.09 38.61
N HIS H 75 -15.49 -23.24 37.61
CA HIS H 75 -14.63 -22.09 37.38
C HIS H 75 -15.41 -20.80 37.16
N LYS H 76 -16.70 -20.89 36.86
CA LYS H 76 -17.44 -19.73 36.40
C LYS H 76 -17.44 -18.64 37.45
N PRO H 77 -17.26 -17.39 37.03
CA PRO H 77 -17.36 -16.28 37.94
C PRO H 77 -18.81 -16.10 38.35
N PRO H 78 -19.08 -15.41 39.46
CA PRO H 78 -20.47 -15.21 39.89
C PRO H 78 -21.36 -14.68 38.79
N ILE H 79 -20.83 -13.81 37.95
CA ILE H 79 -21.56 -13.31 36.80
C ILE H 79 -21.25 -14.21 35.61
N SER H 80 -22.16 -15.13 35.31
CA SER H 80 -21.99 -16.07 34.20
C SER H 80 -23.22 -16.00 33.31
N PHE H 81 -23.23 -16.84 32.30
CA PHE H 81 -24.25 -16.83 31.27
C PHE H 81 -24.03 -18.09 30.45
N PRO H 82 -24.89 -19.10 30.58
CA PRO H 82 -24.63 -20.38 29.91
C PRO H 82 -24.58 -20.21 28.40
N LEU H 83 -23.51 -20.74 27.79
CA LEU H 83 -23.36 -20.60 26.35
C LEU H 83 -24.48 -21.29 25.60
N CYS H 84 -24.72 -22.56 25.88
CA CYS H 84 -25.69 -23.36 25.15
C CYS H 84 -27.00 -23.28 25.92
N ALA H 85 -27.91 -22.46 25.41
CA ALA H 85 -29.21 -22.27 26.03
C ALA H 85 -30.16 -21.77 24.97
N ASN H 86 -31.37 -21.39 25.39
CA ASN H 86 -32.34 -20.75 24.52
C ASN H 86 -32.72 -21.58 23.32
N GLY H 87 -32.30 -22.84 23.28
CA GLY H 87 -32.45 -23.60 22.05
C GLY H 87 -31.58 -23.05 20.93
N GLN H 88 -30.54 -22.30 21.30
CA GLN H 88 -29.69 -21.62 20.32
C GLN H 88 -28.31 -21.36 20.92
N VAL H 89 -27.28 -22.02 20.38
CA VAL H 89 -25.94 -21.93 20.95
C VAL H 89 -25.32 -20.59 20.63
N PHE H 90 -24.53 -20.07 21.55
CA PHE H 90 -24.07 -18.68 21.48
C PHE H 90 -22.96 -18.54 20.46
N GLY H 91 -23.21 -17.79 19.39
CA GLY H 91 -22.19 -17.50 18.40
C GLY H 91 -22.59 -16.28 17.62
N LEU H 92 -21.76 -15.93 16.64
CA LEU H 92 -22.06 -14.81 15.77
C LEU H 92 -23.33 -15.08 14.97
N TYR H 93 -24.01 -14.00 14.59
CA TYR H 93 -25.24 -14.08 13.81
C TYR H 93 -26.29 -14.90 14.53
N LYS H 94 -26.48 -14.63 15.82
CA LYS H 94 -27.39 -15.45 16.62
C LYS H 94 -28.84 -15.21 16.24
N ASN H 95 -29.10 -14.27 15.33
CA ASN H 95 -30.47 -13.98 14.95
C ASN H 95 -30.89 -14.75 13.70
N THR H 96 -29.98 -14.87 12.73
CA THR H 96 -30.29 -15.49 11.45
C THR H 96 -30.03 -16.99 11.54
N CYS H 97 -31.00 -17.71 12.10
CA CYS H 97 -30.91 -19.15 12.29
C CYS H 97 -32.25 -19.79 11.94
N VAL H 98 -32.22 -20.73 11.00
CA VAL H 98 -33.44 -21.34 10.50
C VAL H 98 -33.54 -22.82 10.81
N GLY H 99 -32.43 -23.54 10.90
CA GLY H 99 -32.46 -24.94 11.29
C GLY H 99 -33.20 -25.82 10.29
N SER H 100 -33.21 -27.11 10.60
CA SER H 100 -34.06 -28.08 9.95
C SER H 100 -34.68 -28.98 11.01
N ASP H 101 -35.98 -29.22 10.88
CA ASP H 101 -36.71 -29.93 11.93
C ASP H 101 -36.13 -31.32 12.15
N ASN H 102 -35.76 -32.00 11.08
CA ASN H 102 -35.18 -33.33 11.15
C ASN H 102 -33.77 -33.27 10.58
N VAL H 103 -32.78 -33.09 11.46
CA VAL H 103 -31.38 -33.10 11.08
C VAL H 103 -30.71 -34.41 11.40
N THR H 104 -31.43 -35.38 11.94
CA THR H 104 -30.83 -36.68 12.21
C THR H 104 -30.30 -37.31 10.93
N ASP H 105 -30.74 -36.81 9.78
CA ASP H 105 -29.98 -36.96 8.55
C ASP H 105 -28.53 -36.46 8.71
N PHE H 106 -28.36 -35.21 9.17
CA PHE H 106 -27.01 -34.67 9.33
C PHE H 106 -26.26 -35.40 10.44
N ASN H 107 -26.87 -35.53 11.61
CA ASN H 107 -26.24 -36.26 12.71
C ASN H 107 -25.89 -37.68 12.30
N ALA H 108 -26.74 -38.29 11.48
CA ALA H 108 -26.51 -39.65 11.04
C ALA H 108 -25.28 -39.73 10.16
N ILE H 109 -25.12 -38.77 9.24
CA ILE H 109 -23.88 -38.71 8.47
C ILE H 109 -22.69 -38.48 9.40
N ALA H 110 -22.82 -37.56 10.35
CA ALA H 110 -21.72 -37.25 11.25
C ALA H 110 -21.43 -38.41 12.20
N THR H 111 -22.46 -39.03 12.75
CA THR H 111 -22.25 -40.20 13.59
C THR H 111 -22.03 -41.47 12.79
N CYS H 112 -21.94 -41.36 11.47
CA CYS H 112 -21.67 -42.50 10.61
C CYS H 112 -20.19 -42.85 10.63
N ASP H 113 -19.85 -44.02 11.15
CA ASP H 113 -18.47 -44.49 11.13
C ASP H 113 -18.14 -45.26 9.87
N TRP H 114 -19.10 -45.44 8.96
CA TRP H 114 -18.88 -46.08 7.66
C TRP H 114 -18.45 -47.54 7.84
N THR H 115 -19.39 -48.38 8.24
CA THR H 115 -19.15 -49.81 8.36
C THR H 115 -20.07 -50.64 7.47
N ASN H 116 -21.36 -50.35 7.48
CA ASN H 116 -22.36 -51.12 6.73
C ASN H 116 -22.68 -50.45 5.41
N ALA H 117 -23.46 -51.16 4.58
CA ALA H 117 -23.98 -50.55 3.35
C ALA H 117 -24.99 -49.46 3.67
N GLY H 118 -25.64 -49.56 4.83
CA GLY H 118 -26.48 -48.48 5.30
C GLY H 118 -25.76 -47.16 5.32
N ASP H 119 -24.45 -47.18 5.62
CA ASP H 119 -23.64 -45.97 5.59
C ASP H 119 -23.67 -45.29 4.23
N TYR H 120 -23.56 -46.07 3.16
CA TYR H 120 -23.53 -45.43 1.85
C TYR H 120 -24.93 -45.20 1.29
N ILE H 121 -25.92 -45.97 1.74
CA ILE H 121 -27.31 -45.56 1.54
C ILE H 121 -27.54 -44.18 2.13
N LEU H 122 -26.93 -43.92 3.30
CA LEU H 122 -26.92 -42.56 3.83
C LEU H 122 -26.18 -41.63 2.87
N ALA H 123 -24.97 -42.02 2.46
CA ALA H 123 -24.12 -41.14 1.66
C ALA H 123 -24.78 -40.69 0.36
N ASN H 124 -25.61 -41.54 -0.26
CA ASN H 124 -26.33 -41.15 -1.46
C ASN H 124 -27.74 -40.65 -1.20
N THR H 125 -28.58 -41.45 -0.53
CA THR H 125 -29.95 -41.05 -0.28
C THR H 125 -30.06 -39.87 0.68
N CYS H 126 -28.96 -39.19 0.94
CA CYS H 126 -28.95 -37.97 1.73
C CYS H 126 -29.41 -36.79 0.88
N THR H 127 -29.00 -35.59 1.28
CA THR H 127 -29.47 -34.36 0.63
C THR H 127 -28.10 -33.97 0.10
N GLU H 128 -27.95 -32.69 -0.26
CA GLU H 128 -26.72 -32.28 -0.91
C GLU H 128 -25.39 -31.87 -0.26
N ARG H 129 -25.36 -30.79 0.52
CA ARG H 129 -24.14 -30.52 1.26
C ARG H 129 -23.85 -31.67 2.19
N LEU H 130 -24.89 -32.42 2.58
CA LEU H 130 -24.71 -33.77 3.10
C LEU H 130 -23.90 -34.63 2.15
N LYS H 131 -24.17 -34.54 0.84
CA LYS H 131 -23.48 -35.43 -0.09
C LYS H 131 -21.98 -35.11 -0.14
N LEU H 132 -21.63 -33.83 -0.18
CA LEU H 132 -20.21 -33.52 -0.23
C LEU H 132 -19.54 -33.81 1.10
N PHE H 133 -20.21 -33.47 2.20
CA PHE H 133 -19.73 -33.85 3.52
C PHE H 133 -19.52 -35.36 3.60
N ALA H 134 -20.44 -36.14 3.03
CA ALA H 134 -20.34 -37.58 3.12
C ALA H 134 -19.12 -38.09 2.36
N ALA H 135 -19.00 -37.75 1.08
CA ALA H 135 -17.87 -38.23 0.29
C ALA H 135 -16.55 -37.81 0.93
N GLU H 136 -16.50 -36.56 1.40
CA GLU H 136 -15.28 -36.05 1.99
C GLU H 136 -14.98 -36.72 3.32
N THR H 137 -16.01 -37.10 4.07
CA THR H 137 -15.80 -37.85 5.31
C THR H 137 -15.25 -39.24 5.01
N LEU H 138 -15.82 -39.90 4.01
CA LEU H 138 -15.26 -41.18 3.58
C LEU H 138 -13.78 -41.00 3.33
N LYS H 139 -13.42 -40.10 2.40
CA LYS H 139 -12.01 -39.96 2.05
C LYS H 139 -11.15 -39.68 3.27
N ALA H 140 -11.57 -38.72 4.10
CA ALA H 140 -10.80 -38.33 5.27
C ALA H 140 -10.53 -39.53 6.18
N THR H 141 -11.57 -40.27 6.53
CA THR H 141 -11.40 -41.37 7.46
C THR H 141 -10.63 -42.52 6.82
N GLU H 142 -10.64 -42.60 5.49
CA GLU H 142 -9.84 -43.65 4.87
C GLU H 142 -8.37 -43.28 4.71
N GLU H 143 -8.03 -42.00 4.49
CA GLU H 143 -6.61 -41.68 4.51
C GLU H 143 -6.09 -41.67 5.94
N THR H 144 -6.98 -41.51 6.92
CA THR H 144 -6.60 -41.81 8.30
C THR H 144 -6.54 -43.32 8.55
N PHE H 145 -7.34 -44.09 7.82
CA PHE H 145 -7.29 -45.55 7.85
C PHE H 145 -5.91 -46.04 7.50
N LYS H 146 -5.40 -45.65 6.32
CA LYS H 146 -4.24 -46.35 5.77
C LYS H 146 -3.03 -46.25 6.69
N LEU H 147 -2.95 -45.14 7.44
CA LEU H 147 -1.77 -44.88 8.25
C LEU H 147 -1.89 -45.39 9.69
N SER H 148 -2.94 -46.17 10.00
CA SER H 148 -2.95 -46.93 11.24
C SER H 148 -2.05 -48.15 11.18
N TYR H 149 -1.16 -48.20 10.20
CA TYR H 149 -0.41 -49.40 9.88
C TYR H 149 1.09 -49.11 9.91
N GLY H 150 1.88 -50.19 9.85
CA GLY H 150 3.29 -50.09 10.14
C GLY H 150 4.05 -49.30 9.09
N ILE H 151 5.28 -48.94 9.46
CA ILE H 151 6.21 -48.33 8.52
C ILE H 151 7.01 -49.43 7.84
N ALA H 152 6.80 -49.60 6.54
CA ALA H 152 7.37 -50.72 5.79
C ALA H 152 8.87 -50.52 5.63
N THR H 153 9.63 -50.95 6.62
CA THR H 153 11.09 -50.87 6.58
C THR H 153 11.65 -52.04 5.77
N VAL H 154 12.28 -51.74 4.65
CA VAL H 154 13.15 -52.70 3.99
C VAL H 154 14.47 -52.66 4.75
N ARG H 155 14.72 -53.69 5.55
CA ARG H 155 15.82 -53.60 6.51
C ARG H 155 16.95 -54.53 6.15
N GLU H 156 16.71 -55.47 5.24
CA GLU H 156 17.73 -56.16 4.49
C GLU H 156 17.30 -56.16 3.03
N VAL H 157 18.28 -56.25 2.14
CA VAL H 157 18.02 -56.39 0.70
C VAL H 157 18.73 -57.66 0.25
N LEU H 158 17.98 -58.60 -0.33
CA LEU H 158 18.59 -59.84 -0.79
C LEU H 158 18.84 -59.79 -2.30
N SER H 159 17.76 -59.85 -3.09
CA SER H 159 17.84 -59.88 -4.53
C SER H 159 16.92 -58.82 -5.13
N ASP H 160 16.86 -58.74 -6.45
CA ASP H 160 15.96 -57.82 -7.12
C ASP H 160 14.57 -58.44 -7.17
N ARG H 161 13.55 -57.59 -7.23
CA ARG H 161 12.14 -58.00 -7.17
C ARG H 161 11.79 -58.69 -5.85
N GLU H 162 12.67 -58.58 -4.86
CA GLU H 162 12.47 -59.18 -3.54
C GLU H 162 13.06 -58.24 -2.50
N LEU H 163 12.50 -58.24 -1.30
CA LEU H 163 13.01 -57.44 -0.20
C LEU H 163 12.88 -58.23 1.10
N HIS H 164 13.72 -57.88 2.07
CA HIS H 164 13.53 -58.25 3.47
C HIS H 164 12.91 -57.05 4.15
N LEU H 165 11.69 -57.20 4.66
CA LEU H 165 10.84 -56.08 5.04
C LEU H 165 10.07 -56.41 6.30
N SER H 166 10.12 -55.50 7.26
CA SER H 166 9.30 -55.50 8.46
C SER H 166 8.52 -54.19 8.54
N TRP H 167 7.82 -53.99 9.65
CA TRP H 167 7.00 -52.79 9.83
C TRP H 167 7.07 -52.33 11.27
N GLU H 168 6.23 -51.34 11.58
CA GLU H 168 6.21 -50.75 12.91
C GLU H 168 5.44 -51.62 13.90
N VAL H 169 5.29 -51.12 15.12
CA VAL H 169 4.78 -51.93 16.22
C VAL H 169 3.29 -51.69 16.42
N GLY H 170 2.58 -52.74 16.82
CA GLY H 170 1.23 -52.67 17.30
C GLY H 170 0.17 -52.56 16.23
N LYS H 171 0.56 -52.48 14.97
CA LYS H 171 -0.37 -52.14 13.90
C LYS H 171 -0.62 -53.35 13.02
N PRO H 172 -1.86 -53.52 12.54
CA PRO H 172 -2.13 -54.64 11.61
C PRO H 172 -1.48 -54.43 10.27
N ARG H 173 -1.83 -55.22 9.25
CA ARG H 173 -0.91 -54.96 8.17
C ARG H 173 -1.69 -54.60 6.92
N PRO H 174 -1.17 -53.72 6.07
CA PRO H 174 -1.90 -53.38 4.84
C PRO H 174 -2.01 -54.58 3.93
N PRO H 175 -3.00 -54.60 3.03
CA PRO H 175 -3.23 -55.78 2.19
C PRO H 175 -2.19 -55.97 1.10
N LEU H 176 -2.54 -56.76 0.08
CA LEU H 176 -1.55 -57.48 -0.70
C LEU H 176 -1.21 -56.82 -2.04
N ASN H 177 -2.10 -56.01 -2.61
CA ASN H 177 -1.91 -55.54 -3.99
C ASN H 177 -2.11 -54.02 -4.07
N ARG H 178 -2.28 -53.57 -5.33
CA ARG H 178 -1.90 -52.21 -5.75
C ARG H 178 -3.03 -51.17 -5.75
N ASN H 179 -4.19 -51.47 -5.19
CA ASN H 179 -5.10 -50.37 -4.88
C ASN H 179 -4.55 -49.54 -3.74
N TYR H 180 -3.61 -50.11 -2.99
CA TYR H 180 -2.95 -49.44 -1.86
C TYR H 180 -1.49 -49.35 -2.22
N VAL H 181 -1.17 -48.41 -3.11
CA VAL H 181 0.18 -48.20 -3.58
C VAL H 181 0.90 -47.30 -2.60
N PHE H 182 2.07 -47.73 -2.13
CA PHE H 182 2.83 -46.95 -1.17
C PHE H 182 3.59 -45.88 -1.94
N THR H 183 4.25 -44.97 -1.23
CA THR H 183 5.12 -44.00 -1.87
C THR H 183 6.15 -43.57 -0.82
N GLY H 184 7.10 -44.46 -0.55
CA GLY H 184 8.05 -44.23 0.51
C GLY H 184 9.05 -43.16 0.13
N TYR H 185 9.81 -42.73 1.13
CA TYR H 185 10.83 -41.69 0.97
C TYR H 185 11.94 -41.96 1.97
N ARG H 186 13.17 -41.64 1.57
CA ARG H 186 14.37 -42.07 2.29
C ARG H 186 14.90 -40.96 3.18
N VAL H 187 15.70 -41.33 4.18
CA VAL H 187 16.31 -40.37 5.10
C VAL H 187 17.79 -40.26 4.82
N THR H 188 18.42 -39.24 5.40
CA THR H 188 19.87 -39.21 5.58
C THR H 188 20.56 -39.33 6.93
N LYS H 189 20.51 -38.26 7.71
CA LYS H 189 21.01 -38.34 9.07
C LYS H 189 19.80 -37.71 9.75
N ASN H 190 19.13 -36.78 9.08
CA ASN H 190 18.16 -35.94 9.78
C ASN H 190 16.72 -36.16 9.33
N SER H 191 16.44 -35.92 8.05
CA SER H 191 15.05 -35.86 7.58
C SER H 191 14.81 -36.74 6.35
N LYS H 192 13.74 -36.47 5.62
CA LYS H 192 13.06 -37.46 4.79
C LYS H 192 12.97 -37.00 3.34
N VAL H 193 13.67 -37.70 2.43
CA VAL H 193 13.73 -37.29 1.02
C VAL H 193 12.93 -38.31 0.19
N GLN H 194 13.23 -38.34 -1.11
CA GLN H 194 12.95 -39.46 -2.02
C GLN H 194 13.26 -40.94 -2.18
N ILE H 195 12.20 -41.77 -2.29
CA ILE H 195 12.21 -43.15 -2.81
C ILE H 195 11.31 -43.49 -3.99
N GLY H 196 9.99 -43.35 -3.80
CA GLY H 196 9.07 -43.58 -4.90
C GLY H 196 7.81 -44.39 -4.63
N GLU H 197 7.22 -44.89 -5.72
CA GLU H 197 5.92 -45.52 -5.74
C GLU H 197 6.06 -47.04 -5.73
N TYR H 198 5.62 -47.67 -4.65
CA TYR H 198 5.87 -49.09 -4.47
C TYR H 198 4.69 -49.77 -3.82
N THR H 199 4.65 -51.09 -3.96
CA THR H 199 3.68 -51.95 -3.30
C THR H 199 4.30 -53.32 -3.09
N PHE H 200 3.85 -54.02 -2.04
CA PHE H 200 4.48 -55.25 -1.60
C PHE H 200 3.48 -56.40 -1.65
N GLU H 201 3.92 -57.52 -2.25
CA GLU H 201 3.03 -58.62 -2.57
C GLU H 201 3.77 -59.92 -2.25
N LYS H 202 3.02 -61.03 -2.25
CA LYS H 202 3.54 -62.39 -2.19
C LYS H 202 4.93 -62.52 -2.80
N GLY H 203 5.89 -62.92 -1.97
CA GLY H 203 7.25 -63.16 -2.41
C GLY H 203 7.62 -64.63 -2.43
N ALA H 208 10.68 -62.87 1.92
CA ALA H 208 10.45 -62.68 0.50
C ALA H 208 9.31 -61.70 0.24
N VAL H 209 9.67 -60.52 -0.28
CA VAL H 209 8.70 -59.44 -0.50
C VAL H 209 8.83 -58.94 -1.93
N VAL H 210 7.84 -59.26 -2.75
CA VAL H 210 7.82 -58.85 -4.15
C VAL H 210 7.35 -57.40 -4.22
N TYR H 211 8.23 -56.53 -4.70
CA TYR H 211 7.91 -55.12 -4.90
C TYR H 211 7.89 -54.81 -6.39
N ARG H 212 6.85 -54.08 -6.82
CA ARG H 212 6.67 -53.74 -8.22
C ARG H 212 6.79 -52.23 -8.35
N GLY H 213 8.03 -51.73 -8.26
CA GLY H 213 8.27 -50.31 -8.39
C GLY H 213 8.02 -49.82 -9.80
N THR H 214 7.32 -48.69 -9.87
CA THR H 214 6.96 -48.11 -11.17
C THR H 214 8.20 -47.56 -11.88
N THR H 215 9.04 -46.84 -11.15
CA THR H 215 10.24 -46.24 -11.69
C THR H 215 11.46 -47.12 -11.36
N THR H 216 12.59 -46.77 -11.98
CA THR H 216 13.82 -47.48 -11.69
C THR H 216 14.45 -46.96 -10.41
N TYR H 217 14.80 -47.90 -9.51
CA TYR H 217 15.55 -47.57 -8.31
C TYR H 217 16.02 -48.86 -7.66
N LYS H 218 17.07 -48.75 -6.84
CA LYS H 218 17.66 -49.87 -6.12
C LYS H 218 17.80 -49.47 -4.67
N LEU H 219 17.26 -50.28 -3.77
CA LEU H 219 17.07 -49.88 -2.38
C LEU H 219 18.21 -50.37 -1.50
N ASN H 220 18.35 -49.72 -0.34
CA ASN H 220 19.43 -49.93 0.61
C ASN H 220 18.87 -50.37 1.96
N VAL H 221 19.67 -50.18 3.02
CA VAL H 221 19.33 -50.63 4.36
C VAL H 221 18.62 -49.53 5.13
N GLY H 222 17.64 -49.92 5.94
CA GLY H 222 16.79 -48.98 6.65
C GLY H 222 15.66 -48.41 5.81
N ASP H 223 15.55 -48.84 4.56
CA ASP H 223 14.64 -48.25 3.59
C ASP H 223 13.20 -48.52 4.01
N TYR H 224 12.40 -47.47 4.21
CA TYR H 224 11.07 -47.64 4.76
C TYR H 224 10.01 -47.12 3.79
N PHE H 225 8.78 -47.63 3.96
CA PHE H 225 7.64 -47.25 3.14
C PHE H 225 6.39 -47.11 4.00
N VAL H 226 5.59 -46.09 3.69
CA VAL H 226 4.21 -46.02 4.15
C VAL H 226 3.40 -45.41 3.01
N LEU H 227 2.08 -45.59 3.07
CA LEU H 227 1.17 -44.95 2.12
C LEU H 227 1.02 -43.45 2.46
N THR H 228 2.01 -42.67 2.02
CA THR H 228 2.00 -41.23 2.24
C THR H 228 0.66 -40.62 1.82
N SER H 229 0.13 -39.75 2.66
CA SER H 229 -1.21 -39.20 2.51
C SER H 229 -1.15 -37.72 2.14
N HIS H 230 -2.31 -37.19 1.80
CA HIS H 230 -2.49 -35.79 1.45
C HIS H 230 -3.55 -35.17 2.37
N THR H 231 -3.97 -33.95 2.06
CA THR H 231 -4.94 -33.22 2.86
C THR H 231 -6.17 -32.97 2.00
N VAL H 232 -7.19 -33.80 2.17
CA VAL H 232 -8.44 -33.63 1.42
C VAL H 232 -9.10 -32.34 1.87
N MET H 233 -9.11 -31.35 1.01
CA MET H 233 -9.75 -30.09 1.32
C MET H 233 -11.15 -30.07 0.73
N PRO H 234 -12.05 -29.23 1.26
CA PRO H 234 -13.47 -29.38 0.95
C PRO H 234 -13.79 -29.18 -0.53
N LEU H 235 -15.01 -29.55 -0.88
CA LEU H 235 -15.48 -29.47 -2.25
C LEU H 235 -16.71 -28.66 -2.64
N SER H 236 -16.48 -27.62 -3.45
CA SER H 236 -17.58 -26.78 -3.92
C SER H 236 -18.78 -27.08 -4.81
N ALA H 237 -18.58 -27.27 -6.11
CA ALA H 237 -19.70 -27.47 -7.01
C ALA H 237 -20.49 -28.72 -6.64
N PRO H 238 -21.73 -28.81 -7.08
CA PRO H 238 -22.49 -30.05 -6.88
C PRO H 238 -21.89 -31.19 -7.70
N THR H 239 -22.30 -32.41 -7.33
CA THR H 239 -21.95 -33.60 -8.12
C THR H 239 -22.39 -33.44 -9.58
N LEU H 240 -23.48 -32.73 -9.80
CA LEU H 240 -24.07 -32.55 -11.11
C LEU H 240 -25.06 -31.39 -11.04
N VAL H 241 -25.00 -30.51 -12.02
CA VAL H 241 -25.82 -29.30 -11.99
C VAL H 241 -27.29 -29.67 -12.16
N PRO H 242 -28.22 -28.83 -11.71
CA PRO H 242 -29.62 -29.00 -12.11
C PRO H 242 -29.78 -28.79 -13.60
N GLN H 243 -29.76 -29.89 -14.35
CA GLN H 243 -29.62 -29.85 -15.80
C GLN H 243 -30.99 -29.75 -16.47
N GLU H 244 -30.98 -29.44 -17.76
CA GLU H 244 -32.22 -29.31 -18.54
C GLU H 244 -31.90 -29.39 -20.02
N HIS H 245 -32.90 -29.73 -20.84
CA HIS H 245 -32.70 -29.94 -22.27
C HIS H 245 -33.11 -28.69 -23.05
N TYR H 246 -32.15 -28.10 -23.75
CA TYR H 246 -32.35 -26.88 -24.52
C TYR H 246 -33.47 -27.04 -25.56
N VAL H 247 -33.81 -25.94 -26.23
CA VAL H 247 -34.89 -25.96 -27.21
C VAL H 247 -34.36 -26.13 -28.61
N ARG H 248 -33.21 -25.54 -28.92
CA ARG H 248 -32.48 -25.99 -30.10
C ARG H 248 -31.01 -26.07 -29.72
N ILE H 249 -30.24 -26.88 -30.43
CA ILE H 249 -28.80 -26.95 -30.22
C ILE H 249 -28.18 -25.64 -30.72
N THR H 250 -28.47 -24.54 -30.02
CA THR H 250 -27.94 -23.23 -30.35
C THR H 250 -26.61 -23.03 -29.63
N GLY H 251 -25.71 -22.26 -30.23
CA GLY H 251 -24.38 -22.08 -29.70
C GLY H 251 -23.44 -23.23 -29.99
N LEU H 252 -23.96 -24.33 -30.52
CA LEU H 252 -23.14 -25.47 -30.90
C LEU H 252 -23.12 -25.58 -32.42
N TYR H 253 -22.05 -26.16 -32.94
CA TYR H 253 -21.70 -25.95 -34.34
C TYR H 253 -22.13 -27.16 -35.17
N PRO H 254 -23.21 -27.05 -35.94
CA PRO H 254 -23.62 -28.18 -36.77
C PRO H 254 -22.69 -28.33 -37.97
N THR H 255 -22.02 -29.48 -38.04
CA THR H 255 -21.10 -29.73 -39.13
C THR H 255 -21.83 -30.44 -40.28
N LEU H 256 -21.29 -30.25 -41.49
CA LEU H 256 -21.88 -30.78 -42.72
C LEU H 256 -21.55 -32.26 -42.89
N ASN H 257 -20.27 -32.62 -42.83
CA ASN H 257 -19.78 -33.94 -43.18
C ASN H 257 -19.52 -34.75 -41.91
N ILE H 258 -19.54 -36.07 -42.06
CA ILE H 258 -19.49 -36.98 -40.93
C ILE H 258 -18.79 -38.28 -41.34
N SER H 259 -18.28 -39.00 -40.35
CA SER H 259 -17.72 -40.34 -40.54
C SER H 259 -18.73 -41.38 -40.06
N ASP H 260 -19.16 -42.26 -40.97
CA ASP H 260 -20.08 -43.33 -40.59
C ASP H 260 -19.38 -44.58 -40.07
N GLU H 261 -18.07 -44.55 -39.85
CA GLU H 261 -17.50 -45.50 -38.90
C GLU H 261 -18.24 -45.49 -37.57
N PHE H 262 -18.70 -44.32 -37.14
CA PHE H 262 -19.46 -44.17 -35.92
C PHE H 262 -20.90 -43.76 -36.22
N SER H 263 -21.57 -44.49 -37.13
CA SER H 263 -22.96 -44.18 -37.39
C SER H 263 -23.83 -44.47 -36.17
N SER H 264 -23.30 -45.23 -35.21
CA SER H 264 -23.91 -45.43 -33.91
C SER H 264 -23.67 -44.25 -32.98
N ASN H 265 -23.20 -43.12 -33.49
CA ASN H 265 -22.73 -42.01 -32.66
C ASN H 265 -23.43 -40.69 -32.94
N VAL H 266 -23.71 -40.38 -34.21
CA VAL H 266 -24.13 -39.01 -34.53
C VAL H 266 -25.54 -38.72 -34.01
N ALA H 267 -26.44 -39.70 -34.11
CA ALA H 267 -27.76 -39.50 -33.53
C ALA H 267 -27.67 -39.38 -32.02
N ASN H 268 -26.58 -39.87 -31.44
CA ASN H 268 -26.34 -39.78 -30.00
C ASN H 268 -25.86 -38.40 -29.57
N TYR H 269 -25.09 -37.71 -30.42
CA TYR H 269 -24.59 -36.39 -30.06
C TYR H 269 -25.62 -35.30 -30.24
N GLN H 270 -26.58 -35.48 -31.15
CA GLN H 270 -27.35 -34.36 -31.67
C GLN H 270 -28.14 -33.66 -30.58
N LYS H 271 -28.78 -34.44 -29.70
CA LYS H 271 -29.51 -33.86 -28.58
C LYS H 271 -28.60 -33.55 -27.40
N VAL H 272 -27.36 -34.02 -27.42
CA VAL H 272 -26.46 -33.76 -26.30
C VAL H 272 -26.08 -32.28 -26.27
N GLY H 273 -26.00 -31.66 -27.45
CA GLY H 273 -25.97 -30.21 -27.56
C GLY H 273 -27.30 -29.53 -27.31
N MET H 274 -28.38 -30.31 -27.25
CA MET H 274 -29.70 -29.82 -26.88
C MET H 274 -30.01 -30.08 -25.41
N GLN H 275 -28.99 -30.30 -24.59
CA GLN H 275 -29.13 -30.80 -23.22
C GLN H 275 -27.84 -30.53 -22.45
N LYS H 276 -27.95 -30.44 -21.12
CA LYS H 276 -26.78 -30.25 -20.28
C LYS H 276 -25.97 -31.54 -20.14
N TYR H 277 -26.47 -32.53 -19.40
CA TYR H 277 -25.69 -33.74 -19.22
C TYR H 277 -26.41 -34.97 -19.75
N SER H 278 -25.60 -35.92 -20.22
CA SER H 278 -26.05 -37.27 -20.54
C SER H 278 -25.00 -38.25 -20.07
N THR H 279 -25.37 -39.08 -19.10
CA THR H 279 -24.58 -40.26 -18.82
C THR H 279 -25.09 -41.40 -19.70
N LEU H 280 -24.16 -42.12 -20.32
CA LEU H 280 -24.47 -43.08 -21.37
C LEU H 280 -24.39 -44.49 -20.82
N GLN H 281 -25.27 -45.36 -21.32
CA GLN H 281 -25.12 -46.80 -21.15
C GLN H 281 -23.92 -47.24 -21.99
N GLY H 282 -22.79 -47.47 -21.34
CA GLY H 282 -21.60 -47.89 -22.02
C GLY H 282 -21.15 -49.26 -21.58
N PRO H 283 -21.62 -50.30 -22.27
CA PRO H 283 -21.14 -51.65 -22.01
C PRO H 283 -19.70 -51.80 -22.49
N PRO H 284 -18.98 -52.78 -21.97
CA PRO H 284 -17.54 -52.84 -22.21
C PRO H 284 -17.20 -53.03 -23.68
N GLY H 285 -16.35 -52.14 -24.20
CA GLY H 285 -15.93 -52.18 -25.58
C GLY H 285 -17.02 -51.92 -26.61
N THR H 286 -18.07 -51.20 -26.22
CA THR H 286 -19.12 -50.81 -27.16
C THR H 286 -18.79 -49.51 -27.89
N GLY H 287 -17.55 -49.34 -28.31
CA GLY H 287 -17.14 -48.08 -28.90
C GLY H 287 -17.27 -46.90 -27.97
N LYS H 288 -17.31 -47.13 -26.66
CA LYS H 288 -17.40 -46.04 -25.70
C LYS H 288 -16.17 -45.15 -25.76
N SER H 289 -14.97 -45.74 -25.73
CA SER H 289 -13.79 -44.95 -26.01
C SER H 289 -13.81 -44.43 -27.44
N HIS H 290 -14.49 -45.15 -28.33
CA HIS H 290 -14.64 -44.67 -29.70
C HIS H 290 -15.67 -43.55 -29.73
N PHE H 291 -16.65 -43.62 -28.83
CA PHE H 291 -17.81 -42.73 -28.85
C PHE H 291 -17.39 -41.26 -28.72
N ALA H 292 -16.64 -40.93 -27.67
CA ALA H 292 -16.29 -39.54 -27.42
C ALA H 292 -15.36 -38.99 -28.49
N ILE H 293 -14.67 -39.87 -29.22
CA ILE H 293 -13.76 -39.42 -30.27
C ILE H 293 -14.53 -39.14 -31.55
N GLY H 294 -15.73 -39.70 -31.68
CA GLY H 294 -16.57 -39.37 -32.82
C GLY H 294 -17.09 -37.93 -32.79
N LEU H 295 -17.60 -37.50 -31.64
CA LEU H 295 -18.01 -36.11 -31.48
C LEU H 295 -16.84 -35.17 -31.69
N ALA H 296 -15.63 -35.62 -31.33
CA ALA H 296 -14.42 -34.85 -31.55
C ALA H 296 -14.31 -34.38 -32.98
N LEU H 297 -14.68 -35.23 -33.95
CA LEU H 297 -14.73 -34.81 -35.35
C LEU H 297 -16.06 -34.16 -35.70
N TYR H 298 -17.16 -34.61 -35.09
CA TYR H 298 -18.46 -34.03 -35.39
C TYR H 298 -18.49 -32.56 -34.96
N TYR H 299 -17.99 -32.26 -33.77
CA TYR H 299 -17.89 -30.88 -33.30
C TYR H 299 -16.42 -30.60 -33.03
N PRO H 300 -15.61 -30.37 -34.06
CA PRO H 300 -14.17 -30.14 -33.84
C PRO H 300 -13.93 -28.78 -33.22
N SER H 301 -15.00 -28.00 -33.09
CA SER H 301 -14.92 -26.69 -32.45
C SER H 301 -15.12 -26.78 -30.94
N ALA H 302 -15.17 -27.97 -30.37
CA ALA H 302 -15.48 -28.10 -28.95
C ALA H 302 -14.23 -28.18 -28.10
N ARG H 303 -14.16 -27.33 -27.08
CA ARG H 303 -13.26 -27.54 -25.95
C ARG H 303 -13.86 -28.60 -25.04
N ILE H 304 -13.66 -29.85 -25.39
CA ILE H 304 -14.43 -30.94 -24.81
C ILE H 304 -13.58 -31.63 -23.74
N VAL H 305 -14.21 -31.86 -22.58
CA VAL H 305 -13.48 -32.16 -21.35
C VAL H 305 -13.47 -33.67 -21.17
N TYR H 306 -12.37 -34.28 -21.57
CA TYR H 306 -12.12 -35.72 -21.42
C TYR H 306 -11.48 -35.98 -20.06
N THR H 307 -12.22 -36.63 -19.16
CA THR H 307 -11.71 -36.94 -17.84
C THR H 307 -12.03 -38.38 -17.46
N ALA H 308 -11.14 -38.99 -16.68
CA ALA H 308 -11.34 -40.36 -16.23
C ALA H 308 -10.70 -40.50 -14.85
N CYS H 309 -10.80 -41.70 -14.29
CA CYS H 309 -10.26 -41.96 -12.95
C CYS H 309 -8.74 -42.03 -12.97
N SER H 310 -8.13 -42.16 -14.15
CA SER H 310 -6.68 -42.23 -14.27
C SER H 310 -6.25 -41.97 -15.71
N HIS H 311 -5.00 -41.49 -15.86
CA HIS H 311 -4.27 -41.66 -17.10
C HIS H 311 -3.85 -43.10 -17.34
N ALA H 312 -4.44 -44.05 -16.59
CA ALA H 312 -4.62 -45.40 -17.06
C ALA H 312 -6.02 -45.60 -17.65
N ALA H 313 -6.98 -44.77 -17.24
CA ALA H 313 -8.32 -44.78 -17.81
C ALA H 313 -8.51 -43.72 -18.89
N VAL H 314 -8.12 -42.47 -18.61
CA VAL H 314 -8.07 -41.47 -19.67
C VAL H 314 -6.99 -41.83 -20.66
N ASP H 315 -6.00 -42.61 -20.24
CA ASP H 315 -5.14 -43.33 -21.17
C ASP H 315 -5.94 -43.86 -22.35
N ALA H 316 -7.04 -44.58 -22.06
CA ALA H 316 -7.87 -45.10 -23.13
C ALA H 316 -8.53 -43.98 -23.92
N LEU H 317 -8.89 -42.87 -23.28
CA LEU H 317 -9.39 -41.72 -24.04
C LEU H 317 -8.30 -41.12 -24.93
N CYS H 318 -7.04 -41.19 -24.52
CA CYS H 318 -5.94 -40.68 -25.35
C CYS H 318 -5.39 -41.76 -26.28
N GLU H 319 -5.97 -42.96 -26.26
CA GLU H 319 -5.48 -44.04 -27.12
C GLU H 319 -5.59 -43.65 -28.59
N LYS H 320 -6.77 -43.27 -29.04
CA LYS H 320 -6.98 -42.80 -30.40
C LYS H 320 -7.04 -41.27 -30.49
N ALA H 321 -6.29 -40.58 -29.63
CA ALA H 321 -6.39 -39.12 -29.60
C ALA H 321 -5.76 -38.50 -30.84
N LEU H 322 -4.44 -38.61 -30.97
CA LEU H 322 -3.79 -38.04 -32.14
C LEU H 322 -3.99 -38.91 -33.37
N LYS H 323 -4.39 -40.17 -33.16
CA LYS H 323 -4.72 -41.03 -34.29
C LYS H 323 -5.96 -40.53 -35.01
N TYR H 324 -6.80 -39.75 -34.32
CA TYR H 324 -7.99 -39.18 -34.92
C TYR H 324 -7.98 -37.66 -35.01
N LEU H 325 -7.31 -36.97 -34.10
CA LEU H 325 -7.29 -35.51 -34.06
C LEU H 325 -5.89 -35.03 -34.38
N PRO H 326 -5.73 -33.84 -34.96
CA PRO H 326 -4.38 -33.25 -35.10
C PRO H 326 -3.69 -33.10 -33.76
N ILE H 327 -2.38 -32.90 -33.79
CA ILE H 327 -1.52 -33.22 -32.67
C ILE H 327 -1.58 -32.15 -31.58
N ASP H 328 -1.48 -30.89 -31.98
CA ASP H 328 -1.08 -29.90 -31.00
C ASP H 328 -2.35 -29.41 -30.31
N LYS H 329 -3.50 -29.92 -30.78
CA LYS H 329 -4.79 -29.61 -30.20
C LYS H 329 -5.19 -30.53 -29.06
N CYS H 330 -4.34 -31.49 -28.69
CA CYS H 330 -4.55 -32.26 -27.47
C CYS H 330 -3.51 -31.87 -26.44
N SER H 331 -3.85 -32.07 -25.17
CA SER H 331 -2.96 -31.77 -24.05
C SER H 331 -3.45 -32.50 -22.82
N ARG H 332 -2.52 -32.90 -21.95
CA ARG H 332 -2.86 -33.51 -20.68
C ARG H 332 -1.95 -32.95 -19.59
N ILE H 333 -2.54 -32.64 -18.44
CA ILE H 333 -1.81 -32.08 -17.31
C ILE H 333 -1.39 -33.26 -16.43
N ILE H 334 -0.09 -33.56 -16.43
CA ILE H 334 0.45 -34.58 -15.53
C ILE H 334 1.23 -33.85 -14.45
N PRO H 335 0.81 -33.95 -13.18
CA PRO H 335 1.43 -33.15 -12.13
C PRO H 335 2.82 -33.67 -11.75
N ALA H 336 3.60 -32.78 -11.16
CA ALA H 336 4.95 -33.11 -10.74
C ALA H 336 4.92 -34.07 -9.55
N VAL H 340 3.77 -38.86 -12.24
CA VAL H 340 3.25 -40.16 -12.62
C VAL H 340 3.43 -40.47 -14.10
N GLU H 341 4.05 -41.61 -14.38
CA GLU H 341 4.42 -41.97 -15.74
C GLU H 341 3.29 -42.74 -16.41
N CYS H 342 2.60 -42.10 -17.35
CA CYS H 342 1.59 -42.78 -18.16
C CYS H 342 1.84 -42.16 -19.54
N PHE H 343 0.83 -42.21 -20.40
CA PHE H 343 0.87 -41.48 -21.67
C PHE H 343 1.52 -40.10 -21.63
N ASP H 344 2.46 -39.88 -22.55
CA ASP H 344 3.02 -38.55 -22.71
C ASP H 344 3.28 -38.22 -24.17
N LYS H 345 2.31 -38.51 -25.05
CA LYS H 345 2.47 -38.09 -26.44
C LYS H 345 2.19 -36.62 -26.64
N PHE H 346 1.46 -36.01 -25.72
CA PHE H 346 0.87 -34.69 -25.89
C PHE H 346 1.89 -33.61 -25.59
N LYS H 347 1.47 -32.37 -25.75
CA LYS H 347 2.13 -31.26 -25.06
C LYS H 347 1.55 -31.19 -23.66
N VAL H 348 2.41 -31.02 -22.69
CA VAL H 348 2.01 -31.10 -21.29
C VAL H 348 2.06 -29.70 -20.70
N ASN H 349 1.15 -29.43 -19.77
CA ASN H 349 1.08 -28.16 -19.05
C ASN H 349 0.58 -27.04 -19.97
N SER H 350 -0.60 -27.27 -20.53
CA SER H 350 -1.31 -26.32 -21.37
C SER H 350 -2.80 -26.53 -21.17
N THR H 351 -3.40 -25.72 -20.28
CA THR H 351 -4.82 -25.85 -20.01
C THR H 351 -5.71 -25.22 -21.08
N LEU H 352 -5.37 -23.99 -21.50
CA LEU H 352 -6.03 -23.37 -22.64
C LEU H 352 -5.72 -24.15 -23.92
N GLU H 353 -6.24 -25.36 -24.01
CA GLU H 353 -6.05 -26.25 -25.14
C GLU H 353 -7.40 -26.65 -25.70
N GLN H 354 -7.44 -26.86 -27.02
CA GLN H 354 -8.70 -27.22 -27.67
C GLN H 354 -9.25 -28.53 -27.11
N TYR H 355 -8.40 -29.56 -27.02
CA TYR H 355 -8.76 -30.81 -26.37
C TYR H 355 -7.85 -31.00 -25.17
N VAL H 356 -8.44 -31.00 -23.98
CA VAL H 356 -7.70 -31.25 -22.75
C VAL H 356 -8.22 -32.55 -22.16
N PHE H 357 -7.39 -33.60 -22.21
CA PHE H 357 -7.62 -34.83 -21.48
C PHE H 357 -6.97 -34.66 -20.11
N CYS H 358 -7.50 -35.37 -19.12
CA CYS H 358 -6.85 -35.45 -17.82
C CYS H 358 -7.61 -36.41 -16.92
N THR H 359 -7.09 -36.57 -15.71
CA THR H 359 -7.73 -37.29 -14.62
C THR H 359 -8.22 -36.29 -13.57
N VAL H 360 -9.14 -36.75 -12.73
CA VAL H 360 -9.58 -35.99 -11.57
C VAL H 360 -8.42 -35.54 -10.68
N ASN H 361 -7.19 -36.04 -10.94
CA ASN H 361 -6.05 -35.60 -10.15
C ASN H 361 -5.72 -34.13 -10.29
N ALA H 362 -5.45 -33.64 -11.50
CA ALA H 362 -4.94 -32.29 -11.62
C ALA H 362 -5.19 -31.59 -12.95
N LEU H 363 -6.41 -31.56 -13.45
CA LEU H 363 -6.72 -30.60 -14.51
C LEU H 363 -7.18 -29.30 -13.84
N PRO H 364 -6.53 -28.17 -14.10
CA PRO H 364 -6.86 -26.96 -13.36
C PRO H 364 -8.22 -26.40 -13.78
N GLU H 365 -8.66 -25.42 -13.00
CA GLU H 365 -10.05 -24.97 -13.04
C GLU H 365 -10.24 -23.92 -14.12
N THR H 366 -11.17 -24.18 -15.04
CA THR H 366 -11.45 -23.29 -16.17
C THR H 366 -12.92 -23.42 -16.52
N THR H 367 -13.29 -22.99 -17.74
CA THR H 367 -14.63 -23.19 -18.30
C THR H 367 -14.48 -23.65 -19.75
N ALA H 368 -15.27 -24.65 -20.13
CA ALA H 368 -15.04 -25.33 -21.39
C ALA H 368 -16.37 -25.54 -22.10
N ASP H 369 -16.40 -26.53 -22.99
CA ASP H 369 -17.57 -26.84 -23.82
C ASP H 369 -18.53 -28.01 -23.63
N ILE H 370 -18.01 -29.22 -23.47
CA ILE H 370 -18.87 -30.38 -23.30
C ILE H 370 -17.92 -31.30 -22.54
N VAL H 371 -18.43 -31.87 -21.46
CA VAL H 371 -17.65 -32.72 -20.58
C VAL H 371 -17.85 -34.17 -21.02
N VAL H 372 -16.77 -34.95 -21.01
CA VAL H 372 -16.87 -36.37 -21.29
C VAL H 372 -16.09 -37.14 -20.22
N PHE H 373 -16.81 -37.85 -19.37
CA PHE H 373 -16.21 -38.46 -18.17
C PHE H 373 -16.22 -39.98 -18.29
N ASP H 374 -15.05 -40.59 -18.52
CA ASP H 374 -14.85 -42.03 -18.36
C ASP H 374 -14.75 -42.40 -16.87
N GLU H 375 -15.00 -43.68 -16.58
CA GLU H 375 -14.99 -44.17 -15.21
C GLU H 375 -15.97 -43.60 -14.20
N ILE H 376 -17.25 -43.71 -14.50
CA ILE H 376 -18.28 -43.24 -13.59
C ILE H 376 -18.68 -44.17 -12.45
N SER H 377 -18.61 -45.48 -12.67
CA SER H 377 -19.00 -46.43 -11.64
C SER H 377 -18.01 -46.46 -10.48
N MET H 378 -16.72 -46.60 -10.77
CA MET H 378 -15.73 -46.73 -9.72
C MET H 378 -15.48 -45.41 -9.00
N ALA H 379 -15.64 -44.28 -9.68
CA ALA H 379 -15.56 -42.98 -9.03
C ALA H 379 -16.90 -42.66 -8.38
N THR H 380 -16.84 -41.98 -7.24
CA THR H 380 -18.02 -41.68 -6.46
C THR H 380 -18.33 -40.18 -6.47
N ASN H 381 -19.18 -39.77 -5.52
CA ASN H 381 -19.69 -38.41 -5.45
C ASN H 381 -18.59 -37.38 -5.22
N TYR H 382 -17.46 -37.78 -4.66
CA TYR H 382 -16.37 -36.84 -4.45
C TYR H 382 -15.89 -36.25 -5.76
N ASP H 383 -15.15 -37.04 -6.54
CA ASP H 383 -14.68 -36.59 -7.83
C ASP H 383 -15.79 -36.37 -8.84
N LEU H 384 -17.01 -36.80 -8.54
CA LEU H 384 -18.15 -36.46 -9.38
C LEU H 384 -18.35 -34.95 -9.42
N SER H 385 -18.28 -34.29 -8.27
CA SER H 385 -18.39 -32.84 -8.24
C SER H 385 -17.06 -32.17 -8.58
N VAL H 386 -16.01 -32.95 -8.81
CA VAL H 386 -14.70 -32.36 -9.04
C VAL H 386 -14.65 -31.71 -10.40
N VAL H 387 -15.11 -32.40 -11.44
CA VAL H 387 -14.98 -31.85 -12.79
C VAL H 387 -15.82 -30.57 -12.93
N ASN H 388 -17.00 -30.54 -12.31
CA ASN H 388 -17.80 -29.32 -12.35
C ASN H 388 -17.25 -28.28 -11.39
N ALA H 389 -16.62 -28.70 -10.29
CA ALA H 389 -15.85 -27.75 -9.50
C ALA H 389 -14.60 -27.33 -10.26
N ARG H 390 -13.97 -28.26 -10.96
CA ARG H 390 -12.98 -27.89 -11.96
C ARG H 390 -13.54 -26.85 -12.90
N LEU H 391 -14.72 -27.11 -13.46
CA LEU H 391 -15.09 -26.53 -14.75
C LEU H 391 -16.59 -26.35 -14.85
N ARG H 392 -17.01 -25.16 -15.29
CA ARG H 392 -18.41 -24.87 -15.61
C ARG H 392 -18.53 -24.79 -17.13
N ALA H 393 -19.05 -25.85 -17.74
CA ALA H 393 -18.95 -26.03 -19.18
C ALA H 393 -20.24 -25.68 -19.90
N LYS H 394 -20.21 -25.77 -21.24
CA LYS H 394 -21.45 -25.79 -22.00
C LYS H 394 -22.36 -26.94 -21.58
N HIS H 395 -21.93 -28.18 -21.79
CA HIS H 395 -22.75 -29.37 -21.58
C HIS H 395 -21.86 -30.49 -21.07
N TYR H 396 -22.48 -31.61 -20.69
CA TYR H 396 -21.83 -32.61 -19.87
C TYR H 396 -22.14 -34.01 -20.40
N VAL H 397 -21.16 -34.91 -20.33
CA VAL H 397 -21.37 -36.31 -20.66
C VAL H 397 -20.50 -37.13 -19.71
N TYR H 398 -21.03 -38.27 -19.25
CA TYR H 398 -20.26 -39.25 -18.47
C TYR H 398 -20.21 -40.54 -19.27
N ILE H 399 -19.01 -40.95 -19.69
CA ILE H 399 -18.86 -42.25 -20.36
C ILE H 399 -18.57 -43.31 -19.32
N GLY H 400 -19.09 -44.49 -19.57
CA GLY H 400 -18.88 -45.60 -18.67
C GLY H 400 -20.22 -46.20 -18.33
N ASP H 401 -20.26 -46.87 -17.21
CA ASP H 401 -21.51 -47.50 -16.81
C ASP H 401 -21.39 -47.99 -15.37
N PRO H 402 -22.39 -47.75 -14.52
CA PRO H 402 -22.50 -48.55 -13.29
C PRO H 402 -22.55 -50.04 -13.56
N ALA H 403 -22.78 -50.44 -14.80
CA ALA H 403 -22.66 -51.85 -15.17
C ALA H 403 -21.21 -52.31 -15.35
N GLN H 404 -20.23 -51.44 -15.13
CA GLN H 404 -18.89 -51.97 -14.86
C GLN H 404 -18.52 -51.26 -13.55
N LEU H 405 -17.41 -51.69 -12.95
CA LEU H 405 -17.26 -51.63 -11.50
C LEU H 405 -17.28 -50.52 -10.45
N PRO H 406 -17.63 -50.82 -9.21
CA PRO H 406 -17.57 -49.82 -8.14
C PRO H 406 -16.13 -49.53 -7.73
N ALA H 407 -16.00 -48.81 -6.62
CA ALA H 407 -14.72 -48.56 -5.98
C ALA H 407 -14.48 -49.60 -4.88
N PRO H 408 -13.22 -49.82 -4.51
CA PRO H 408 -12.93 -50.63 -3.32
C PRO H 408 -13.24 -49.85 -2.05
N ARG H 409 -14.27 -50.29 -1.32
CA ARG H 409 -14.70 -49.62 -0.09
C ARG H 409 -13.93 -50.20 1.08
N THR H 410 -12.87 -49.48 1.47
CA THR H 410 -11.99 -49.87 2.56
C THR H 410 -12.71 -50.02 3.89
N LEU H 411 -13.80 -49.30 4.11
CA LEU H 411 -14.49 -49.42 5.40
C LEU H 411 -15.84 -50.09 5.32
N LEU H 412 -16.48 -50.17 4.16
CA LEU H 412 -17.72 -50.92 4.07
C LEU H 412 -17.46 -52.37 4.47
N THR H 413 -18.20 -52.83 5.48
CA THR H 413 -18.02 -54.17 6.02
C THR H 413 -19.16 -55.18 5.93
N LYS H 414 -20.40 -54.71 6.01
CA LYS H 414 -21.55 -55.60 6.00
C LYS H 414 -21.57 -55.72 4.49
N GLY H 415 -22.58 -56.40 3.96
CA GLY H 415 -22.90 -56.41 2.54
C GLY H 415 -22.60 -55.30 1.56
N THR H 416 -22.04 -55.63 0.41
CA THR H 416 -21.63 -54.62 -0.57
C THR H 416 -22.86 -53.89 -1.12
N LEU H 417 -22.67 -52.59 -1.37
CA LEU H 417 -23.75 -51.68 -1.77
C LEU H 417 -24.17 -52.00 -3.20
N GLU H 418 -25.40 -51.58 -3.57
CA GLU H 418 -25.98 -51.84 -4.89
C GLU H 418 -25.04 -51.39 -6.02
N PRO H 419 -25.17 -51.98 -7.21
CA PRO H 419 -24.58 -51.34 -8.40
C PRO H 419 -25.24 -50.00 -8.66
N GLU H 420 -26.46 -49.84 -8.17
CA GLU H 420 -27.38 -48.81 -8.60
C GLU H 420 -27.14 -47.49 -7.88
N TYR H 421 -26.83 -47.52 -6.58
CA TYR H 421 -26.39 -46.31 -5.89
C TYR H 421 -24.87 -46.18 -5.78
N PHE H 422 -24.13 -46.39 -6.87
CA PHE H 422 -22.71 -46.03 -6.87
C PHE H 422 -22.52 -44.55 -6.58
N ASN H 423 -23.38 -43.71 -7.16
CA ASN H 423 -23.22 -42.27 -7.02
C ASN H 423 -24.57 -41.60 -7.32
N SER H 424 -24.58 -40.26 -7.27
CA SER H 424 -25.83 -39.53 -7.43
C SER H 424 -26.34 -39.64 -8.86
N VAL H 425 -25.46 -39.81 -9.84
CA VAL H 425 -25.91 -39.92 -11.21
C VAL H 425 -26.15 -41.39 -11.56
N CYS H 426 -25.49 -42.31 -10.85
CA CYS H 426 -25.67 -43.72 -11.14
C CYS H 426 -27.10 -44.17 -10.88
N ARG H 427 -27.82 -43.56 -9.94
CA ARG H 427 -29.19 -44.00 -9.74
C ARG H 427 -30.01 -43.57 -10.94
N LEU H 428 -29.62 -42.46 -11.56
CA LEU H 428 -30.42 -41.79 -12.57
C LEU H 428 -30.70 -42.68 -13.76
N MET H 429 -29.70 -43.40 -14.26
CA MET H 429 -29.91 -44.39 -15.31
C MET H 429 -30.57 -45.66 -14.81
N LYS H 430 -30.99 -45.68 -13.54
CA LYS H 430 -31.82 -46.72 -12.98
C LYS H 430 -33.09 -46.16 -12.35
N THR H 431 -33.31 -44.84 -12.45
CA THR H 431 -34.51 -44.20 -11.94
C THR H 431 -35.10 -43.27 -12.99
N ILE H 432 -34.23 -42.66 -13.80
CA ILE H 432 -34.65 -41.90 -14.98
C ILE H 432 -34.48 -42.70 -16.26
N GLY H 433 -33.50 -43.60 -16.31
CA GLY H 433 -33.23 -44.39 -17.48
C GLY H 433 -31.96 -43.95 -18.17
N PRO H 434 -31.44 -44.80 -19.06
CA PRO H 434 -30.19 -44.46 -19.74
C PRO H 434 -30.37 -43.30 -20.69
N ASP H 435 -29.53 -42.29 -20.53
CA ASP H 435 -29.57 -41.14 -21.43
C ASP H 435 -29.14 -41.51 -22.84
N MET H 436 -28.08 -42.30 -23.00
CA MET H 436 -27.61 -42.83 -24.27
C MET H 436 -27.65 -44.36 -24.23
N PHE H 437 -27.29 -44.98 -25.34
CA PHE H 437 -26.74 -46.33 -25.27
C PHE H 437 -25.85 -46.64 -26.47
N LEU H 438 -24.95 -47.61 -26.33
CA LEU H 438 -24.17 -48.13 -27.43
C LEU H 438 -24.17 -49.66 -27.36
N GLY H 439 -24.80 -50.28 -28.35
CA GLY H 439 -24.74 -51.71 -28.52
C GLY H 439 -23.81 -52.17 -29.62
N THR H 440 -22.86 -51.33 -30.05
CA THR H 440 -21.93 -51.65 -31.12
C THR H 440 -20.82 -52.52 -30.55
N CYS H 441 -21.00 -53.83 -30.64
CA CYS H 441 -20.19 -54.80 -29.91
C CYS H 441 -19.07 -55.09 -30.92
N ARG H 442 -18.08 -54.20 -31.01
CA ARG H 442 -16.93 -54.54 -31.84
C ARG H 442 -15.95 -55.61 -31.39
N ARG H 443 -16.12 -56.00 -30.11
CA ARG H 443 -15.23 -56.88 -29.36
C ARG H 443 -15.78 -58.29 -29.24
N CYS H 444 -16.62 -58.58 -28.26
CA CYS H 444 -17.03 -59.94 -28.03
C CYS H 444 -18.11 -60.38 -29.02
N PRO H 445 -18.19 -61.68 -29.34
CA PRO H 445 -19.18 -62.14 -30.32
C PRO H 445 -20.48 -62.58 -29.65
N ALA H 446 -21.31 -63.31 -30.38
CA ALA H 446 -22.53 -63.87 -29.81
C ALA H 446 -22.22 -64.80 -28.65
N GLU H 447 -20.95 -65.18 -28.48
CA GLU H 447 -20.55 -65.97 -27.32
C GLU H 447 -21.12 -65.41 -26.03
N ILE H 448 -20.61 -64.27 -25.60
CA ILE H 448 -20.84 -63.82 -24.24
C ILE H 448 -21.88 -62.70 -24.17
N VAL H 449 -21.97 -61.87 -25.20
CA VAL H 449 -22.59 -60.55 -25.06
C VAL H 449 -24.03 -60.62 -24.57
N ASP H 450 -24.87 -61.45 -25.19
CA ASP H 450 -26.26 -61.48 -24.76
C ASP H 450 -26.41 -62.20 -23.42
N THR H 451 -25.50 -63.14 -23.13
CA THR H 451 -25.49 -63.77 -21.81
C THR H 451 -25.09 -62.76 -20.73
N VAL H 452 -24.46 -61.66 -21.12
CA VAL H 452 -24.38 -60.51 -20.22
C VAL H 452 -25.59 -59.59 -20.37
N SER H 453 -26.31 -59.66 -21.50
CA SER H 453 -27.55 -58.90 -21.67
C SER H 453 -28.69 -59.50 -20.85
N ALA H 454 -28.76 -60.83 -20.77
CA ALA H 454 -29.74 -61.47 -19.92
C ALA H 454 -29.33 -61.45 -18.45
N LEU H 455 -28.21 -60.79 -18.16
CA LEU H 455 -27.60 -60.68 -16.84
C LEU H 455 -28.10 -59.44 -16.12
N VAL H 456 -27.92 -58.28 -16.74
CA VAL H 456 -28.28 -57.01 -16.14
C VAL H 456 -28.75 -56.11 -17.28
N TYR H 457 -28.18 -56.33 -18.46
CA TYR H 457 -28.37 -55.48 -19.63
C TYR H 457 -29.64 -55.71 -20.43
N ASP H 458 -30.80 -55.56 -19.81
CA ASP H 458 -32.07 -55.24 -20.46
C ASP H 458 -32.38 -56.10 -21.69
N ASN H 459 -31.71 -57.25 -21.84
CA ASN H 459 -31.72 -58.02 -23.09
C ASN H 459 -31.35 -57.12 -24.27
N LYS H 460 -30.30 -56.33 -24.10
CA LYS H 460 -30.20 -55.06 -24.82
C LYS H 460 -29.08 -55.06 -25.86
N LEU H 461 -28.01 -55.81 -25.64
CA LEU H 461 -26.87 -55.82 -26.55
C LEU H 461 -26.97 -57.00 -27.51
N LYS H 462 -26.90 -56.71 -28.81
CA LYS H 462 -27.10 -57.73 -29.82
C LYS H 462 -25.81 -58.52 -30.01
N ALA H 463 -25.90 -59.57 -30.83
CA ALA H 463 -24.73 -60.32 -31.22
C ALA H 463 -23.85 -59.49 -32.14
N HIS H 464 -22.53 -59.64 -31.96
CA HIS H 464 -21.55 -59.05 -32.86
C HIS H 464 -21.33 -59.92 -34.08
N LYS H 465 -21.18 -61.21 -33.87
CA LYS H 465 -20.55 -62.08 -34.84
C LYS H 465 -20.98 -63.51 -34.51
N ASP H 466 -20.41 -64.53 -35.17
CA ASP H 466 -20.77 -65.92 -34.93
C ASP H 466 -20.43 -66.30 -33.48
N LYS H 467 -20.69 -67.56 -33.15
CA LYS H 467 -20.33 -68.07 -31.83
C LYS H 467 -19.39 -69.26 -32.00
N SER H 468 -18.09 -68.96 -32.09
CA SER H 468 -17.06 -69.94 -32.43
C SER H 468 -16.77 -70.94 -31.33
N ALA H 469 -17.56 -70.95 -30.25
CA ALA H 469 -17.38 -71.91 -29.14
C ALA H 469 -15.97 -71.86 -28.58
N GLN H 470 -15.50 -70.66 -28.23
CA GLN H 470 -14.17 -70.49 -27.66
C GLN H 470 -14.17 -69.99 -26.22
N CYS H 471 -15.21 -69.30 -25.76
CA CYS H 471 -15.39 -69.00 -24.34
C CYS H 471 -15.97 -70.24 -23.67
N PHE H 472 -15.44 -70.60 -22.49
CA PHE H 472 -15.60 -71.94 -21.99
C PHE H 472 -16.34 -72.03 -20.66
N LYS H 473 -16.88 -73.23 -20.44
CA LYS H 473 -17.67 -73.63 -19.30
C LYS H 473 -17.00 -74.84 -18.65
N MET H 474 -16.74 -74.73 -17.35
N MET H 474 -16.74 -74.73 -17.35
CA MET H 474 -16.24 -75.86 -16.57
CA MET H 474 -16.25 -75.88 -16.58
C MET H 474 -16.91 -75.88 -15.20
C MET H 474 -16.90 -75.89 -15.21
N PHE H 475 -17.58 -76.99 -14.90
CA PHE H 475 -18.42 -77.13 -13.71
C PHE H 475 -17.61 -77.84 -12.63
N TYR H 476 -17.01 -77.05 -11.74
CA TYR H 476 -16.04 -77.55 -10.78
C TYR H 476 -16.39 -77.08 -9.35
N LYS H 477 -15.45 -77.32 -8.43
CA LYS H 477 -15.64 -77.14 -6.99
C LYS H 477 -14.40 -76.56 -6.33
N GLY H 478 -13.28 -77.27 -6.39
CA GLY H 478 -12.03 -76.80 -5.82
C GLY H 478 -12.02 -76.82 -4.31
N VAL H 479 -10.83 -76.61 -3.75
CA VAL H 479 -10.61 -76.58 -2.30
C VAL H 479 -9.74 -75.38 -1.98
N ILE H 480 -10.22 -74.50 -1.11
CA ILE H 480 -9.53 -73.25 -0.79
C ILE H 480 -9.14 -73.22 0.68
N THR H 481 -8.00 -72.58 0.95
CA THR H 481 -7.47 -72.42 2.30
C THR H 481 -7.01 -70.97 2.25
N HIS H 482 -6.86 -70.36 3.43
CA HIS H 482 -6.84 -68.91 3.55
C HIS H 482 -5.44 -68.57 4.06
N ASP H 483 -5.08 -67.28 3.95
CA ASP H 483 -3.85 -66.78 4.58
C ASP H 483 -3.58 -65.49 5.35
N VAL H 484 -3.61 -64.34 4.66
CA VAL H 484 -3.29 -63.09 5.34
C VAL H 484 -4.35 -62.23 4.66
N SER H 485 -4.21 -62.00 3.36
CA SER H 485 -5.16 -61.14 2.67
C SER H 485 -5.36 -61.69 1.27
N SER H 486 -5.34 -63.01 1.14
CA SER H 486 -5.55 -63.69 -0.12
C SER H 486 -6.28 -65.00 0.14
N ALA H 487 -6.47 -65.78 -0.92
CA ALA H 487 -7.03 -67.11 -0.79
C ALA H 487 -6.42 -67.99 -1.87
N ILE H 488 -5.80 -69.08 -1.47
CA ILE H 488 -5.02 -69.93 -2.36
C ILE H 488 -5.70 -71.28 -2.48
N ASN H 489 -5.91 -71.70 -3.72
CA ASN H 489 -6.58 -72.97 -4.04
C ASN H 489 -5.83 -73.57 -5.23
N ARG H 490 -5.28 -74.77 -5.07
CA ARG H 490 -4.71 -75.46 -6.22
C ARG H 490 -5.55 -76.60 -6.79
N PRO H 491 -6.51 -77.20 -6.07
CA PRO H 491 -7.45 -78.09 -6.78
C PRO H 491 -8.02 -77.47 -8.05
N GLN H 492 -8.14 -76.14 -8.09
CA GLN H 492 -8.47 -75.45 -9.32
C GLN H 492 -7.22 -74.97 -10.06
N ILE H 493 -6.18 -74.54 -9.34
CA ILE H 493 -4.90 -74.25 -10.00
C ILE H 493 -4.38 -75.51 -10.68
N GLY H 494 -4.56 -76.67 -10.05
CA GLY H 494 -4.25 -77.91 -10.72
C GLY H 494 -5.11 -78.13 -11.94
N VAL H 495 -6.36 -77.68 -11.89
CA VAL H 495 -7.21 -77.73 -13.07
C VAL H 495 -6.69 -76.77 -14.14
N VAL H 496 -5.99 -75.70 -13.72
CA VAL H 496 -5.56 -74.68 -14.67
C VAL H 496 -4.65 -75.27 -15.75
N ARG H 497 -3.53 -75.87 -15.34
CA ARG H 497 -2.71 -76.54 -16.35
C ARG H 497 -3.47 -77.72 -16.94
N GLU H 498 -4.15 -78.47 -16.08
CA GLU H 498 -4.99 -79.58 -16.55
C GLU H 498 -5.91 -79.10 -17.65
N PHE H 499 -6.47 -77.90 -17.49
CA PHE H 499 -7.14 -77.24 -18.61
C PHE H 499 -6.16 -76.85 -19.68
N LEU H 500 -5.02 -76.30 -19.29
CA LEU H 500 -4.13 -75.64 -20.24
C LEU H 500 -3.27 -76.61 -21.04
N THR H 501 -3.33 -77.91 -20.73
CA THR H 501 -2.34 -78.84 -21.28
C THR H 501 -2.79 -79.48 -22.59
N ARG H 502 -4.04 -79.92 -22.69
CA ARG H 502 -4.44 -80.79 -23.79
C ARG H 502 -4.34 -80.09 -25.16
N ASN H 503 -4.13 -78.78 -25.18
CA ASN H 503 -3.66 -78.08 -26.37
C ASN H 503 -2.70 -76.97 -25.96
N PRO H 504 -1.42 -77.10 -26.34
CA PRO H 504 -0.46 -76.01 -26.06
C PRO H 504 -0.84 -74.68 -26.66
N ALA H 505 -1.82 -74.65 -27.57
CA ALA H 505 -2.42 -73.41 -28.05
C ALA H 505 -3.33 -72.77 -27.00
N TRP H 506 -3.61 -73.48 -25.91
CA TRP H 506 -4.38 -72.92 -24.81
C TRP H 506 -3.66 -71.74 -24.19
N ARG H 507 -2.34 -71.82 -24.12
CA ARG H 507 -1.63 -71.14 -23.04
C ARG H 507 -1.06 -69.83 -23.57
N LYS H 508 -1.50 -69.44 -24.76
CA LYS H 508 -1.30 -68.10 -25.28
C LYS H 508 -2.30 -67.12 -24.70
N ALA H 509 -2.58 -67.23 -23.41
CA ALA H 509 -3.62 -66.44 -22.75
C ALA H 509 -3.06 -65.74 -21.52
N VAL H 510 -3.80 -64.77 -21.01
CA VAL H 510 -3.47 -64.11 -19.77
C VAL H 510 -4.29 -64.74 -18.65
N PHE H 511 -3.62 -65.12 -17.56
CA PHE H 511 -4.30 -65.68 -16.40
C PHE H 511 -5.19 -64.62 -15.76
N ILE H 512 -6.45 -64.95 -15.53
CA ILE H 512 -7.33 -64.12 -14.73
C ILE H 512 -7.48 -64.79 -13.37
N SER H 513 -7.49 -63.98 -12.31
CA SER H 513 -7.68 -64.53 -10.97
C SER H 513 -7.98 -63.44 -9.96
N PRO H 514 -8.90 -63.67 -9.03
CA PRO H 514 -9.20 -62.65 -8.02
C PRO H 514 -8.03 -62.42 -7.09
N TYR H 515 -7.60 -63.47 -6.39
CA TYR H 515 -6.60 -63.35 -5.35
C TYR H 515 -5.24 -63.41 -6.02
N ASN H 516 -4.82 -62.26 -6.58
CA ASN H 516 -3.71 -62.24 -7.53
C ASN H 516 -2.43 -62.83 -6.97
N SER H 517 -2.35 -63.09 -5.66
CA SER H 517 -1.27 -63.94 -5.17
C SER H 517 -1.46 -65.38 -5.62
N GLN H 518 -2.71 -65.77 -5.90
CA GLN H 518 -2.96 -67.10 -6.47
C GLN H 518 -2.32 -67.20 -7.85
N ASN H 519 -2.04 -66.06 -8.49
CA ASN H 519 -1.11 -66.04 -9.61
C ASN H 519 0.35 -65.94 -9.18
N ALA H 520 0.63 -65.29 -8.05
CA ALA H 520 1.98 -65.38 -7.50
C ALA H 520 2.36 -66.82 -7.20
N VAL H 521 1.36 -67.70 -7.06
CA VAL H 521 1.60 -69.13 -7.04
C VAL H 521 1.48 -69.73 -8.44
N ALA H 522 0.63 -69.15 -9.30
CA ALA H 522 0.43 -69.69 -10.64
C ALA H 522 1.54 -69.29 -11.61
N SER H 523 2.07 -68.07 -11.46
CA SER H 523 3.09 -67.60 -12.41
C SER H 523 4.32 -68.50 -12.38
N LYS H 524 4.64 -69.09 -11.22
CA LYS H 524 5.75 -70.02 -11.13
C LYS H 524 5.40 -71.38 -11.73
N ILE H 525 4.11 -71.64 -11.97
CA ILE H 525 3.72 -72.92 -12.51
C ILE H 525 3.58 -72.87 -14.02
N LEU H 526 3.20 -71.72 -14.57
CA LEU H 526 2.84 -71.62 -15.97
C LEU H 526 3.71 -70.67 -16.77
N GLY H 527 4.22 -69.60 -16.14
CA GLY H 527 4.79 -68.49 -16.87
C GLY H 527 3.76 -67.53 -17.43
N LEU H 528 2.48 -67.76 -17.17
CA LEU H 528 1.38 -66.99 -17.71
C LEU H 528 1.28 -65.63 -17.02
N PRO H 529 0.99 -64.57 -17.77
CA PRO H 529 0.84 -63.24 -17.16
C PRO H 529 -0.38 -63.17 -16.24
N THR H 530 -0.49 -62.03 -15.56
CA THR H 530 -1.50 -61.81 -14.53
C THR H 530 -2.61 -60.90 -15.06
N GLN H 531 -3.84 -61.14 -14.59
CA GLN H 531 -4.94 -60.22 -14.82
C GLN H 531 -5.53 -59.81 -13.48
N THR H 532 -5.43 -58.52 -13.18
CA THR H 532 -6.16 -57.94 -12.05
C THR H 532 -7.65 -57.94 -12.42
N VAL H 533 -8.50 -58.38 -11.49
CA VAL H 533 -9.91 -58.50 -11.81
C VAL H 533 -10.55 -57.13 -11.99
N ASP H 534 -10.34 -56.22 -11.04
CA ASP H 534 -11.08 -54.96 -11.05
C ASP H 534 -10.42 -53.89 -11.92
N SER H 535 -9.09 -53.84 -11.96
CA SER H 535 -8.40 -52.87 -12.81
C SER H 535 -8.13 -53.43 -14.22
N SER H 536 -9.13 -54.11 -14.80
CA SER H 536 -8.97 -54.88 -16.03
C SER H 536 -9.59 -54.23 -17.25
N GLN H 537 -10.75 -53.57 -17.10
CA GLN H 537 -11.50 -53.11 -18.26
C GLN H 537 -10.68 -52.11 -19.07
N GLY H 538 -10.79 -52.24 -20.39
CA GLY H 538 -9.92 -51.50 -21.28
C GLY H 538 -8.78 -52.36 -21.79
N SER H 539 -8.30 -53.26 -20.93
CA SER H 539 -7.29 -54.23 -21.33
C SER H 539 -7.92 -55.61 -21.50
N GLU H 540 -7.55 -56.30 -22.59
CA GLU H 540 -8.04 -57.66 -22.78
C GLU H 540 -7.38 -58.33 -23.98
N TYR H 541 -7.34 -59.67 -23.90
CA TYR H 541 -7.12 -60.57 -25.04
C TYR H 541 -8.34 -61.40 -25.39
N ASP H 542 -8.32 -61.87 -26.62
CA ASP H 542 -9.21 -62.94 -27.06
C ASP H 542 -9.04 -64.20 -26.23
N TYR H 543 -7.88 -64.40 -25.62
CA TYR H 543 -7.60 -65.62 -24.88
C TYR H 543 -7.24 -65.23 -23.45
N VAL H 544 -8.07 -65.66 -22.50
CA VAL H 544 -7.83 -65.36 -21.09
C VAL H 544 -8.30 -66.56 -20.27
N ILE H 545 -7.41 -67.05 -19.40
CA ILE H 545 -7.73 -68.16 -18.51
C ILE H 545 -8.11 -67.58 -17.15
N PHE H 546 -9.20 -68.10 -16.58
CA PHE H 546 -9.72 -67.52 -15.35
C PHE H 546 -10.06 -68.62 -14.36
N THR H 547 -9.41 -68.53 -13.20
CA THR H 547 -9.75 -69.33 -12.03
C THR H 547 -10.35 -68.41 -10.97
N GLN H 548 -11.68 -68.45 -10.85
CA GLN H 548 -12.35 -67.60 -9.86
C GLN H 548 -12.04 -67.99 -8.42
N THR H 549 -11.53 -69.20 -8.18
CA THR H 549 -10.91 -69.57 -6.92
C THR H 549 -11.63 -69.12 -5.65
N THR H 550 -12.93 -68.79 -5.74
CA THR H 550 -13.72 -68.38 -4.59
C THR H 550 -15.12 -68.17 -5.16
N GLU H 551 -16.13 -68.44 -4.33
CA GLU H 551 -17.53 -68.20 -4.70
C GLU H 551 -18.19 -67.19 -3.78
N THR H 552 -17.41 -66.52 -2.93
CA THR H 552 -17.98 -65.68 -1.88
C THR H 552 -18.49 -64.36 -2.47
N ALA H 553 -19.09 -63.55 -1.60
CA ALA H 553 -19.54 -62.21 -1.98
C ALA H 553 -18.39 -61.35 -2.49
N HIS H 554 -17.17 -61.61 -2.03
CA HIS H 554 -15.99 -61.06 -2.69
C HIS H 554 -15.93 -61.46 -4.14
N SER H 555 -16.36 -62.69 -4.44
CA SER H 555 -16.01 -63.32 -5.70
C SER H 555 -17.03 -63.27 -6.82
N CYS H 556 -18.09 -64.08 -6.73
CA CYS H 556 -18.93 -64.38 -7.88
C CYS H 556 -20.21 -63.55 -7.80
N ASN H 557 -20.12 -62.39 -7.15
CA ASN H 557 -21.18 -61.39 -7.23
C ASN H 557 -21.40 -60.93 -8.67
N VAL H 558 -22.51 -60.24 -8.90
CA VAL H 558 -23.05 -60.08 -10.25
C VAL H 558 -22.06 -59.38 -11.18
N ASN H 559 -21.56 -58.21 -10.78
CA ASN H 559 -20.91 -57.37 -11.78
C ASN H 559 -19.43 -57.14 -11.48
N ARG H 560 -18.76 -58.01 -10.73
CA ARG H 560 -17.31 -57.80 -10.57
C ARG H 560 -16.49 -58.48 -11.63
N PHE H 561 -16.52 -59.82 -11.68
CA PHE H 561 -15.66 -60.51 -12.64
C PHE H 561 -16.48 -60.60 -13.92
N ASN H 562 -17.72 -60.12 -13.89
CA ASN H 562 -18.41 -59.67 -15.09
C ASN H 562 -17.47 -58.97 -16.05
N VAL H 563 -16.58 -58.13 -15.50
CA VAL H 563 -15.59 -57.45 -16.31
C VAL H 563 -14.51 -58.43 -16.78
N ALA H 564 -14.39 -59.57 -16.12
CA ALA H 564 -13.37 -60.54 -16.51
C ALA H 564 -13.89 -61.50 -17.56
N ILE H 565 -15.18 -61.86 -17.49
CA ILE H 565 -15.72 -62.76 -18.50
C ILE H 565 -15.70 -62.13 -19.89
N THR H 566 -16.04 -60.84 -20.01
CA THR H 566 -16.12 -60.19 -21.31
C THR H 566 -14.76 -59.73 -21.84
N ARG H 567 -13.67 -60.29 -21.34
CA ARG H 567 -12.34 -59.91 -21.83
C ARG H 567 -12.06 -60.50 -23.21
N ALA H 568 -12.73 -61.61 -23.55
CA ALA H 568 -12.39 -62.33 -24.76
C ALA H 568 -13.04 -61.72 -26.00
N LYS H 569 -12.23 -61.47 -27.02
CA LYS H 569 -12.62 -61.38 -28.42
C LYS H 569 -13.45 -62.62 -28.72
N VAL H 570 -12.92 -63.81 -28.49
CA VAL H 570 -13.73 -64.99 -28.75
C VAL H 570 -13.59 -66.13 -27.75
N GLY H 571 -12.53 -66.15 -26.95
CA GLY H 571 -12.21 -67.35 -26.20
C GLY H 571 -11.67 -67.12 -24.81
N ILE H 572 -12.58 -67.08 -23.84
CA ILE H 572 -12.20 -66.98 -22.43
C ILE H 572 -12.40 -68.36 -21.80
N LEU H 573 -11.86 -68.52 -20.60
CA LEU H 573 -12.05 -69.71 -19.78
C LEU H 573 -12.71 -69.31 -18.48
N CYS H 574 -13.69 -70.10 -18.05
CA CYS H 574 -14.45 -69.86 -16.83
C CYS H 574 -14.62 -71.17 -16.07
N ILE H 575 -13.74 -71.45 -15.11
CA ILE H 575 -13.96 -72.59 -14.22
C ILE H 575 -14.93 -72.15 -13.13
N MET H 576 -16.22 -72.11 -13.46
CA MET H 576 -17.23 -71.63 -12.51
C MET H 576 -17.52 -72.66 -11.42
N SER H 577 -16.62 -72.73 -10.43
CA SER H 577 -16.85 -73.46 -9.18
C SER H 577 -18.04 -72.92 -8.39
N ASP H 578 -18.54 -71.74 -8.77
CA ASP H 578 -19.70 -71.16 -8.11
C ASP H 578 -20.99 -71.74 -8.66
N ARG H 579 -21.97 -71.88 -7.78
CA ARG H 579 -23.35 -72.03 -8.22
C ARG H 579 -24.06 -70.67 -8.29
N ASP H 580 -23.31 -69.57 -8.20
CA ASP H 580 -23.92 -68.24 -8.14
C ASP H 580 -24.61 -67.90 -9.45
N LEU H 581 -23.87 -67.87 -10.55
CA LEU H 581 -24.46 -67.57 -11.86
C LEU H 581 -24.25 -68.69 -12.88
N TYR H 582 -23.56 -69.77 -12.49
CA TYR H 582 -23.38 -70.92 -13.38
C TYR H 582 -24.71 -71.41 -13.94
N ASP H 583 -25.78 -71.28 -13.15
CA ASP H 583 -27.11 -71.71 -13.59
C ASP H 583 -27.56 -70.99 -14.85
N LYS H 584 -26.78 -70.00 -15.31
CA LYS H 584 -27.13 -69.24 -16.49
C LYS H 584 -26.23 -69.50 -17.68
N LEU H 585 -24.91 -69.54 -17.47
CA LEU H 585 -24.00 -69.23 -18.56
C LEU H 585 -24.01 -70.35 -19.59
N GLN H 586 -24.11 -69.97 -20.87
CA GLN H 586 -24.45 -70.90 -21.95
C GLN H 586 -23.23 -71.30 -22.77
N PHE H 587 -22.26 -71.98 -22.17
CA PHE H 587 -21.04 -72.28 -22.88
C PHE H 587 -20.73 -73.77 -22.90
N THR H 588 -19.65 -74.09 -23.60
CA THR H 588 -19.27 -75.47 -23.91
C THR H 588 -18.81 -76.14 -22.60
N SER H 589 -19.47 -77.24 -22.26
CA SER H 589 -19.17 -77.99 -21.05
C SER H 589 -18.50 -79.31 -21.41
N LEU H 590 -17.51 -79.70 -20.62
CA LEU H 590 -16.82 -80.96 -20.80
C LEU H 590 -16.66 -81.63 -19.44
N GLU H 591 -16.15 -82.86 -19.47
CA GLU H 591 -15.87 -83.55 -18.22
C GLU H 591 -14.61 -82.97 -17.59
N ILE H 592 -14.50 -83.13 -16.27
CA ILE H 592 -13.37 -82.57 -15.55
C ILE H 592 -12.43 -83.74 -15.28
N PRO H 593 -11.25 -83.77 -15.92
CA PRO H 593 -10.24 -84.84 -15.79
C PRO H 593 -9.66 -84.94 -14.38
N ASN I 5 58.78 16.75 31.30
CA ASN I 5 57.86 16.29 30.27
C ASN I 5 57.09 15.07 30.77
N ASN I 6 56.70 14.19 29.86
CA ASN I 6 55.96 12.99 30.25
C ASN I 6 56.89 12.01 30.95
N GLU I 7 56.59 11.70 32.20
CA GLU I 7 57.45 10.87 33.03
C GLU I 7 56.82 9.49 33.21
N LEU I 8 57.67 8.47 33.31
CA LEU I 8 57.20 7.10 33.45
C LEU I 8 56.46 6.89 34.75
N SER I 9 57.20 6.84 35.86
CA SER I 9 56.60 6.48 37.13
C SER I 9 57.02 7.45 38.23
N PRO I 10 56.36 8.60 38.35
CA PRO I 10 56.48 9.37 39.59
C PRO I 10 55.89 8.58 40.75
N VAL I 11 56.68 8.35 41.79
CA VAL I 11 56.48 7.41 42.91
C VAL I 11 55.96 5.98 42.99
N ALA I 12 56.80 5.04 42.57
CA ALA I 12 56.41 3.62 42.53
C ALA I 12 55.92 2.84 43.75
N LEU I 13 55.47 1.61 43.51
CA LEU I 13 55.03 0.73 44.59
C LEU I 13 55.79 -0.59 44.67
N ARG I 14 55.66 -1.36 45.74
CA ARG I 14 56.82 -2.02 46.34
C ARG I 14 56.69 -3.55 46.42
N GLN I 15 57.35 -4.17 47.40
CA GLN I 15 57.62 -5.60 47.40
C GLN I 15 56.77 -6.47 48.33
N MET I 16 56.73 -7.76 48.02
CA MET I 16 56.04 -8.76 48.83
C MET I 16 56.67 -10.12 48.54
N SER I 17 56.50 -11.07 49.46
CA SER I 17 57.01 -12.42 49.22
C SER I 17 55.85 -13.39 48.99
N CYS I 18 55.89 -14.11 47.86
CA CYS I 18 54.71 -14.87 47.46
C CYS I 18 55.11 -16.24 46.95
N ALA I 19 54.08 -17.03 46.65
CA ALA I 19 54.21 -18.43 46.24
C ALA I 19 54.01 -18.58 44.74
N ALA I 20 54.72 -19.55 44.15
CA ALA I 20 54.61 -19.79 42.71
C ALA I 20 54.91 -21.26 42.44
N GLY I 21 55.03 -21.58 41.16
CA GLY I 21 55.19 -22.94 40.69
C GLY I 21 55.08 -22.96 39.19
N THR I 22 55.08 -24.18 38.62
CA THR I 22 55.08 -24.28 37.17
C THR I 22 53.68 -24.41 36.58
N THR I 23 52.70 -24.84 37.38
CA THR I 23 51.27 -24.84 37.03
C THR I 23 50.51 -25.53 38.16
N GLN I 24 49.18 -25.34 38.18
CA GLN I 24 48.29 -25.98 39.13
C GLN I 24 48.79 -25.86 40.56
N THR I 25 48.87 -26.99 41.27
CA THR I 25 49.36 -27.01 42.63
C THR I 25 50.85 -27.29 42.72
N ALA I 26 51.60 -27.11 41.63
CA ALA I 26 53.04 -26.99 41.77
C ALA I 26 53.42 -25.79 42.61
N CYS I 27 52.44 -24.94 42.93
CA CYS I 27 52.54 -23.96 44.00
C CYS I 27 53.18 -24.59 45.23
N THR I 28 54.31 -24.04 45.64
CA THR I 28 55.01 -24.58 46.80
C THR I 28 54.60 -23.88 48.10
N ASP I 29 55.16 -22.71 48.38
CA ASP I 29 54.85 -21.96 49.62
C ASP I 29 55.13 -20.47 49.40
N ASP I 30 56.41 -20.11 49.49
CA ASP I 30 56.92 -18.76 49.37
C ASP I 30 58.09 -18.94 48.41
N ASN I 31 58.28 -18.03 47.45
CA ASN I 31 59.35 -18.30 46.51
C ASN I 31 59.56 -17.18 45.50
N ALA I 32 58.84 -16.07 45.59
CA ALA I 32 58.88 -15.10 44.51
C ALA I 32 58.83 -13.68 45.07
N LEU I 33 59.54 -12.80 44.36
CA LEU I 33 59.58 -11.36 44.63
C LEU I 33 58.36 -10.77 43.93
N ALA I 34 57.26 -10.63 44.66
CA ALA I 34 56.03 -10.11 44.08
C ALA I 34 56.02 -8.59 44.24
N TYR I 35 56.29 -7.87 43.17
CA TYR I 35 56.26 -6.42 43.21
C TYR I 35 54.82 -5.94 43.05
N TYR I 36 54.35 -5.22 44.06
CA TYR I 36 52.97 -4.87 44.26
C TYR I 36 52.68 -3.47 43.78
N ASN I 37 51.51 -3.33 43.16
CA ASN I 37 50.77 -2.08 43.09
C ASN I 37 49.53 -2.26 43.96
N THR I 38 49.53 -1.63 45.13
CA THR I 38 48.41 -1.78 46.08
C THR I 38 47.44 -0.62 45.90
N THR I 39 46.29 -0.89 45.31
CA THR I 39 45.18 0.04 45.38
C THR I 39 44.12 -0.53 46.31
N LYS I 40 43.51 0.35 47.09
CA LYS I 40 42.66 -0.09 48.20
C LYS I 40 41.39 -0.80 47.74
N GLY I 41 41.20 -0.97 46.42
CA GLY I 41 40.16 -1.85 45.93
C GLY I 41 40.71 -3.23 45.61
N GLY I 42 41.65 -3.67 46.45
CA GLY I 42 42.31 -4.95 46.25
C GLY I 42 43.70 -4.79 45.65
N ARG I 43 44.63 -5.59 46.17
CA ARG I 43 46.03 -5.48 45.80
C ARG I 43 46.25 -6.15 44.45
N PHE I 44 46.62 -5.35 43.46
CA PHE I 44 46.95 -5.85 42.13
C PHE I 44 48.47 -5.81 42.02
N VAL I 45 49.12 -6.89 42.43
CA VAL I 45 50.57 -6.98 42.28
C VAL I 45 50.90 -7.00 40.80
N LEU I 46 52.04 -6.41 40.44
CA LEU I 46 52.41 -6.27 39.04
C LEU I 46 53.46 -7.27 38.57
N ALA I 47 54.54 -7.45 39.32
CA ALA I 47 55.69 -8.14 38.78
C ALA I 47 56.04 -9.38 39.60
N LEU I 48 56.60 -10.38 38.92
CA LEU I 48 57.22 -11.51 39.59
C LEU I 48 58.71 -11.47 39.31
N LEU I 49 59.50 -11.71 40.34
CA LEU I 49 60.94 -11.90 40.19
C LEU I 49 61.33 -13.19 40.90
N SER I 50 62.34 -13.87 40.39
CA SER I 50 62.60 -15.20 40.94
C SER I 50 64.00 -15.64 40.65
N ASP I 51 64.48 -16.56 41.51
CA ASP I 51 65.57 -17.46 41.21
C ASP I 51 65.07 -18.90 40.98
N LEU I 52 63.89 -19.04 40.41
CA LEU I 52 63.43 -20.29 39.82
C LEU I 52 63.17 -20.02 38.34
N GLN I 53 63.88 -20.77 37.49
CA GLN I 53 64.06 -20.34 36.12
C GLN I 53 62.74 -20.23 35.35
N ASP I 54 61.89 -21.26 35.39
CA ASP I 54 60.68 -21.26 34.59
C ASP I 54 59.45 -21.49 35.49
N LEU I 55 58.87 -20.37 35.93
CA LEU I 55 57.58 -20.43 36.58
C LEU I 55 56.48 -20.04 35.60
N LYS I 56 55.38 -20.78 35.64
CA LYS I 56 54.19 -20.41 34.88
C LYS I 56 53.01 -20.04 35.75
N TRP I 57 52.90 -20.58 36.96
CA TRP I 57 51.82 -20.26 37.88
C TRP I 57 52.39 -19.53 39.08
N ALA I 58 51.64 -18.58 39.61
CA ALA I 58 51.85 -18.05 40.95
C ALA I 58 50.52 -18.10 41.68
N ARG I 59 50.54 -17.87 42.98
CA ARG I 59 49.28 -17.97 43.72
C ARG I 59 49.32 -17.08 44.93
N PHE I 60 48.23 -16.34 45.13
CA PHE I 60 48.05 -15.53 46.32
C PHE I 60 46.68 -15.84 46.93
N PRO I 61 46.62 -16.13 48.23
CA PRO I 61 45.31 -16.29 48.87
C PRO I 61 44.56 -14.96 48.90
N LYS I 62 43.25 -15.04 48.69
CA LYS I 62 42.42 -13.86 48.77
C LYS I 62 42.38 -13.35 50.21
N SER I 63 41.91 -12.10 50.36
CA SER I 63 41.90 -11.49 51.68
C SER I 63 40.90 -12.16 52.60
N ASP I 64 39.87 -12.81 52.03
CA ASP I 64 38.91 -13.54 52.85
C ASP I 64 39.44 -14.89 53.30
N GLY I 65 40.49 -15.40 52.67
CA GLY I 65 41.10 -16.65 53.07
C GLY I 65 40.48 -17.89 52.49
N THR I 66 39.18 -17.88 52.19
CA THR I 66 38.54 -19.06 51.62
C THR I 66 38.90 -19.22 50.14
N GLY I 67 39.29 -18.14 49.47
CA GLY I 67 39.73 -18.18 48.11
C GLY I 67 41.23 -17.94 47.96
N THR I 68 41.75 -18.34 46.81
CA THR I 68 43.17 -18.21 46.52
C THR I 68 43.35 -18.27 45.00
N ILE I 69 43.82 -17.17 44.42
CA ILE I 69 43.87 -17.02 42.97
C ILE I 69 45.24 -17.39 42.42
N TYR I 70 45.24 -18.02 41.26
CA TYR I 70 46.45 -18.33 40.51
C TYR I 70 46.65 -17.27 39.44
N THR I 71 47.92 -16.93 39.18
CA THR I 71 48.28 -15.88 38.23
C THR I 71 49.29 -16.45 37.23
N GLU I 72 48.93 -16.42 35.95
CA GLU I 72 49.77 -16.94 34.89
C GLU I 72 50.71 -15.86 34.39
N LEU I 73 51.94 -16.26 34.07
CA LEU I 73 53.02 -15.30 33.79
C LEU I 73 53.66 -15.55 32.43
N GLU I 74 54.35 -14.53 31.94
CA GLU I 74 54.98 -14.53 30.63
C GLU I 74 56.18 -15.49 30.59
N PRO I 75 56.93 -15.51 29.48
CA PRO I 75 58.26 -16.09 29.53
C PRO I 75 59.15 -15.32 30.47
N PRO I 76 60.30 -15.89 30.85
CA PRO I 76 61.19 -15.19 31.80
C PRO I 76 61.85 -13.97 31.21
N CYS I 77 62.37 -13.13 32.10
CA CYS I 77 63.18 -11.97 31.72
C CYS I 77 64.55 -12.14 32.39
N ARG I 78 65.54 -12.53 31.60
CA ARG I 78 66.88 -12.77 32.09
C ARG I 78 67.52 -11.47 32.56
N PHE I 79 68.36 -11.56 33.59
CA PHE I 79 69.24 -10.44 33.91
C PHE I 79 70.24 -10.90 34.95
N VAL I 80 71.17 -10.01 35.27
CA VAL I 80 72.23 -10.26 36.24
C VAL I 80 72.42 -9.03 37.11
N THR I 81 72.53 -9.23 38.41
CA THR I 81 72.56 -8.15 39.40
C THR I 81 73.88 -8.14 40.15
N ASP I 82 74.26 -6.97 40.65
CA ASP I 82 75.38 -6.80 41.56
C ASP I 82 74.84 -6.76 42.99
N THR I 83 75.62 -7.28 43.95
CA THR I 83 75.38 -7.11 45.39
C THR I 83 76.45 -7.83 46.20
N PRO I 84 76.37 -7.84 47.54
CA PRO I 84 77.17 -8.80 48.32
C PRO I 84 77.03 -10.24 47.87
N LYS I 85 75.91 -10.58 47.21
CA LYS I 85 75.71 -11.89 46.61
C LYS I 85 76.65 -12.14 45.44
N GLY I 86 77.51 -11.18 45.13
CA GLY I 86 78.27 -11.18 43.91
C GLY I 86 77.38 -10.79 42.77
N PRO I 87 77.48 -11.53 41.66
CA PRO I 87 76.45 -11.48 40.63
C PRO I 87 75.30 -12.41 40.98
N LYS I 88 74.11 -12.02 40.53
CA LYS I 88 72.88 -12.77 40.76
C LYS I 88 72.13 -12.84 39.43
N VAL I 89 72.23 -13.98 38.75
CA VAL I 89 71.52 -14.18 37.48
C VAL I 89 70.10 -14.60 37.81
N LYS I 90 69.16 -13.70 37.59
CA LYS I 90 67.78 -13.91 38.02
C LYS I 90 66.84 -13.77 36.83
N TYR I 91 65.60 -14.21 37.05
CA TYR I 91 64.62 -14.37 36.00
C TYR I 91 63.35 -13.62 36.39
N LEU I 92 62.79 -12.86 35.46
CA LEU I 92 61.66 -11.99 35.76
C LEU I 92 60.46 -12.37 34.92
N TYR I 93 59.27 -12.23 35.49
CA TYR I 93 58.03 -12.63 34.83
C TYR I 93 56.98 -11.54 34.96
N PHE I 94 56.40 -11.16 33.85
CA PHE I 94 55.25 -10.27 33.85
C PHE I 94 53.98 -11.11 33.73
N ILE I 95 53.03 -10.87 34.62
CA ILE I 95 51.73 -11.53 34.54
C ILE I 95 51.16 -11.27 33.15
N LYS I 96 50.93 -12.34 32.39
CA LYS I 96 50.50 -12.16 31.00
C LYS I 96 49.24 -11.31 30.92
N GLY I 97 49.19 -10.46 29.92
CA GLY I 97 48.19 -9.42 29.84
C GLY I 97 48.59 -8.12 30.49
N LEU I 98 49.78 -8.04 31.08
CA LEU I 98 50.26 -6.79 31.65
C LEU I 98 50.50 -5.79 30.54
N ASN I 99 49.79 -4.67 30.58
CA ASN I 99 49.91 -3.68 29.53
C ASN I 99 51.29 -3.02 29.58
N ASN I 100 51.63 -2.32 28.49
CA ASN I 100 52.96 -1.77 28.34
C ASN I 100 53.29 -0.76 29.43
N LEU I 101 52.28 -0.08 29.97
CA LEU I 101 52.56 0.94 30.97
C LEU I 101 52.98 0.31 32.30
N ASN I 102 52.41 -0.84 32.65
CA ASN I 102 52.80 -1.49 33.89
C ASN I 102 54.18 -2.10 33.79
N ARG I 103 54.50 -2.75 32.67
CA ARG I 103 55.88 -3.14 32.40
C ARG I 103 56.80 -1.93 32.50
N GLY I 104 56.35 -0.79 31.97
CA GLY I 104 57.16 0.41 32.04
C GLY I 104 57.49 0.80 33.47
N MET I 105 56.47 0.92 34.31
CA MET I 105 56.71 1.33 35.70
C MET I 105 57.58 0.31 36.43
N VAL I 106 57.33 -0.98 36.21
CA VAL I 106 58.10 -2.01 36.91
C VAL I 106 59.56 -1.95 36.50
N LEU I 107 59.83 -1.97 35.18
CA LEU I 107 61.21 -1.90 34.73
C LEU I 107 61.87 -0.60 35.13
N GLY I 108 61.09 0.47 35.28
CA GLY I 108 61.63 1.73 35.74
C GLY I 108 62.16 1.61 37.14
N SER I 109 61.30 1.17 38.06
CA SER I 109 61.73 1.01 39.44
C SER I 109 62.88 0.03 39.55
N LEU I 110 62.85 -1.02 38.71
CA LEU I 110 63.93 -2.00 38.69
C LEU I 110 65.26 -1.35 38.34
N ALA I 111 65.38 -0.85 37.11
CA ALA I 111 66.63 -0.23 36.69
C ALA I 111 66.98 1.02 37.48
N ALA I 112 66.06 1.49 38.33
CA ALA I 112 66.39 2.62 39.21
C ALA I 112 67.08 2.14 40.49
N THR I 113 66.44 1.23 41.23
CA THR I 113 66.94 0.86 42.54
C THR I 113 67.46 -0.56 42.63
N VAL I 114 67.67 -1.24 41.50
CA VAL I 114 68.21 -2.59 41.48
C VAL I 114 69.56 -2.57 40.78
N ARG I 115 70.58 -3.04 41.49
CA ARG I 115 71.89 -3.23 40.87
C ARG I 115 71.75 -4.19 39.70
N LEU I 116 72.36 -3.84 38.57
CA LEU I 116 72.41 -4.72 37.41
C LEU I 116 73.66 -4.42 36.60
N GLN I 117 74.19 -5.46 35.96
CA GLN I 117 75.35 -5.30 35.10
C GLN I 117 74.98 -5.55 33.64
#